data_6B9S
#
_entry.id   6B9S
#
_cell.length_a   352.382
_cell.length_b   53.166
_cell.length_c   260.119
_cell.angle_alpha   90.00
_cell.angle_beta   122.34
_cell.angle_gamma   90.00
#
_symmetry.space_group_name_H-M   'C 1 2 1'
#
loop_
_entity.id
_entity.type
_entity.pdbx_description
1 polymer 'Methylphosphonate synthase'
2 non-polymer 'FE (III) ION'
3 water water
#
_entity_poly.entity_id   1
_entity_poly.type   'polypeptide(L)'
_entity_poly.pdbx_seq_one_letter_code
;MEKKIDFKPDSYLIRSGNNFLGILNDIKRRPEDAANELGVSIEEINSIISGKQKISPSLIEKAVNIWPVNERDFYIVSDD
CSSGILIMTSQDSIKSSRIMERAGKPYYEYRDTAMSKTAPFRPEWILELCKVENNDPENPKAQWNNGHFMHQFTYFIGEV
NFYYKDPEGKKHVAIMNTGDSMYITPFTPHTFTTRDGASQNGLILALTYGSKLTGDIQQELSSLSLDCGSQYALDFTNHE
NASLSLLEYYFELSNLTKEKFAKRTNFSMETLADFFTKKKLPTFDELKIIAKALNVNSRDLMPNDLTESKVIVKTHDQCD
HWKYPESGNYEFYELASTTALPHSKAFEIDVSSSEDLNLDLKVGLHQYVYNIGDSALTINWNYENKTYQKSLNPGDSAYI
KPFVPHNFRGNGKILILRIGGKISGDSQRELSFVGRENTQRAISETMQWFDPKGSNS
;
_entity_poly.pdbx_strand_id   A,D,C,F,G,B,E,H
#
loop_
_chem_comp.id
_chem_comp.type
_chem_comp.name
_chem_comp.formula
FE non-polymer 'FE (III) ION' 'Fe 3'
#
# COMPACT_ATOMS: atom_id res chain seq x y z
N PRO A 9 -58.20 21.93 -27.72
CA PRO A 9 -56.94 22.24 -27.05
C PRO A 9 -56.82 23.72 -26.66
N ASP A 10 -57.06 24.02 -25.39
CA ASP A 10 -57.05 25.40 -24.90
C ASP A 10 -55.62 25.81 -24.58
N SER A 11 -55.16 26.90 -25.21
CA SER A 11 -53.81 27.39 -24.95
C SER A 11 -53.66 27.90 -23.53
N TYR A 12 -54.70 28.53 -22.99
CA TYR A 12 -54.60 29.13 -21.65
C TYR A 12 -54.43 28.05 -20.59
N LEU A 13 -55.22 26.98 -20.67
CA LEU A 13 -55.14 25.91 -19.68
C LEU A 13 -53.80 25.18 -19.75
N ILE A 14 -53.23 25.03 -20.95
CA ILE A 14 -51.94 24.37 -21.09
C ILE A 14 -50.85 25.20 -20.40
N ARG A 15 -50.83 26.50 -20.67
CA ARG A 15 -49.84 27.37 -20.03
C ARG A 15 -50.10 27.51 -18.54
N SER A 16 -51.37 27.50 -18.12
CA SER A 16 -51.68 27.58 -16.70
C SER A 16 -51.20 26.34 -15.96
N GLY A 17 -51.42 25.15 -16.54
CA GLY A 17 -50.87 23.94 -15.96
C GLY A 17 -49.36 23.92 -15.99
N ASN A 18 -48.76 24.50 -17.04
CA ASN A 18 -47.31 24.68 -17.07
C ASN A 18 -46.86 25.57 -15.90
N ASN A 19 -47.62 26.63 -15.61
CA ASN A 19 -47.29 27.50 -14.48
C ASN A 19 -47.44 26.76 -13.16
N PHE A 20 -48.46 25.91 -13.04
CA PHE A 20 -48.70 25.20 -11.79
C PHE A 20 -47.57 24.21 -11.48
N LEU A 21 -47.08 23.51 -12.50
CA LEU A 21 -45.94 22.62 -12.30
C LEU A 21 -44.70 23.40 -11.90
N GLY A 22 -44.52 24.61 -12.42
CA GLY A 22 -43.40 25.43 -12.01
C GLY A 22 -43.47 25.82 -10.55
N ILE A 23 -44.68 26.04 -10.03
CA ILE A 23 -44.84 26.35 -8.62
C ILE A 23 -44.39 25.16 -7.76
N LEU A 24 -44.81 23.96 -8.14
CA LEU A 24 -44.44 22.77 -7.38
C LEU A 24 -42.93 22.56 -7.37
N ASN A 25 -42.27 22.85 -8.50
CA ASN A 25 -40.83 22.72 -8.54
C ASN A 25 -40.15 23.72 -7.62
N ASP A 26 -40.69 24.94 -7.52
CA ASP A 26 -40.07 25.96 -6.68
C ASP A 26 -40.21 25.64 -5.20
N ILE A 27 -41.28 24.95 -4.81
CA ILE A 27 -41.48 24.56 -3.41
C ILE A 27 -41.01 23.13 -3.16
N LYS A 28 -40.32 22.52 -4.13
CA LYS A 28 -39.74 21.19 -3.98
C LYS A 28 -40.82 20.15 -3.67
N ARG A 29 -41.79 20.05 -4.58
CA ARG A 29 -42.89 19.10 -4.45
C ARG A 29 -43.09 18.38 -5.76
N ARG A 30 -43.12 17.05 -5.72
CA ARG A 30 -43.52 16.30 -6.88
C ARG A 30 -45.04 16.40 -7.04
N PRO A 31 -45.57 16.11 -8.23
CA PRO A 31 -47.04 16.05 -8.37
C PRO A 31 -47.69 15.08 -7.38
N GLU A 32 -47.02 13.97 -7.07
CA GLU A 32 -47.50 13.09 -6.00
C GLU A 32 -47.56 13.83 -4.67
N ASP A 33 -46.51 14.61 -4.35
CA ASP A 33 -46.50 15.35 -3.10
C ASP A 33 -47.65 16.35 -3.02
N ALA A 34 -47.99 16.97 -4.15
CA ALA A 34 -49.05 17.97 -4.15
C ALA A 34 -50.41 17.34 -3.86
N ALA A 35 -50.69 16.18 -4.46
CA ALA A 35 -51.98 15.53 -4.24
C ALA A 35 -52.16 15.13 -2.78
N ASN A 36 -51.08 14.70 -2.13
CA ASN A 36 -51.15 14.34 -0.72
C ASN A 36 -51.32 15.58 0.14
N GLU A 37 -50.42 16.56 -0.01
CA GLU A 37 -50.44 17.72 0.86
C GLU A 37 -51.70 18.56 0.67
N LEU A 38 -52.25 18.58 -0.54
CA LEU A 38 -53.54 19.22 -0.76
C LEU A 38 -54.71 18.30 -0.51
N GLY A 39 -54.45 17.00 -0.29
CA GLY A 39 -55.51 16.04 -0.05
C GLY A 39 -56.51 16.00 -1.18
N VAL A 40 -56.02 15.85 -2.42
CA VAL A 40 -56.86 15.84 -3.61
C VAL A 40 -56.40 14.73 -4.53
N SER A 41 -57.22 14.42 -5.52
CA SER A 41 -56.92 13.35 -6.46
C SER A 41 -55.68 13.69 -7.29
N ILE A 42 -54.81 12.69 -7.48
CA ILE A 42 -53.66 12.87 -8.34
C ILE A 42 -54.12 13.00 -9.80
N GLU A 43 -55.26 12.39 -10.13
CA GLU A 43 -55.85 12.62 -11.45
C GLU A 43 -56.23 14.09 -11.62
N GLU A 44 -56.68 14.73 -10.54
CA GLU A 44 -57.01 16.15 -10.60
C GLU A 44 -55.73 16.99 -10.72
N ILE A 45 -54.66 16.60 -10.03
CA ILE A 45 -53.39 17.32 -10.15
C ILE A 45 -52.87 17.22 -11.57
N ASN A 46 -52.84 16.00 -12.13
CA ASN A 46 -52.35 15.83 -13.50
C ASN A 46 -53.27 16.48 -14.52
N SER A 47 -54.59 16.49 -14.26
CA SER A 47 -55.51 17.13 -15.19
C SER A 47 -55.25 18.63 -15.27
N ILE A 48 -54.87 19.25 -14.16
CA ILE A 48 -54.53 20.67 -14.17
C ILE A 48 -53.21 20.90 -14.89
N ILE A 49 -52.20 20.07 -14.60
CA ILE A 49 -50.88 20.23 -15.23
C ILE A 49 -50.97 20.05 -16.73
N SER A 50 -51.72 19.04 -17.19
CA SER A 50 -51.85 18.77 -18.62
C SER A 50 -52.77 19.74 -19.32
N GLY A 51 -53.37 20.69 -18.60
CA GLY A 51 -54.27 21.66 -19.21
C GLY A 51 -55.63 21.14 -19.55
N LYS A 52 -56.04 19.98 -19.02
CA LYS A 52 -57.38 19.47 -19.32
C LYS A 52 -58.46 20.24 -18.57
N GLN A 53 -58.13 20.82 -17.43
CA GLN A 53 -59.11 21.57 -16.65
C GLN A 53 -58.41 22.67 -15.88
N LYS A 54 -59.08 23.82 -15.77
CA LYS A 54 -58.54 24.93 -14.98
C LYS A 54 -58.52 24.57 -13.50
N ILE A 55 -57.62 25.19 -12.75
CA ILE A 55 -57.54 24.94 -11.32
C ILE A 55 -58.71 25.66 -10.66
N SER A 56 -58.92 25.41 -9.38
CA SER A 56 -60.08 25.97 -8.69
C SER A 56 -59.64 26.98 -7.65
N PRO A 57 -60.40 28.05 -7.44
CA PRO A 57 -60.04 28.99 -6.36
C PRO A 57 -59.98 28.33 -5.00
N SER A 58 -60.77 27.27 -4.80
CA SER A 58 -60.70 26.53 -3.54
C SER A 58 -59.37 25.80 -3.38
N LEU A 59 -58.87 25.20 -4.46
CA LEU A 59 -57.59 24.51 -4.40
C LEU A 59 -56.44 25.49 -4.19
N ILE A 60 -56.54 26.67 -4.80
CA ILE A 60 -55.52 27.70 -4.61
C ILE A 60 -55.49 28.16 -3.16
N GLU A 61 -56.68 28.38 -2.58
CA GLU A 61 -56.75 28.81 -1.19
C GLU A 61 -56.08 27.80 -0.26
N LYS A 62 -56.24 26.51 -0.54
CA LYS A 62 -55.57 25.50 0.27
C LYS A 62 -54.07 25.55 0.09
N ALA A 63 -53.60 25.73 -1.15
CA ALA A 63 -52.17 25.79 -1.41
C ALA A 63 -51.55 27.01 -0.74
N VAL A 64 -52.24 28.15 -0.79
CA VAL A 64 -51.72 29.36 -0.18
C VAL A 64 -51.68 29.22 1.34
N ASN A 65 -52.56 28.42 1.92
CA ASN A 65 -52.60 28.27 3.37
C ASN A 65 -51.48 27.38 3.90
N ILE A 66 -50.97 26.45 3.09
CA ILE A 66 -49.99 25.47 3.57
C ILE A 66 -48.62 25.63 2.93
N TRP A 67 -48.49 26.40 1.85
CA TRP A 67 -47.25 26.54 1.12
C TRP A 67 -46.81 27.99 1.06
N PRO A 68 -45.45 28.26 0.88
CA PRO A 68 -44.97 29.64 0.68
C PRO A 68 -45.26 30.16 -0.73
N VAL A 69 -46.55 30.22 -1.07
CA VAL A 69 -46.98 30.68 -2.38
C VAL A 69 -48.10 31.70 -2.18
N ASN A 70 -48.31 32.53 -3.20
CA ASN A 70 -49.36 33.54 -3.20
C ASN A 70 -50.41 33.18 -4.24
N GLU A 71 -51.65 33.60 -3.99
CA GLU A 71 -52.72 33.41 -4.96
C GLU A 71 -52.35 34.05 -6.29
N ARG A 72 -51.62 35.17 -6.24
CA ARG A 72 -51.17 35.88 -7.42
C ARG A 72 -50.35 34.98 -8.35
N ASP A 73 -49.59 34.04 -7.78
CA ASP A 73 -48.66 33.21 -8.55
C ASP A 73 -49.36 32.22 -9.46
N PHE A 74 -50.64 31.92 -9.22
CA PHE A 74 -51.34 30.89 -9.97
C PHE A 74 -52.04 31.42 -11.22
N TYR A 75 -52.14 32.74 -11.39
CA TYR A 75 -52.88 33.32 -12.50
C TYR A 75 -51.90 34.00 -13.46
N ILE A 76 -51.85 33.51 -14.69
CA ILE A 76 -50.98 34.05 -15.71
C ILE A 76 -51.78 34.96 -16.62
N VAL A 77 -51.09 35.73 -17.45
CA VAL A 77 -51.74 36.64 -18.39
C VAL A 77 -51.94 35.93 -19.72
N SER A 78 -53.11 36.12 -20.32
CA SER A 78 -53.40 35.53 -21.63
C SER A 78 -53.10 36.56 -22.71
N ASP A 79 -52.42 36.12 -23.76
CA ASP A 79 -52.06 37.01 -24.86
C ASP A 79 -53.30 37.25 -25.73
N ASP A 80 -53.77 38.50 -25.74
CA ASP A 80 -54.91 38.90 -26.56
C ASP A 80 -54.47 39.57 -27.86
N CYS A 81 -53.19 39.44 -28.21
CA CYS A 81 -52.62 40.07 -29.40
C CYS A 81 -51.72 39.05 -30.10
N SER A 82 -52.32 37.93 -30.51
CA SER A 82 -51.53 36.85 -31.07
C SER A 82 -50.98 37.19 -32.45
N SER A 83 -51.57 38.14 -33.16
CA SER A 83 -51.10 38.52 -34.48
C SER A 83 -49.91 39.49 -34.42
N GLY A 84 -49.58 40.00 -33.24
CA GLY A 84 -48.51 40.96 -33.06
C GLY A 84 -48.97 42.40 -33.06
N ILE A 85 -50.09 42.68 -33.72
CA ILE A 85 -50.67 44.02 -33.75
C ILE A 85 -52.17 43.87 -33.50
N LEU A 86 -52.70 44.69 -32.60
CA LEU A 86 -54.11 44.72 -32.27
C LEU A 86 -54.68 46.07 -32.70
N ILE A 87 -55.74 46.03 -33.50
CA ILE A 87 -56.37 47.24 -34.01
C ILE A 87 -57.74 47.37 -33.39
N MET A 88 -58.06 48.57 -32.90
CA MET A 88 -59.40 48.88 -32.43
C MET A 88 -60.00 49.92 -33.37
N THR A 89 -61.23 49.66 -33.80
CA THR A 89 -61.87 50.55 -34.76
C THR A 89 -62.47 51.76 -34.06
N SER A 90 -62.66 52.81 -34.86
CA SER A 90 -63.35 53.99 -34.37
C SER A 90 -64.73 53.64 -33.82
N GLN A 91 -65.39 52.62 -34.40
CA GLN A 91 -66.70 52.23 -33.93
C GLN A 91 -66.63 51.53 -32.58
N ASP A 92 -65.59 50.74 -32.35
CA ASP A 92 -65.41 50.10 -31.05
C ASP A 92 -65.23 51.16 -29.96
N SER A 93 -64.51 52.24 -30.28
CA SER A 93 -64.34 53.33 -29.32
C SER A 93 -65.67 54.03 -29.04
N ILE A 94 -66.50 54.21 -30.07
CA ILE A 94 -67.81 54.82 -29.86
C ILE A 94 -68.66 53.95 -28.94
N LYS A 95 -68.62 52.63 -29.15
CA LYS A 95 -69.43 51.74 -28.32
C LYS A 95 -68.98 51.76 -26.85
N SER A 96 -67.71 52.04 -26.60
CA SER A 96 -67.19 52.10 -25.25
C SER A 96 -67.38 53.46 -24.60
N SER A 97 -68.05 54.38 -25.28
CA SER A 97 -68.17 55.74 -24.78
C SER A 97 -68.98 55.77 -23.49
N ARG A 98 -68.63 56.70 -22.62
CA ARG A 98 -69.38 56.93 -21.40
C ARG A 98 -69.22 58.39 -20.99
N ILE A 99 -70.33 59.03 -20.65
CA ILE A 99 -70.34 60.44 -20.29
C ILE A 99 -70.13 60.56 -18.78
N MET A 100 -69.22 61.45 -18.38
CA MET A 100 -68.93 61.68 -16.97
C MET A 100 -69.32 63.09 -16.60
N GLU A 101 -70.13 63.22 -15.56
CA GLU A 101 -70.57 64.52 -15.08
C GLU A 101 -69.74 64.92 -13.86
N ARG A 102 -69.47 66.22 -13.75
CA ARG A 102 -68.83 66.81 -12.58
C ARG A 102 -69.56 68.10 -12.27
N ALA A 103 -69.86 68.30 -10.98
CA ALA A 103 -70.67 69.42 -10.53
C ALA A 103 -72.04 69.42 -11.21
N GLY A 104 -72.58 68.22 -11.41
CA GLY A 104 -73.91 68.05 -11.97
C GLY A 104 -74.07 68.32 -13.44
N LYS A 105 -72.98 68.51 -14.18
CA LYS A 105 -73.04 68.78 -15.61
C LYS A 105 -72.07 67.87 -16.35
N PRO A 106 -72.38 67.51 -17.60
CA PRO A 106 -71.45 66.70 -18.40
C PRO A 106 -70.12 67.43 -18.60
N TYR A 107 -69.04 66.76 -18.23
CA TYR A 107 -67.70 67.34 -18.24
C TYR A 107 -66.74 66.66 -19.22
N TYR A 108 -66.73 65.34 -19.27
CA TYR A 108 -65.90 64.57 -20.19
C TYR A 108 -66.73 63.52 -20.91
N GLU A 109 -66.32 63.19 -22.14
CA GLU A 109 -66.72 61.97 -22.81
C GLU A 109 -65.50 61.07 -22.96
N TYR A 110 -65.52 59.93 -22.29
CA TYR A 110 -64.43 58.96 -22.38
C TYR A 110 -64.72 57.95 -23.48
N ARG A 111 -63.70 57.64 -24.28
CA ARG A 111 -63.75 56.51 -25.19
C ARG A 111 -62.46 55.70 -25.05
N ASP A 112 -62.60 54.38 -25.03
CA ASP A 112 -61.44 53.51 -25.02
C ASP A 112 -60.81 53.47 -26.41
N THR A 113 -59.49 53.33 -26.44
CA THR A 113 -58.77 53.08 -27.68
C THR A 113 -57.93 51.83 -27.47
N ALA A 114 -57.12 51.48 -28.47
CA ALA A 114 -56.44 50.18 -28.49
C ALA A 114 -55.61 49.96 -27.24
N MET A 115 -55.92 48.89 -26.51
CA MET A 115 -55.07 48.48 -25.39
C MET A 115 -55.15 46.97 -25.24
N SER A 116 -54.06 46.40 -24.74
CA SER A 116 -53.92 44.96 -24.58
C SER A 116 -53.57 44.63 -23.15
N LYS A 117 -54.02 43.46 -22.70
CA LYS A 117 -53.59 42.92 -21.41
C LYS A 117 -52.09 42.68 -21.39
N THR A 118 -51.43 42.68 -22.55
CA THR A 118 -50.00 42.47 -22.65
C THR A 118 -49.21 43.75 -22.42
N ALA A 119 -49.74 44.87 -22.82
CA ALA A 119 -49.36 46.28 -22.88
C ALA A 119 -49.70 47.01 -21.58
N PRO A 120 -48.86 47.96 -21.18
CA PRO A 120 -49.18 48.81 -20.01
C PRO A 120 -49.91 50.10 -20.35
N PHE A 121 -50.37 50.28 -21.59
CA PHE A 121 -51.13 51.46 -21.95
C PHE A 121 -52.52 51.44 -21.32
N ARG A 122 -52.99 52.60 -20.87
CA ARG A 122 -54.40 52.86 -20.64
C ARG A 122 -54.74 54.11 -21.43
N PRO A 123 -54.85 53.98 -22.76
CA PRO A 123 -55.12 55.15 -23.60
C PRO A 123 -56.60 55.51 -23.61
N GLU A 124 -56.91 56.76 -23.31
CA GLU A 124 -58.28 57.25 -23.32
C GLU A 124 -58.45 58.36 -24.35
N TRP A 125 -59.55 58.30 -25.06
CA TRP A 125 -60.05 59.39 -25.88
C TRP A 125 -60.99 60.23 -25.02
N ILE A 126 -60.67 61.50 -24.82
CA ILE A 126 -61.40 62.33 -23.86
C ILE A 126 -61.80 63.64 -24.52
N LEU A 127 -63.11 63.87 -24.62
CA LEU A 127 -63.66 65.09 -25.15
C LEU A 127 -63.97 66.05 -24.01
N GLU A 128 -63.60 67.32 -24.17
CA GLU A 128 -63.79 68.32 -23.13
C GLU A 128 -65.15 68.95 -23.35
N LEU A 129 -66.13 68.56 -22.54
CA LEU A 129 -67.49 69.06 -22.68
C LEU A 129 -67.71 70.39 -21.98
N CYS A 130 -66.90 70.70 -20.96
CA CYS A 130 -67.04 71.95 -20.22
C CYS A 130 -66.35 73.09 -20.96
N LYS A 131 -67.07 74.18 -21.19
CA LYS A 131 -66.55 75.37 -21.85
C LYS A 131 -66.37 76.48 -20.81
N VAL A 132 -65.22 77.13 -20.83
CA VAL A 132 -64.89 78.18 -19.87
C VAL A 132 -64.85 79.51 -20.59
N GLU A 133 -65.29 80.57 -19.89
CA GLU A 133 -65.37 81.91 -20.43
C GLU A 133 -64.08 82.70 -20.29
N ASN A 134 -63.07 82.17 -19.60
CA ASN A 134 -61.79 82.83 -19.49
C ASN A 134 -60.69 81.77 -19.38
N ASN A 135 -59.45 82.23 -19.37
CA ASN A 135 -58.27 81.38 -19.22
C ASN A 135 -57.63 81.55 -17.85
N ASP A 136 -58.45 81.80 -16.84
CA ASP A 136 -57.99 81.91 -15.47
C ASP A 136 -57.77 80.52 -14.89
N PRO A 137 -56.58 80.19 -14.40
CA PRO A 137 -56.36 78.84 -13.85
C PRO A 137 -57.23 78.53 -12.65
N GLU A 138 -57.69 79.55 -11.94
CA GLU A 138 -58.54 79.35 -10.77
C GLU A 138 -60.03 79.39 -11.11
N ASN A 139 -60.39 79.39 -12.39
CA ASN A 139 -61.78 79.38 -12.80
C ASN A 139 -62.53 78.23 -12.13
N PRO A 140 -63.60 78.50 -11.38
CA PRO A 140 -64.30 77.41 -10.67
C PRO A 140 -65.01 76.42 -11.58
N LYS A 141 -65.15 76.72 -12.88
CA LYS A 141 -65.74 75.73 -13.78
C LYS A 141 -64.84 74.51 -13.94
N ALA A 142 -63.53 74.68 -13.86
CA ALA A 142 -62.63 73.55 -14.01
C ALA A 142 -62.76 72.63 -12.80
N GLN A 143 -62.98 71.34 -13.05
CA GLN A 143 -63.18 70.35 -12.00
C GLN A 143 -61.93 69.51 -11.90
N TRP A 144 -61.17 69.71 -10.83
CA TRP A 144 -59.85 69.11 -10.72
C TRP A 144 -59.94 67.68 -10.22
N ASN A 145 -58.96 66.88 -10.62
CA ASN A 145 -58.74 65.58 -10.01
C ASN A 145 -57.63 65.68 -8.97
N ASN A 146 -57.37 64.55 -8.30
CA ASN A 146 -56.38 64.49 -7.24
C ASN A 146 -55.01 64.03 -7.75
N GLY A 147 -54.85 63.91 -9.06
CA GLY A 147 -53.70 63.22 -9.61
C GLY A 147 -53.93 61.72 -9.55
N HIS A 148 -53.23 60.94 -10.37
CA HIS A 148 -53.38 59.49 -10.35
C HIS A 148 -52.01 58.85 -10.51
N PHE A 149 -52.00 57.53 -10.35
CA PHE A 149 -50.74 56.77 -10.31
C PHE A 149 -50.12 56.59 -11.68
N MET A 150 -50.92 56.62 -12.74
CA MET A 150 -50.41 56.41 -14.08
C MET A 150 -49.53 57.57 -14.51
N HIS A 151 -48.46 57.26 -15.24
CA HIS A 151 -47.80 58.29 -16.02
C HIS A 151 -48.77 58.71 -17.12
N GLN A 152 -48.66 59.95 -17.58
CA GLN A 152 -49.58 60.38 -18.63
C GLN A 152 -48.87 61.23 -19.67
N PHE A 153 -49.00 60.81 -20.92
CA PHE A 153 -48.71 61.63 -22.08
C PHE A 153 -50.03 62.10 -22.68
N THR A 154 -50.05 63.32 -23.20
CA THR A 154 -51.29 63.86 -23.73
C THR A 154 -51.02 64.59 -25.04
N TYR A 155 -51.85 64.31 -26.03
CA TYR A 155 -51.83 65.02 -27.31
C TYR A 155 -53.10 65.84 -27.42
N PHE A 156 -52.97 67.09 -27.82
CA PHE A 156 -54.08 68.03 -27.81
C PHE A 156 -54.63 68.22 -29.22
N ILE A 157 -55.95 68.18 -29.35
CA ILE A 157 -56.64 68.43 -30.61
C ILE A 157 -57.72 69.46 -30.35
N GLY A 158 -57.58 70.65 -30.92
CA GLY A 158 -58.52 71.72 -30.69
C GLY A 158 -58.05 72.68 -29.60
N GLU A 159 -58.98 73.53 -29.18
CA GLU A 159 -58.67 74.61 -28.24
C GLU A 159 -58.86 74.10 -26.82
N VAL A 160 -57.83 73.42 -26.32
CA VAL A 160 -57.87 72.78 -25.01
C VAL A 160 -57.08 73.61 -24.02
N ASN A 161 -57.67 73.85 -22.85
CA ASN A 161 -56.96 74.39 -21.71
C ASN A 161 -56.50 73.25 -20.82
N PHE A 162 -55.21 73.22 -20.52
CA PHE A 162 -54.61 72.20 -19.66
C PHE A 162 -54.28 72.83 -18.31
N TYR A 163 -55.02 72.43 -17.30
CA TYR A 163 -54.82 72.92 -15.93
C TYR A 163 -53.98 71.92 -15.15
N TYR A 164 -53.07 72.44 -14.34
CA TYR A 164 -52.23 71.59 -13.49
C TYR A 164 -51.76 72.42 -12.30
N LYS A 165 -51.36 71.73 -11.24
CA LYS A 165 -50.85 72.37 -10.04
C LYS A 165 -49.35 72.15 -9.94
N ASP A 166 -48.65 73.16 -9.43
CA ASP A 166 -47.22 73.06 -9.22
C ASP A 166 -46.97 72.31 -7.89
N PRO A 167 -45.72 71.99 -7.57
CA PRO A 167 -45.46 71.24 -6.32
C PRO A 167 -45.99 71.93 -5.06
N GLU A 168 -46.23 73.23 -5.08
CA GLU A 168 -46.71 73.93 -3.90
C GLU A 168 -48.23 74.12 -3.88
N GLY A 169 -48.94 73.51 -4.84
CA GLY A 169 -50.39 73.55 -4.87
C GLY A 169 -51.00 74.69 -5.65
N LYS A 170 -50.20 75.56 -6.23
CA LYS A 170 -50.76 76.68 -6.99
C LYS A 170 -51.27 76.20 -8.34
N LYS A 171 -52.44 76.71 -8.73
CA LYS A 171 -53.06 76.33 -9.99
C LYS A 171 -52.45 77.09 -11.16
N HIS A 172 -52.16 76.37 -12.24
CA HIS A 172 -51.71 76.94 -13.49
C HIS A 172 -52.55 76.40 -14.63
N VAL A 173 -52.51 77.10 -15.76
CA VAL A 173 -53.21 76.65 -16.97
C VAL A 173 -52.31 76.90 -18.17
N ALA A 174 -52.26 75.93 -19.08
CA ALA A 174 -51.56 76.04 -20.34
C ALA A 174 -52.56 76.06 -21.48
N ILE A 175 -52.42 77.05 -22.37
CA ILE A 175 -53.35 77.26 -23.48
C ILE A 175 -52.85 76.44 -24.67
N MET A 176 -53.50 75.31 -24.91
CA MET A 176 -53.03 74.33 -25.88
C MET A 176 -53.84 74.42 -27.18
N ASN A 177 -53.19 74.04 -28.27
CA ASN A 177 -53.82 73.96 -29.58
C ASN A 177 -53.41 72.65 -30.24
N THR A 178 -54.01 72.38 -31.40
CA THR A 178 -53.77 71.11 -32.10
C THR A 178 -52.28 70.92 -32.38
N GLY A 179 -51.76 69.75 -31.98
CA GLY A 179 -50.38 69.44 -32.16
C GLY A 179 -49.51 69.65 -30.94
N ASP A 180 -49.99 70.42 -29.97
CA ASP A 180 -49.28 70.57 -28.71
C ASP A 180 -49.34 69.27 -27.93
N SER A 181 -48.42 69.11 -26.98
CA SER A 181 -48.35 67.88 -26.20
C SER A 181 -47.79 68.19 -24.83
N MET A 182 -47.96 67.23 -23.92
CA MET A 182 -47.46 67.40 -22.56
C MET A 182 -47.21 66.04 -21.94
N TYR A 183 -46.39 66.05 -20.90
CA TYR A 183 -46.23 64.93 -19.98
C TYR A 183 -46.47 65.44 -18.57
N ILE A 184 -47.14 64.65 -17.75
CA ILE A 184 -47.40 65.03 -16.37
C ILE A 184 -46.98 63.88 -15.46
N THR A 185 -46.18 64.21 -14.45
CA THR A 185 -45.70 63.23 -13.49
C THR A 185 -46.88 62.66 -12.69
N PRO A 186 -46.85 61.37 -12.36
CA PRO A 186 -47.92 60.77 -11.55
C PRO A 186 -48.26 61.57 -10.30
N PHE A 187 -49.54 61.60 -9.96
CA PHE A 187 -50.13 62.25 -8.79
C PHE A 187 -50.10 63.77 -8.85
N THR A 188 -49.89 64.35 -10.03
CA THR A 188 -50.04 65.79 -10.19
C THR A 188 -51.49 66.12 -10.52
N PRO A 189 -52.15 66.96 -9.73
CA PRO A 189 -53.54 67.32 -10.04
C PRO A 189 -53.65 68.06 -11.37
N HIS A 190 -54.72 67.77 -12.10
CA HIS A 190 -54.91 68.35 -13.42
C HIS A 190 -56.36 68.21 -13.85
N THR A 191 -56.71 68.95 -14.90
CA THR A 191 -58.03 68.84 -15.53
C THR A 191 -57.95 69.56 -16.87
N PHE A 192 -59.00 69.39 -17.68
CA PHE A 192 -59.04 69.93 -19.04
C PHE A 192 -60.41 70.51 -19.34
N THR A 193 -60.44 71.61 -20.08
CA THR A 193 -61.67 72.22 -20.54
C THR A 193 -61.51 72.65 -21.99
N THR A 194 -62.61 73.10 -22.59
CA THR A 194 -62.62 73.71 -23.91
C THR A 194 -62.79 75.21 -23.76
N ARG A 195 -62.01 75.97 -24.54
CA ARG A 195 -62.19 77.42 -24.50
C ARG A 195 -63.48 77.80 -25.22
N ASP A 196 -64.33 78.55 -24.53
CA ASP A 196 -65.59 79.00 -25.12
C ASP A 196 -65.29 79.83 -26.36
N GLY A 197 -66.15 79.71 -27.36
CA GLY A 197 -65.95 80.37 -28.63
C GLY A 197 -65.30 79.50 -29.68
N ALA A 198 -64.76 78.35 -29.31
CA ALA A 198 -64.17 77.45 -30.28
C ALA A 198 -65.25 76.82 -31.15
N SER A 199 -64.90 76.56 -32.42
CA SER A 199 -65.89 76.01 -33.34
C SER A 199 -66.32 74.61 -32.95
N GLN A 200 -65.47 73.86 -32.27
CA GLN A 200 -65.82 72.54 -31.79
C GLN A 200 -65.14 72.30 -30.44
N ASN A 201 -65.62 71.29 -29.72
CA ASN A 201 -65.04 70.96 -28.42
C ASN A 201 -63.60 70.51 -28.56
N GLY A 202 -62.78 70.89 -27.59
CA GLY A 202 -61.43 70.40 -27.53
C GLY A 202 -61.39 68.90 -27.26
N LEU A 203 -60.33 68.27 -27.72
CA LEU A 203 -60.15 66.83 -27.60
C LEU A 203 -58.72 66.56 -27.18
N ILE A 204 -58.54 65.58 -26.29
CA ILE A 204 -57.20 65.12 -25.93
C ILE A 204 -57.12 63.63 -26.16
N LEU A 205 -55.95 63.18 -26.54
CA LEU A 205 -55.62 61.76 -26.53
C LEU A 205 -54.74 61.57 -25.31
N ALA A 206 -55.30 60.98 -24.26
CA ALA A 206 -54.66 60.90 -22.95
C ALA A 206 -54.09 59.50 -22.80
N LEU A 207 -52.82 59.34 -23.14
CA LEU A 207 -52.16 58.05 -23.15
C LEU A 207 -51.49 57.86 -21.79
N THR A 208 -52.21 57.23 -20.87
CA THR A 208 -51.71 56.94 -19.55
C THR A 208 -51.12 55.54 -19.53
N TYR A 209 -50.08 55.36 -18.72
CA TYR A 209 -49.41 54.07 -18.66
C TYR A 209 -48.64 53.96 -17.37
N GLY A 210 -48.51 52.73 -16.89
CA GLY A 210 -47.59 52.45 -15.82
C GLY A 210 -46.21 52.15 -16.36
N SER A 211 -45.22 52.23 -15.48
CA SER A 211 -43.86 51.90 -15.89
C SER A 211 -43.27 50.90 -14.90
N LYS A 212 -42.40 51.37 -14.01
CA LYS A 212 -41.74 50.49 -13.05
C LYS A 212 -42.38 50.53 -11.67
N LEU A 213 -43.64 50.94 -11.57
CA LEU A 213 -44.29 51.11 -10.28
C LEU A 213 -45.56 50.28 -10.11
N THR A 214 -46.00 49.53 -11.12
CA THR A 214 -47.25 48.78 -11.01
C THR A 214 -46.95 47.29 -11.08
N GLY A 215 -47.94 46.49 -10.70
CA GLY A 215 -47.78 45.04 -10.72
C GLY A 215 -47.09 44.46 -9.51
N ASP A 216 -46.17 43.51 -9.76
CA ASP A 216 -45.47 42.82 -8.68
C ASP A 216 -44.69 43.79 -7.80
N ILE A 217 -44.11 44.83 -8.40
CA ILE A 217 -43.32 45.80 -7.64
C ILE A 217 -44.19 46.52 -6.61
N GLN A 218 -45.41 46.90 -7.00
CA GLN A 218 -46.28 47.60 -6.07
C GLN A 218 -46.65 46.71 -4.88
N GLN A 219 -46.91 45.43 -5.15
CA GLN A 219 -47.20 44.49 -4.05
C GLN A 219 -46.01 44.31 -3.13
N GLU A 220 -44.80 44.26 -3.69
CA GLU A 220 -43.61 44.14 -2.87
C GLU A 220 -43.45 45.37 -1.98
N LEU A 221 -43.71 46.55 -2.52
CA LEU A 221 -43.59 47.79 -1.76
C LEU A 221 -44.75 47.98 -0.79
N SER A 222 -45.95 47.48 -1.13
CA SER A 222 -47.13 47.70 -0.29
C SER A 222 -47.15 46.86 0.97
N SER A 223 -46.31 45.84 1.08
CA SER A 223 -46.21 45.07 2.31
C SER A 223 -45.23 45.70 3.32
N LEU A 224 -44.67 46.86 2.99
CA LEU A 224 -43.79 47.60 3.88
C LEU A 224 -44.55 48.74 4.53
N SER A 225 -44.12 49.10 5.74
CA SER A 225 -44.68 50.28 6.41
C SER A 225 -44.33 51.54 5.62
N LEU A 226 -45.11 52.60 5.86
CA LEU A 226 -44.87 53.86 5.16
C LEU A 226 -43.47 54.40 5.42
N ASP A 227 -43.03 54.38 6.68
CA ASP A 227 -41.70 54.91 6.98
C ASP A 227 -40.60 54.07 6.34
N CYS A 228 -40.80 52.76 6.22
CA CYS A 228 -39.82 51.94 5.50
C CYS A 228 -39.91 52.16 4.01
N GLY A 229 -41.12 52.06 3.44
CA GLY A 229 -41.30 52.21 2.01
C GLY A 229 -40.87 53.56 1.49
N SER A 230 -41.09 54.62 2.29
CA SER A 230 -40.79 55.98 1.85
C SER A 230 -39.28 56.19 1.67
N GLN A 231 -38.46 55.42 2.39
CA GLN A 231 -37.02 55.62 2.30
C GLN A 231 -36.43 55.17 0.97
N TYR A 232 -37.21 54.47 0.14
CA TYR A 232 -36.76 54.19 -1.22
C TYR A 232 -36.71 55.45 -2.06
N ALA A 233 -37.58 56.41 -1.79
CA ALA A 233 -37.65 57.66 -2.57
C ALA A 233 -36.46 58.54 -2.19
N LEU A 234 -35.47 58.60 -3.07
CA LEU A 234 -34.27 59.38 -2.84
C LEU A 234 -34.48 60.84 -3.21
N ASP A 235 -33.60 61.70 -2.69
CA ASP A 235 -33.64 63.12 -3.00
C ASP A 235 -33.11 63.33 -4.42
N PHE A 236 -34.03 63.47 -5.38
CA PHE A 236 -33.70 63.74 -6.77
C PHE A 236 -34.09 65.17 -7.16
N THR A 237 -34.06 66.10 -6.20
CA THR A 237 -34.57 67.44 -6.44
C THR A 237 -33.79 68.14 -7.53
N ASN A 238 -32.48 67.90 -7.59
CA ASN A 238 -31.62 68.40 -8.65
C ASN A 238 -30.47 67.42 -8.85
N HIS A 239 -29.65 67.71 -9.85
CA HIS A 239 -28.53 66.83 -10.21
C HIS A 239 -27.57 66.64 -9.05
N GLU A 240 -27.29 67.71 -8.31
CA GLU A 240 -26.31 67.64 -7.21
C GLU A 240 -26.86 66.81 -6.05
N ASN A 241 -28.12 67.04 -5.68
CA ASN A 241 -28.71 66.27 -4.58
C ASN A 241 -28.85 64.80 -4.95
N ALA A 242 -29.22 64.51 -6.20
CA ALA A 242 -29.39 63.13 -6.62
C ALA A 242 -28.06 62.38 -6.57
N SER A 243 -26.96 63.05 -6.92
CA SER A 243 -25.65 62.41 -6.88
C SER A 243 -25.29 62.00 -5.45
N LEU A 244 -25.57 62.86 -4.47
CA LEU A 244 -25.27 62.52 -3.09
C LEU A 244 -26.19 61.42 -2.56
N SER A 245 -27.48 61.47 -2.93
CA SER A 245 -28.42 60.44 -2.47
C SER A 245 -28.01 59.06 -2.94
N LEU A 246 -27.56 58.95 -4.19
CA LEU A 246 -27.10 57.66 -4.70
C LEU A 246 -25.81 57.23 -4.02
N LEU A 247 -24.87 58.16 -3.84
CA LEU A 247 -23.65 57.86 -3.10
C LEU A 247 -23.97 57.37 -1.70
N GLU A 248 -24.89 58.03 -1.02
CA GLU A 248 -25.28 57.60 0.31
C GLU A 248 -25.92 56.23 0.29
N TYR A 249 -26.87 56.00 -0.64
CA TYR A 249 -27.61 54.76 -0.67
C TYR A 249 -26.69 53.56 -0.90
N TYR A 250 -25.84 53.64 -1.92
CA TYR A 250 -24.98 52.51 -2.23
C TYR A 250 -23.85 52.34 -1.23
N PHE A 251 -23.46 53.41 -0.54
CA PHE A 251 -22.53 53.24 0.58
C PHE A 251 -23.17 52.47 1.72
N GLU A 252 -24.46 52.69 1.98
CA GLU A 252 -25.14 51.95 3.03
C GLU A 252 -25.26 50.47 2.69
N LEU A 253 -25.51 50.14 1.41
CA LEU A 253 -25.58 48.73 1.02
C LEU A 253 -24.25 48.02 1.22
N SER A 254 -23.14 48.71 0.94
CA SER A 254 -21.83 48.09 1.08
C SER A 254 -21.51 47.75 2.52
N ASN A 255 -22.11 48.45 3.47
CA ASN A 255 -21.89 48.27 4.91
C ASN A 255 -20.44 48.52 5.31
N LEU A 256 -19.71 49.30 4.51
CA LEU A 256 -18.38 49.72 4.86
C LEU A 256 -18.42 50.85 5.88
N THR A 257 -17.34 50.99 6.64
CA THR A 257 -17.13 52.21 7.38
C THR A 257 -16.49 53.26 6.48
N LYS A 258 -16.54 54.52 6.94
CA LYS A 258 -15.88 55.58 6.20
C LYS A 258 -14.38 55.32 6.06
N GLU A 259 -13.75 54.83 7.13
CA GLU A 259 -12.32 54.55 7.09
C GLU A 259 -11.99 53.46 6.09
N LYS A 260 -12.73 52.34 6.14
CA LYS A 260 -12.51 51.26 5.19
C LYS A 260 -12.81 51.72 3.76
N PHE A 261 -13.84 52.56 3.61
CA PHE A 261 -14.13 53.17 2.32
C PHE A 261 -12.96 54.03 1.86
N ALA A 262 -12.35 54.79 2.78
CA ALA A 262 -11.21 55.63 2.41
C ALA A 262 -10.01 54.80 1.99
N LYS A 263 -9.69 53.75 2.75
CA LYS A 263 -8.56 52.90 2.40
C LYS A 263 -8.80 52.18 1.08
N ARG A 264 -10.04 51.76 0.83
CA ARG A 264 -10.32 51.01 -0.39
C ARG A 264 -10.20 51.89 -1.63
N THR A 265 -10.61 53.15 -1.54
CA THR A 265 -10.51 54.08 -2.66
C THR A 265 -9.18 54.81 -2.70
N ASN A 266 -8.39 54.73 -1.64
CA ASN A 266 -7.20 55.57 -1.46
C ASN A 266 -7.57 57.05 -1.44
N PHE A 267 -8.78 57.37 -1.01
CA PHE A 267 -9.20 58.73 -0.78
C PHE A 267 -8.94 59.12 0.67
N SER A 268 -8.64 60.40 0.88
CA SER A 268 -8.50 60.89 2.25
C SER A 268 -9.86 61.04 2.91
N MET A 269 -9.86 61.02 4.24
CA MET A 269 -11.10 61.23 4.97
C MET A 269 -11.68 62.61 4.70
N GLU A 270 -10.83 63.62 4.46
CA GLU A 270 -11.33 64.95 4.13
C GLU A 270 -11.96 64.97 2.74
N THR A 271 -11.29 64.34 1.77
CA THR A 271 -11.88 64.23 0.43
C THR A 271 -13.20 63.48 0.49
N LEU A 272 -13.26 62.43 1.31
CA LEU A 272 -14.48 61.65 1.44
C LEU A 272 -15.57 62.47 2.14
N ALA A 273 -15.19 63.25 3.16
CA ALA A 273 -16.14 64.10 3.85
C ALA A 273 -16.70 65.19 2.95
N ASP A 274 -15.91 65.66 1.99
CA ASP A 274 -16.40 66.64 1.03
C ASP A 274 -17.48 66.04 0.12
N PHE A 275 -17.37 64.76 -0.21
CA PHE A 275 -18.38 64.12 -1.04
C PHE A 275 -19.70 63.96 -0.29
N PHE A 276 -19.64 63.50 0.96
CA PHE A 276 -20.84 63.22 1.73
C PHE A 276 -21.53 64.46 2.27
N THR A 277 -20.91 65.63 2.15
CA THR A 277 -21.53 66.89 2.56
C THR A 277 -21.87 67.79 1.37
N LYS A 278 -21.82 67.25 0.16
CA LYS A 278 -22.13 67.96 -1.08
C LYS A 278 -21.19 69.13 -1.34
N LYS A 279 -20.13 69.28 -0.54
CA LYS A 279 -19.16 70.34 -0.77
C LYS A 279 -18.39 70.13 -2.08
N LYS A 280 -18.13 68.88 -2.44
CA LYS A 280 -17.45 68.56 -3.69
C LYS A 280 -18.21 67.44 -4.39
N LEU A 281 -18.27 67.53 -5.72
CA LEU A 281 -18.95 66.51 -6.53
C LEU A 281 -17.91 65.60 -7.16
N PRO A 282 -18.03 64.29 -7.00
CA PRO A 282 -17.03 63.37 -7.58
C PRO A 282 -17.02 63.45 -9.10
N THR A 283 -15.81 63.47 -9.66
CA THR A 283 -15.66 63.42 -11.11
C THR A 283 -15.97 62.02 -11.62
N PHE A 284 -15.99 61.89 -12.95
CA PHE A 284 -16.28 60.58 -13.53
C PHE A 284 -15.19 59.57 -13.20
N ASP A 285 -13.92 60.02 -13.21
CA ASP A 285 -12.83 59.13 -12.83
C ASP A 285 -12.95 58.72 -11.36
N GLU A 286 -13.27 59.68 -10.49
CA GLU A 286 -13.47 59.36 -9.08
C GLU A 286 -14.70 58.47 -8.89
N LEU A 287 -15.74 58.67 -9.70
CA LEU A 287 -16.94 57.85 -9.58
C LEU A 287 -16.66 56.39 -9.89
N LYS A 288 -15.84 56.12 -10.91
CA LYS A 288 -15.45 54.75 -11.21
C LYS A 288 -14.69 54.13 -10.05
N ILE A 289 -13.84 54.93 -9.38
CA ILE A 289 -13.13 54.44 -8.21
C ILE A 289 -14.09 54.15 -7.08
N ILE A 290 -15.05 55.05 -6.82
CA ILE A 290 -16.03 54.83 -5.77
C ILE A 290 -16.89 53.61 -6.07
N ALA A 291 -17.34 53.47 -7.32
CA ALA A 291 -18.18 52.33 -7.68
C ALA A 291 -17.46 51.00 -7.46
N LYS A 292 -16.20 50.92 -7.89
CA LYS A 292 -15.45 49.68 -7.72
C LYS A 292 -15.31 49.32 -6.25
N ALA A 293 -15.13 50.32 -5.38
CA ALA A 293 -15.00 50.04 -3.96
C ALA A 293 -16.33 49.63 -3.34
N LEU A 294 -17.45 50.05 -3.92
CA LEU A 294 -18.77 49.70 -3.42
C LEU A 294 -19.37 48.49 -4.13
N ASN A 295 -18.61 47.83 -5.01
CA ASN A 295 -19.06 46.63 -5.73
C ASN A 295 -20.30 46.92 -6.57
N VAL A 296 -20.34 48.12 -7.15
CA VAL A 296 -21.41 48.52 -8.06
C VAL A 296 -20.77 49.11 -9.31
N ASN A 297 -21.61 49.48 -10.26
CA ASN A 297 -21.15 50.14 -11.47
C ASN A 297 -21.25 51.65 -11.29
N SER A 298 -20.39 52.38 -12.00
CA SER A 298 -20.47 53.84 -11.96
C SER A 298 -21.82 54.31 -12.47
N ARG A 299 -22.41 53.55 -13.40
CA ARG A 299 -23.74 53.85 -13.90
C ARG A 299 -24.79 53.78 -12.79
N ASP A 300 -24.55 52.95 -11.76
CA ASP A 300 -25.49 52.86 -10.66
C ASP A 300 -25.40 54.08 -9.74
N LEU A 301 -24.26 54.76 -9.72
CA LEU A 301 -24.09 55.95 -8.91
C LEU A 301 -24.46 57.23 -9.65
N MET A 302 -24.65 57.15 -10.96
CA MET A 302 -24.93 58.35 -11.73
C MET A 302 -26.41 58.72 -11.62
N PRO A 303 -26.72 59.98 -11.37
CA PRO A 303 -28.11 60.43 -11.51
C PRO A 303 -28.40 60.78 -12.97
N ASN A 304 -29.66 61.08 -13.24
CA ASN A 304 -29.99 61.63 -14.54
C ASN A 304 -29.24 62.96 -14.73
N ASP A 305 -28.89 63.25 -15.98
CA ASP A 305 -28.07 64.44 -16.26
C ASP A 305 -28.70 65.70 -15.70
N LEU A 306 -30.03 65.77 -15.66
CA LEU A 306 -30.73 66.85 -14.98
C LEU A 306 -32.03 66.31 -14.45
N THR A 307 -32.61 67.05 -13.50
CA THR A 307 -33.94 66.74 -12.99
C THR A 307 -34.95 67.56 -13.78
N GLU A 308 -35.91 66.88 -14.39
CA GLU A 308 -36.92 67.52 -15.20
C GLU A 308 -38.02 68.12 -14.34
N SER A 309 -38.72 69.10 -14.91
CA SER A 309 -39.93 69.62 -14.28
C SER A 309 -40.99 68.53 -14.19
N LYS A 310 -41.87 68.65 -13.18
CA LYS A 310 -42.94 67.68 -13.02
C LYS A 310 -43.94 67.73 -14.18
N VAL A 311 -44.14 68.90 -14.76
CA VAL A 311 -45.04 69.07 -15.89
C VAL A 311 -44.22 69.54 -17.08
N ILE A 312 -44.32 68.83 -18.19
CA ILE A 312 -43.61 69.15 -19.43
C ILE A 312 -44.66 69.56 -20.45
N VAL A 313 -44.54 70.79 -20.96
CA VAL A 313 -45.47 71.32 -21.97
C VAL A 313 -44.66 71.66 -23.22
N LYS A 314 -45.16 71.24 -24.37
CA LYS A 314 -44.46 71.46 -25.63
C LYS A 314 -45.45 71.89 -26.70
N THR A 315 -45.33 73.12 -27.18
CA THR A 315 -46.15 73.54 -28.30
C THR A 315 -45.59 72.99 -29.61
N HIS A 316 -46.46 72.85 -30.60
CA HIS A 316 -46.08 72.18 -31.84
C HIS A 316 -44.94 72.89 -32.57
N ASP A 317 -44.86 74.22 -32.44
CA ASP A 317 -43.78 74.96 -33.08
C ASP A 317 -42.41 74.62 -32.49
N GLN A 318 -42.37 73.99 -31.32
CA GLN A 318 -41.11 73.60 -30.71
C GLN A 318 -40.69 72.19 -31.11
N CYS A 319 -41.50 71.49 -31.90
CA CYS A 319 -41.21 70.11 -32.26
C CYS A 319 -40.20 70.07 -33.41
N ASP A 320 -39.03 69.49 -33.14
CA ASP A 320 -38.09 69.20 -34.20
C ASP A 320 -38.68 68.14 -35.12
N HIS A 321 -38.22 68.12 -36.37
CA HIS A 321 -38.73 67.14 -37.31
C HIS A 321 -37.66 66.81 -38.32
N TRP A 322 -37.84 65.66 -38.97
CA TRP A 322 -36.85 65.16 -39.92
C TRP A 322 -37.51 64.11 -40.79
N LYS A 323 -36.88 63.87 -41.95
CA LYS A 323 -37.34 62.86 -42.88
C LYS A 323 -36.83 61.49 -42.47
N TYR A 324 -37.68 60.47 -42.61
CA TYR A 324 -37.29 59.10 -42.29
C TYR A 324 -38.00 58.09 -43.18
N PRO A 325 -37.26 57.09 -43.68
CA PRO A 325 -35.79 57.01 -43.54
C PRO A 325 -35.10 57.86 -44.60
N GLU A 326 -33.94 57.40 -45.07
CA GLU A 326 -33.27 58.12 -46.15
C GLU A 326 -34.15 58.22 -47.39
N SER A 327 -34.92 57.17 -47.68
CA SER A 327 -35.79 57.17 -48.85
C SER A 327 -36.91 58.21 -48.74
N GLY A 328 -37.40 58.48 -47.54
CA GLY A 328 -38.30 59.59 -47.31
C GLY A 328 -39.77 59.28 -47.14
N ASN A 329 -40.11 58.08 -46.69
CA ASN A 329 -41.52 57.70 -46.56
C ASN A 329 -42.24 58.55 -45.51
N TYR A 330 -41.57 58.93 -44.43
CA TYR A 330 -42.23 59.55 -43.29
C TYR A 330 -41.59 60.88 -42.94
N GLU A 331 -42.34 61.69 -42.18
CA GLU A 331 -41.83 62.88 -41.52
C GLU A 331 -42.15 62.75 -40.03
N PHE A 332 -41.12 62.58 -39.20
CA PHE A 332 -41.29 62.39 -37.77
C PHE A 332 -41.27 63.74 -37.06
N TYR A 333 -42.25 63.97 -36.19
CA TYR A 333 -42.31 65.15 -35.34
C TYR A 333 -42.12 64.74 -33.89
N GLU A 334 -41.12 65.32 -33.24
CA GLU A 334 -40.70 64.91 -31.92
C GLU A 334 -41.57 65.66 -30.90
N LEU A 335 -42.49 64.95 -30.25
CA LEU A 335 -43.43 65.56 -29.32
C LEU A 335 -42.83 65.62 -27.91
N ALA A 336 -43.66 65.94 -26.92
CA ALA A 336 -43.18 66.09 -25.55
C ALA A 336 -42.58 64.80 -25.02
N SER A 337 -41.54 64.95 -24.20
CA SER A 337 -40.88 63.83 -23.54
C SER A 337 -40.11 64.38 -22.34
N THR A 338 -39.66 63.46 -21.48
CA THR A 338 -38.86 63.81 -20.31
C THR A 338 -37.82 62.73 -20.09
N THR A 339 -36.60 63.15 -19.73
CA THR A 339 -35.56 62.17 -19.45
C THR A 339 -35.78 61.39 -18.16
N ALA A 340 -36.82 61.74 -17.39
CA ALA A 340 -37.23 60.85 -16.30
C ALA A 340 -37.78 59.54 -16.81
N LEU A 341 -38.28 59.51 -18.05
CA LEU A 341 -38.76 58.29 -18.71
C LEU A 341 -38.05 58.20 -20.05
N PRO A 342 -36.78 57.77 -20.05
CA PRO A 342 -36.01 57.77 -21.30
C PRO A 342 -36.55 56.82 -22.35
N HIS A 343 -37.42 55.89 -21.99
CA HIS A 343 -37.98 54.95 -22.94
C HIS A 343 -39.37 55.35 -23.42
N SER A 344 -39.82 56.55 -23.05
CA SER A 344 -41.10 57.07 -23.51
C SER A 344 -40.84 58.07 -24.63
N LYS A 345 -41.22 57.68 -25.85
CA LYS A 345 -41.06 58.50 -27.04
C LYS A 345 -42.44 58.73 -27.65
N ALA A 346 -42.67 59.95 -28.11
CA ALA A 346 -43.96 60.33 -28.69
C ALA A 346 -43.70 61.08 -29.99
N PHE A 347 -44.39 60.67 -31.05
CA PHE A 347 -44.14 61.25 -32.35
C PHE A 347 -45.46 61.58 -33.03
N GLU A 348 -45.38 62.58 -33.89
CA GLU A 348 -46.39 62.89 -34.89
C GLU A 348 -45.74 62.54 -36.22
N ILE A 349 -46.35 61.62 -36.96
CA ILE A 349 -45.74 61.10 -38.19
C ILE A 349 -46.61 61.49 -39.38
N ASP A 350 -46.02 62.25 -40.30
CA ASP A 350 -46.62 62.48 -41.61
C ASP A 350 -46.17 61.36 -42.53
N VAL A 351 -47.11 60.54 -42.99
CA VAL A 351 -46.83 59.45 -43.92
C VAL A 351 -47.20 59.93 -45.32
N SER A 352 -46.26 59.81 -46.25
CA SER A 352 -46.50 60.09 -47.67
C SER A 352 -45.65 59.09 -48.45
N SER A 353 -46.15 57.86 -48.52
CA SER A 353 -45.44 56.77 -49.18
C SER A 353 -46.47 55.83 -49.79
N SER A 354 -46.27 55.49 -51.07
CA SER A 354 -47.18 54.59 -51.78
C SER A 354 -46.54 53.26 -52.09
N GLU A 355 -45.52 53.22 -52.94
CA GLU A 355 -44.96 51.98 -53.47
C GLU A 355 -43.58 51.74 -52.84
N ASP A 356 -43.59 51.16 -51.64
CA ASP A 356 -42.38 50.73 -50.97
C ASP A 356 -42.74 49.52 -50.13
N LEU A 357 -42.18 48.37 -50.48
CA LEU A 357 -42.61 47.11 -49.88
C LEU A 357 -41.84 46.75 -48.62
N ASN A 358 -40.79 47.49 -48.28
CA ASN A 358 -39.97 47.14 -47.13
C ASN A 358 -40.63 47.58 -45.83
N LEU A 359 -40.53 46.73 -44.81
CA LEU A 359 -40.87 47.10 -43.43
C LEU A 359 -39.73 47.92 -42.87
N ASP A 360 -39.91 49.24 -42.80
CA ASP A 360 -38.82 50.16 -42.51
C ASP A 360 -38.85 50.71 -41.08
N LEU A 361 -39.76 50.22 -40.23
CA LEU A 361 -39.86 50.67 -38.84
C LEU A 361 -39.74 49.47 -37.92
N LYS A 362 -38.90 49.60 -36.90
CA LYS A 362 -38.69 48.53 -35.93
C LYS A 362 -38.12 49.14 -34.65
N VAL A 363 -38.78 48.90 -33.52
CA VAL A 363 -38.37 49.49 -32.25
C VAL A 363 -38.66 48.49 -31.14
N GLY A 364 -37.76 48.44 -30.15
CA GLY A 364 -37.91 47.57 -29.00
C GLY A 364 -38.71 48.17 -27.86
N LEU A 365 -39.92 48.66 -28.18
CA LEU A 365 -40.81 49.25 -27.18
C LEU A 365 -42.25 48.88 -27.54
N HIS A 366 -43.11 48.89 -26.52
CA HIS A 366 -44.53 48.83 -26.77
C HIS A 366 -44.96 50.11 -27.50
N GLN A 367 -45.90 49.99 -28.42
CA GLN A 367 -46.31 51.12 -29.23
C GLN A 367 -47.82 51.28 -29.21
N TYR A 368 -48.26 52.52 -29.16
CA TYR A 368 -49.66 52.89 -29.35
C TYR A 368 -49.75 53.78 -30.58
N VAL A 369 -50.71 53.48 -31.45
CA VAL A 369 -50.90 54.21 -32.69
C VAL A 369 -52.31 54.77 -32.72
N TYR A 370 -52.46 56.01 -33.20
CA TYR A 370 -53.77 56.59 -33.41
C TYR A 370 -53.74 57.37 -34.71
N ASN A 371 -54.67 57.07 -35.61
CA ASN A 371 -54.79 57.79 -36.87
C ASN A 371 -55.48 59.12 -36.59
N ILE A 372 -54.68 60.19 -36.51
CA ILE A 372 -55.21 61.51 -36.22
C ILE A 372 -55.54 62.30 -37.48
N GLY A 373 -55.32 61.72 -38.66
CA GLY A 373 -55.60 62.39 -39.91
C GLY A 373 -56.99 62.11 -40.44
N ASP A 374 -57.23 62.55 -41.67
CA ASP A 374 -58.53 62.40 -42.30
C ASP A 374 -58.55 61.30 -43.36
N SER A 375 -57.46 60.57 -43.53
CA SER A 375 -57.37 59.55 -44.57
C SER A 375 -56.98 58.21 -43.95
N ALA A 376 -57.42 57.14 -44.60
CA ALA A 376 -57.08 55.80 -44.15
C ALA A 376 -55.65 55.46 -44.51
N LEU A 377 -55.05 54.56 -43.74
CA LEU A 377 -53.69 54.12 -43.96
C LEU A 377 -53.65 52.60 -43.91
N THR A 378 -52.53 52.06 -44.40
CA THR A 378 -52.30 50.62 -44.40
C THR A 378 -51.10 50.31 -43.51
N ILE A 379 -51.26 49.28 -42.67
CA ILE A 379 -50.17 48.78 -41.82
C ILE A 379 -49.74 47.42 -42.36
N ASN A 380 -48.44 47.28 -42.64
CA ASN A 380 -47.83 46.00 -43.02
C ASN A 380 -46.88 45.56 -41.93
N TRP A 381 -46.92 44.27 -41.57
CA TRP A 381 -45.99 43.80 -40.54
C TRP A 381 -45.84 42.28 -40.62
N ASN A 382 -44.79 41.79 -39.95
CA ASN A 382 -44.49 40.37 -39.80
C ASN A 382 -44.51 40.01 -38.31
N TYR A 383 -45.09 38.87 -37.99
CA TYR A 383 -45.11 38.37 -36.62
C TYR A 383 -45.33 36.86 -36.65
N GLU A 384 -44.50 36.12 -35.91
CA GLU A 384 -44.56 34.66 -35.87
C GLU A 384 -44.46 34.06 -37.27
N ASN A 385 -43.52 34.58 -38.07
CA ASN A 385 -43.23 34.11 -39.42
C ASN A 385 -44.40 34.30 -40.39
N LYS A 386 -45.36 35.15 -40.04
CA LYS A 386 -46.49 35.45 -40.90
C LYS A 386 -46.50 36.94 -41.23
N THR A 387 -46.92 37.26 -42.44
CA THR A 387 -47.04 38.63 -42.91
C THR A 387 -48.50 39.05 -42.89
N TYR A 388 -48.78 40.25 -42.37
CA TYR A 388 -50.14 40.76 -42.27
C TYR A 388 -50.25 42.12 -42.94
N GLN A 389 -51.49 42.51 -43.23
CA GLN A 389 -51.77 43.81 -43.80
C GLN A 389 -53.18 44.22 -43.39
N LYS A 390 -53.32 45.37 -42.74
CA LYS A 390 -54.62 45.86 -42.33
C LYS A 390 -54.68 47.37 -42.52
N SER A 391 -55.89 47.87 -42.67
CA SER A 391 -56.11 49.30 -42.85
C SER A 391 -56.38 49.97 -41.51
N LEU A 392 -55.82 51.16 -41.34
CA LEU A 392 -56.00 51.98 -40.15
C LEU A 392 -56.77 53.22 -40.55
N ASN A 393 -58.07 53.19 -40.35
CA ASN A 393 -58.93 54.30 -40.74
C ASN A 393 -58.80 55.46 -39.76
N PRO A 394 -59.23 56.65 -40.15
CA PRO A 394 -59.26 57.77 -39.20
C PRO A 394 -60.08 57.42 -37.96
N GLY A 395 -59.48 57.65 -36.78
CA GLY A 395 -60.11 57.28 -35.54
C GLY A 395 -59.81 55.87 -35.06
N ASP A 396 -59.16 55.05 -35.87
CA ASP A 396 -58.72 53.73 -35.44
C ASP A 396 -57.44 53.84 -34.62
N SER A 397 -57.27 52.90 -33.70
CA SER A 397 -56.06 52.84 -32.90
C SER A 397 -55.46 51.45 -32.99
N ALA A 398 -54.18 51.35 -32.66
CA ALA A 398 -53.47 50.08 -32.74
C ALA A 398 -52.45 50.00 -31.61
N TYR A 399 -52.24 48.77 -31.14
CA TYR A 399 -51.13 48.44 -30.27
C TYR A 399 -50.17 47.53 -31.02
N ILE A 400 -48.88 47.86 -30.97
CA ILE A 400 -47.85 47.09 -31.67
C ILE A 400 -46.90 46.52 -30.61
N LYS A 401 -46.67 45.21 -30.67
CA LYS A 401 -45.76 44.58 -29.74
C LYS A 401 -44.32 44.99 -30.04
N PRO A 402 -43.43 44.91 -29.05
CA PRO A 402 -42.03 45.30 -29.28
C PRO A 402 -41.37 44.47 -30.37
N PHE A 403 -40.49 45.13 -31.12
CA PHE A 403 -39.63 44.56 -32.17
C PHE A 403 -40.41 44.06 -33.38
N VAL A 404 -41.70 44.35 -33.50
CA VAL A 404 -42.46 43.97 -34.69
C VAL A 404 -42.06 44.87 -35.85
N PRO A 405 -41.46 44.33 -36.91
CA PRO A 405 -41.13 45.15 -38.08
C PRO A 405 -42.39 45.54 -38.86
N HIS A 406 -42.46 46.81 -39.26
CA HIS A 406 -43.69 47.31 -39.84
C HIS A 406 -43.42 48.55 -40.68
N ASN A 407 -44.45 48.98 -41.41
CA ASN A 407 -44.44 50.26 -42.10
C ASN A 407 -45.84 50.81 -42.11
N PHE A 408 -45.96 52.06 -42.56
CA PHE A 408 -47.25 52.69 -42.81
C PHE A 408 -47.23 53.18 -44.25
N ARG A 409 -48.32 52.94 -44.99
CA ARG A 409 -48.36 53.27 -46.41
C ARG A 409 -49.63 54.04 -46.74
N GLY A 410 -49.47 55.01 -47.64
CA GLY A 410 -50.55 55.91 -47.98
C GLY A 410 -50.16 57.35 -47.72
N ASN A 411 -51.15 58.23 -47.64
CA ASN A 411 -50.94 59.64 -47.30
C ASN A 411 -51.83 59.96 -46.11
N GLY A 412 -51.21 60.27 -44.97
CA GLY A 412 -51.99 60.55 -43.77
C GLY A 412 -51.10 60.94 -42.60
N LYS A 413 -51.71 60.93 -41.42
CA LYS A 413 -51.06 61.40 -40.20
C LYS A 413 -51.44 60.48 -39.04
N ILE A 414 -50.45 60.08 -38.24
CA ILE A 414 -50.69 59.22 -37.08
C ILE A 414 -50.00 59.79 -35.85
N LEU A 415 -50.55 59.46 -34.68
CA LEU A 415 -49.93 59.71 -33.39
C LEU A 415 -49.29 58.41 -32.89
N ILE A 416 -48.03 58.48 -32.50
CA ILE A 416 -47.25 57.32 -32.06
C ILE A 416 -46.71 57.57 -30.66
N LEU A 417 -47.04 56.68 -29.72
CA LEU A 417 -46.45 56.68 -28.38
C LEU A 417 -45.75 55.35 -28.14
N ARG A 418 -44.47 55.41 -27.75
CA ARG A 418 -43.65 54.25 -27.46
C ARG A 418 -43.22 54.32 -26.01
N ILE A 419 -43.47 53.24 -25.26
CA ILE A 419 -43.08 53.17 -23.86
C ILE A 419 -42.30 51.88 -23.64
N GLY A 420 -41.46 51.89 -22.60
CA GLY A 420 -40.59 50.75 -22.34
C GLY A 420 -41.20 49.59 -21.59
N GLY A 421 -42.33 49.79 -20.91
CA GLY A 421 -42.89 48.66 -20.19
C GLY A 421 -42.04 48.20 -19.01
N LYS A 422 -42.28 46.95 -18.59
CA LYS A 422 -41.52 46.34 -17.50
C LYS A 422 -40.14 45.81 -17.91
N ILE A 423 -39.86 45.70 -19.20
CA ILE A 423 -38.64 45.03 -19.65
C ILE A 423 -37.50 46.03 -19.86
N SER A 424 -37.76 47.14 -20.53
CA SER A 424 -36.70 48.09 -20.86
C SER A 424 -36.05 48.63 -19.58
N GLY A 425 -34.73 48.73 -19.60
CA GLY A 425 -34.01 49.18 -18.43
C GLY A 425 -33.29 48.05 -17.71
N ASP A 426 -33.59 47.90 -16.41
CA ASP A 426 -32.91 46.91 -15.59
C ASP A 426 -33.15 45.50 -16.10
N SER A 427 -34.41 45.15 -16.41
CA SER A 427 -34.73 43.81 -16.88
C SER A 427 -34.01 43.49 -18.18
N GLN A 428 -33.98 44.44 -19.11
CA GLN A 428 -33.29 44.20 -20.38
C GLN A 428 -31.80 43.92 -20.15
N ARG A 429 -31.18 44.68 -19.24
CA ARG A 429 -29.76 44.48 -18.99
C ARG A 429 -29.49 43.13 -18.35
N GLU A 430 -30.37 42.69 -17.45
CA GLU A 430 -30.20 41.35 -16.88
C GLU A 430 -30.35 40.28 -17.96
N LEU A 431 -31.35 40.43 -18.83
CA LEU A 431 -31.51 39.50 -19.95
C LEU A 431 -30.29 39.50 -20.86
N SER A 432 -29.66 40.67 -21.04
CA SER A 432 -28.47 40.75 -21.89
C SER A 432 -27.31 39.95 -21.31
N PHE A 433 -27.18 39.92 -19.99
CA PHE A 433 -26.13 39.12 -19.38
C PHE A 433 -26.47 37.64 -19.40
N VAL A 434 -27.77 37.31 -19.40
CA VAL A 434 -28.16 35.91 -19.53
C VAL A 434 -27.87 35.40 -20.93
N GLY A 435 -28.08 36.24 -21.94
CA GLY A 435 -27.80 35.89 -23.31
C GLY A 435 -29.07 35.70 -24.13
N ARG A 436 -28.94 35.89 -25.44
CA ARG A 436 -30.09 35.76 -26.34
C ARG A 436 -30.56 34.32 -26.44
N GLU A 437 -29.63 33.37 -26.36
CA GLU A 437 -29.99 31.97 -26.48
C GLU A 437 -30.85 31.51 -25.30
N ASN A 438 -30.46 31.90 -24.08
CA ASN A 438 -31.22 31.51 -22.91
C ASN A 438 -32.48 32.34 -22.71
N THR A 439 -32.53 33.56 -23.26
CA THR A 439 -33.77 34.31 -23.27
C THR A 439 -34.82 33.59 -24.11
N GLN A 440 -34.42 33.05 -25.26
CA GLN A 440 -35.33 32.20 -26.04
C GLN A 440 -35.74 30.98 -25.25
N ARG A 441 -34.79 30.37 -24.53
CA ARG A 441 -35.08 29.16 -23.78
C ARG A 441 -36.07 29.44 -22.65
N ALA A 442 -35.97 30.61 -22.03
CA ALA A 442 -36.93 30.97 -20.99
C ALA A 442 -38.35 31.05 -21.55
N ILE A 443 -38.51 31.74 -22.67
CA ILE A 443 -39.82 31.85 -23.30
C ILE A 443 -40.32 30.49 -23.76
N SER A 444 -39.41 29.67 -24.33
CA SER A 444 -39.81 28.34 -24.80
C SER A 444 -40.35 27.47 -23.67
N GLU A 445 -39.81 27.63 -22.46
CA GLU A 445 -40.25 26.84 -21.32
C GLU A 445 -41.60 27.30 -20.76
N THR A 446 -42.16 28.41 -21.25
CA THR A 446 -43.53 28.76 -20.90
C THR A 446 -44.54 28.15 -21.86
N MET A 447 -44.11 27.72 -23.04
CA MET A 447 -44.99 27.14 -24.05
C MET A 447 -45.00 25.61 -24.00
N GLN A 448 -44.37 25.00 -23.01
CA GLN A 448 -44.25 23.55 -23.00
C GLN A 448 -45.54 22.90 -22.52
N TRP A 449 -46.01 21.91 -23.28
CA TRP A 449 -47.17 21.12 -22.90
C TRP A 449 -46.72 19.88 -22.17
N PHE A 450 -47.25 19.66 -20.96
CA PHE A 450 -46.85 18.53 -20.14
C PHE A 450 -47.88 17.40 -20.18
N SER B 11 7.27 28.79 -42.60
CA SER B 11 8.40 28.13 -41.95
C SER B 11 8.63 28.66 -40.54
N TYR B 12 8.73 29.99 -40.42
CA TYR B 12 8.87 30.59 -39.10
C TYR B 12 7.66 30.31 -38.24
N LEU B 13 6.45 30.38 -38.82
CA LEU B 13 5.25 30.10 -38.06
C LEU B 13 5.19 28.65 -37.59
N ILE B 14 5.74 27.72 -38.37
CA ILE B 14 5.73 26.31 -38.00
C ILE B 14 6.55 26.09 -36.73
N ARG B 15 7.82 26.53 -36.75
CA ARG B 15 8.65 26.38 -35.58
C ARG B 15 8.13 27.22 -34.41
N SER B 16 7.53 28.37 -34.70
CA SER B 16 6.97 29.20 -33.64
C SER B 16 5.75 28.55 -33.00
N GLY B 17 4.88 27.97 -33.83
CA GLY B 17 3.72 27.26 -33.29
C GLY B 17 4.10 26.01 -32.53
N ASN B 18 5.18 25.34 -32.94
CA ASN B 18 5.69 24.22 -32.17
C ASN B 18 6.18 24.69 -30.80
N ASN B 19 6.89 25.83 -30.77
CA ASN B 19 7.35 26.38 -29.50
C ASN B 19 6.18 26.76 -28.61
N PHE B 20 5.12 27.32 -29.20
CA PHE B 20 3.94 27.68 -28.42
C PHE B 20 3.32 26.45 -27.74
N LEU B 21 3.25 25.33 -28.46
CA LEU B 21 2.76 24.10 -27.84
C LEU B 21 3.69 23.63 -26.73
N GLY B 22 5.00 23.81 -26.92
CA GLY B 22 5.94 23.43 -25.88
C GLY B 22 5.78 24.25 -24.60
N ILE B 23 5.44 25.52 -24.74
CA ILE B 23 5.18 26.35 -23.56
C ILE B 23 3.98 25.81 -22.79
N LEU B 24 2.92 25.46 -23.49
CA LEU B 24 1.74 24.90 -22.82
C LEU B 24 2.10 23.59 -22.13
N ASN B 25 2.93 22.76 -22.77
CA ASN B 25 3.34 21.50 -22.16
C ASN B 25 4.21 21.74 -20.93
N ASP B 26 5.06 22.76 -20.95
CA ASP B 26 5.93 23.02 -19.81
C ASP B 26 5.14 23.48 -18.58
N ILE B 27 4.00 24.13 -18.79
CA ILE B 27 3.12 24.51 -17.69
C ILE B 27 2.01 23.50 -17.48
N LYS B 28 2.06 22.35 -18.16
CA LYS B 28 1.13 21.23 -17.98
C LYS B 28 -0.31 21.67 -18.21
N ARG B 29 -0.56 22.19 -19.41
CA ARG B 29 -1.88 22.65 -19.81
C ARG B 29 -2.18 22.16 -21.22
N ARG B 30 -3.31 21.48 -21.39
CA ARG B 30 -3.72 21.03 -22.71
C ARG B 30 -4.13 22.23 -23.56
N PRO B 31 -4.13 22.07 -24.89
CA PRO B 31 -4.59 23.17 -25.76
C PRO B 31 -6.02 23.61 -25.47
N GLU B 32 -6.81 22.79 -24.80
CA GLU B 32 -8.15 23.21 -24.38
C GLU B 32 -8.08 24.11 -23.15
N ASP B 33 -7.16 23.81 -22.22
CA ASP B 33 -6.96 24.68 -21.07
C ASP B 33 -6.54 26.07 -21.51
N ALA B 34 -5.67 26.15 -22.53
CA ALA B 34 -5.21 27.45 -23.01
C ALA B 34 -6.34 28.26 -23.62
N ALA B 35 -7.31 27.59 -24.26
CA ALA B 35 -8.47 28.33 -24.77
C ALA B 35 -9.32 28.87 -23.63
N ASN B 36 -9.40 28.14 -22.51
CA ASN B 36 -10.20 28.58 -21.38
C ASN B 36 -9.46 29.62 -20.54
N GLU B 37 -8.19 29.36 -20.25
CA GLU B 37 -7.42 30.27 -19.41
C GLU B 37 -7.16 31.60 -20.10
N LEU B 38 -7.05 31.61 -21.43
CA LEU B 38 -6.83 32.83 -22.17
C LEU B 38 -8.12 33.46 -22.70
N GLY B 39 -9.22 32.72 -22.68
CA GLY B 39 -10.49 33.23 -23.18
C GLY B 39 -10.45 33.52 -24.66
N VAL B 40 -9.91 32.59 -25.44
CA VAL B 40 -9.80 32.74 -26.88
C VAL B 40 -10.26 31.43 -27.52
N SER B 41 -10.52 31.49 -28.83
CA SER B 41 -11.03 30.34 -29.56
C SER B 41 -10.05 29.17 -29.54
N ILE B 42 -10.57 27.97 -29.32
CA ILE B 42 -9.73 26.77 -29.37
C ILE B 42 -9.23 26.51 -30.79
N GLU B 43 -9.95 26.99 -31.80
CA GLU B 43 -9.43 26.97 -33.17
C GLU B 43 -8.36 28.02 -33.38
N GLU B 44 -8.37 29.10 -32.61
CA GLU B 44 -7.29 30.07 -32.70
C GLU B 44 -6.01 29.52 -32.08
N ILE B 45 -6.13 28.75 -31.01
CA ILE B 45 -4.97 28.07 -30.43
C ILE B 45 -4.36 27.10 -31.44
N ASN B 46 -5.21 26.28 -32.06
CA ASN B 46 -4.73 25.32 -33.05
C ASN B 46 -4.22 26.02 -34.31
N SER B 47 -4.73 27.21 -34.62
CA SER B 47 -4.24 27.94 -35.77
C SER B 47 -2.81 28.43 -35.55
N ILE B 48 -2.44 28.73 -34.30
CA ILE B 48 -1.08 29.12 -33.99
C ILE B 48 -0.17 27.90 -33.96
N ILE B 49 -0.61 26.83 -33.30
CA ILE B 49 0.20 25.62 -33.16
C ILE B 49 0.54 25.05 -34.53
N SER B 50 -0.41 25.07 -35.45
CA SER B 50 -0.20 24.54 -36.79
C SER B 50 0.61 25.48 -37.68
N GLY B 51 0.95 26.67 -37.20
CA GLY B 51 1.71 27.60 -38.01
C GLY B 51 0.91 28.33 -39.05
N LYS B 52 -0.42 28.30 -38.95
CA LYS B 52 -1.26 28.98 -39.94
C LYS B 52 -1.30 30.49 -39.71
N GLN B 53 -1.12 30.93 -38.46
CA GLN B 53 -1.14 32.35 -38.13
C GLN B 53 -0.13 32.61 -37.01
N LYS B 54 0.69 33.65 -37.19
CA LYS B 54 1.59 34.09 -36.14
C LYS B 54 0.79 34.43 -34.88
N ILE B 55 1.41 34.22 -33.72
CA ILE B 55 0.72 34.51 -32.46
C ILE B 55 0.55 36.02 -32.35
N SER B 56 -0.26 36.47 -31.40
CA SER B 56 -0.52 37.90 -31.31
C SER B 56 0.10 38.47 -30.05
N PRO B 57 0.64 39.69 -30.10
CA PRO B 57 1.15 40.32 -28.86
C PRO B 57 0.07 40.45 -27.80
N SER B 58 -1.19 40.58 -28.20
CA SER B 58 -2.28 40.64 -27.24
C SER B 58 -2.46 39.32 -26.52
N LEU B 59 -2.34 38.21 -27.25
CA LEU B 59 -2.45 36.89 -26.62
C LEU B 59 -1.28 36.61 -25.70
N ILE B 60 -0.08 37.04 -26.10
CA ILE B 60 1.10 36.86 -25.25
C ILE B 60 0.95 37.65 -23.96
N GLU B 61 0.51 38.91 -24.08
CA GLU B 61 0.33 39.74 -22.90
C GLU B 61 -0.68 39.11 -21.93
N LYS B 62 -1.73 38.50 -22.47
CA LYS B 62 -2.68 37.78 -21.63
C LYS B 62 -2.04 36.56 -20.99
N ALA B 63 -1.20 35.84 -21.75
CA ALA B 63 -0.54 34.66 -21.21
C ALA B 63 0.44 35.04 -20.10
N VAL B 64 1.16 36.15 -20.28
CA VAL B 64 2.10 36.58 -19.24
C VAL B 64 1.36 37.00 -17.98
N ASN B 65 0.14 37.52 -18.11
CA ASN B 65 -0.61 37.98 -16.95
C ASN B 65 -1.24 36.84 -16.16
N ILE B 66 -1.50 35.70 -16.80
CA ILE B 66 -2.19 34.60 -16.13
C ILE B 66 -1.32 33.38 -15.93
N TRP B 67 -0.18 33.27 -16.62
CA TRP B 67 0.69 32.11 -16.56
C TRP B 67 2.10 32.50 -16.13
N PRO B 68 2.90 31.51 -15.50
CA PRO B 68 4.32 31.78 -15.15
C PRO B 68 5.24 31.67 -16.36
N VAL B 69 4.99 32.52 -17.36
CA VAL B 69 5.77 32.54 -18.58
C VAL B 69 6.23 33.97 -18.84
N ASN B 70 7.26 34.10 -19.68
CA ASN B 70 7.80 35.38 -20.07
C ASN B 70 7.55 35.63 -21.55
N GLU B 71 7.46 36.92 -21.91
CA GLU B 71 7.35 37.27 -23.32
C GLU B 71 8.53 36.74 -24.11
N ARG B 72 9.71 36.73 -23.50
CA ARG B 72 10.92 36.22 -24.14
C ARG B 72 10.73 34.79 -24.65
N ASP B 73 9.99 33.97 -23.90
CA ASP B 73 9.85 32.56 -24.22
C ASP B 73 9.04 32.30 -25.48
N PHE B 74 8.26 33.28 -25.94
CA PHE B 74 7.40 33.12 -27.10
C PHE B 74 8.08 33.46 -28.42
N TYR B 75 9.27 34.04 -28.37
CA TYR B 75 9.99 34.46 -29.57
C TYR B 75 11.21 33.57 -29.74
N ILE B 76 11.26 32.84 -30.85
CA ILE B 76 12.33 31.91 -31.12
C ILE B 76 13.35 32.56 -32.05
N VAL B 77 14.51 31.95 -32.18
CA VAL B 77 15.54 32.44 -33.07
C VAL B 77 15.39 31.74 -34.42
N SER B 78 15.49 32.51 -35.49
CA SER B 78 15.42 31.98 -36.84
C SER B 78 16.84 31.76 -37.37
N ASP B 79 17.06 30.59 -37.97
CA ASP B 79 18.36 30.22 -38.49
C ASP B 79 18.64 30.95 -39.80
N ASP B 80 19.65 31.81 -39.80
CA ASP B 80 20.08 32.52 -41.00
C ASP B 80 21.30 31.87 -41.65
N CYS B 81 21.64 30.65 -41.23
CA CYS B 81 22.82 29.96 -41.71
C CYS B 81 22.47 28.50 -42.00
N SER B 82 21.53 28.31 -42.93
CA SER B 82 21.03 26.97 -43.22
C SER B 82 22.07 26.10 -43.91
N SER B 83 23.07 26.71 -44.57
CA SER B 83 24.11 25.94 -45.24
C SER B 83 25.21 25.46 -44.31
N GLY B 84 25.22 25.92 -43.05
CA GLY B 84 26.25 25.54 -42.12
C GLY B 84 27.42 26.49 -42.05
N ILE B 85 27.67 27.24 -43.13
CA ILE B 85 28.73 28.24 -43.20
C ILE B 85 28.13 29.50 -43.82
N LEU B 86 28.38 30.64 -43.21
CA LEU B 86 27.94 31.93 -43.72
C LEU B 86 29.15 32.76 -44.07
N ILE B 87 29.20 33.24 -45.31
CA ILE B 87 30.34 34.02 -45.81
C ILE B 87 29.87 35.44 -46.10
N MET B 88 30.65 36.42 -45.66
CA MET B 88 30.46 37.82 -46.01
C MET B 88 31.63 38.26 -46.87
N THR B 89 31.34 38.94 -47.97
CA THR B 89 32.41 39.32 -48.89
C THR B 89 33.13 40.58 -48.43
N SER B 90 34.36 40.74 -48.91
CA SER B 90 35.12 41.96 -48.65
C SER B 90 34.38 43.20 -49.14
N GLN B 91 33.69 43.08 -50.29
CA GLN B 91 32.94 44.22 -50.82
C GLN B 91 31.88 44.69 -49.84
N ASP B 92 31.13 43.75 -49.25
CA ASP B 92 30.04 44.12 -48.35
C ASP B 92 30.55 44.70 -47.04
N SER B 93 31.69 44.19 -46.54
CA SER B 93 32.27 44.74 -45.32
C SER B 93 32.74 46.19 -45.53
N ILE B 94 33.35 46.46 -46.68
CA ILE B 94 33.81 47.82 -46.99
C ILE B 94 32.62 48.76 -47.11
N LYS B 95 31.53 48.29 -47.73
CA LYS B 95 30.34 49.12 -47.88
C LYS B 95 29.72 49.48 -46.54
N SER B 96 29.93 48.66 -45.51
CA SER B 96 29.38 48.91 -44.19
C SER B 96 30.23 49.83 -43.35
N SER B 97 31.29 50.39 -43.91
CA SER B 97 32.23 51.19 -43.13
C SER B 97 31.56 52.39 -42.49
N ARG B 98 31.79 52.56 -41.19
CA ARG B 98 31.28 53.73 -40.48
C ARG B 98 32.32 54.23 -39.50
N ILE B 99 32.28 55.54 -39.25
CA ILE B 99 33.27 56.23 -38.44
C ILE B 99 32.74 56.36 -37.02
N MET B 100 33.52 55.89 -36.06
CA MET B 100 33.25 56.11 -34.64
C MET B 100 34.07 57.29 -34.18
N GLU B 101 33.40 58.35 -33.73
CA GLU B 101 34.08 59.56 -33.30
C GLU B 101 34.23 59.57 -31.78
N ARG B 102 35.37 60.06 -31.31
CA ARG B 102 35.59 60.30 -29.89
C ARG B 102 36.35 61.62 -29.75
N ALA B 103 35.91 62.46 -28.81
CA ALA B 103 36.47 63.80 -28.62
C ALA B 103 36.35 64.62 -29.90
N GLY B 104 35.23 64.46 -30.60
CA GLY B 104 34.94 65.24 -31.79
C GLY B 104 35.73 64.89 -33.04
N LYS B 105 36.48 63.79 -33.03
CA LYS B 105 37.30 63.42 -34.17
C LYS B 105 37.12 61.96 -34.52
N PRO B 106 37.30 61.60 -35.79
CA PRO B 106 37.23 60.19 -36.17
C PRO B 106 38.29 59.39 -35.44
N TYR B 107 37.85 58.34 -34.74
CA TYR B 107 38.72 57.54 -33.89
C TYR B 107 38.85 56.10 -34.37
N TYR B 108 37.75 55.48 -34.76
CA TYR B 108 37.75 54.12 -35.29
C TYR B 108 37.03 54.13 -36.63
N GLU B 109 37.43 53.22 -37.51
CA GLU B 109 36.62 52.83 -38.65
C GLU B 109 36.17 51.40 -38.41
N TYR B 110 34.86 51.19 -38.39
CA TYR B 110 34.28 49.88 -38.17
C TYR B 110 33.71 49.32 -39.46
N ARG B 111 33.79 48.00 -39.60
CA ARG B 111 33.20 47.29 -40.73
C ARG B 111 32.50 46.04 -40.22
N ASP B 112 31.32 45.76 -40.77
CA ASP B 112 30.66 44.52 -40.40
C ASP B 112 31.37 43.35 -41.06
N THR B 113 31.48 42.24 -40.36
CA THR B 113 31.99 41.00 -40.92
C THR B 113 31.01 39.87 -40.62
N ALA B 114 31.36 38.66 -41.04
CA ALA B 114 30.44 37.54 -41.02
C ALA B 114 29.93 37.26 -39.61
N MET B 115 28.61 37.28 -39.45
CA MET B 115 28.00 36.81 -38.22
C MET B 115 26.60 36.32 -38.53
N SER B 116 26.09 35.47 -37.64
CA SER B 116 24.78 34.87 -37.73
C SER B 116 23.97 35.25 -36.51
N LYS B 117 22.65 35.36 -36.69
CA LYS B 117 21.76 35.52 -35.54
C LYS B 117 21.81 34.32 -34.60
N THR B 118 22.31 33.18 -35.08
CA THR B 118 22.49 31.99 -34.27
C THR B 118 23.83 31.94 -33.54
N ALA B 119 24.84 32.63 -34.04
CA ALA B 119 26.17 32.55 -33.46
C ALA B 119 26.28 33.39 -32.20
N PRO B 120 26.96 32.88 -31.17
CA PRO B 120 27.07 33.62 -29.91
C PRO B 120 28.31 34.48 -29.82
N PHE B 121 28.64 35.20 -30.89
CA PHE B 121 29.70 36.20 -30.88
C PHE B 121 29.31 37.37 -31.77
N ARG B 122 30.06 38.45 -31.64
CA ARG B 122 29.92 39.65 -32.46
C ARG B 122 31.32 40.09 -32.86
N PRO B 123 31.75 39.77 -34.08
CA PRO B 123 33.09 40.15 -34.51
C PRO B 123 33.16 41.65 -34.78
N GLU B 124 34.39 42.17 -34.74
CA GLU B 124 34.62 43.61 -34.80
C GLU B 124 35.86 43.86 -35.65
N TRP B 125 35.66 44.44 -36.83
CA TRP B 125 36.74 44.94 -37.67
C TRP B 125 36.90 46.42 -37.35
N ILE B 126 38.02 46.79 -36.73
CA ILE B 126 38.20 48.13 -36.17
C ILE B 126 39.59 48.64 -36.55
N LEU B 127 39.61 49.71 -37.35
CA LEU B 127 40.83 50.38 -37.77
C LEU B 127 41.11 51.58 -36.86
N GLU B 128 42.36 51.74 -36.46
CA GLU B 128 42.73 52.79 -35.51
C GLU B 128 43.09 54.06 -36.28
N LEU B 129 42.17 55.04 -36.24
CA LEU B 129 42.38 56.30 -36.96
C LEU B 129 43.21 57.29 -36.16
N CYS B 130 43.18 57.19 -34.83
CA CYS B 130 43.92 58.11 -33.98
C CYS B 130 45.39 57.70 -33.91
N LYS B 131 46.28 58.64 -34.21
CA LYS B 131 47.72 58.40 -34.17
C LYS B 131 48.32 59.14 -32.98
N VAL B 132 49.19 58.45 -32.23
CA VAL B 132 49.80 59.00 -31.02
C VAL B 132 51.28 59.23 -31.28
N GLU B 133 51.81 60.31 -30.70
CA GLU B 133 53.20 60.69 -30.88
C GLU B 133 54.14 60.03 -29.89
N ASN B 134 53.60 59.33 -28.89
CA ASN B 134 54.41 58.58 -27.94
C ASN B 134 53.62 57.38 -27.46
N ASN B 135 54.27 56.53 -26.67
CA ASN B 135 53.65 55.33 -26.14
C ASN B 135 53.33 55.47 -24.65
N ASP B 136 53.01 56.69 -24.22
CA ASP B 136 52.63 56.93 -22.84
C ASP B 136 51.18 56.46 -22.62
N PRO B 137 50.94 55.55 -21.67
CA PRO B 137 49.56 55.10 -21.43
C PRO B 137 48.63 56.21 -20.95
N GLU B 138 49.16 57.30 -20.40
CA GLU B 138 48.34 58.43 -19.96
C GLU B 138 48.13 59.47 -21.05
N ASN B 139 48.58 59.20 -22.27
CA ASN B 139 48.44 60.12 -23.39
C ASN B 139 46.98 60.53 -23.58
N PRO B 140 46.67 61.82 -23.58
CA PRO B 140 45.26 62.25 -23.71
C PRO B 140 44.64 61.95 -25.07
N LYS B 141 45.44 61.62 -26.09
CA LYS B 141 44.83 61.26 -27.37
C LYS B 141 44.04 59.96 -27.27
N ALA B 142 44.46 59.04 -26.40
CA ALA B 142 43.75 57.79 -26.23
C ALA B 142 42.41 58.03 -25.56
N GLN B 143 41.33 57.56 -26.20
CA GLN B 143 39.96 57.75 -25.73
C GLN B 143 39.45 56.41 -25.20
N TRP B 144 39.32 56.32 -23.88
CA TRP B 144 39.03 55.05 -23.22
C TRP B 144 37.54 54.75 -23.17
N ASN B 145 37.21 53.47 -23.14
CA ASN B 145 35.91 53.03 -22.67
C ASN B 145 36.05 52.54 -21.23
N ASN B 146 34.94 52.16 -20.63
CA ASN B 146 34.96 51.63 -19.26
C ASN B 146 34.78 50.11 -19.22
N GLY B 147 35.10 49.41 -20.30
CA GLY B 147 34.91 47.98 -20.38
C GLY B 147 33.47 47.60 -20.71
N HIS B 148 33.31 46.36 -21.16
N HIS B 148 33.30 46.36 -21.15
CA HIS B 148 32.00 45.83 -21.52
CA HIS B 148 32.00 45.84 -21.50
C HIS B 148 31.82 44.43 -20.94
C HIS B 148 31.82 44.44 -20.92
N PHE B 149 30.56 44.07 -20.67
CA PHE B 149 30.21 42.75 -20.13
C PHE B 149 30.27 41.69 -21.23
N MET B 150 31.45 41.54 -21.81
CA MET B 150 31.69 40.59 -22.87
C MET B 150 33.13 40.16 -22.80
N HIS B 151 33.40 38.90 -23.09
CA HIS B 151 34.76 38.47 -23.38
C HIS B 151 35.21 39.05 -24.71
N GLN B 152 36.51 39.27 -24.83
CA GLN B 152 37.06 39.78 -26.10
C GLN B 152 38.42 39.14 -26.40
N PHE B 153 38.55 38.59 -27.59
CA PHE B 153 39.83 38.24 -28.20
C PHE B 153 40.17 39.27 -29.27
N THR B 154 41.45 39.56 -29.43
CA THR B 154 41.88 40.56 -30.41
C THR B 154 43.14 40.10 -31.13
N TYR B 155 43.13 40.23 -32.46
CA TYR B 155 44.29 39.97 -33.30
C TYR B 155 44.76 41.28 -33.89
N PHE B 156 46.08 41.52 -33.84
CA PHE B 156 46.64 42.81 -34.21
C PHE B 156 47.30 42.74 -35.58
N ILE B 157 47.02 43.75 -36.41
CA ILE B 157 47.64 43.90 -37.72
C ILE B 157 48.17 45.32 -37.79
N GLY B 158 49.49 45.47 -37.88
CA GLY B 158 50.09 46.77 -37.92
C GLY B 158 50.54 47.25 -36.56
N GLU B 159 50.88 48.54 -36.49
CA GLU B 159 51.47 49.13 -35.29
C GLU B 159 50.36 49.66 -34.39
N VAL B 160 49.75 48.75 -33.64
CA VAL B 160 48.61 49.05 -32.79
C VAL B 160 49.10 49.17 -31.35
N ASN B 161 48.65 50.22 -30.66
CA ASN B 161 48.83 50.36 -29.23
C ASN B 161 47.56 49.88 -28.55
N PHE B 162 47.70 48.94 -27.63
CA PHE B 162 46.58 48.38 -26.89
C PHE B 162 46.64 48.94 -25.47
N TYR B 163 45.69 49.81 -25.14
CA TYR B 163 45.62 50.43 -23.82
C TYR B 163 44.64 49.65 -22.95
N TYR B 164 44.99 49.48 -21.67
CA TYR B 164 44.15 48.77 -20.72
C TYR B 164 44.50 49.21 -19.31
N LYS B 165 43.57 48.95 -18.39
CA LYS B 165 43.77 49.22 -16.98
C LYS B 165 43.94 47.91 -16.23
N ASP B 166 44.80 47.92 -15.22
CA ASP B 166 45.02 46.76 -14.36
C ASP B 166 43.90 46.69 -13.33
N PRO B 167 43.86 45.63 -12.51
CA PRO B 167 42.80 45.53 -11.49
C PRO B 167 42.70 46.74 -10.57
N GLU B 168 43.76 47.55 -10.45
CA GLU B 168 43.75 48.70 -9.55
C GLU B 168 43.36 50.00 -10.26
N GLY B 169 43.06 49.96 -11.55
CA GLY B 169 42.68 51.15 -12.29
C GLY B 169 43.81 51.90 -12.95
N LYS B 170 45.05 51.42 -12.83
CA LYS B 170 46.18 52.09 -13.46
C LYS B 170 46.19 51.80 -14.96
N LYS B 171 46.51 52.82 -15.76
CA LYS B 171 46.53 52.67 -17.20
C LYS B 171 47.83 52.02 -17.66
N HIS B 172 47.70 51.03 -18.55
CA HIS B 172 48.84 50.38 -19.17
C HIS B 172 48.65 50.34 -20.68
N VAL B 173 49.76 50.12 -21.39
CA VAL B 173 49.73 50.02 -22.84
C VAL B 173 50.64 48.87 -23.28
N ALA B 174 50.17 48.10 -24.25
CA ALA B 174 50.95 47.06 -24.89
C ALA B 174 51.25 47.50 -26.32
N ILE B 175 52.51 47.48 -26.69
CA ILE B 175 52.97 47.95 -28.00
C ILE B 175 52.92 46.74 -28.94
N MET B 176 51.87 46.66 -29.75
CA MET B 176 51.55 45.48 -30.53
C MET B 176 52.00 45.61 -31.98
N ASN B 177 52.26 44.46 -32.60
CA ASN B 177 52.64 44.38 -34.00
C ASN B 177 51.88 43.25 -34.65
N THR B 178 52.05 43.14 -35.98
CA THR B 178 51.32 42.14 -36.75
C THR B 178 51.59 40.74 -36.22
N GLY B 179 50.51 40.02 -35.92
CA GLY B 179 50.61 38.68 -35.39
C GLY B 179 50.42 38.59 -33.89
N ASP B 180 50.56 39.71 -33.17
CA ASP B 180 50.30 39.72 -31.75
C ASP B 180 48.81 39.53 -31.49
N SER B 181 48.48 39.08 -30.29
CA SER B 181 47.10 38.81 -29.93
C SER B 181 46.91 39.00 -28.43
N MET B 182 45.65 39.12 -28.03
CA MET B 182 45.35 39.34 -26.63
C MET B 182 43.96 38.82 -26.27
N TYR B 183 43.76 38.59 -24.98
CA TYR B 183 42.45 38.35 -24.39
C TYR B 183 42.27 39.35 -23.24
N ILE B 184 41.04 39.86 -23.08
CA ILE B 184 40.72 40.76 -21.98
C ILE B 184 39.46 40.26 -21.26
N THR B 185 39.54 40.18 -19.94
CA THR B 185 38.41 39.79 -19.12
C THR B 185 37.29 40.83 -19.23
N PRO B 186 36.03 40.41 -19.19
CA PRO B 186 34.92 41.37 -19.23
C PRO B 186 35.09 42.51 -18.25
N PHE B 187 34.67 43.71 -18.67
CA PHE B 187 34.70 44.96 -17.91
C PHE B 187 36.11 45.49 -17.70
N THR B 188 37.08 45.05 -18.49
CA THR B 188 38.39 45.66 -18.45
C THR B 188 38.39 46.88 -19.37
N PRO B 189 38.62 48.09 -18.85
CA PRO B 189 38.66 49.28 -19.73
C PRO B 189 39.82 49.21 -20.70
N HIS B 190 39.57 49.66 -21.94
CA HIS B 190 40.59 49.56 -22.98
C HIS B 190 40.26 50.51 -24.11
N THR B 191 41.25 50.71 -24.99
CA THR B 191 41.10 51.46 -26.23
C THR B 191 42.32 51.15 -27.09
N PHE B 192 42.27 51.59 -28.35
CA PHE B 192 43.32 51.27 -29.32
C PHE B 192 43.68 52.49 -30.16
N THR B 193 44.97 52.64 -30.47
CA THR B 193 45.45 53.69 -31.35
C THR B 193 46.49 53.11 -32.31
N THR B 194 46.91 53.95 -33.26
CA THR B 194 48.00 53.64 -34.18
C THR B 194 49.23 54.48 -33.81
N ARG B 195 50.41 53.86 -33.83
CA ARG B 195 51.63 54.61 -33.57
C ARG B 195 51.97 55.44 -34.79
N ASP B 196 52.14 56.74 -34.60
CA ASP B 196 52.45 57.64 -35.69
C ASP B 196 53.79 57.27 -36.32
N GLY B 197 53.87 57.45 -37.64
CA GLY B 197 55.03 57.03 -38.40
C GLY B 197 54.87 55.69 -39.07
N ALA B 198 53.81 54.96 -38.74
CA ALA B 198 53.54 53.69 -39.39
C ALA B 198 53.12 53.91 -40.84
N SER B 199 53.47 52.94 -41.70
CA SER B 199 53.16 53.07 -43.11
C SER B 199 51.66 52.99 -43.38
N GLN B 200 50.90 52.34 -42.51
CA GLN B 200 49.45 52.26 -42.65
C GLN B 200 48.82 52.30 -41.26
N ASN B 201 47.50 52.47 -41.24
CA ASN B 201 46.75 52.47 -39.99
C ASN B 201 46.77 51.09 -39.35
N GLY B 202 46.86 51.07 -38.03
CA GLY B 202 46.73 49.82 -37.31
C GLY B 202 45.31 49.28 -37.40
N LEU B 203 45.20 47.96 -37.33
CA LEU B 203 43.93 47.27 -37.47
C LEU B 203 43.83 46.20 -36.41
N ILE B 204 42.64 46.00 -35.86
CA ILE B 204 42.39 44.87 -34.97
C ILE B 204 41.22 44.07 -35.52
N LEU B 205 41.32 42.76 -35.42
CA LEU B 205 40.22 41.85 -35.69
C LEU B 205 39.80 41.29 -34.33
N ALA B 206 38.69 41.78 -33.81
CA ALA B 206 38.24 41.42 -32.48
C ALA B 206 37.04 40.48 -32.56
N LEU B 207 36.93 39.63 -31.55
CA LEU B 207 35.74 38.81 -31.33
C LEU B 207 35.26 39.11 -29.92
N THR B 208 34.02 39.57 -29.80
CA THR B 208 33.35 39.72 -28.51
C THR B 208 32.27 38.66 -28.39
N TYR B 209 32.13 38.09 -27.19
CA TYR B 209 31.19 37.00 -27.00
C TYR B 209 30.85 36.86 -25.53
N GLY B 210 29.59 36.50 -25.27
CA GLY B 210 29.11 36.42 -23.90
C GLY B 210 29.44 35.13 -23.19
N SER B 211 29.78 34.07 -23.95
CA SER B 211 30.09 32.77 -23.38
C SER B 211 28.98 32.29 -22.46
N LYS B 212 29.26 32.21 -21.16
CA LYS B 212 28.28 31.79 -20.17
C LYS B 212 27.76 32.96 -19.34
N LEU B 213 27.86 34.18 -19.85
CA LEU B 213 27.51 35.36 -19.08
C LEU B 213 26.33 36.15 -19.62
N THR B 214 25.83 35.85 -20.82
CA THR B 214 24.77 36.64 -21.43
C THR B 214 23.55 35.78 -21.74
N GLY B 215 22.46 36.47 -22.06
CA GLY B 215 21.21 35.80 -22.37
C GLY B 215 20.41 35.45 -21.14
N ASP B 216 19.87 34.23 -21.12
CA ASP B 216 19.04 33.80 -19.99
C ASP B 216 19.80 33.86 -18.68
N ILE B 217 21.09 33.55 -18.69
CA ILE B 217 21.87 33.58 -17.45
C ILE B 217 21.88 34.98 -16.87
N GLN B 218 22.08 35.99 -17.71
CA GLN B 218 22.08 37.37 -17.23
C GLN B 218 20.70 37.77 -16.72
N GLN B 219 19.65 37.36 -17.43
CA GLN B 219 18.29 37.66 -16.99
C GLN B 219 17.98 37.01 -15.65
N GLU B 220 18.43 35.76 -15.46
CA GLU B 220 18.24 35.11 -14.16
C GLU B 220 19.02 35.82 -13.07
N LEU B 221 20.24 36.25 -13.37
CA LEU B 221 21.07 36.89 -12.36
C LEU B 221 20.61 38.31 -12.07
N SER B 222 20.08 39.01 -13.06
CA SER B 222 19.67 40.41 -12.89
C SER B 222 18.40 40.56 -12.07
N SER B 223 17.64 39.48 -11.87
CA SER B 223 16.47 39.51 -11.01
C SER B 223 16.83 39.30 -9.55
N LEU B 224 18.11 39.22 -9.22
CA LEU B 224 18.57 39.11 -7.84
C LEU B 224 19.06 40.47 -7.36
N SER B 225 18.96 40.68 -6.05
CA SER B 225 19.51 41.88 -5.45
C SER B 225 21.03 41.91 -5.61
N LEU B 226 21.59 43.11 -5.49
CA LEU B 226 23.04 43.25 -5.64
C LEU B 226 23.79 42.40 -4.61
N ASP B 227 23.36 42.42 -3.36
CA ASP B 227 24.09 41.68 -2.33
C ASP B 227 23.92 40.17 -2.48
N CYS B 228 22.78 39.72 -3.00
CA CYS B 228 22.61 38.28 -3.24
C CYS B 228 23.36 37.85 -4.49
N GLY B 229 23.15 38.56 -5.61
CA GLY B 229 23.80 38.20 -6.86
C GLY B 229 25.32 38.22 -6.77
N SER B 230 25.87 39.12 -5.96
CA SER B 230 27.32 39.26 -5.86
C SER B 230 27.97 38.02 -5.28
N GLN B 231 27.24 37.27 -4.45
CA GLN B 231 27.82 36.12 -3.77
C GLN B 231 28.05 34.92 -4.69
N TYR B 232 27.55 34.95 -5.93
CA TYR B 232 27.93 33.92 -6.88
C TYR B 232 29.40 34.02 -7.26
N ALA B 233 29.95 35.24 -7.27
CA ALA B 233 31.35 35.45 -7.62
C ALA B 233 32.22 35.04 -6.44
N LEU B 234 32.86 33.88 -6.57
CA LEU B 234 33.73 33.36 -5.52
C LEU B 234 35.12 33.97 -5.62
N ASP B 235 35.89 33.84 -4.53
CA ASP B 235 37.27 34.31 -4.47
C ASP B 235 38.14 33.36 -5.29
N PHE B 236 38.45 33.74 -6.53
CA PHE B 236 39.33 32.98 -7.39
C PHE B 236 40.67 33.68 -7.62
N THR B 237 41.10 34.49 -6.65
CA THR B 237 42.31 35.29 -6.83
C THR B 237 43.54 34.43 -7.05
N ASN B 238 43.59 33.25 -6.43
CA ASN B 238 44.65 32.29 -6.69
C ASN B 238 44.10 30.89 -6.46
N HIS B 239 44.93 29.90 -6.76
CA HIS B 239 44.48 28.51 -6.65
C HIS B 239 44.07 28.16 -5.23
N GLU B 240 44.80 28.68 -4.24
CA GLU B 240 44.50 28.37 -2.84
C GLU B 240 43.18 29.02 -2.42
N ASN B 241 42.96 30.28 -2.78
CA ASN B 241 41.70 30.93 -2.43
C ASN B 241 40.54 30.28 -3.16
N ALA B 242 40.74 29.90 -4.42
CA ALA B 242 39.69 29.24 -5.18
C ALA B 242 39.35 27.89 -4.58
N SER B 243 40.36 27.15 -4.12
CA SER B 243 40.13 25.83 -3.54
C SER B 243 39.27 25.93 -2.28
N LEU B 244 39.56 26.91 -1.41
CA LEU B 244 38.75 27.10 -0.22
C LEU B 244 37.37 27.65 -0.58
N SER B 245 37.31 28.57 -1.54
CA SER B 245 36.02 29.14 -1.93
C SER B 245 35.06 28.05 -2.43
N LEU B 246 35.58 27.12 -3.24
CA LEU B 246 34.75 26.04 -3.73
C LEU B 246 34.35 25.09 -2.60
N LEU B 247 35.31 24.76 -1.72
CA LEU B 247 35.00 23.92 -0.56
C LEU B 247 33.90 24.53 0.29
N GLU B 248 33.96 25.85 0.53
CA GLU B 248 32.93 26.53 1.30
C GLU B 248 31.58 26.46 0.60
N TYR B 249 31.55 26.75 -0.70
CA TYR B 249 30.28 26.83 -1.43
C TYR B 249 29.55 25.51 -1.40
N TYR B 250 30.23 24.41 -1.73
CA TYR B 250 29.56 23.12 -1.76
C TYR B 250 29.30 22.56 -0.38
N PHE B 251 30.07 22.98 0.63
CA PHE B 251 29.72 22.63 2.01
C PHE B 251 28.41 23.29 2.41
N GLU B 252 28.21 24.55 2.02
CA GLU B 252 26.95 25.22 2.30
C GLU B 252 25.80 24.58 1.55
N LEU B 253 26.05 24.10 0.33
CA LEU B 253 25.00 23.43 -0.44
C LEU B 253 24.50 22.19 0.28
N SER B 254 25.42 21.42 0.86
CA SER B 254 25.07 20.18 1.54
C SER B 254 24.27 20.40 2.83
N ASN B 255 24.37 21.58 3.43
CA ASN B 255 23.71 21.91 4.69
C ASN B 255 24.12 20.96 5.82
N LEU B 256 25.29 20.35 5.71
CA LEU B 256 25.84 19.55 6.78
C LEU B 256 26.41 20.46 7.88
N THR B 257 26.49 19.92 9.09
CA THR B 257 27.31 20.55 10.11
C THR B 257 28.76 20.11 9.95
N LYS B 258 29.66 20.83 10.60
CA LYS B 258 31.06 20.41 10.61
C LYS B 258 31.21 19.03 11.24
N GLU B 259 30.46 18.77 12.32
CA GLU B 259 30.53 17.48 12.98
C GLU B 259 30.06 16.36 12.07
N LYS B 260 28.91 16.56 11.42
CA LYS B 260 28.41 15.55 10.48
C LYS B 260 29.35 15.41 9.29
N PHE B 261 29.92 16.52 8.82
CA PHE B 261 30.91 16.47 7.75
C PHE B 261 32.12 15.63 8.17
N ALA B 262 32.59 15.83 9.41
CA ALA B 262 33.75 15.08 9.91
C ALA B 262 33.47 13.59 10.01
N LYS B 263 32.31 13.22 10.55
CA LYS B 263 31.98 11.80 10.68
C LYS B 263 31.86 11.15 9.31
N ARG B 264 31.33 11.89 8.33
CA ARG B 264 31.17 11.33 6.99
C ARG B 264 32.52 11.14 6.30
N THR B 265 33.45 12.06 6.50
CA THR B 265 34.76 11.98 5.88
C THR B 265 35.78 11.19 6.68
N ASN B 266 35.47 10.85 7.94
CA ASN B 266 36.44 10.27 8.87
C ASN B 266 37.63 11.20 9.06
N PHE B 267 37.41 12.50 8.90
CA PHE B 267 38.41 13.50 9.22
C PHE B 267 38.18 13.97 10.65
N SER B 268 39.27 14.35 11.31
CA SER B 268 39.13 14.94 12.63
C SER B 268 38.63 16.37 12.50
N MET B 269 38.05 16.88 13.59
CA MET B 269 37.61 18.27 13.59
C MET B 269 38.79 19.20 13.38
N GLU B 270 39.98 18.84 13.87
CA GLU B 270 41.16 19.67 13.65
C GLU B 270 41.59 19.61 12.19
N THR B 271 41.59 18.43 11.58
CA THR B 271 41.89 18.33 10.16
C THR B 271 40.89 19.11 9.33
N LEU B 272 39.62 19.06 9.71
CA LEU B 272 38.60 19.79 8.97
C LEU B 272 38.75 21.29 9.17
N ALA B 273 39.09 21.72 10.39
CA ALA B 273 39.31 23.13 10.64
C ALA B 273 40.50 23.68 9.86
N ASP B 274 41.52 22.84 9.62
CA ASP B 274 42.66 23.28 8.83
C ASP B 274 42.28 23.57 7.38
N PHE B 275 41.31 22.83 6.84
CA PHE B 275 40.87 23.07 5.47
C PHE B 275 40.11 24.38 5.35
N PHE B 276 39.18 24.63 6.28
CA PHE B 276 38.30 25.79 6.20
C PHE B 276 38.97 27.11 6.59
N THR B 277 40.19 27.07 7.12
CA THR B 277 40.94 28.29 7.40
C THR B 277 42.15 28.43 6.48
N LYS B 278 42.22 27.64 5.42
CA LYS B 278 43.28 27.68 4.42
C LYS B 278 44.66 27.36 4.99
N LYS B 279 44.72 26.91 6.26
CA LYS B 279 46.00 26.54 6.85
C LYS B 279 46.61 25.34 6.14
N LYS B 280 45.77 24.41 5.67
CA LYS B 280 46.22 23.25 4.93
C LYS B 280 45.38 23.10 3.68
N LEU B 281 46.01 22.69 2.59
CA LEU B 281 45.26 22.50 1.36
C LEU B 281 45.00 21.02 1.14
N PRO B 282 43.76 20.61 0.90
CA PRO B 282 43.46 19.19 0.71
C PRO B 282 44.18 18.63 -0.50
N THR B 283 44.72 17.42 -0.35
CA THR B 283 45.31 16.72 -1.47
C THR B 283 44.20 16.20 -2.39
N PHE B 284 44.61 15.66 -3.54
CA PHE B 284 43.62 15.14 -4.49
C PHE B 284 42.88 13.94 -3.92
N ASP B 285 43.58 13.08 -3.17
CA ASP B 285 42.90 11.95 -2.55
C ASP B 285 41.89 12.44 -1.51
N GLU B 286 42.29 13.41 -0.69
CA GLU B 286 41.37 13.98 0.29
C GLU B 286 40.20 14.68 -0.38
N LEU B 287 40.44 15.31 -1.53
CA LEU B 287 39.38 16.00 -2.25
C LEU B 287 38.30 15.04 -2.72
N LYS B 288 38.70 13.85 -3.21
CA LYS B 288 37.72 12.84 -3.60
C LYS B 288 36.88 12.39 -2.43
N ILE B 289 37.48 12.30 -1.23
CA ILE B 289 36.71 11.96 -0.04
C ILE B 289 35.73 13.07 0.29
N ILE B 290 36.16 14.33 0.19
CA ILE B 290 35.28 15.45 0.48
C ILE B 290 34.11 15.50 -0.50
N ALA B 291 34.38 15.29 -1.79
CA ALA B 291 33.34 15.35 -2.81
C ALA B 291 32.26 14.32 -2.55
N LYS B 292 32.65 13.08 -2.25
CA LYS B 292 31.69 12.03 -1.98
C LYS B 292 30.81 12.39 -0.77
N ALA B 293 31.41 13.03 0.24
CA ALA B 293 30.64 13.41 1.42
C ALA B 293 29.69 14.56 1.12
N LEU B 294 30.02 15.40 0.14
CA LEU B 294 29.17 16.51 -0.27
C LEU B 294 28.26 16.15 -1.43
N ASN B 295 28.28 14.89 -1.88
CA ASN B 295 27.44 14.40 -2.97
C ASN B 295 27.66 15.18 -4.26
N VAL B 296 28.93 15.54 -4.50
CA VAL B 296 29.34 16.23 -5.71
C VAL B 296 30.54 15.48 -6.29
N ASN B 297 31.02 15.96 -7.43
CA ASN B 297 32.18 15.35 -8.07
C ASN B 297 33.45 16.06 -7.62
N SER B 298 34.56 15.32 -7.64
CA SER B 298 35.84 15.93 -7.29
C SER B 298 36.18 17.06 -8.24
N ARG B 299 35.76 16.96 -9.51
CA ARG B 299 35.94 18.06 -10.45
C ARG B 299 35.13 19.29 -10.03
N ASP B 300 34.03 19.10 -9.31
CA ASP B 300 33.25 20.26 -8.87
C ASP B 300 33.95 21.04 -7.76
N LEU B 301 34.81 20.38 -6.98
CA LEU B 301 35.58 21.04 -5.94
C LEU B 301 36.92 21.58 -6.44
N MET B 302 37.35 21.18 -7.62
CA MET B 302 38.64 21.57 -8.12
C MET B 302 38.58 22.98 -8.73
N PRO B 303 39.54 23.83 -8.42
CA PRO B 303 39.70 25.09 -9.15
C PRO B 303 40.44 24.86 -10.46
N ASN B 304 40.54 25.92 -11.25
CA ASN B 304 41.46 25.90 -12.38
C ASN B 304 42.88 25.72 -11.87
N ASP B 305 43.71 25.06 -12.68
CA ASP B 305 45.08 24.75 -12.26
C ASP B 305 45.82 25.99 -11.78
N LEU B 306 45.54 27.15 -12.36
CA LEU B 306 46.08 28.42 -11.89
C LEU B 306 45.11 29.53 -12.25
N THR B 307 45.27 30.68 -11.61
CA THR B 307 44.51 31.88 -11.94
C THR B 307 45.32 32.72 -12.93
N GLU B 308 44.71 33.00 -14.08
CA GLU B 308 45.36 33.76 -15.15
C GLU B 308 45.25 35.26 -14.88
N SER B 309 46.15 36.02 -15.48
CA SER B 309 45.99 37.46 -15.49
C SER B 309 44.70 37.83 -16.21
N LYS B 310 44.12 38.97 -15.80
CA LYS B 310 42.89 39.44 -16.45
C LYS B 310 43.13 39.85 -17.88
N VAL B 311 44.34 40.30 -18.22
CA VAL B 311 44.72 40.68 -19.57
C VAL B 311 45.86 39.77 -20.00
N ILE B 312 45.66 39.07 -21.12
CA ILE B 312 46.64 38.13 -21.68
C ILE B 312 47.19 38.72 -22.96
N VAL B 313 48.51 38.93 -23.01
CA VAL B 313 49.16 39.47 -24.21
C VAL B 313 50.18 38.45 -24.70
N LYS B 314 50.16 38.19 -26.00
CA LYS B 314 51.07 37.23 -26.62
C LYS B 314 51.59 37.80 -27.93
N THR B 315 52.89 38.05 -28.00
CA THR B 315 53.50 38.48 -29.26
C THR B 315 53.69 37.29 -30.18
N HIS B 316 53.77 37.57 -31.48
CA HIS B 316 53.79 36.50 -32.47
C HIS B 316 54.97 35.56 -32.28
N ASP B 317 56.13 36.09 -31.88
CA ASP B 317 57.31 35.25 -31.72
C ASP B 317 57.14 34.20 -30.63
N GLN B 318 56.17 34.36 -29.74
CA GLN B 318 55.89 33.37 -28.71
C GLN B 318 54.95 32.26 -29.19
N CYS B 319 54.45 32.36 -30.43
CA CYS B 319 53.48 31.40 -30.93
C CYS B 319 54.20 30.13 -31.40
N ASP B 320 53.87 29.02 -30.76
CA ASP B 320 54.27 27.72 -31.25
C ASP B 320 53.53 27.43 -32.56
N HIS B 321 54.10 26.53 -33.36
CA HIS B 321 53.47 26.21 -34.63
C HIS B 321 53.76 24.75 -34.98
N TRP B 322 52.92 24.20 -35.87
CA TRP B 322 53.04 22.81 -36.26
C TRP B 322 52.26 22.59 -37.56
N LYS B 323 52.63 21.53 -38.26
CA LYS B 323 51.91 21.15 -39.48
C LYS B 323 50.68 20.31 -39.13
N TYR B 324 49.62 20.52 -39.89
CA TYR B 324 48.39 19.75 -39.73
C TYR B 324 47.72 19.51 -41.09
N PRO B 325 47.25 18.29 -41.35
CA PRO B 325 47.47 17.15 -40.44
C PRO B 325 48.84 16.51 -40.68
N GLU B 326 48.93 15.19 -40.48
CA GLU B 326 50.18 14.51 -40.75
C GLU B 326 50.58 14.66 -42.21
N SER B 327 49.60 14.66 -43.12
CA SER B 327 49.90 14.81 -44.54
C SER B 327 50.47 16.19 -44.84
N GLY B 328 50.07 17.22 -44.11
CA GLY B 328 50.73 18.50 -44.17
C GLY B 328 50.04 19.64 -44.91
N ASN B 329 48.71 19.64 -45.00
CA ASN B 329 48.03 20.72 -45.72
C ASN B 329 48.23 22.08 -45.07
N TYR B 330 48.31 22.14 -43.74
CA TYR B 330 48.28 23.41 -43.03
C TYR B 330 49.47 23.59 -42.11
N GLU B 331 49.70 24.84 -41.71
CA GLU B 331 50.62 25.18 -40.63
C GLU B 331 49.86 26.03 -39.62
N PHE B 332 49.61 25.47 -38.44
CA PHE B 332 48.85 26.15 -37.40
C PHE B 332 49.79 26.97 -36.53
N TYR B 333 49.41 28.22 -36.27
CA TYR B 333 50.11 29.10 -35.33
C TYR B 333 49.19 29.38 -34.16
N GLU B 334 49.65 29.03 -32.96
CA GLU B 334 48.84 29.06 -31.74
C GLU B 334 48.88 30.47 -31.15
N LEU B 335 47.75 31.17 -31.20
CA LEU B 335 47.68 32.55 -30.74
C LEU B 335 47.40 32.59 -29.23
N ALA B 336 47.09 33.78 -28.71
CA ALA B 336 46.85 33.96 -27.29
C ALA B 336 45.65 33.14 -26.82
N SER B 337 45.70 32.70 -25.56
CA SER B 337 44.60 31.96 -24.96
C SER B 337 44.71 32.06 -23.44
N THR B 338 43.64 31.65 -22.77
CA THR B 338 43.60 31.64 -21.32
C THR B 338 42.81 30.44 -20.83
N THR B 339 43.32 29.79 -19.79
CA THR B 339 42.61 28.65 -19.20
C THR B 339 41.34 29.06 -18.45
N ALA B 340 41.08 30.36 -18.31
CA ALA B 340 39.76 30.78 -17.84
C ALA B 340 38.67 30.47 -18.86
N LEU B 341 39.04 30.35 -20.14
CA LEU B 341 38.11 29.98 -21.22
C LEU B 341 38.67 28.81 -21.99
N PRO B 342 38.53 27.58 -21.47
CA PRO B 342 39.12 26.42 -22.14
C PRO B 342 38.53 26.14 -23.50
N HIS B 343 37.38 26.71 -23.84
CA HIS B 343 36.75 26.47 -25.13
C HIS B 343 37.01 27.61 -26.12
N SER B 344 37.88 28.56 -25.80
CA SER B 344 38.25 29.65 -26.68
C SER B 344 39.60 29.36 -27.31
N LYS B 345 39.63 29.14 -28.62
CA LYS B 345 40.85 28.84 -29.37
C LYS B 345 41.06 29.90 -30.44
N ALA B 346 42.31 30.26 -30.68
CA ALA B 346 42.65 31.23 -31.71
C ALA B 346 43.87 30.76 -32.49
N PHE B 347 43.76 30.75 -33.81
CA PHE B 347 44.84 30.22 -34.62
C PHE B 347 45.12 31.14 -35.81
N GLU B 348 46.37 31.11 -36.23
CA GLU B 348 46.82 31.67 -37.50
C GLU B 348 47.22 30.49 -38.37
N ILE B 349 46.60 30.36 -39.54
CA ILE B 349 46.82 29.19 -40.40
C ILE B 349 47.44 29.62 -41.73
N ASP B 350 48.61 29.08 -42.03
CA ASP B 350 49.20 29.16 -43.37
C ASP B 350 48.67 27.97 -44.17
N VAL B 351 47.88 28.24 -45.21
CA VAL B 351 47.31 27.18 -46.03
C VAL B 351 48.18 26.99 -47.26
N SER B 352 48.58 25.74 -47.51
CA SER B 352 49.35 25.42 -48.71
C SER B 352 48.94 24.01 -49.18
N SER B 353 47.76 23.95 -49.81
CA SER B 353 47.24 22.67 -50.30
C SER B 353 46.38 22.93 -51.53
N SER B 354 46.63 22.18 -52.60
CA SER B 354 45.87 22.29 -53.83
C SER B 354 45.06 21.03 -54.14
N GLU B 355 45.68 19.86 -54.11
CA GLU B 355 45.06 18.61 -54.55
C GLU B 355 44.90 17.68 -53.35
N ASP B 356 43.83 17.90 -52.59
CA ASP B 356 43.47 17.03 -51.48
C ASP B 356 41.98 17.16 -51.25
N LEU B 357 41.25 16.07 -51.40
CA LEU B 357 39.79 16.12 -51.36
C LEU B 357 39.21 15.85 -49.99
N ASN B 358 40.03 15.50 -49.00
CA ASN B 358 39.51 15.17 -47.68
C ASN B 358 39.16 16.45 -46.91
N LEU B 359 37.98 16.44 -46.30
CA LEU B 359 37.62 17.46 -45.32
C LEU B 359 38.34 17.09 -44.03
N ASP B 360 39.44 17.80 -43.74
CA ASP B 360 40.37 17.40 -42.69
C ASP B 360 40.25 18.23 -41.40
N LEU B 361 39.26 19.11 -41.31
CA LEU B 361 39.05 19.93 -40.12
C LEU B 361 37.65 19.73 -39.58
N LYS B 362 37.55 19.49 -38.27
CA LYS B 362 36.25 19.40 -37.61
C LYS B 362 36.44 19.59 -36.12
N VAL B 363 35.70 20.54 -35.54
CA VAL B 363 35.81 20.89 -34.13
C VAL B 363 34.42 21.23 -33.60
N GLY B 364 34.17 20.86 -32.35
CA GLY B 364 32.88 21.14 -31.74
C GLY B 364 32.79 22.51 -31.13
N LEU B 365 33.13 23.53 -31.92
CA LEU B 365 33.06 24.92 -31.47
C LEU B 365 32.56 25.79 -32.61
N HIS B 366 31.90 26.89 -32.26
CA HIS B 366 31.59 27.93 -33.24
C HIS B 366 32.87 28.58 -33.71
N GLN B 367 32.92 28.91 -35.00
CA GLN B 367 34.14 29.41 -35.61
C GLN B 367 33.88 30.70 -36.37
N TYR B 368 34.83 31.62 -36.26
CA TYR B 368 34.88 32.84 -37.05
C TYR B 368 36.19 32.84 -37.81
N VAL B 369 36.11 33.00 -39.13
CA VAL B 369 37.27 32.88 -40.01
C VAL B 369 37.39 34.18 -40.79
N TYR B 370 38.65 34.56 -41.09
CA TYR B 370 38.91 35.78 -41.84
C TYR B 370 40.16 35.59 -42.69
N ASN B 371 40.06 35.88 -43.98
CA ASN B 371 41.18 35.77 -44.90
C ASN B 371 42.09 36.99 -44.71
N ILE B 372 43.17 36.82 -43.95
CA ILE B 372 44.11 37.90 -43.68
C ILE B 372 45.26 37.94 -44.68
N GLY B 373 45.31 37.03 -45.64
CA GLY B 373 46.35 36.99 -46.64
C GLY B 373 46.01 37.79 -47.88
N ASP B 374 46.87 37.64 -48.90
CA ASP B 374 46.72 38.36 -50.16
C ASP B 374 46.16 37.50 -51.28
N SER B 375 45.81 36.24 -51.02
CA SER B 375 45.38 35.33 -52.06
C SER B 375 44.04 34.70 -51.69
N ALA B 376 43.30 34.31 -52.73
CA ALA B 376 42.02 33.65 -52.53
C ALA B 376 42.21 32.21 -52.10
N LEU B 377 41.22 31.71 -51.37
CA LEU B 377 41.21 30.33 -50.89
C LEU B 377 39.84 29.74 -51.16
N THR B 378 39.78 28.41 -51.07
CA THR B 378 38.55 27.66 -51.28
C THR B 378 38.19 26.95 -49.98
N ILE B 379 36.92 27.03 -49.59
CA ILE B 379 36.38 26.31 -48.44
C ILE B 379 35.45 25.22 -48.95
N ASN B 380 35.68 23.99 -48.54
CA ASN B 380 34.81 22.85 -48.82
C ASN B 380 34.20 22.36 -47.51
N TRP B 381 32.92 22.00 -47.52
CA TRP B 381 32.31 21.49 -46.31
C TRP B 381 31.06 20.69 -46.63
N ASN B 382 30.61 19.95 -45.62
CA ASN B 382 29.37 19.16 -45.66
C ASN B 382 28.43 19.68 -44.58
N TYR B 383 27.14 19.77 -44.90
CA TYR B 383 26.16 20.16 -43.90
C TYR B 383 24.78 19.67 -44.33
N GLU B 384 24.10 18.97 -43.42
CA GLU B 384 22.76 18.41 -43.68
C GLU B 384 22.75 17.56 -44.95
N ASN B 385 23.74 16.67 -45.06
CA ASN B 385 23.87 15.73 -46.17
C ASN B 385 24.09 16.42 -47.50
N LYS B 386 24.48 17.69 -47.49
CA LYS B 386 24.82 18.43 -48.69
C LYS B 386 26.27 18.88 -48.61
N THR B 387 26.94 18.86 -49.76
CA THR B 387 28.33 19.30 -49.87
C THR B 387 28.36 20.65 -50.58
N TYR B 388 29.17 21.57 -50.05
CA TYR B 388 29.25 22.92 -50.59
C TYR B 388 30.70 23.28 -50.91
N GLN B 389 30.83 24.36 -51.69
CA GLN B 389 32.14 24.90 -52.03
C GLN B 389 31.98 26.39 -52.31
N LYS B 390 32.79 27.21 -51.64
CA LYS B 390 32.76 28.65 -51.83
C LYS B 390 34.18 29.19 -51.82
N SER B 391 34.35 30.36 -52.43
CA SER B 391 35.64 31.02 -52.46
C SER B 391 35.72 32.01 -51.30
N LEU B 392 36.88 32.04 -50.64
CA LEU B 392 37.13 32.97 -49.53
C LEU B 392 38.25 33.90 -49.97
N ASN B 393 37.86 35.05 -50.52
CA ASN B 393 38.82 36.01 -51.04
C ASN B 393 39.47 36.79 -49.90
N PRO B 394 40.58 37.48 -50.16
CA PRO B 394 41.15 38.37 -49.15
C PRO B 394 40.12 39.39 -48.70
N GLY B 395 39.97 39.51 -47.38
CA GLY B 395 38.98 40.38 -46.80
C GLY B 395 37.63 39.73 -46.57
N ASP B 396 37.42 38.51 -47.07
CA ASP B 396 36.20 37.77 -46.78
C ASP B 396 36.27 37.13 -45.40
N SER B 397 35.11 37.02 -44.78
CA SER B 397 34.99 36.40 -43.47
C SER B 397 33.91 35.33 -43.51
N ALA B 398 33.97 34.40 -42.55
CA ALA B 398 33.03 33.30 -42.53
C ALA B 398 32.69 32.92 -41.08
N TYR B 399 31.46 32.46 -40.89
CA TYR B 399 31.02 31.81 -39.67
C TYR B 399 30.76 30.34 -39.94
N ILE B 400 31.33 29.47 -39.12
CA ILE B 400 31.21 28.02 -39.30
C ILE B 400 30.50 27.44 -38.08
N LYS B 401 29.44 26.69 -38.32
CA LYS B 401 28.71 26.06 -37.23
C LYS B 401 29.53 24.94 -36.60
N PRO B 402 29.24 24.61 -35.35
CA PRO B 402 30.01 23.55 -34.67
C PRO B 402 29.90 22.23 -35.40
N PHE B 403 31.00 21.47 -35.36
CA PHE B 403 31.12 20.11 -35.89
C PHE B 403 30.97 20.02 -37.40
N VAL B 404 30.99 21.14 -38.12
CA VAL B 404 30.94 21.13 -39.58
C VAL B 404 32.26 20.63 -40.14
N PRO B 405 32.28 19.49 -40.84
CA PRO B 405 33.52 19.03 -41.46
C PRO B 405 33.87 19.92 -42.65
N HIS B 406 35.14 20.31 -42.74
CA HIS B 406 35.54 21.31 -43.73
C HIS B 406 37.03 21.21 -43.99
N ASN B 407 37.47 21.96 -45.02
CA ASN B 407 38.89 22.14 -45.28
C ASN B 407 39.10 23.51 -45.90
N PHE B 408 40.37 23.89 -46.05
CA PHE B 408 40.76 25.08 -46.79
C PHE B 408 41.79 24.67 -47.83
N ARG B 409 41.64 25.18 -49.05
CA ARG B 409 42.48 24.77 -50.16
C ARG B 409 43.04 25.98 -50.89
N GLY B 410 44.30 25.86 -51.31
CA GLY B 410 45.01 26.94 -51.96
C GLY B 410 46.26 27.35 -51.21
N ASN B 411 46.77 28.53 -51.51
CA ASN B 411 47.93 29.11 -50.84
C ASN B 411 47.53 30.47 -50.27
N GLY B 412 47.48 30.58 -48.96
CA GLY B 412 47.07 31.82 -48.33
C GLY B 412 47.17 31.72 -46.82
N LYS B 413 46.55 32.70 -46.16
CA LYS B 413 46.64 32.85 -44.71
C LYS B 413 45.26 33.21 -44.16
N ILE B 414 44.84 32.53 -43.10
CA ILE B 414 43.54 32.81 -42.48
C ILE B 414 43.71 32.93 -40.97
N LEU B 415 42.82 33.73 -40.37
CA LEU B 415 42.67 33.84 -38.93
C LEU B 415 41.48 33.00 -38.50
N ILE B 416 41.68 32.14 -37.50
CA ILE B 416 40.65 31.21 -37.04
C ILE B 416 40.38 31.48 -35.56
N LEU B 417 39.14 31.84 -35.24
CA LEU B 417 38.72 32.07 -33.86
C LEU B 417 37.59 31.09 -33.53
N ARG B 418 37.77 30.31 -32.48
CA ARG B 418 36.81 29.30 -32.05
C ARG B 418 36.38 29.58 -30.63
N ILE B 419 35.06 29.61 -30.40
CA ILE B 419 34.50 29.78 -29.06
C ILE B 419 33.47 28.68 -28.86
N GLY B 420 33.25 28.31 -27.60
CA GLY B 420 32.32 27.24 -27.29
C GLY B 420 30.86 27.63 -27.23
N GLY B 421 30.57 28.91 -27.11
CA GLY B 421 29.17 29.28 -27.02
C GLY B 421 28.56 28.84 -25.69
N LYS B 422 27.23 28.79 -25.68
CA LYS B 422 26.48 28.37 -24.50
C LYS B 422 26.46 26.87 -24.28
N ILE B 423 26.91 26.07 -25.24
CA ILE B 423 26.73 24.63 -25.16
C ILE B 423 27.92 23.94 -24.51
N SER B 424 29.15 24.26 -24.93
CA SER B 424 30.32 23.58 -24.41
C SER B 424 30.44 23.75 -22.90
N GLY B 425 30.82 22.68 -22.21
CA GLY B 425 30.93 22.68 -20.77
C GLY B 425 29.81 21.94 -20.08
N ASP B 426 29.13 22.61 -19.15
CA ASP B 426 28.09 21.96 -18.36
C ASP B 426 26.96 21.42 -19.23
N SER B 427 26.48 22.23 -20.17
CA SER B 427 25.39 21.78 -21.05
C SER B 427 25.82 20.56 -21.84
N GLN B 428 27.04 20.58 -22.37
CA GLN B 428 27.54 19.43 -23.13
C GLN B 428 27.61 18.19 -22.26
N ARG B 429 28.04 18.34 -21.01
CA ARG B 429 28.11 17.20 -20.10
C ARG B 429 26.72 16.69 -19.75
N GLU B 430 25.76 17.60 -19.53
CA GLU B 430 24.39 17.16 -19.26
C GLU B 430 23.79 16.44 -20.46
N LEU B 431 24.01 16.98 -21.68
CA LEU B 431 23.58 16.25 -22.87
C LEU B 431 24.29 14.91 -22.98
N SER B 432 25.54 14.83 -22.56
CA SER B 432 26.27 13.57 -22.64
C SER B 432 25.62 12.51 -21.76
N PHE B 433 25.10 12.90 -20.60
CA PHE B 433 24.39 11.95 -19.75
C PHE B 433 23.01 11.63 -20.29
N VAL B 434 22.40 12.56 -21.03
CA VAL B 434 21.10 12.30 -21.65
C VAL B 434 21.25 11.28 -22.77
N GLY B 435 22.34 11.34 -23.51
CA GLY B 435 22.61 10.39 -24.58
C GLY B 435 22.46 11.02 -25.95
N ARG B 436 23.19 10.46 -26.91
CA ARG B 436 23.18 11.01 -28.27
C ARG B 436 21.84 10.76 -28.95
N GLU B 437 21.28 9.55 -28.79
CA GLU B 437 19.99 9.27 -29.43
C GLU B 437 18.89 10.14 -28.88
N ASN B 438 18.97 10.50 -27.59
CA ASN B 438 17.98 11.40 -27.01
C ASN B 438 18.23 12.85 -27.42
N THR B 439 19.49 13.23 -27.64
CA THR B 439 19.78 14.58 -28.12
C THR B 439 19.20 14.79 -29.51
N GLN B 440 19.36 13.81 -30.39
CA GLN B 440 18.71 13.87 -31.69
C GLN B 440 17.20 13.95 -31.56
N ARG B 441 16.63 13.13 -30.68
CA ARG B 441 15.19 13.17 -30.43
C ARG B 441 14.74 14.56 -30.01
N ALA B 442 15.47 15.18 -29.09
CA ALA B 442 15.15 16.53 -28.66
C ALA B 442 15.18 17.50 -29.84
N ILE B 443 16.24 17.44 -30.65
CA ILE B 443 16.33 18.31 -31.81
C ILE B 443 15.24 17.97 -32.82
N SER B 444 14.92 16.68 -32.96
CA SER B 444 13.87 16.28 -33.90
C SER B 444 12.49 16.73 -33.45
N GLU B 445 12.30 16.90 -32.14
CA GLU B 445 11.01 17.33 -31.60
C GLU B 445 10.72 18.81 -31.82
N THR B 446 11.72 19.60 -32.21
CA THR B 446 11.51 21.01 -32.44
C THR B 446 11.17 21.33 -33.89
N MET B 447 11.50 20.45 -34.83
CA MET B 447 11.14 20.61 -36.22
C MET B 447 9.76 20.07 -36.56
N GLN B 448 9.03 19.54 -35.57
CA GLN B 448 7.76 18.89 -35.84
C GLN B 448 6.72 19.90 -36.29
N TRP B 449 6.03 19.57 -37.38
CA TRP B 449 4.95 20.40 -37.92
C TRP B 449 3.62 19.80 -37.46
N PHE B 450 2.98 20.46 -36.50
CA PHE B 450 1.68 20.02 -36.02
C PHE B 450 0.58 20.54 -36.93
N ASP B 451 -0.55 19.82 -36.95
CA ASP B 451 -1.70 20.22 -37.75
C ASP B 451 -2.99 19.64 -37.18
N ASP C 10 8.33 52.71 -13.62
CA ASP C 10 8.17 51.26 -13.64
C ASP C 10 9.52 50.56 -13.79
N SER C 11 9.71 49.49 -13.02
CA SER C 11 10.95 48.71 -13.11
C SER C 11 11.11 48.04 -14.47
N TYR C 12 10.01 47.79 -15.18
CA TYR C 12 10.10 47.18 -16.50
C TYR C 12 10.62 48.17 -17.53
N LEU C 13 9.97 49.34 -17.63
CA LEU C 13 10.39 50.34 -18.60
C LEU C 13 11.81 50.83 -18.32
N ILE C 14 12.18 50.91 -17.05
CA ILE C 14 13.54 51.31 -16.69
C ILE C 14 14.54 50.31 -17.24
N ARG C 15 14.35 49.03 -16.92
CA ARG C 15 15.22 47.99 -17.46
C ARG C 15 15.07 47.86 -18.98
N SER C 16 13.87 48.06 -19.50
CA SER C 16 13.67 48.03 -20.95
C SER C 16 14.45 49.14 -21.64
N GLY C 17 14.62 50.28 -20.97
CA GLY C 17 15.40 51.36 -21.55
C GLY C 17 16.87 51.02 -21.66
N ASN C 18 17.43 50.39 -20.61
CA ASN C 18 18.83 49.98 -20.66
C ASN C 18 19.04 48.88 -21.70
N ASN C 19 18.13 47.90 -21.74
CA ASN C 19 18.30 46.77 -22.65
C ASN C 19 18.29 47.22 -24.10
N PHE C 20 17.34 48.09 -24.46
CA PHE C 20 17.28 48.57 -25.83
C PHE C 20 18.53 49.37 -26.17
N LEU C 21 19.00 50.21 -25.25
CA LEU C 21 20.24 50.94 -25.47
C LEU C 21 21.43 50.00 -25.58
N GLY C 22 21.42 48.93 -24.79
CA GLY C 22 22.50 47.94 -24.89
C GLY C 22 22.55 47.26 -26.24
N ILE C 23 21.38 46.99 -26.82
CA ILE C 23 21.34 46.41 -28.16
C ILE C 23 21.93 47.37 -29.18
N LEU C 24 21.56 48.65 -29.09
CA LEU C 24 22.10 49.65 -30.03
C LEU C 24 23.62 49.80 -29.88
N ASN C 25 24.12 49.80 -28.64
CA ASN C 25 25.56 49.94 -28.44
C ASN C 25 26.33 48.73 -28.97
N ASP C 26 25.77 47.53 -28.81
CA ASP C 26 26.47 46.32 -29.23
C ASP C 26 26.55 46.22 -30.75
N ILE C 27 25.60 46.81 -31.46
CA ILE C 27 25.62 46.84 -32.92
C ILE C 27 26.24 48.13 -33.45
N LYS C 28 26.85 48.94 -32.58
CA LYS C 28 27.59 50.13 -32.99
C LYS C 28 26.68 51.11 -33.74
N ARG C 29 25.63 51.56 -33.06
CA ARG C 29 24.67 52.51 -33.60
C ARG C 29 24.40 53.59 -32.56
N ARG C 30 24.62 54.85 -32.94
CA ARG C 30 24.24 55.96 -32.10
C ARG C 30 22.72 56.08 -32.06
N PRO C 31 22.17 56.69 -30.99
CA PRO C 31 20.71 56.89 -30.96
C PRO C 31 20.18 57.67 -32.15
N GLU C 32 21.00 58.57 -32.72
CA GLU C 32 20.60 59.28 -33.94
C GLU C 32 20.75 58.40 -35.18
N ASP C 33 21.67 57.43 -35.15
CA ASP C 33 21.81 56.52 -36.27
C ASP C 33 20.66 55.52 -36.32
N ALA C 34 20.10 55.17 -35.15
CA ALA C 34 18.98 54.22 -35.12
C ALA C 34 17.71 54.82 -35.69
N ALA C 35 17.51 56.13 -35.51
CA ALA C 35 16.29 56.77 -35.99
C ALA C 35 16.25 56.81 -37.51
N ASN C 36 17.40 56.97 -38.16
CA ASN C 36 17.44 56.98 -39.62
C ASN C 36 17.29 55.57 -40.19
N GLU C 37 17.93 54.58 -39.56
CA GLU C 37 17.82 53.21 -40.04
C GLU C 37 16.42 52.65 -39.82
N LEU C 38 15.76 53.03 -38.72
CA LEU C 38 14.42 52.55 -38.42
C LEU C 38 13.32 53.45 -38.96
N GLY C 39 13.65 54.68 -39.38
CA GLY C 39 12.64 55.59 -39.91
C GLY C 39 11.66 56.09 -38.88
N VAL C 40 12.14 56.44 -37.68
CA VAL C 40 11.29 56.91 -36.59
C VAL C 40 11.93 58.17 -36.00
N SER C 41 11.16 58.86 -35.17
CA SER C 41 11.63 60.09 -34.55
C SER C 41 12.73 59.81 -33.54
N ILE C 42 13.75 60.68 -33.52
CA ILE C 42 14.82 60.54 -32.54
C ILE C 42 14.29 60.79 -31.14
N GLU C 43 13.21 61.56 -31.01
CA GLU C 43 12.59 61.75 -29.71
C GLU C 43 11.85 60.50 -29.26
N GLU C 44 11.42 59.66 -30.21
CA GLU C 44 10.76 58.41 -29.85
C GLU C 44 11.77 57.40 -29.31
N ILE C 45 12.98 57.38 -29.88
CA ILE C 45 14.01 56.46 -29.40
C ILE C 45 14.46 56.84 -28.00
N ASN C 46 14.70 58.14 -27.77
CA ASN C 46 15.18 58.58 -26.46
C ASN C 46 14.15 58.30 -25.37
N SER C 47 12.85 58.35 -25.70
CA SER C 47 11.83 57.99 -24.72
C SER C 47 11.91 56.51 -24.39
N ILE C 48 12.23 55.67 -25.37
CA ILE C 48 12.39 54.24 -25.12
C ILE C 48 13.63 53.99 -24.28
N ILE C 49 14.71 54.73 -24.55
CA ILE C 49 15.94 54.55 -23.77
C ILE C 49 15.76 55.05 -22.34
N SER C 50 15.06 56.17 -22.17
CA SER C 50 14.82 56.72 -20.84
C SER C 50 13.70 55.99 -20.10
N GLY C 51 12.99 55.08 -20.75
CA GLY C 51 11.91 54.36 -20.10
C GLY C 51 10.60 55.09 -20.07
N LYS C 52 10.43 56.13 -20.90
CA LYS C 52 9.18 56.87 -20.92
C LYS C 52 8.04 56.01 -21.47
N GLN C 53 8.27 55.36 -22.61
CA GLN C 53 7.26 54.53 -23.25
C GLN C 53 7.88 53.20 -23.67
N LYS C 54 7.10 52.13 -23.52
CA LYS C 54 7.56 50.81 -23.95
C LYS C 54 7.75 50.77 -25.46
N ILE C 55 8.63 49.88 -25.90
CA ILE C 55 8.91 49.77 -27.33
C ILE C 55 7.74 49.10 -28.03
N SER C 56 7.71 49.21 -29.36
CA SER C 56 6.57 48.68 -30.09
C SER C 56 6.99 47.47 -30.92
N PRO C 57 6.12 46.46 -31.04
CA PRO C 57 6.44 45.32 -31.90
C PRO C 57 6.70 45.72 -33.35
N SER C 58 6.09 46.82 -33.81
CA SER C 58 6.35 47.29 -35.17
C SER C 58 7.80 47.76 -35.31
N LEU C 59 8.32 48.45 -34.30
CA LEU C 59 9.71 48.89 -34.34
C LEU C 59 10.67 47.71 -34.24
N ILE C 60 10.32 46.72 -33.41
CA ILE C 60 11.15 45.53 -33.26
C ILE C 60 11.22 44.73 -34.56
N GLU C 61 10.07 44.53 -35.21
CA GLU C 61 10.06 43.78 -36.46
C GLU C 61 10.94 44.43 -37.52
N LYS C 62 10.96 45.76 -37.57
CA LYS C 62 11.83 46.46 -38.50
C LYS C 62 13.29 46.27 -38.14
N ALA C 63 13.61 46.31 -36.85
CA ALA C 63 15.01 46.16 -36.42
C ALA C 63 15.57 44.79 -36.77
N VAL C 64 14.76 43.74 -36.60
CA VAL C 64 15.23 42.39 -36.90
C VAL C 64 15.51 42.24 -38.40
N ASN C 65 14.78 42.96 -39.25
CA ASN C 65 14.98 42.84 -40.69
C ASN C 65 16.23 43.56 -41.18
N ILE C 66 16.71 44.57 -40.46
CA ILE C 66 17.84 45.37 -40.91
C ILE C 66 19.08 45.20 -40.05
N TRP C 67 18.95 44.63 -38.86
CA TRP C 67 20.07 44.50 -37.95
C TRP C 67 20.32 43.04 -37.59
N PRO C 68 21.57 42.67 -37.23
CA PRO C 68 21.84 41.31 -36.74
C PRO C 68 21.39 41.11 -35.30
N VAL C 69 20.09 41.26 -35.08
CA VAL C 69 19.49 41.11 -33.77
C VAL C 69 18.29 40.17 -33.89
N ASN C 70 17.89 39.62 -32.75
CA ASN C 70 16.75 38.72 -32.67
C ASN C 70 15.64 39.38 -31.84
N GLU C 71 14.39 39.00 -32.13
CA GLU C 71 13.28 39.48 -31.32
C GLU C 71 13.47 39.12 -29.85
N ARG C 72 14.12 37.97 -29.59
CA ARG C 72 14.40 37.57 -28.21
C ARG C 72 15.11 38.66 -27.44
N ASP C 73 16.01 39.39 -28.09
CA ASP C 73 16.85 40.35 -27.38
C ASP C 73 16.07 41.55 -26.87
N PHE C 74 14.88 41.83 -27.42
CA PHE C 74 14.15 43.03 -27.07
C PHE C 74 13.16 42.83 -25.92
N TYR C 75 12.90 41.60 -25.49
CA TYR C 75 11.93 41.34 -24.43
C TYR C 75 12.66 40.85 -23.18
N ILE C 76 12.54 41.61 -22.11
CA ILE C 76 13.22 41.31 -20.85
C ILE C 76 12.25 40.66 -19.89
N VAL C 77 12.80 40.06 -18.82
CA VAL C 77 12.02 39.41 -17.78
C VAL C 77 11.79 40.39 -16.63
N SER C 78 10.57 40.41 -16.10
CA SER C 78 10.21 41.22 -14.94
C SER C 78 10.26 40.39 -13.67
N ASP C 79 10.83 40.96 -12.62
CA ASP C 79 10.95 40.29 -11.33
C ASP C 79 9.60 40.29 -10.64
N ASP C 80 9.00 39.10 -10.45
CA ASP C 80 7.68 39.00 -9.83
C ASP C 80 7.74 38.62 -8.35
N CYS C 81 8.91 38.64 -7.72
CA CYS C 81 9.05 38.33 -6.30
C CYS C 81 10.08 39.30 -5.71
N SER C 82 9.75 40.58 -5.73
CA SER C 82 10.69 41.63 -5.34
C SER C 82 11.05 41.57 -3.86
N SER C 83 10.26 40.89 -3.04
CA SER C 83 10.57 40.74 -1.62
C SER C 83 11.63 39.67 -1.36
N GLY C 84 12.02 38.91 -2.38
CA GLY C 84 12.98 37.83 -2.23
C GLY C 84 12.36 36.46 -2.07
N ILE C 85 11.12 36.38 -1.61
CA ILE C 85 10.41 35.11 -1.45
C ILE C 85 8.99 35.27 -1.98
N LEU C 86 8.54 34.29 -2.77
CA LEU C 86 7.19 34.26 -3.29
C LEU C 86 6.47 33.07 -2.68
N ILE C 87 5.31 33.31 -2.08
CA ILE C 87 4.53 32.28 -1.39
C ILE C 87 3.23 32.05 -2.16
N MET C 88 2.91 30.78 -2.40
CA MET C 88 1.62 30.40 -2.94
C MET C 88 0.85 29.61 -1.89
N THR C 89 -0.40 30.00 -1.65
CA THR C 89 -1.18 29.38 -0.60
C THR C 89 -1.82 28.09 -1.10
N SER C 90 -2.18 27.24 -0.14
CA SER C 90 -2.93 26.03 -0.44
C SER C 90 -4.23 26.36 -1.16
N GLN C 91 -4.87 27.48 -0.80
CA GLN C 91 -6.10 27.88 -1.46
C GLN C 91 -5.88 28.16 -2.94
N ASP C 92 -4.77 28.82 -3.28
CA ASP C 92 -4.46 29.08 -4.69
C ASP C 92 -4.21 27.79 -5.45
N SER C 93 -3.54 26.83 -4.81
CA SER C 93 -3.30 25.54 -5.44
C SER C 93 -4.60 24.78 -5.66
N ILE C 94 -5.50 24.82 -4.68
CA ILE C 94 -6.78 24.11 -4.81
C ILE C 94 -7.59 24.68 -5.97
N LYS C 95 -7.62 26.01 -6.10
CA LYS C 95 -8.39 26.64 -7.17
C LYS C 95 -7.85 26.29 -8.54
N SER C 96 -6.57 25.95 -8.64
CA SER C 96 -5.91 25.62 -9.91
C SER C 96 -6.09 24.17 -10.33
N SER C 97 -6.92 23.40 -9.63
CA SER C 97 -7.05 21.97 -9.90
C SER C 97 -7.57 21.71 -11.32
N ARG C 98 -7.09 20.62 -11.91
CA ARG C 98 -7.52 20.19 -13.23
C ARG C 98 -7.21 18.71 -13.39
N ILE C 99 -8.08 18.01 -14.12
CA ILE C 99 -8.01 16.57 -14.28
C ILE C 99 -7.36 16.25 -15.62
N MET C 100 -6.39 15.34 -15.60
CA MET C 100 -5.82 14.79 -16.83
C MET C 100 -6.40 13.39 -17.03
N GLU C 101 -7.07 13.19 -18.15
CA GLU C 101 -7.65 11.90 -18.47
C GLU C 101 -6.69 11.10 -19.34
N ARG C 102 -6.68 9.78 -19.12
CA ARG C 102 -5.93 8.86 -19.96
C ARG C 102 -6.78 7.61 -20.14
N ALA C 103 -6.89 7.15 -21.39
CA ALA C 103 -7.74 6.01 -21.73
C ALA C 103 -9.19 6.24 -21.30
N GLY C 104 -9.65 7.47 -21.45
CA GLY C 104 -11.04 7.79 -21.15
C GLY C 104 -11.40 7.83 -19.69
N LYS C 105 -10.44 7.81 -18.78
CA LYS C 105 -10.70 7.82 -17.36
C LYS C 105 -9.84 8.87 -16.66
N PRO C 106 -10.32 9.44 -15.56
CA PRO C 106 -9.48 10.37 -14.79
C PRO C 106 -8.25 9.66 -14.24
N TYR C 107 -7.09 10.22 -14.54
CA TYR C 107 -5.82 9.59 -14.19
C TYR C 107 -5.00 10.40 -13.19
N TYR C 108 -4.90 11.72 -13.39
CA TYR C 108 -4.18 12.61 -12.49
C TYR C 108 -5.06 13.79 -12.10
N GLU C 109 -4.81 14.35 -10.92
CA GLU C 109 -5.26 15.69 -10.59
C GLU C 109 -4.04 16.58 -10.43
N TYR C 110 -3.93 17.60 -11.28
CA TYR C 110 -2.83 18.55 -11.23
C TYR C 110 -3.22 19.79 -10.44
N ARG C 111 -2.29 20.26 -9.61
CA ARG C 111 -2.41 21.56 -8.95
C ARG C 111 -1.09 22.30 -9.08
N ASP C 112 -1.17 23.60 -9.36
CA ASP C 112 0.02 24.45 -9.39
C ASP C 112 0.50 24.75 -7.98
N THR C 113 1.82 24.86 -7.83
CA THR C 113 2.41 25.33 -6.58
C THR C 113 3.39 26.47 -6.88
N ALA C 114 4.10 26.93 -5.86
CA ALA C 114 4.91 28.15 -5.95
C ALA C 114 5.93 28.05 -7.08
N MET C 115 5.81 28.94 -8.06
CA MET C 115 6.82 29.14 -9.08
C MET C 115 6.89 30.61 -9.44
N SER C 116 8.06 31.03 -9.90
CA SER C 116 8.31 32.41 -10.29
C SER C 116 8.78 32.45 -11.73
N LYS C 117 8.42 33.52 -12.43
CA LYS C 117 8.96 33.76 -13.76
C LYS C 117 10.46 33.91 -13.74
N THR C 118 11.02 34.18 -12.56
CA THR C 118 12.46 34.26 -12.34
C THR C 118 13.08 32.89 -12.06
N ALA C 119 12.33 31.98 -11.45
CA ALA C 119 12.84 30.68 -11.05
C ALA C 119 12.82 29.70 -12.21
N PRO C 120 13.87 28.89 -12.37
CA PRO C 120 13.90 27.95 -13.48
C PRO C 120 13.39 26.57 -13.13
N PHE C 121 12.22 26.47 -12.51
CA PHE C 121 11.62 25.18 -12.21
C PHE C 121 10.11 25.24 -12.36
N ARG C 122 9.51 24.06 -12.51
CA ARG C 122 8.07 23.90 -12.70
C ARG C 122 7.59 22.84 -11.71
N PRO C 123 7.17 23.26 -10.51
CA PRO C 123 6.70 22.29 -9.53
C PRO C 123 5.29 21.81 -9.83
N GLU C 124 5.03 20.54 -9.56
CA GLU C 124 3.77 19.91 -9.92
C GLU C 124 3.22 19.11 -8.74
N TRP C 125 1.97 19.38 -8.39
CA TRP C 125 1.22 18.62 -7.41
C TRP C 125 0.32 17.65 -8.19
N ILE C 126 0.58 16.36 -8.07
CA ILE C 126 -0.06 15.37 -8.94
C ILE C 126 -0.64 14.27 -8.06
N LEU C 127 -1.97 14.14 -8.06
CA LEU C 127 -2.65 13.10 -7.31
C LEU C 127 -2.92 11.92 -8.24
N GLU C 128 -2.67 10.71 -7.75
CA GLU C 128 -2.82 9.51 -8.56
C GLU C 128 -4.24 8.97 -8.43
N LEU C 129 -5.05 9.17 -9.47
CA LEU C 129 -6.43 8.71 -9.46
C LEU C 129 -6.57 7.27 -9.89
N CYS C 130 -5.63 6.74 -10.68
CA CYS C 130 -5.70 5.37 -11.14
C CYS C 130 -5.20 4.42 -10.06
N LYS C 131 -6.00 3.42 -9.73
CA LYS C 131 -5.66 2.40 -8.75
C LYS C 131 -5.39 1.07 -9.44
N VAL C 132 -4.29 0.40 -9.06
CA VAL C 132 -3.88 -0.87 -9.65
C VAL C 132 -4.05 -1.97 -8.62
N GLU C 133 -4.46 -3.15 -9.08
CA GLU C 133 -4.71 -4.30 -8.22
C GLU C 133 -3.46 -5.13 -7.94
N ASN C 134 -2.34 -4.83 -8.60
CA ASN C 134 -1.10 -5.55 -8.37
C ASN C 134 0.07 -4.60 -8.62
N ASN C 135 1.28 -5.09 -8.36
CA ASN C 135 2.51 -4.33 -8.58
C ASN C 135 3.28 -4.84 -9.78
N ASP C 136 2.57 -5.34 -10.77
CA ASP C 136 3.18 -5.80 -12.00
C ASP C 136 3.50 -4.59 -12.88
N PRO C 137 4.76 -4.40 -13.30
CA PRO C 137 5.08 -3.25 -14.15
C PRO C 137 4.38 -3.28 -15.50
N GLU C 138 3.93 -4.45 -15.94
CA GLU C 138 3.22 -4.58 -17.21
C GLU C 138 1.71 -4.38 -17.06
N ASN C 139 1.24 -3.99 -15.88
CA ASN C 139 -0.18 -3.76 -15.64
C ASN C 139 -0.74 -2.80 -16.69
N PRO C 140 -1.76 -3.19 -17.44
CA PRO C 140 -2.30 -2.29 -18.50
C PRO C 140 -2.99 -1.05 -17.97
N LYS C 141 -3.31 -0.99 -16.67
CA LYS C 141 -3.91 0.22 -16.11
C LYS C 141 -2.95 1.40 -16.15
N ALA C 142 -1.64 1.13 -16.10
CA ALA C 142 -0.67 2.21 -16.13
C ALA C 142 -0.64 2.88 -17.50
N GLN C 143 -0.80 4.19 -17.51
CA GLN C 143 -0.85 4.97 -18.74
C GLN C 143 0.46 5.76 -18.85
N TRP C 144 1.33 5.33 -19.75
CA TRP C 144 2.68 5.83 -19.85
C TRP C 144 2.79 7.10 -20.68
N ASN C 145 3.76 7.93 -20.34
CA ASN C 145 4.31 8.93 -21.25
C ASN C 145 5.64 8.40 -21.78
N ASN C 146 6.15 9.03 -22.84
CA ASN C 146 7.40 8.56 -23.43
C ASN C 146 8.58 9.45 -23.09
N GLY C 147 8.47 10.25 -22.02
CA GLY C 147 9.57 11.05 -21.54
C GLY C 147 9.49 12.50 -22.00
N HIS C 148 10.19 13.36 -21.26
CA HIS C 148 10.29 14.77 -21.59
C HIS C 148 11.72 15.23 -21.38
N PHE C 149 12.07 16.33 -22.04
CA PHE C 149 13.44 16.84 -22.10
C PHE C 149 13.80 17.62 -20.83
N MET C 150 13.04 17.41 -19.76
CA MET C 150 13.25 18.07 -18.48
C MET C 150 13.86 17.10 -17.47
N HIS C 151 14.71 17.63 -16.60
CA HIS C 151 15.04 16.90 -15.37
C HIS C 151 13.83 16.88 -14.46
N GLN C 152 13.74 15.83 -13.63
CA GLN C 152 12.62 15.73 -12.68
C GLN C 152 13.05 15.13 -11.36
N PHE C 153 12.73 15.83 -10.27
CA PHE C 153 12.75 15.25 -8.94
C PHE C 153 11.32 14.98 -8.49
N THR C 154 11.13 13.89 -7.74
CA THR C 154 9.79 13.54 -7.27
C THR C 154 9.86 13.07 -5.83
N TYR C 155 8.96 13.60 -4.99
CA TYR C 155 8.80 13.19 -3.61
C TYR C 155 7.46 12.49 -3.46
N PHE C 156 7.44 11.36 -2.78
CA PHE C 156 6.26 10.51 -2.70
C PHE C 156 5.56 10.67 -1.36
N ILE C 157 4.23 10.82 -1.42
CA ILE C 157 3.37 10.88 -0.25
C ILE C 157 2.24 9.89 -0.48
N GLY C 158 2.20 8.84 0.33
CA GLY C 158 1.22 7.80 0.17
C GLY C 158 1.74 6.62 -0.63
N GLU C 159 0.81 5.73 -0.98
CA GLU C 159 1.14 4.44 -1.59
C GLU C 159 1.15 4.58 -3.12
N VAL C 160 2.25 5.12 -3.63
CA VAL C 160 2.40 5.42 -5.05
C VAL C 160 3.31 4.37 -5.70
N ASN C 161 2.89 3.87 -6.87
CA ASN C 161 3.75 3.06 -7.72
C ASN C 161 4.39 3.94 -8.78
N PHE C 162 5.72 3.89 -8.87
CA PHE C 162 6.49 4.66 -9.83
C PHE C 162 6.98 3.71 -10.92
N TYR C 163 6.43 3.85 -12.11
CA TYR C 163 6.79 3.03 -13.26
C TYR C 163 7.79 3.79 -14.14
N TYR C 164 8.75 3.07 -14.70
CA TYR C 164 9.71 3.67 -15.61
C TYR C 164 10.25 2.58 -16.53
N LYS C 165 10.81 3.01 -17.66
CA LYS C 165 11.43 2.10 -18.62
C LYS C 165 12.94 2.26 -18.62
N ASP C 166 13.65 1.14 -18.79
CA ASP C 166 15.09 1.17 -18.92
C ASP C 166 15.47 1.51 -20.36
N PRO C 167 16.76 1.72 -20.65
CA PRO C 167 17.14 2.06 -22.03
C PRO C 167 16.71 1.02 -23.07
N GLU C 168 16.55 -0.24 -22.70
CA GLU C 168 16.10 -1.25 -23.65
C GLU C 168 14.59 -1.27 -23.82
N GLY C 169 13.84 -0.42 -23.11
CA GLY C 169 12.40 -0.35 -23.26
C GLY C 169 11.60 -1.21 -22.30
N LYS C 170 12.26 -1.94 -21.40
CA LYS C 170 11.58 -2.81 -20.45
C LYS C 170 10.93 -2.00 -19.33
N LYS C 171 9.72 -2.41 -18.94
CA LYS C 171 8.98 -1.72 -17.89
C LYS C 171 9.46 -2.12 -16.51
N HIS C 172 9.64 -1.13 -15.65
CA HIS C 172 10.00 -1.33 -14.25
C HIS C 172 8.99 -0.59 -13.37
N VAL C 173 8.91 -1.00 -12.11
CA VAL C 173 8.07 -0.32 -11.13
C VAL C 173 8.80 -0.28 -9.80
N ALA C 174 8.74 0.87 -9.14
CA ALA C 174 9.26 1.04 -7.79
C ALA C 174 8.09 1.27 -6.84
N ILE C 175 8.03 0.48 -5.77
CA ILE C 175 6.91 0.52 -4.84
C ILE C 175 7.24 1.55 -3.77
N MET C 176 6.66 2.75 -3.91
CA MET C 176 7.04 3.91 -3.12
C MET C 176 6.05 4.15 -1.99
N ASN C 177 6.56 4.77 -0.92
CA ASN C 177 5.76 5.13 0.23
C ASN C 177 6.14 6.54 0.66
N THR C 178 5.40 7.05 1.65
CA THR C 178 5.61 8.40 2.12
C THR C 178 7.06 8.59 2.56
N GLY C 179 7.70 9.61 1.99
CA GLY C 179 9.09 9.92 2.27
C GLY C 179 10.08 9.43 1.24
N ASP C 180 9.68 8.49 0.38
CA ASP C 180 10.56 8.07 -0.70
C ASP C 180 10.70 9.19 -1.73
N SER C 181 11.77 9.10 -2.53
CA SER C 181 12.04 10.13 -3.52
C SER C 181 12.78 9.52 -4.70
N MET C 182 12.80 10.24 -5.82
CA MET C 182 13.46 9.74 -7.01
C MET C 182 13.93 10.88 -7.89
N TYR C 183 14.89 10.57 -8.76
CA TYR C 183 15.28 11.42 -9.87
C TYR C 183 15.26 10.60 -11.16
N ILE C 184 14.82 11.21 -12.27
CA ILE C 184 14.79 10.53 -13.56
C ILE C 184 15.49 11.39 -14.60
N THR C 185 16.40 10.76 -15.35
CA THR C 185 17.10 11.43 -16.43
C THR C 185 16.11 11.86 -17.51
N PRO C 186 16.33 13.00 -18.18
CA PRO C 186 15.42 13.42 -19.25
C PRO C 186 15.13 12.31 -20.25
N PHE C 187 13.89 12.32 -20.75
CA PHE C 187 13.36 11.36 -21.71
C PHE C 187 13.15 9.96 -21.12
N THR C 188 13.09 9.82 -19.80
CA THR C 188 12.76 8.53 -19.21
C THR C 188 11.25 8.36 -19.17
N PRO C 189 10.69 7.35 -19.85
CA PRO C 189 9.26 7.12 -19.77
C PRO C 189 8.84 6.73 -18.36
N HIS C 190 7.69 7.24 -17.93
CA HIS C 190 7.25 7.01 -16.56
C HIS C 190 5.76 7.28 -16.42
N THR C 191 5.22 6.81 -15.30
CA THR C 191 3.84 7.08 -14.91
C THR C 191 3.71 6.71 -13.43
N PHE C 192 2.58 7.11 -12.84
CA PHE C 192 2.34 6.92 -11.43
C PHE C 192 0.90 6.46 -11.22
N THR C 193 0.72 5.55 -10.25
CA THR C 193 -0.61 5.07 -9.87
C THR C 193 -0.69 4.99 -8.35
N THR C 194 -1.89 4.71 -7.86
CA THR C 194 -2.11 4.43 -6.45
C THR C 194 -2.36 2.95 -6.26
N ARG C 195 -1.74 2.37 -5.24
CA ARG C 195 -1.99 0.99 -4.90
C ARG C 195 -3.35 0.83 -4.24
N ASP C 196 -4.17 -0.05 -4.80
CA ASP C 196 -5.50 -0.31 -4.26
C ASP C 196 -5.40 -0.81 -2.83
N GLY C 197 -6.35 -0.41 -1.99
CA GLY C 197 -6.33 -0.71 -0.58
C GLY C 197 -5.77 0.41 0.28
N ALA C 198 -5.15 1.42 -0.33
CA ALA C 198 -4.66 2.55 0.43
C ALA C 198 -5.84 3.36 0.98
N SER C 199 -5.65 3.95 2.15
CA SER C 199 -6.73 4.72 2.78
C SER C 199 -7.06 5.97 1.99
N GLN C 200 -6.10 6.51 1.24
CA GLN C 200 -6.36 7.67 0.40
C GLN C 200 -5.49 7.54 -0.85
N ASN C 201 -5.79 8.39 -1.84
CA ASN C 201 -5.02 8.38 -3.07
C ASN C 201 -3.57 8.79 -2.82
N GLY C 202 -2.66 8.15 -3.56
CA GLY C 202 -1.27 8.55 -3.51
C GLY C 202 -1.05 9.92 -4.12
N LEU C 203 0.00 10.59 -3.64
CA LEU C 203 0.34 11.94 -4.07
C LEU C 203 1.83 12.04 -4.30
N ILE C 204 2.21 12.78 -5.34
CA ILE C 204 3.62 13.07 -5.60
C ILE C 204 3.78 14.58 -5.73
N LEU C 205 4.92 15.08 -5.26
CA LEU C 205 5.34 16.45 -5.50
C LEU C 205 6.48 16.39 -6.50
N ALA C 206 6.22 16.81 -7.74
CA ALA C 206 7.18 16.67 -8.83
C ALA C 206 7.79 18.03 -9.14
N LEU C 207 9.11 18.09 -9.21
CA LEU C 207 9.85 19.30 -9.55
C LEU C 207 10.59 19.06 -10.86
N THR C 208 10.12 19.68 -11.93
CA THR C 208 10.77 19.59 -13.23
C THR C 208 11.56 20.87 -13.48
N TYR C 209 12.73 20.72 -14.10
CA TYR C 209 13.61 21.87 -14.34
C TYR C 209 14.57 21.52 -15.46
N GLY C 210 14.96 22.56 -16.21
CA GLY C 210 15.75 22.38 -17.40
C GLY C 210 17.25 22.39 -17.16
N SER C 211 17.68 23.15 -16.15
CA SER C 211 19.10 23.26 -15.78
C SER C 211 19.83 23.81 -17.00
N LYS C 212 20.82 23.11 -17.56
CA LYS C 212 21.57 23.59 -18.70
C LYS C 212 21.06 23.03 -20.03
N LEU C 213 19.75 22.74 -20.13
CA LEU C 213 19.21 22.14 -21.33
C LEU C 213 18.06 22.92 -21.97
N THR C 214 17.54 23.95 -21.33
CA THR C 214 16.39 24.68 -21.86
C THR C 214 16.76 26.14 -22.09
N GLY C 215 15.88 26.85 -22.80
CA GLY C 215 16.10 28.26 -23.05
C GLY C 215 17.07 28.50 -24.18
N ASP C 216 18.00 29.44 -23.95
CA ASP C 216 18.98 29.79 -24.95
C ASP C 216 19.79 28.58 -25.39
N ILE C 217 20.05 27.64 -24.48
CA ILE C 217 20.82 26.46 -24.83
C ILE C 217 20.11 25.66 -25.91
N GLN C 218 18.81 25.42 -25.72
CA GLN C 218 18.05 24.65 -26.70
C GLN C 218 17.90 25.39 -28.02
N GLN C 219 17.73 26.72 -27.95
CA GLN C 219 17.65 27.51 -29.19
C GLN C 219 18.95 27.42 -29.97
N GLU C 220 20.09 27.47 -29.27
CA GLU C 220 21.38 27.31 -29.93
C GLU C 220 21.53 25.90 -30.50
N LEU C 221 21.06 24.90 -29.76
CA LEU C 221 21.19 23.52 -30.23
C LEU C 221 20.23 23.22 -31.36
N SER C 222 19.04 23.83 -31.35
CA SER C 222 18.04 23.56 -32.37
C SER C 222 18.35 24.25 -33.70
N SER C 223 19.26 25.21 -33.72
CA SER C 223 19.72 25.82 -34.95
C SER C 223 20.84 25.03 -35.60
N LEU C 224 21.22 23.90 -35.02
CA LEU C 224 22.19 22.99 -35.60
C LEU C 224 21.46 21.80 -36.22
N SER C 225 22.09 21.20 -37.23
CA SER C 225 21.55 19.96 -37.77
C SER C 225 21.60 18.86 -36.73
N LEU C 226 20.76 17.83 -36.92
CA LEU C 226 20.76 16.72 -35.98
C LEU C 226 22.13 16.05 -35.91
N ASP C 227 22.78 15.91 -37.06
CA ASP C 227 24.08 15.26 -37.09
C ASP C 227 25.11 16.07 -36.31
N CYS C 228 25.10 17.40 -36.47
CA CYS C 228 26.06 18.23 -35.76
C CYS C 228 25.71 18.36 -34.29
N GLY C 229 24.44 18.69 -33.99
CA GLY C 229 24.06 18.88 -32.60
C GLY C 229 24.26 17.65 -31.74
N SER C 230 24.04 16.46 -32.32
CA SER C 230 24.15 15.23 -31.56
C SER C 230 25.59 14.96 -31.13
N GLN C 231 26.57 15.49 -31.87
CA GLN C 231 27.97 15.24 -31.56
C GLN C 231 28.43 15.94 -30.28
N TYR C 232 27.61 16.82 -29.71
CA TYR C 232 27.91 17.35 -28.39
C TYR C 232 27.79 16.28 -27.33
N ALA C 233 26.90 15.30 -27.54
CA ALA C 233 26.67 14.24 -26.56
C ALA C 233 27.84 13.26 -26.61
N LEU C 234 28.72 13.34 -25.63
CA LEU C 234 29.87 12.46 -25.55
C LEU C 234 29.50 11.13 -24.92
N ASP C 235 30.33 10.12 -25.15
CA ASP C 235 30.12 8.80 -24.56
C ASP C 235 30.49 8.86 -23.08
N PHE C 236 29.48 9.01 -22.23
CA PHE C 236 29.64 9.01 -20.78
C PHE C 236 29.07 7.74 -20.16
N THR C 237 29.11 6.62 -20.89
CA THR C 237 28.46 5.40 -20.42
C THR C 237 29.08 4.92 -19.11
N ASN C 238 30.38 5.11 -18.94
CA ASN C 238 31.04 4.82 -17.68
C ASN C 238 32.22 5.74 -17.52
N HIS C 239 32.87 5.66 -16.35
CA HIS C 239 33.99 6.54 -16.06
C HIS C 239 35.11 6.38 -17.07
N GLU C 240 35.35 5.15 -17.54
CA GLU C 240 36.44 4.92 -18.48
C GLU C 240 36.14 5.53 -19.85
N ASN C 241 34.93 5.34 -20.35
CA ASN C 241 34.56 5.93 -21.64
C ASN C 241 34.48 7.44 -21.56
N ALA C 242 33.97 7.97 -20.45
CA ALA C 242 33.85 9.43 -20.32
C ALA C 242 35.20 10.10 -20.35
N SER C 243 36.20 9.50 -19.71
CA SER C 243 37.54 10.09 -19.71
C SER C 243 38.13 10.15 -21.11
N LEU C 244 37.94 9.09 -21.91
CA LEU C 244 38.47 9.10 -23.27
C LEU C 244 37.73 10.10 -24.14
N SER C 245 36.41 10.20 -23.97
CA SER C 245 35.64 11.15 -24.78
C SER C 245 36.09 12.58 -24.53
N LEU C 246 36.36 12.93 -23.28
CA LEU C 246 36.83 14.27 -22.94
C LEU C 246 38.21 14.53 -23.51
N LEU C 247 39.13 13.55 -23.36
CA LEU C 247 40.46 13.70 -23.95
C LEU C 247 40.37 13.91 -25.46
N GLU C 248 39.53 13.12 -26.14
CA GLU C 248 39.36 13.26 -27.57
C GLU C 248 38.83 14.65 -27.92
N TYR C 249 37.81 15.10 -27.19
CA TYR C 249 37.19 16.38 -27.49
C TYR C 249 38.20 17.52 -27.35
N TYR C 250 38.93 17.56 -26.24
CA TYR C 250 39.89 18.64 -26.03
C TYR C 250 41.15 18.48 -26.87
N PHE C 251 41.51 17.26 -27.27
CA PHE C 251 42.56 17.10 -28.26
C PHE C 251 42.12 17.64 -29.62
N GLU C 252 40.86 17.41 -29.97
CA GLU C 252 40.35 17.97 -31.22
C GLU C 252 40.29 19.49 -31.17
N LEU C 253 39.95 20.05 -30.01
CA LEU C 253 39.88 21.51 -29.88
C LEU C 253 41.25 22.13 -30.11
N SER C 254 42.31 21.49 -29.61
CA SER C 254 43.66 22.03 -29.73
C SER C 254 44.18 22.02 -31.16
N ASN C 255 43.64 21.16 -32.02
CA ASN C 255 44.07 21.00 -33.42
C ASN C 255 45.53 20.58 -33.52
N LEU C 256 46.07 19.96 -32.48
CA LEU C 256 47.41 19.40 -32.54
C LEU C 256 47.39 18.08 -33.31
N THR C 257 48.55 17.72 -33.84
CA THR C 257 48.73 16.35 -34.28
C THR C 257 49.11 15.47 -33.10
N LYS C 258 48.99 14.16 -33.28
CA LYS C 258 49.43 13.24 -32.23
C LYS C 258 50.92 13.42 -31.95
N GLU C 259 51.72 13.58 -33.00
CA GLU C 259 53.16 13.76 -32.83
C GLU C 259 53.48 15.04 -32.08
N LYS C 260 52.85 16.15 -32.48
CA LYS C 260 53.09 17.41 -31.78
C LYS C 260 52.59 17.34 -30.34
N PHE C 261 51.45 16.69 -30.13
CA PHE C 261 50.94 16.46 -28.77
C PHE C 261 51.91 15.63 -27.95
N ALA C 262 52.52 14.61 -28.56
CA ALA C 262 53.47 13.78 -27.84
C ALA C 262 54.70 14.58 -27.41
N LYS C 263 55.24 15.40 -28.33
CA LYS C 263 56.40 16.20 -27.99
C LYS C 263 56.08 17.22 -26.89
N ARG C 264 54.86 17.78 -26.91
CA ARG C 264 54.50 18.78 -25.92
C ARG C 264 54.38 18.17 -24.53
N THR C 265 53.86 16.96 -24.43
CA THR C 265 53.67 16.30 -23.14
C THR C 265 54.91 15.53 -22.70
N ASN C 266 55.89 15.36 -23.58
CA ASN C 266 57.03 14.48 -23.35
C ASN C 266 56.56 13.04 -23.13
N PHE C 267 55.41 12.68 -23.70
CA PHE C 267 54.92 11.32 -23.73
C PHE C 267 55.35 10.65 -25.03
N SER C 268 55.56 9.34 -24.96
CA SER C 268 55.86 8.64 -26.20
C SER C 268 54.58 8.46 -27.02
N MET C 269 54.77 8.25 -28.33
CA MET C 269 53.61 7.96 -29.17
C MET C 269 52.91 6.69 -28.73
N GLU C 270 53.66 5.72 -28.19
CA GLU C 270 53.06 4.50 -27.68
C GLU C 270 52.26 4.79 -26.40
N THR C 271 52.83 5.59 -25.51
CA THR C 271 52.08 6.02 -24.32
C THR C 271 50.82 6.77 -24.73
N LEU C 272 50.93 7.62 -25.75
CA LEU C 272 49.79 8.38 -26.21
C LEU C 272 48.74 7.48 -26.84
N ALA C 273 49.20 6.48 -27.62
CA ALA C 273 48.29 5.52 -28.23
C ALA C 273 47.58 4.68 -27.17
N ASP C 274 48.24 4.44 -26.03
CA ASP C 274 47.59 3.71 -24.95
C ASP C 274 46.45 4.52 -24.33
N PHE C 275 46.58 5.85 -24.31
CA PHE C 275 45.51 6.69 -23.80
C PHE C 275 44.31 6.69 -24.73
N PHE C 276 44.55 6.84 -26.04
CA PHE C 276 43.47 6.97 -27.00
C PHE C 276 42.78 5.66 -27.33
N THR C 277 43.30 4.51 -26.87
CA THR C 277 42.67 3.21 -27.07
C THR C 277 42.14 2.62 -25.77
N LYS C 278 42.06 3.41 -24.70
CA LYS C 278 41.53 3.01 -23.40
C LYS C 278 42.32 1.90 -22.73
N LYS C 279 43.47 1.51 -23.29
CA LYS C 279 44.27 0.47 -22.64
C LYS C 279 44.81 0.94 -21.31
N LYS C 280 45.14 2.22 -21.19
CA LYS C 280 45.58 2.81 -19.93
C LYS C 280 44.87 4.15 -19.72
N LEU C 281 44.53 4.43 -18.48
CA LEU C 281 43.89 5.68 -18.12
C LEU C 281 44.90 6.63 -17.50
N PRO C 282 44.96 7.88 -17.95
CA PRO C 282 45.95 8.81 -17.40
C PRO C 282 45.78 9.00 -15.91
N THR C 283 46.91 9.06 -15.20
CA THR C 283 46.86 9.36 -13.79
C THR C 283 46.53 10.84 -13.59
N PHE C 284 46.33 11.23 -12.34
CA PHE C 284 46.02 12.63 -12.08
C PHE C 284 47.21 13.53 -12.44
N ASP C 285 48.43 13.04 -12.17
CA ASP C 285 49.62 13.79 -12.57
C ASP C 285 49.75 13.87 -14.08
N GLU C 286 49.50 12.76 -14.78
CA GLU C 286 49.56 12.78 -16.25
C GLU C 286 48.45 13.66 -16.81
N LEU C 287 47.26 13.63 -16.20
CA LEU C 287 46.16 14.44 -16.69
C LEU C 287 46.48 15.93 -16.59
N LYS C 288 47.13 16.34 -15.50
CA LYS C 288 47.56 17.73 -15.38
C LYS C 288 48.56 18.10 -16.47
N ILE C 289 49.43 17.17 -16.84
CA ILE C 289 50.35 17.42 -17.95
C ILE C 289 49.59 17.55 -19.26
N ILE C 290 48.62 16.67 -19.49
CA ILE C 290 47.82 16.73 -20.71
C ILE C 290 47.04 18.04 -20.77
N ALA C 291 46.44 18.44 -19.65
CA ALA C 291 45.66 19.68 -19.63
C ALA C 291 46.53 20.88 -20.00
N LYS C 292 47.73 20.94 -19.44
CA LYS C 292 48.63 22.05 -19.77
C LYS C 292 48.98 22.05 -21.26
N ALA C 293 49.12 20.86 -21.86
CA ALA C 293 49.45 20.78 -23.28
C ALA C 293 48.26 21.15 -24.16
N LEU C 294 47.04 20.95 -23.68
CA LEU C 294 45.84 21.27 -24.42
C LEU C 294 45.31 22.66 -24.07
N ASN C 295 46.01 23.39 -23.21
CA ASN C 295 45.63 24.75 -22.80
C ASN C 295 44.26 24.76 -22.15
N VAL C 296 43.97 23.73 -21.37
CA VAL C 296 42.73 23.62 -20.61
C VAL C 296 43.11 23.26 -19.17
N ASN C 297 42.09 23.13 -18.33
CA ASN C 297 42.32 22.74 -16.95
C ASN C 297 42.16 21.23 -16.80
N SER C 298 42.85 20.67 -15.81
CA SER C 298 42.70 19.25 -15.52
C SER C 298 41.27 18.92 -15.15
N ARG C 299 40.58 19.89 -14.55
CA ARG C 299 39.15 19.75 -14.26
C ARG C 299 38.32 19.60 -15.53
N ASP C 300 38.79 20.18 -16.64
CA ASP C 300 38.05 20.08 -17.89
C ASP C 300 38.18 18.68 -18.50
N LEU C 301 39.28 17.99 -18.21
CA LEU C 301 39.51 16.65 -18.72
C LEU C 301 38.94 15.57 -17.80
N MET C 302 38.54 15.93 -16.60
CA MET C 302 38.04 14.95 -15.65
C MET C 302 36.58 14.64 -15.93
N PRO C 303 36.19 13.37 -15.98
CA PRO C 303 34.76 13.04 -15.96
C PRO C 303 34.24 13.06 -14.54
N ASN C 304 32.93 12.90 -14.41
CA ASN C 304 32.37 12.67 -13.09
C ASN C 304 32.97 11.40 -12.50
N ASP C 305 33.14 11.40 -11.18
CA ASP C 305 33.79 10.27 -10.52
C ASP C 305 33.13 8.95 -10.84
N LEU C 306 31.81 8.96 -11.06
CA LEU C 306 31.10 7.79 -11.54
C LEU C 306 29.92 8.24 -12.39
N THR C 307 29.44 7.31 -13.21
CA THR C 307 28.23 7.54 -13.99
C THR C 307 27.06 6.98 -13.19
N GLU C 308 26.06 7.83 -12.94
CA GLU C 308 24.90 7.41 -12.15
C GLU C 308 23.90 6.68 -13.03
N SER C 309 23.05 5.88 -12.38
CA SER C 309 21.92 5.27 -13.07
C SER C 309 21.01 6.35 -13.64
N LYS C 310 20.28 6.01 -14.70
CA LYS C 310 19.32 6.94 -15.27
C LYS C 310 18.19 7.24 -14.30
N VAL C 311 17.81 6.26 -13.49
CA VAL C 311 16.75 6.40 -12.50
C VAL C 311 17.36 6.18 -11.13
N ILE C 312 17.17 7.14 -10.22
CA ILE C 312 17.67 7.08 -8.86
C ILE C 312 16.47 6.95 -7.93
N VAL C 313 16.42 5.88 -7.17
CA VAL C 313 15.34 5.64 -6.22
C VAL C 313 15.93 5.56 -4.81
N LYS C 314 15.33 6.29 -3.88
CA LYS C 314 15.82 6.36 -2.51
C LYS C 314 14.63 6.30 -1.56
N THR C 315 14.57 5.24 -0.75
CA THR C 315 13.52 5.12 0.25
C THR C 315 13.86 5.99 1.46
N HIS C 316 12.81 6.31 2.23
CA HIS C 316 13.01 7.20 3.37
C HIS C 316 13.98 6.60 4.37
N ASP C 317 13.98 5.27 4.51
CA ASP C 317 14.92 4.61 5.42
C ASP C 317 16.36 4.79 5.00
N GLN C 318 16.61 5.06 3.72
CA GLN C 318 17.98 5.24 3.22
C GLN C 318 18.49 6.67 3.39
N CYS C 319 17.66 7.58 3.91
CA CYS C 319 18.04 8.97 4.05
C CYS C 319 18.87 9.17 5.31
N ASP C 320 20.12 9.61 5.14
CA ASP C 320 20.92 10.06 6.27
C ASP C 320 20.34 11.35 6.84
N HIS C 321 20.61 11.60 8.13
CA HIS C 321 20.06 12.78 8.76
C HIS C 321 20.99 13.29 9.85
N TRP C 322 20.78 14.54 10.23
CA TRP C 322 21.61 15.21 11.23
C TRP C 322 20.87 16.44 11.73
N LYS C 323 21.24 16.89 12.92
CA LYS C 323 20.66 18.11 13.47
C LYS C 323 21.41 19.32 12.93
N TYR C 324 20.69 20.41 12.71
CA TYR C 324 21.30 21.63 12.22
C TYR C 324 20.61 22.84 12.84
N PRO C 325 21.40 23.83 13.29
CA PRO C 325 22.87 23.76 13.35
C PRO C 325 23.34 23.01 14.58
N GLU C 326 24.48 23.43 15.13
CA GLU C 326 24.96 22.82 16.37
C GLU C 326 23.95 22.96 17.48
N SER C 327 23.24 24.10 17.53
CA SER C 327 22.23 24.32 18.56
C SER C 327 21.05 23.38 18.40
N GLY C 328 20.69 23.00 17.18
CA GLY C 328 19.71 21.96 16.96
C GLY C 328 18.32 22.38 16.50
N ASN C 329 18.19 23.51 15.80
CA ASN C 329 16.86 23.97 15.36
C ASN C 329 16.20 22.99 14.39
N TYR C 330 16.97 22.32 13.54
CA TYR C 330 16.40 21.51 12.47
C TYR C 330 16.94 20.09 12.51
N GLU C 331 16.21 19.21 11.81
CA GLU C 331 16.69 17.87 11.46
C GLU C 331 16.56 17.73 9.95
N PHE C 332 17.70 17.67 9.26
CA PHE C 332 17.74 17.56 7.81
C PHE C 332 17.75 16.09 7.40
N TYR C 333 16.90 15.74 6.45
CA TYR C 333 16.88 14.41 5.86
C TYR C 333 17.29 14.53 4.39
N GLU C 334 18.34 13.81 4.02
CA GLU C 334 18.96 13.95 2.70
C GLU C 334 18.22 13.03 1.73
N LEU C 335 17.48 13.62 0.80
CA LEU C 335 16.65 12.87 -0.13
C LEU C 335 17.47 12.43 -1.34
N ALA C 336 16.78 11.95 -2.39
CA ALA C 336 17.46 11.46 -3.58
C ALA C 336 18.28 12.55 -4.25
N SER C 337 19.42 12.16 -4.81
CA SER C 337 20.31 13.08 -5.51
C SER C 337 21.18 12.27 -6.45
N THR C 338 21.85 12.98 -7.35
CA THR C 338 22.74 12.37 -8.32
C THR C 338 23.94 13.28 -8.56
N THR C 339 25.12 12.67 -8.68
CA THR C 339 26.29 13.46 -9.00
C THR C 339 26.27 13.97 -10.44
N ALA C 340 25.28 13.54 -11.24
CA ALA C 340 25.05 14.18 -12.53
C ALA C 340 24.55 15.61 -12.36
N LEU C 341 23.88 15.91 -11.24
CA LEU C 341 23.40 17.25 -10.93
C LEU C 341 23.91 17.66 -9.56
N PRO C 342 25.17 18.06 -9.45
CA PRO C 342 25.73 18.40 -8.13
C PRO C 342 25.08 19.60 -7.46
N HIS C 343 24.32 20.41 -8.21
CA HIS C 343 23.66 21.59 -7.66
C HIS C 343 22.21 21.35 -7.35
N SER C 344 21.74 20.11 -7.47
CA SER C 344 20.36 19.75 -7.13
C SER C 344 20.37 19.07 -5.76
N LYS C 345 19.80 19.73 -4.77
CA LYS C 345 19.72 19.20 -3.42
C LYS C 345 18.26 19.07 -3.02
N ALA C 346 17.95 17.99 -2.32
CA ALA C 346 16.60 17.73 -1.86
C ALA C 346 16.65 17.32 -0.40
N PHE C 347 15.85 17.98 0.42
CA PHE C 347 15.88 17.77 1.85
C PHE C 347 14.47 17.63 2.40
N GLU C 348 14.37 16.86 3.47
CA GLU C 348 13.20 16.83 4.34
C GLU C 348 13.64 17.43 5.66
N ILE C 349 12.98 18.50 6.09
CA ILE C 349 13.40 19.24 7.28
C ILE C 349 12.33 19.13 8.35
N ASP C 350 12.69 18.58 9.50
CA ASP C 350 11.88 18.64 10.70
C ASP C 350 12.24 19.91 11.48
N VAL C 351 11.28 20.82 11.61
CA VAL C 351 11.46 22.08 12.32
C VAL C 351 10.93 21.93 13.73
N SER C 352 11.76 22.28 14.72
CA SER C 352 11.35 22.31 16.13
C SER C 352 12.14 23.44 16.78
N SER C 353 11.68 24.67 16.55
CA SER C 353 12.38 25.85 17.04
C SER C 353 11.36 26.95 17.31
N SER C 354 11.52 27.61 18.47
CA SER C 354 10.64 28.72 18.82
C SER C 354 11.01 29.96 18.01
N GLU C 355 10.00 30.78 17.74
CA GLU C 355 10.17 31.91 16.82
C GLU C 355 11.27 32.86 17.28
N ASP C 356 12.23 33.10 16.39
CA ASP C 356 13.24 34.13 16.57
C ASP C 356 13.66 34.62 15.20
N LEU C 357 14.49 35.66 15.19
CA LEU C 357 15.01 36.24 13.96
C LEU C 357 16.49 35.90 13.76
N ASN C 358 16.93 34.76 14.27
CA ASN C 358 18.27 34.26 13.98
C ASN C 358 18.20 33.48 12.67
N LEU C 359 18.62 34.12 11.58
CA LEU C 359 18.48 33.53 10.24
C LEU C 359 19.67 32.59 10.03
N ASP C 360 19.41 31.30 10.19
CA ASP C 360 20.47 30.30 10.25
C ASP C 360 20.61 29.48 8.98
N LEU C 361 19.86 29.81 7.93
CA LEU C 361 19.91 29.09 6.67
C LEU C 361 20.27 30.07 5.56
N LYS C 362 21.22 29.68 4.71
CA LYS C 362 21.66 30.51 3.58
C LYS C 362 22.34 29.61 2.56
N VAL C 363 21.87 29.65 1.32
CA VAL C 363 22.40 28.79 0.27
C VAL C 363 22.35 29.53 -1.06
N GLY C 364 23.39 29.35 -1.87
CA GLY C 364 23.44 29.98 -3.17
C GLY C 364 22.76 29.17 -4.28
N LEU C 365 21.51 28.80 -4.06
CA LEU C 365 20.71 28.07 -5.03
C LEU C 365 19.27 28.55 -4.97
N HIS C 366 18.56 28.39 -6.08
CA HIS C 366 17.11 28.57 -6.06
C HIS C 366 16.49 27.48 -5.18
N GLN C 367 15.44 27.83 -4.45
CA GLN C 367 14.83 26.90 -3.52
C GLN C 367 13.32 26.85 -3.75
N TYR C 368 12.78 25.64 -3.83
CA TYR C 368 11.34 25.41 -3.81
C TYR C 368 10.98 24.78 -2.48
N VAL C 369 9.98 25.35 -1.81
CA VAL C 369 9.59 24.95 -0.47
C VAL C 369 8.13 24.50 -0.50
N TYR C 370 7.82 23.47 0.27
CA TYR C 370 6.44 23.01 0.41
C TYR C 370 6.23 22.49 1.81
N ASN C 371 5.14 22.90 2.45
CA ASN C 371 4.82 22.47 3.80
C ASN C 371 4.09 21.13 3.73
N ILE C 372 4.83 20.04 3.98
CA ILE C 372 4.25 18.70 3.90
C ILE C 372 3.73 18.22 5.25
N GLY C 373 3.81 19.02 6.30
CA GLY C 373 3.33 18.63 7.61
C GLY C 373 1.87 19.00 7.83
N ASP C 374 1.44 18.79 9.07
CA ASP C 374 0.07 19.06 9.48
C ASP C 374 -0.06 20.33 10.31
N SER C 375 1.04 21.07 10.47
CA SER C 375 1.05 22.26 11.30
C SER C 375 1.57 23.44 10.49
N ALA C 376 1.13 24.64 10.87
CA ALA C 376 1.61 25.84 10.23
C ALA C 376 3.04 26.14 10.69
N LEU C 377 3.78 26.84 9.84
CA LEU C 377 5.16 27.22 10.14
C LEU C 377 5.35 28.69 9.79
N THR C 378 6.44 29.25 10.29
CA THR C 378 6.79 30.64 10.06
C THR C 378 8.13 30.69 9.32
N ILE C 379 8.20 31.51 8.28
CA ILE C 379 9.45 31.76 7.58
C ILE C 379 9.89 33.19 7.84
N ASN C 380 11.12 33.34 8.31
CA ASN C 380 11.76 34.63 8.51
C ASN C 380 12.92 34.73 7.53
N TRP C 381 13.10 35.91 6.93
CA TRP C 381 14.21 36.09 6.02
C TRP C 381 14.55 37.57 5.90
N ASN C 382 15.75 37.83 5.39
CA ASN C 382 16.24 39.17 5.15
C ASN C 382 16.50 39.36 3.67
N TYR C 383 16.08 40.51 3.15
CA TYR C 383 16.32 40.82 1.74
C TYR C 383 16.26 42.32 1.56
N GLU C 384 17.31 42.88 0.96
CA GLU C 384 17.41 44.32 0.73
C GLU C 384 17.27 45.11 2.02
N ASN C 385 17.99 44.67 3.05
CA ASN C 385 18.08 45.32 4.36
C ASN C 385 16.74 45.37 5.09
N LYS C 386 15.77 44.55 4.69
CA LYS C 386 14.50 44.43 5.40
C LYS C 386 14.31 42.99 5.85
N THR C 387 13.82 42.81 7.07
CA THR C 387 13.54 41.48 7.62
C THR C 387 12.04 41.27 7.61
N TYR C 388 11.62 40.09 7.16
CA TYR C 388 10.21 39.77 6.98
C TYR C 388 9.82 38.56 7.80
N GLN C 389 8.51 38.36 7.94
CA GLN C 389 7.95 37.23 8.65
C GLN C 389 6.60 36.87 8.04
N LYS C 390 6.47 35.63 7.58
CA LYS C 390 5.22 35.14 7.01
C LYS C 390 5.00 33.70 7.46
N SER C 391 3.74 33.30 7.49
CA SER C 391 3.38 31.95 7.90
C SER C 391 3.25 31.05 6.68
N LEU C 392 3.73 29.82 6.82
CA LEU C 392 3.66 28.80 5.78
C LEU C 392 2.75 27.69 6.27
N ASN C 393 1.48 27.75 5.87
CA ASN C 393 0.51 26.78 6.32
C ASN C 393 0.68 25.45 5.60
N PRO C 394 0.11 24.37 6.14
CA PRO C 394 0.12 23.09 5.42
C PRO C 394 -0.50 23.26 4.03
N GLY C 395 0.23 22.79 3.02
CA GLY C 395 -0.18 22.96 1.64
C GLY C 395 0.32 24.24 1.00
N ASP C 396 0.89 25.16 1.75
CA ASP C 396 1.51 26.33 1.16
C ASP C 396 2.89 25.97 0.59
N SER C 397 3.26 26.68 -0.47
CA SER C 397 4.56 26.51 -1.11
C SER C 397 5.23 27.87 -1.25
N ALA C 398 6.56 27.85 -1.41
CA ALA C 398 7.32 29.09 -1.52
C ALA C 398 8.51 28.90 -2.46
N TYR C 399 8.87 29.99 -3.14
CA TYR C 399 10.12 30.08 -3.88
C TYR C 399 11.03 31.10 -3.19
N ILE C 400 12.28 30.68 -2.95
CA ILE C 400 13.26 31.51 -2.25
C ILE C 400 14.40 31.80 -3.22
N LYS C 401 14.74 33.07 -3.35
CA LYS C 401 15.84 33.48 -4.22
C LYS C 401 17.19 33.05 -3.63
N PRO C 402 18.20 32.90 -4.47
CA PRO C 402 19.52 32.48 -3.99
C PRO C 402 20.11 33.45 -2.97
N PHE C 403 20.84 32.88 -2.01
CA PHE C 403 21.61 33.58 -0.98
C PHE C 403 20.75 34.39 -0.02
N VAL C 404 19.43 34.21 -0.05
CA VAL C 404 18.56 34.91 0.89
C VAL C 404 18.71 34.25 2.25
N PRO C 405 19.20 34.97 3.26
CA PRO C 405 19.29 34.38 4.60
C PRO C 405 17.89 34.23 5.19
N HIS C 406 17.64 33.08 5.81
CA HIS C 406 16.30 32.75 6.24
C HIS C 406 16.35 31.72 7.35
N ASN C 407 15.18 31.47 7.96
CA ASN C 407 15.02 30.36 8.88
C ASN C 407 13.59 29.86 8.77
N PHE C 408 13.32 28.75 9.44
CA PHE C 408 11.97 28.24 9.63
C PHE C 408 11.75 28.01 11.11
N ARG C 409 10.59 28.41 11.61
CA ARG C 409 10.29 28.37 13.03
C ARG C 409 8.93 27.72 13.26
N GLY C 410 8.84 26.98 14.36
CA GLY C 410 7.64 26.24 14.70
C GLY C 410 7.90 24.76 14.87
N ASN C 411 6.85 23.95 14.80
CA ASN C 411 6.95 22.50 14.83
C ASN C 411 6.25 21.95 13.59
N GLY C 412 7.02 21.41 12.67
CA GLY C 412 6.43 20.90 11.45
C GLY C 412 7.48 20.28 10.54
N LYS C 413 7.07 20.05 9.31
CA LYS C 413 7.90 19.37 8.31
C LYS C 413 7.75 20.09 6.98
N ILE C 414 8.87 20.32 6.30
CA ILE C 414 8.86 20.96 5.00
C ILE C 414 9.69 20.14 4.02
N LEU C 415 9.31 20.25 2.75
CA LEU C 415 10.09 19.70 1.65
C LEU C 415 10.89 20.84 1.03
N ILE C 416 12.20 20.64 0.89
CA ILE C 416 13.10 21.66 0.37
C ILE C 416 13.80 21.10 -0.85
N LEU C 417 13.62 21.75 -1.99
CA LEU C 417 14.28 21.38 -3.24
C LEU C 417 15.11 22.56 -3.69
N ARG C 418 16.40 22.32 -3.90
CA ARG C 418 17.34 23.35 -4.30
C ARG C 418 17.94 23.00 -5.66
N ILE C 419 17.88 23.95 -6.59
CA ILE C 419 18.47 23.75 -7.90
C ILE C 419 19.36 24.95 -8.22
N GLY C 420 20.39 24.71 -9.04
CA GLY C 420 21.33 25.76 -9.38
C GLY C 420 20.91 26.67 -10.51
N GLY C 421 19.90 26.27 -11.28
CA GLY C 421 19.52 27.12 -12.39
C GLY C 421 20.62 27.20 -13.44
N LYS C 422 20.55 28.26 -14.24
CA LYS C 422 21.58 28.51 -15.23
C LYS C 422 22.85 29.12 -14.65
N ILE C 423 22.87 29.50 -13.38
CA ILE C 423 24.01 30.24 -12.84
C ILE C 423 25.07 29.31 -12.26
N SER C 424 24.67 28.33 -11.44
CA SER C 424 25.65 27.45 -10.81
C SER C 424 26.42 26.64 -11.85
N GLY C 425 27.71 26.51 -11.63
CA GLY C 425 28.58 25.78 -12.55
C GLY C 425 29.45 26.72 -13.38
N ASP C 426 29.38 26.57 -14.71
CA ASP C 426 30.25 27.31 -15.61
C ASP C 426 30.03 28.82 -15.48
N SER C 427 28.78 29.26 -15.50
CA SER C 427 28.50 30.68 -15.37
C SER C 427 29.04 31.23 -14.05
N GLN C 428 28.83 30.49 -12.96
CA GLN C 428 29.33 30.93 -11.66
C GLN C 428 30.84 31.08 -11.67
N ARG C 429 31.55 30.13 -12.29
CA ARG C 429 33.01 30.21 -12.33
C ARG C 429 33.49 31.36 -13.21
N GLU C 430 32.80 31.61 -14.33
CA GLU C 430 33.18 32.76 -15.16
C GLU C 430 32.94 34.07 -14.43
N LEU C 431 31.82 34.19 -13.71
CA LEU C 431 31.58 35.38 -12.90
C LEU C 431 32.69 35.55 -11.86
N SER C 432 33.18 34.45 -11.31
CA SER C 432 34.23 34.52 -10.30
C SER C 432 35.52 35.08 -10.90
N PHE C 433 35.83 34.74 -12.15
CA PHE C 433 36.99 35.32 -12.79
C PHE C 433 36.75 36.75 -13.22
N VAL C 434 35.49 37.14 -13.47
CA VAL C 434 35.19 38.53 -13.77
C VAL C 434 35.40 39.39 -12.54
N GLY C 435 35.07 38.87 -11.38
CA GLY C 435 35.20 39.56 -10.11
C GLY C 435 33.84 39.91 -9.53
N ARG C 436 33.80 40.05 -8.21
CA ARG C 436 32.54 40.34 -7.54
C ARG C 436 32.07 41.77 -7.83
N GLU C 437 32.97 42.74 -7.77
CA GLU C 437 32.60 44.12 -8.06
C GLU C 437 32.00 44.24 -9.45
N ASN C 438 32.66 43.66 -10.47
CA ASN C 438 32.14 43.75 -11.82
C ASN C 438 30.88 42.91 -11.99
N THR C 439 30.72 41.86 -11.19
CA THR C 439 29.47 41.13 -11.18
C THR C 439 28.33 42.02 -10.69
N GLN C 440 28.62 42.87 -9.71
CA GLN C 440 27.65 43.88 -9.31
C GLN C 440 27.35 44.83 -10.46
N ARG C 441 28.38 45.25 -11.19
CA ARG C 441 28.18 46.15 -12.31
C ARG C 441 27.28 45.53 -13.36
N ALA C 442 27.47 44.24 -13.67
CA ALA C 442 26.62 43.58 -14.65
C ALA C 442 25.17 43.58 -14.21
N ILE C 443 24.91 43.29 -12.94
CA ILE C 443 23.54 43.31 -12.43
C ILE C 443 23.00 44.73 -12.39
N SER C 444 23.82 45.68 -11.94
CA SER C 444 23.36 47.05 -11.72
C SER C 444 23.18 47.83 -13.03
N GLU C 445 23.86 47.43 -14.11
CA GLU C 445 23.65 48.13 -15.37
C GLU C 445 22.28 47.86 -15.96
N THR C 446 21.59 46.81 -15.49
CA THR C 446 20.23 46.55 -15.94
C THR C 446 19.23 47.43 -15.19
N MET C 447 19.45 47.64 -13.89
CA MET C 447 18.50 48.40 -13.08
C MET C 447 18.71 49.91 -13.21
N GLN C 448 19.96 50.35 -13.24
CA GLN C 448 20.30 51.76 -13.36
C GLN C 448 19.65 52.60 -12.25
N PHE D 20 38.62 -42.91 15.39
CA PHE D 20 39.21 -43.24 16.68
C PHE D 20 40.69 -43.57 16.56
N LEU D 21 41.05 -44.29 15.48
CA LEU D 21 42.46 -44.59 15.25
C LEU D 21 43.25 -43.30 15.01
N GLY D 22 42.63 -42.33 14.33
CA GLY D 22 43.29 -41.04 14.16
C GLY D 22 43.48 -40.31 15.47
N ILE D 23 42.51 -40.43 16.38
CA ILE D 23 42.66 -39.83 17.71
C ILE D 23 43.80 -40.50 18.45
N LEU D 24 43.87 -41.83 18.39
CA LEU D 24 44.96 -42.56 19.04
C LEU D 24 46.31 -42.15 18.46
N ASN D 25 46.37 -41.95 17.15
CA ASN D 25 47.63 -41.55 16.51
C ASN D 25 48.07 -40.17 16.96
N ASP D 26 47.12 -39.25 17.17
CA ASP D 26 47.49 -37.89 17.55
C ASP D 26 48.06 -37.84 18.97
N ILE D 27 47.65 -38.76 19.84
CA ILE D 27 48.18 -38.82 21.20
C ILE D 27 49.32 -39.84 21.33
N LYS D 28 49.77 -40.40 20.21
CA LYS D 28 50.91 -41.32 20.17
C LYS D 28 50.70 -42.51 21.10
N ARG D 29 49.62 -43.25 20.84
CA ARG D 29 49.28 -44.44 21.63
C ARG D 29 48.89 -45.60 20.74
N ILE D 55 33.84 -46.14 21.12
CA ILE D 55 32.56 -46.78 20.88
C ILE D 55 31.67 -46.65 22.11
N SER D 56 32.27 -46.69 23.30
CA SER D 56 31.47 -46.66 24.51
C SER D 56 31.66 -45.32 25.23
N PRO D 57 30.58 -44.76 25.81
CA PRO D 57 30.73 -43.52 26.59
C PRO D 57 31.67 -43.65 27.77
N SER D 58 31.78 -44.85 28.36
CA SER D 58 32.73 -45.05 29.46
C SER D 58 34.16 -44.92 28.96
N LEU D 59 34.46 -45.45 27.78
CA LEU D 59 35.80 -45.32 27.22
C LEU D 59 36.10 -43.87 26.85
N ILE D 60 35.12 -43.16 26.31
CA ILE D 60 35.33 -41.76 25.95
C ILE D 60 35.57 -40.91 27.19
N GLU D 61 34.74 -41.10 28.23
CA GLU D 61 34.93 -40.36 29.47
C GLU D 61 36.28 -40.66 30.09
N LYS D 62 36.72 -41.92 30.03
CA LYS D 62 38.04 -42.27 30.53
C LYS D 62 39.14 -41.67 29.66
N ALA D 63 38.96 -41.72 28.33
CA ALA D 63 39.97 -41.17 27.44
C ALA D 63 40.10 -39.66 27.59
N VAL D 64 38.97 -38.96 27.72
CA VAL D 64 39.02 -37.51 27.88
C VAL D 64 39.65 -37.13 29.21
N ASN D 65 39.49 -37.98 30.23
CA ASN D 65 40.01 -37.69 31.56
C ASN D 65 41.52 -37.94 31.66
N ILE D 66 42.07 -38.81 30.82
CA ILE D 66 43.47 -39.20 30.93
C ILE D 66 44.32 -38.74 29.76
N TRP D 67 43.71 -38.32 28.65
CA TRP D 67 44.44 -37.94 27.45
C TRP D 67 44.13 -36.50 27.09
N PRO D 68 45.05 -35.82 26.35
CA PRO D 68 44.77 -34.45 25.85
C PRO D 68 43.84 -34.46 24.65
N VAL D 69 42.63 -34.99 24.85
CA VAL D 69 41.60 -35.08 23.82
C VAL D 69 40.31 -34.51 24.38
N ASN D 70 39.40 -34.19 23.46
CA ASN D 70 38.10 -33.66 23.83
C ASN D 70 37.01 -34.66 23.46
N GLU D 71 35.90 -34.65 24.22
CA GLU D 71 34.77 -35.49 23.88
C GLU D 71 34.23 -35.17 22.49
N ARG D 72 34.31 -33.90 22.09
CA ARG D 72 33.84 -33.49 20.77
C ARG D 72 34.49 -34.31 19.66
N ASP D 73 35.76 -34.66 19.83
CA ASP D 73 36.51 -35.33 18.78
C ASP D 73 36.03 -36.76 18.52
N PHE D 74 35.30 -37.35 19.46
CA PHE D 74 34.90 -38.76 19.35
C PHE D 74 33.57 -38.94 18.64
N TYR D 75 32.81 -37.89 18.41
CA TYR D 75 31.49 -37.98 17.80
C TYR D 75 31.55 -37.36 16.41
N ILE D 76 31.30 -38.18 15.39
CA ILE D 76 31.37 -37.74 14.01
C ILE D 76 29.97 -37.47 13.49
N VAL D 77 29.89 -36.76 12.37
CA VAL D 77 28.63 -36.45 11.73
C VAL D 77 28.34 -37.50 10.66
N SER D 78 27.10 -38.00 10.64
CA SER D 78 26.65 -38.95 9.65
C SER D 78 25.91 -38.23 8.52
N ASP D 79 26.20 -38.63 7.29
CA ASP D 79 25.56 -38.00 6.13
C ASP D 79 24.11 -38.46 6.03
N ASP D 80 23.17 -37.53 6.18
CA ASP D 80 21.75 -37.81 6.07
C ASP D 80 21.20 -37.48 4.69
N CYS D 81 22.08 -37.22 3.72
CA CYS D 81 21.70 -36.90 2.35
C CYS D 81 22.66 -37.61 1.40
N SER D 82 22.66 -38.95 1.46
CA SER D 82 23.63 -39.73 0.68
C SER D 82 23.38 -39.62 -0.81
N SER D 83 22.18 -39.19 -1.22
CA SER D 83 21.88 -39.04 -2.63
C SER D 83 22.47 -37.78 -3.24
N GLY D 84 23.03 -36.89 -2.41
CA GLY D 84 23.59 -35.64 -2.87
C GLY D 84 22.64 -34.47 -2.74
N ILE D 85 21.33 -34.72 -2.71
CA ILE D 85 20.32 -33.69 -2.55
C ILE D 85 19.29 -34.19 -1.55
N LEU D 86 18.92 -33.34 -0.60
CA LEU D 86 17.89 -33.66 0.38
C LEU D 86 16.71 -32.73 0.14
N ILE D 87 15.53 -33.31 -0.05
CA ILE D 87 14.31 -32.57 -0.32
C ILE D 87 13.35 -32.75 0.84
N MET D 88 12.77 -31.65 1.30
CA MET D 88 11.72 -31.67 2.29
C MET D 88 10.42 -31.20 1.64
N THR D 89 9.34 -31.94 1.87
CA THR D 89 8.09 -31.66 1.20
C THR D 89 7.36 -30.51 1.88
N SER D 90 6.47 -29.87 1.10
CA SER D 90 5.61 -28.83 1.64
C SER D 90 4.77 -29.36 2.80
N GLN D 91 4.32 -30.62 2.70
CA GLN D 91 3.50 -31.19 3.76
C GLN D 91 4.27 -31.32 5.06
N ASP D 92 5.53 -31.76 4.98
CA ASP D 92 6.34 -31.89 6.19
C ASP D 92 6.58 -30.53 6.85
N SER D 93 6.77 -29.49 6.03
CA SER D 93 6.93 -28.14 6.56
C SER D 93 5.66 -27.69 7.27
N ILE D 94 4.50 -27.98 6.68
CA ILE D 94 3.23 -27.58 7.28
C ILE D 94 3.02 -28.26 8.63
N LYS D 95 3.36 -29.55 8.71
CA LYS D 95 3.14 -30.28 9.95
C LYS D 95 4.01 -29.76 11.10
N SER D 96 5.15 -29.14 10.77
CA SER D 96 6.04 -28.61 11.79
C SER D 96 5.65 -27.21 12.26
N SER D 97 4.48 -26.72 11.85
CA SER D 97 4.05 -25.36 12.15
C SER D 97 3.97 -25.11 13.66
N ARG D 98 4.69 -24.09 14.12
CA ARG D 98 4.64 -23.69 15.53
C ARG D 98 4.50 -22.18 15.62
N ILE D 99 3.72 -21.74 16.59
CA ILE D 99 3.49 -20.32 16.82
C ILE D 99 4.51 -19.82 17.84
N MET D 100 5.03 -18.63 17.59
CA MET D 100 5.93 -17.95 18.51
C MET D 100 5.23 -16.71 19.04
N GLU D 101 4.86 -16.72 20.31
CA GLU D 101 4.13 -15.63 20.93
C GLU D 101 5.10 -14.59 21.46
N ARG D 102 4.70 -13.32 21.35
CA ARG D 102 5.43 -12.22 21.96
C ARG D 102 4.43 -11.24 22.54
N ALA D 103 4.66 -10.81 23.77
CA ALA D 103 3.73 -9.93 24.49
C ALA D 103 2.33 -10.53 24.58
N GLY D 104 2.27 -11.86 24.76
CA GLY D 104 0.99 -12.49 24.94
C GLY D 104 0.14 -12.61 23.70
N LYS D 105 0.69 -12.32 22.52
CA LYS D 105 -0.04 -12.36 21.27
C LYS D 105 0.73 -13.15 20.23
N PRO D 106 0.02 -13.81 19.30
CA PRO D 106 0.71 -14.53 18.22
C PRO D 106 1.52 -13.58 17.35
N TYR D 107 2.80 -13.86 17.20
CA TYR D 107 3.69 -12.96 16.48
C TYR D 107 4.29 -13.59 15.23
N TYR D 108 4.75 -14.83 15.30
CA TYR D 108 5.30 -15.54 14.16
C TYR D 108 4.65 -16.92 14.05
N GLU D 109 4.55 -17.41 12.82
CA GLU D 109 4.34 -18.83 12.57
C GLU D 109 5.60 -19.37 11.92
N TYR D 110 6.27 -20.30 12.60
CA TYR D 110 7.52 -20.88 12.12
C TYR D 110 7.28 -22.28 11.56
N ARG D 111 8.02 -22.61 10.50
CA ARG D 111 7.98 -23.92 9.88
C ARG D 111 9.39 -24.35 9.48
N ASP D 112 9.71 -25.61 9.71
CA ASP D 112 10.98 -26.15 9.26
C ASP D 112 10.97 -26.36 7.74
N THR D 113 12.13 -26.14 7.12
CA THR D 113 12.33 -26.44 5.71
C THR D 113 13.59 -27.28 5.56
N ALA D 114 13.95 -27.55 4.31
CA ALA D 114 15.04 -28.49 4.01
C ALA D 114 16.35 -28.05 4.65
N MET D 115 16.87 -28.88 5.56
CA MET D 115 18.18 -28.66 6.13
C MET D 115 18.79 -30.02 6.46
N SER D 116 20.11 -30.09 6.32
CA SER D 116 20.86 -31.31 6.58
C SER D 116 21.76 -31.12 7.80
N LYS D 117 22.00 -32.22 8.53
CA LYS D 117 22.98 -32.19 9.60
C LYS D 117 24.37 -31.87 9.07
N THR D 118 24.58 -32.02 7.76
CA THR D 118 25.83 -31.66 7.08
C THR D 118 25.86 -30.19 6.69
N ALA D 119 24.72 -29.60 6.43
CA ALA D 119 24.72 -28.23 5.92
C ALA D 119 24.92 -27.24 7.07
N PRO D 120 25.72 -26.21 6.85
CA PRO D 120 25.98 -25.20 7.89
C PRO D 120 25.03 -24.01 7.79
N PHE D 121 23.73 -24.28 7.71
CA PHE D 121 22.74 -23.21 7.72
C PHE D 121 21.48 -23.68 8.44
N ARG D 122 20.66 -22.70 8.81
CA ARG D 122 19.39 -22.90 9.50
C ARG D 122 18.34 -22.09 8.75
N PRO D 123 17.64 -22.69 7.80
CA PRO D 123 16.61 -21.96 7.07
C PRO D 123 15.35 -21.77 7.92
N GLU D 124 14.70 -20.63 7.73
CA GLU D 124 13.55 -20.27 8.55
C GLU D 124 12.39 -19.89 7.65
N TRP D 125 11.25 -20.56 7.85
CA TRP D 125 9.99 -20.16 7.24
C TRP D 125 9.19 -19.45 8.33
N ILE D 126 9.00 -18.14 8.19
CA ILE D 126 8.43 -17.31 9.25
C ILE D 126 7.34 -16.44 8.66
N LEU D 127 6.10 -16.65 9.12
CA LEU D 127 4.96 -15.83 8.72
C LEU D 127 4.72 -14.76 9.76
N GLU D 128 4.49 -13.53 9.31
CA GLU D 128 4.34 -12.39 10.21
C GLU D 128 2.88 -12.26 10.62
N LEU D 129 2.58 -12.67 11.85
CA LEU D 129 1.20 -12.64 12.34
C LEU D 129 0.80 -11.27 12.89
N CYS D 130 1.77 -10.47 13.33
CA CYS D 130 1.47 -9.14 13.87
C CYS D 130 1.24 -8.15 12.73
N LYS D 131 0.11 -7.46 12.79
CA LYS D 131 -0.26 -6.44 11.81
C LYS D 131 -0.12 -5.07 12.45
N VAL D 132 0.50 -4.13 11.73
CA VAL D 132 0.72 -2.77 12.22
C VAL D 132 -0.12 -1.82 11.38
N GLU D 133 -0.65 -0.78 12.03
CA GLU D 133 -1.53 0.19 11.37
C GLU D 133 -0.77 1.32 10.70
N ASN D 134 0.54 1.40 10.88
CA ASN D 134 1.36 2.42 10.24
C ASN D 134 2.74 1.84 9.97
N ASN D 135 3.58 2.63 9.32
CA ASN D 135 4.96 2.25 9.05
C ASN D 135 5.95 3.03 9.92
N ASP D 136 5.54 3.36 11.12
CA ASP D 136 6.41 4.04 12.07
C ASP D 136 7.38 3.03 12.68
N PRO D 137 8.69 3.24 12.59
CA PRO D 137 9.64 2.28 13.19
C PRO D 137 9.53 2.18 14.72
N GLU D 138 8.95 3.18 15.39
CA GLU D 138 8.82 3.14 16.84
C GLU D 138 7.52 2.49 17.30
N ASN D 139 6.74 1.92 16.37
CA ASN D 139 5.47 1.29 16.70
C ASN D 139 5.66 0.24 17.78
N PRO D 140 4.97 0.36 18.92
CA PRO D 140 5.16 -0.61 20.00
C PRO D 140 4.65 -2.01 19.68
N LYS D 141 3.87 -2.17 18.61
CA LYS D 141 3.42 -3.51 18.23
C LYS D 141 4.60 -4.40 17.81
N ALA D 142 5.65 -3.80 17.26
CA ALA D 142 6.81 -4.57 16.85
C ALA D 142 7.55 -5.09 18.06
N GLN D 143 7.80 -6.40 18.08
CA GLN D 143 8.47 -7.06 19.19
C GLN D 143 9.88 -7.41 18.74
N TRP D 144 10.86 -6.67 19.27
CA TRP D 144 12.23 -6.76 18.80
C TRP D 144 12.98 -7.90 19.49
N ASN D 145 13.97 -8.45 18.78
CA ASN D 145 15.02 -9.22 19.42
C ASN D 145 16.25 -8.33 19.54
N ASN D 146 17.34 -8.90 20.05
CA ASN D 146 18.57 -8.14 20.26
C ASN D 146 19.70 -8.61 19.34
N GLY D 147 19.38 -9.38 18.31
CA GLY D 147 20.38 -9.88 17.40
C GLY D 147 20.94 -11.23 17.83
N HIS D 148 21.66 -11.85 16.92
CA HIS D 148 22.27 -13.15 17.15
C HIS D 148 23.63 -13.19 16.47
N PHE D 149 24.52 -14.00 17.02
CA PHE D 149 25.86 -14.19 16.46
C PHE D 149 25.77 -15.09 15.23
N MET D 150 24.91 -14.72 14.29
CA MET D 150 24.67 -15.48 13.07
C MET D 150 24.52 -14.50 11.92
N HIS D 151 25.02 -14.87 10.74
CA HIS D 151 24.64 -14.16 9.52
C HIS D 151 23.20 -14.49 9.18
N GLN D 152 22.52 -13.54 8.52
CA GLN D 152 21.15 -13.81 8.09
C GLN D 152 20.87 -13.17 6.73
N PHE D 153 20.39 -13.99 5.80
CA PHE D 153 19.78 -13.52 4.56
C PHE D 153 18.28 -13.70 4.67
N THR D 154 17.53 -12.76 4.11
CA THR D 154 16.07 -12.83 4.16
C THR D 154 15.49 -12.46 2.80
N TYR D 155 14.55 -13.26 2.33
CA TYR D 155 13.78 -13.00 1.12
C TYR D 155 12.33 -12.71 1.52
N PHE D 156 11.77 -11.66 0.95
CA PHE D 156 10.45 -11.18 1.38
C PHE D 156 9.38 -11.58 0.37
N ILE D 157 8.26 -12.09 0.88
CA ILE D 157 7.10 -12.42 0.09
C ILE D 157 5.90 -11.76 0.76
N GLY D 158 5.29 -10.80 0.08
CA GLY D 158 4.17 -10.06 0.64
C GLY D 158 4.60 -8.75 1.27
N GLU D 159 3.65 -8.17 2.00
CA GLU D 159 3.82 -6.80 2.53
C GLU D 159 4.43 -6.86 3.92
N VAL D 160 5.75 -7.05 3.96
CA VAL D 160 6.50 -7.23 5.19
C VAL D 160 7.21 -5.94 5.54
N ASN D 161 7.13 -5.53 6.79
CA ASN D 161 7.94 -4.46 7.35
C ASN D 161 9.15 -5.08 8.04
N PHE D 162 10.34 -4.62 7.66
CA PHE D 162 11.60 -5.12 8.22
C PHE D 162 12.18 -4.04 9.12
N TYR D 163 12.17 -4.30 10.43
CA TYR D 163 12.69 -3.38 11.43
C TYR D 163 14.11 -3.78 11.81
N TYR D 164 14.97 -2.79 12.02
CA TYR D 164 16.33 -3.07 12.47
C TYR D 164 16.86 -1.83 13.18
N LYS D 165 17.89 -2.03 13.99
CA LYS D 165 18.54 -0.94 14.71
C LYS D 165 19.94 -0.72 14.17
N ASP D 166 20.35 0.55 14.11
CA ASP D 166 21.70 0.93 13.72
C ASP D 166 22.64 0.84 14.93
N PRO D 167 23.95 0.99 14.74
CA PRO D 167 24.87 0.94 15.88
C PRO D 167 24.58 1.95 16.97
N GLU D 168 23.91 3.06 16.67
CA GLU D 168 23.61 4.06 17.70
C GLU D 168 22.33 3.74 18.46
N GLY D 169 21.63 2.65 18.13
CA GLY D 169 20.42 2.27 18.81
C GLY D 169 19.14 2.81 18.24
N LYS D 170 19.20 3.58 17.16
CA LYS D 170 18.00 4.14 16.57
C LYS D 170 17.24 3.07 15.79
N LYS D 171 15.92 3.09 15.91
CA LYS D 171 15.08 2.13 15.21
C LYS D 171 14.85 2.56 13.77
N HIS D 172 14.95 1.61 12.85
CA HIS D 172 14.66 1.82 11.45
C HIS D 172 13.66 0.78 10.98
N VAL D 173 12.98 1.07 9.86
CA VAL D 173 12.07 0.13 9.24
C VAL D 173 12.23 0.21 7.73
N ALA D 174 12.28 -0.95 7.09
CA ALA D 174 12.30 -1.05 5.63
C ALA D 174 10.97 -1.61 5.17
N ILE D 175 10.31 -0.91 4.26
CA ILE D 175 8.98 -1.29 3.79
C ILE D 175 9.18 -2.21 2.59
N MET D 176 9.06 -3.51 2.82
CA MET D 176 9.42 -4.54 1.87
C MET D 176 8.20 -5.12 1.16
N ASN D 177 8.44 -5.61 -0.06
CA ASN D 177 7.42 -6.25 -0.87
C ASN D 177 8.01 -7.51 -1.50
N THR D 178 7.16 -8.26 -2.18
CA THR D 178 7.56 -9.53 -2.77
C THR D 178 8.74 -9.35 -3.72
N GLY D 179 9.79 -10.15 -3.50
CA GLY D 179 10.99 -10.10 -4.30
C GLY D 179 12.13 -9.33 -3.67
N ASP D 180 11.84 -8.50 -2.67
CA ASP D 180 12.88 -7.80 -1.93
C ASP D 180 13.69 -8.78 -1.09
N SER D 181 14.89 -8.36 -0.72
CA SER D 181 15.80 -9.21 0.05
C SER D 181 16.70 -8.32 0.89
N MET D 182 17.35 -8.94 1.88
CA MET D 182 18.25 -8.20 2.75
C MET D 182 19.30 -9.12 3.34
N TYR D 183 20.39 -8.52 3.81
CA TYR D 183 21.38 -9.15 4.65
C TYR D 183 21.60 -8.29 5.89
N ILE D 184 21.80 -8.93 7.05
CA ILE D 184 22.07 -8.22 8.30
C ILE D 184 23.31 -8.80 8.97
N THR D 185 24.22 -7.92 9.37
CA THR D 185 25.42 -8.33 10.08
C THR D 185 25.04 -8.94 11.43
N PRO D 186 25.76 -9.96 11.90
CA PRO D 186 25.44 -10.57 13.20
C PRO D 186 25.26 -9.56 14.31
N PHE D 187 24.32 -9.87 15.22
CA PHE D 187 23.95 -9.06 16.38
C PHE D 187 23.23 -7.78 16.01
N THR D 188 22.65 -7.72 14.82
CA THR D 188 21.79 -6.60 14.48
C THR D 188 20.38 -6.85 15.01
N PRO D 189 19.86 -6.03 15.91
CA PRO D 189 18.49 -6.23 16.39
C PRO D 189 17.50 -6.01 15.25
N HIS D 190 16.46 -6.85 15.22
CA HIS D 190 15.52 -6.79 14.11
C HIS D 190 14.23 -7.50 14.50
N THR D 191 13.20 -7.26 13.69
CA THR D 191 11.92 -7.95 13.81
C THR D 191 11.13 -7.67 12.54
N PHE D 192 10.03 -8.40 12.38
CA PHE D 192 9.23 -8.33 11.15
C PHE D 192 7.76 -8.30 11.49
N THR D 193 6.98 -7.54 10.72
CA THR D 193 5.54 -7.49 10.86
C THR D 193 4.91 -7.48 9.47
N THR D 194 3.57 -7.60 9.45
CA THR D 194 2.78 -7.46 8.23
C THR D 194 2.06 -6.11 8.26
N ARG D 195 2.05 -5.42 7.13
CA ARG D 195 1.34 -4.15 7.03
C ARG D 195 -0.17 -4.38 6.99
N ASP D 196 -0.89 -3.64 7.83
CA ASP D 196 -2.34 -3.76 7.84
C ASP D 196 -2.92 -3.40 6.48
N GLY D 197 -3.98 -4.11 6.10
CA GLY D 197 -4.57 -3.93 4.79
C GLY D 197 -4.09 -4.92 3.75
N ALA D 198 -3.04 -5.69 4.04
CA ALA D 198 -2.57 -6.70 3.13
C ALA D 198 -3.59 -7.84 3.02
N SER D 199 -3.68 -8.43 1.83
CA SER D 199 -4.64 -9.49 1.60
C SER D 199 -4.28 -10.76 2.36
N GLN D 200 -3.00 -10.97 2.66
CA GLN D 200 -2.55 -12.12 3.43
C GLN D 200 -1.39 -11.69 4.30
N ASN D 201 -1.04 -12.54 5.27
CA ASN D 201 0.09 -12.24 6.12
C ASN D 201 1.39 -12.24 5.30
N GLY D 202 2.29 -11.32 5.64
CA GLY D 202 3.59 -11.32 5.03
C GLY D 202 4.41 -12.54 5.42
N LEU D 203 5.34 -12.90 4.55
CA LEU D 203 6.17 -14.09 4.72
C LEU D 203 7.63 -13.75 4.44
N ILE D 204 8.53 -14.32 5.22
CA ILE D 204 9.96 -14.20 4.97
C ILE D 204 10.56 -15.60 4.91
N LEU D 205 11.51 -15.77 4.00
CA LEU D 205 12.33 -16.98 3.93
C LEU D 205 13.72 -16.56 4.38
N ALA D 206 14.10 -16.98 5.58
CA ALA D 206 15.35 -16.56 6.19
C ALA D 206 16.37 -17.70 6.17
N LEU D 207 17.60 -17.37 5.83
CA LEU D 207 18.72 -18.30 5.90
C LEU D 207 19.70 -17.75 6.93
N THR D 208 19.79 -18.41 8.08
CA THR D 208 20.79 -18.08 9.08
C THR D 208 21.94 -19.08 9.00
N TYR D 209 23.16 -18.59 9.16
CA TYR D 209 24.34 -19.45 9.04
C TYR D 209 25.51 -18.78 9.73
N GLY D 210 26.47 -19.61 10.15
CA GLY D 210 27.57 -19.12 10.95
C GLY D 210 28.81 -18.74 10.17
N SER D 211 28.97 -19.30 8.96
CA SER D 211 30.15 -19.08 8.14
C SER D 211 31.40 -19.44 8.93
N LYS D 212 32.21 -18.45 9.29
CA LYS D 212 33.46 -18.68 9.99
C LYS D 212 33.42 -18.22 11.44
N LEU D 213 32.23 -18.15 12.04
CA LEU D 213 32.09 -17.60 13.38
C LEU D 213 31.52 -18.57 14.41
N THR D 214 31.05 -19.74 14.00
CA THR D 214 30.38 -20.66 14.91
C THR D 214 31.14 -21.99 14.99
N GLY D 215 30.73 -22.81 15.95
CA GLY D 215 31.32 -24.13 16.13
C GLY D 215 32.63 -24.09 16.88
N ASP D 216 33.61 -24.86 16.41
CA ASP D 216 34.91 -24.89 17.08
C ASP D 216 35.53 -23.51 17.11
N ILE D 217 35.26 -22.68 16.10
CA ILE D 217 35.80 -21.32 16.09
C ILE D 217 35.29 -20.55 17.29
N GLN D 218 33.98 -20.64 17.55
CA GLN D 218 33.42 -19.99 18.73
C GLN D 218 33.92 -20.63 20.01
N GLN D 219 34.10 -21.96 19.98
CA GLN D 219 34.64 -22.65 21.14
C GLN D 219 36.05 -22.17 21.46
N GLU D 220 36.87 -21.97 20.42
CA GLU D 220 38.21 -21.42 20.64
C GLU D 220 38.12 -19.99 21.16
N LEU D 221 37.18 -19.21 20.63
CA LEU D 221 37.06 -17.81 21.05
C LEU D 221 36.50 -17.72 22.46
N SER D 222 35.63 -18.66 22.85
CA SER D 222 35.02 -18.61 24.16
C SER D 222 35.98 -19.01 25.28
N SER D 223 37.11 -19.63 24.96
CA SER D 223 38.12 -19.93 25.98
C SER D 223 39.08 -18.79 26.22
N LEU D 224 38.89 -17.66 25.56
CA LEU D 224 39.72 -16.47 25.76
C LEU D 224 38.99 -15.48 26.64
N SER D 225 39.77 -14.69 27.37
CA SER D 225 39.21 -13.59 28.15
C SER D 225 38.58 -12.56 27.21
N LEU D 226 37.70 -11.74 27.78
CA LEU D 226 37.08 -10.68 27.00
C LEU D 226 38.11 -9.75 26.41
N ASP D 227 39.14 -9.40 27.19
CA ASP D 227 40.16 -8.47 26.72
C ASP D 227 41.00 -9.08 25.61
N CYS D 228 41.33 -10.37 25.72
CA CYS D 228 42.13 -11.02 24.70
C CYS D 228 41.30 -11.34 23.45
N GLY D 229 40.13 -11.95 23.64
CA GLY D 229 39.33 -12.33 22.50
C GLY D 229 38.91 -11.15 21.65
N SER D 230 38.63 -10.00 22.27
CA SER D 230 38.17 -8.84 21.53
C SER D 230 39.25 -8.29 20.61
N GLN D 231 40.52 -8.52 20.92
CA GLN D 231 41.60 -7.99 20.11
C GLN D 231 41.71 -8.67 18.76
N TYR D 232 40.98 -9.77 18.54
CA TYR D 232 40.89 -10.32 17.20
C TYR D 232 40.13 -9.39 16.27
N ALA D 233 39.17 -8.64 16.79
CA ALA D 233 38.35 -7.74 15.99
C ALA D 233 39.18 -6.52 15.64
N LEU D 234 39.65 -6.47 14.39
CA LEU D 234 40.44 -5.34 13.93
C LEU D 234 39.53 -4.20 13.49
N ASP D 235 40.10 -3.01 13.40
CA ASP D 235 39.37 -1.82 12.97
C ASP D 235 39.15 -1.91 11.47
N PHE D 236 37.96 -2.37 11.07
CA PHE D 236 37.59 -2.42 9.65
C PHE D 236 36.50 -1.40 9.32
N THR D 237 36.48 -0.27 10.04
CA THR D 237 35.39 0.69 9.84
C THR D 237 35.40 1.24 8.42
N ASN D 238 36.59 1.37 7.83
CA ASN D 238 36.69 1.75 6.42
C ASN D 238 37.95 1.14 5.83
N HIS D 239 38.08 1.29 4.51
CA HIS D 239 39.22 0.71 3.80
C HIS D 239 40.53 1.26 4.33
N GLU D 240 40.56 2.54 4.67
CA GLU D 240 41.80 3.20 5.12
C GLU D 240 42.23 2.68 6.49
N ASN D 241 41.29 2.61 7.43
CA ASN D 241 41.65 2.08 8.75
C ASN D 241 41.98 0.60 8.69
N ALA D 242 41.27 -0.15 7.86
CA ALA D 242 41.49 -1.59 7.76
C ALA D 242 42.90 -1.90 7.27
N SER D 243 43.40 -1.12 6.30
CA SER D 243 44.74 -1.35 5.79
C SER D 243 45.78 -1.16 6.88
N LEU D 244 45.61 -0.14 7.72
CA LEU D 244 46.53 0.07 8.82
C LEU D 244 46.40 -1.03 9.86
N SER D 245 45.17 -1.48 10.12
CA SER D 245 44.97 -2.55 11.10
C SER D 245 45.67 -3.83 10.67
N LEU D 246 45.59 -4.19 9.39
CA LEU D 246 46.28 -5.39 8.91
C LEU D 246 47.79 -5.21 8.96
N LEU D 247 48.28 -4.04 8.53
CA LEU D 247 49.71 -3.76 8.62
C LEU D 247 50.21 -3.86 10.05
N GLU D 248 49.46 -3.31 11.01
CA GLU D 248 49.86 -3.39 12.41
C GLU D 248 49.89 -4.84 12.88
N TYR D 249 48.84 -5.60 12.55
CA TYR D 249 48.72 -6.97 13.03
C TYR D 249 49.90 -7.83 12.55
N TYR D 250 50.19 -7.77 11.25
CA TYR D 250 51.28 -8.59 10.72
C TYR D 250 52.66 -8.04 11.06
N PHE D 251 52.79 -6.74 11.32
CA PHE D 251 54.05 -6.23 11.83
C PHE D 251 54.33 -6.76 13.24
N GLU D 252 53.29 -6.84 14.07
CA GLU D 252 53.46 -7.40 15.41
C GLU D 252 53.77 -8.89 15.37
N LEU D 253 53.19 -9.62 14.40
CA LEU D 253 53.47 -11.05 14.29
C LEU D 253 54.94 -11.31 14.01
N SER D 254 55.56 -10.48 13.16
CA SER D 254 56.95 -10.67 12.77
C SER D 254 57.92 -10.39 13.93
N ASN D 255 57.50 -9.62 14.92
CA ASN D 255 58.32 -9.24 16.07
C ASN D 255 59.57 -8.46 15.68
N LEU D 256 59.53 -7.79 14.54
CA LEU D 256 60.59 -6.88 14.13
C LEU D 256 60.48 -5.56 14.90
N THR D 257 61.61 -4.86 15.00
CA THR D 257 61.55 -3.46 15.39
C THR D 257 61.25 -2.59 14.18
N LYS D 258 60.89 -1.34 14.44
CA LYS D 258 60.69 -0.39 13.34
C LYS D 258 61.98 -0.23 12.54
N GLU D 259 63.13 -0.14 13.22
CA GLU D 259 64.40 0.02 12.54
C GLU D 259 64.72 -1.20 11.68
N LYS D 260 64.59 -2.40 12.26
CA LYS D 260 64.83 -3.60 11.48
C LYS D 260 63.84 -3.75 10.34
N PHE D 261 62.57 -3.35 10.59
CA PHE D 261 61.58 -3.31 9.52
C PHE D 261 62.02 -2.36 8.41
N ALA D 262 62.56 -1.20 8.78
CA ALA D 262 63.01 -0.23 7.79
C ALA D 262 64.19 -0.77 6.98
N LYS D 263 65.19 -1.36 7.65
CA LYS D 263 66.35 -1.88 6.94
C LYS D 263 65.95 -3.03 6.00
N ARG D 264 64.99 -3.86 6.42
CA ARG D 264 64.59 -5.00 5.60
C ARG D 264 63.86 -4.54 4.35
N THR D 265 63.06 -3.49 4.46
CA THR D 265 62.30 -2.96 3.32
C THR D 265 63.04 -1.92 2.52
N ASN D 266 64.16 -1.39 3.03
CA ASN D 266 64.82 -0.21 2.45
C ASN D 266 63.89 1.00 2.44
N PHE D 267 62.95 1.06 3.38
CA PHE D 267 62.10 2.23 3.57
C PHE D 267 62.71 3.10 4.67
N SER D 268 62.49 4.40 4.57
CA SER D 268 62.96 5.30 5.62
C SER D 268 62.05 5.21 6.84
N MET D 269 62.62 5.59 7.99
CA MET D 269 61.82 5.67 9.22
C MET D 269 60.69 6.68 9.10
N GLU D 270 60.91 7.75 8.33
CA GLU D 270 59.85 8.74 8.10
C GLU D 270 58.75 8.15 7.23
N THR D 271 59.11 7.38 6.21
CA THR D 271 58.11 6.69 5.40
C THR D 271 57.29 5.73 6.25
N LEU D 272 57.93 5.04 7.20
CA LEU D 272 57.20 4.13 8.06
C LEU D 272 56.28 4.87 9.03
N ALA D 273 56.74 6.00 9.57
CA ALA D 273 55.89 6.76 10.49
C ALA D 273 54.63 7.27 9.79
N ASP D 274 54.73 7.57 8.49
CA ASP D 274 53.55 7.97 7.73
C ASP D 274 52.58 6.80 7.56
N PHE D 275 53.10 5.58 7.40
CA PHE D 275 52.23 4.41 7.24
C PHE D 275 51.51 4.09 8.53
N PHE D 276 52.22 4.10 9.65
CA PHE D 276 51.65 3.74 10.94
C PHE D 276 50.79 4.84 11.54
N THR D 277 50.79 6.03 10.96
CA THR D 277 49.91 7.12 11.39
C THR D 277 48.86 7.44 10.34
N LYS D 278 48.70 6.60 9.33
CA LYS D 278 47.70 6.72 8.27
C LYS D 278 47.88 7.98 7.43
N LYS D 279 48.99 8.71 7.58
CA LYS D 279 49.22 9.90 6.76
C LYS D 279 49.40 9.54 5.29
N LYS D 280 49.98 8.38 5.00
CA LYS D 280 50.15 7.91 3.63
C LYS D 280 49.68 6.46 3.55
N LEU D 281 49.08 6.11 2.43
CA LEU D 281 48.61 4.74 2.24
C LEU D 281 49.59 3.98 1.37
N PRO D 282 50.07 2.81 1.81
CA PRO D 282 51.03 2.06 0.99
C PRO D 282 50.40 1.65 -0.33
N THR D 283 51.17 1.79 -1.40
CA THR D 283 50.73 1.33 -2.70
C THR D 283 50.76 -0.20 -2.78
N PHE D 284 50.25 -0.74 -3.88
CA PHE D 284 50.28 -2.19 -4.04
C PHE D 284 51.70 -2.69 -4.18
N ASP D 285 52.54 -1.95 -4.89
CA ASP D 285 53.95 -2.33 -5.02
C ASP D 285 54.66 -2.27 -3.67
N GLU D 286 54.40 -1.22 -2.88
CA GLU D 286 54.99 -1.12 -1.55
C GLU D 286 54.50 -2.22 -0.61
N LEU D 287 53.23 -2.63 -0.76
CA LEU D 287 52.69 -3.67 0.11
C LEU D 287 53.43 -4.99 -0.08
N LYS D 288 53.73 -5.35 -1.32
CA LYS D 288 54.48 -6.57 -1.56
C LYS D 288 55.87 -6.50 -0.94
N ILE D 289 56.50 -5.33 -0.99
CA ILE D 289 57.78 -5.14 -0.32
C ILE D 289 57.62 -5.28 1.18
N ILE D 290 56.55 -4.69 1.73
CA ILE D 290 56.25 -4.84 3.15
C ILE D 290 55.94 -6.29 3.47
N ALA D 291 55.18 -6.96 2.60
CA ALA D 291 54.79 -8.35 2.84
C ALA D 291 56.00 -9.27 2.94
N LYS D 292 56.94 -9.14 1.99
CA LYS D 292 58.12 -10.00 2.02
C LYS D 292 58.94 -9.78 3.29
N ALA D 293 59.00 -8.53 3.76
CA ALA D 293 59.73 -8.27 4.99
C ALA D 293 59.01 -8.84 6.20
N LEU D 294 57.68 -8.98 6.12
CA LEU D 294 56.90 -9.57 7.18
C LEU D 294 56.63 -11.05 6.96
N ASN D 295 57.19 -11.62 5.88
CA ASN D 295 57.07 -13.05 5.58
C ASN D 295 55.62 -13.48 5.43
N VAL D 296 54.81 -12.62 4.82
CA VAL D 296 53.42 -12.90 4.53
C VAL D 296 53.16 -12.53 3.07
N ASN D 297 51.92 -12.78 2.63
CA ASN D 297 51.51 -12.42 1.29
C ASN D 297 50.86 -11.06 1.27
N SER D 298 50.95 -10.39 0.11
CA SER D 298 50.31 -9.09 -0.04
C SER D 298 48.79 -9.18 0.10
N ARG D 299 48.19 -10.30 -0.33
CA ARG D 299 46.77 -10.49 -0.10
C ARG D 299 46.43 -10.56 1.38
N ASP D 300 47.39 -10.99 2.22
CA ASP D 300 47.13 -11.04 3.65
C ASP D 300 47.09 -9.64 4.25
N LEU D 301 47.77 -8.68 3.62
CA LEU D 301 47.75 -7.30 4.08
C LEU D 301 46.63 -6.48 3.43
N MET D 302 45.98 -7.00 2.40
CA MET D 302 44.96 -6.22 1.72
C MET D 302 43.65 -6.30 2.48
N PRO D 303 42.98 -5.19 2.71
CA PRO D 303 41.61 -5.23 3.21
C PRO D 303 40.65 -5.48 2.06
N ASN D 304 39.39 -5.69 2.41
CA ASN D 304 38.35 -5.70 1.39
C ASN D 304 38.31 -4.37 0.66
N ASP D 305 37.95 -4.43 -0.63
CA ASP D 305 37.98 -3.23 -1.47
C ASP D 305 37.18 -2.08 -0.86
N LEU D 306 36.09 -2.39 -0.17
CA LEU D 306 35.34 -1.40 0.59
C LEU D 306 34.69 -2.08 1.77
N THR D 307 34.28 -1.27 2.75
CA THR D 307 33.52 -1.77 3.88
C THR D 307 32.04 -1.61 3.57
N GLU D 308 31.30 -2.72 3.63
CA GLU D 308 29.88 -2.68 3.32
C GLU D 308 29.09 -2.21 4.55
N SER D 309 27.89 -1.70 4.28
CA SER D 309 26.98 -1.34 5.35
C SER D 309 26.63 -2.57 6.18
N LYS D 310 26.30 -2.33 7.46
CA LYS D 310 25.90 -3.43 8.33
C LYS D 310 24.59 -4.05 7.88
N VAL D 311 23.69 -3.27 7.30
CA VAL D 311 22.41 -3.75 6.80
C VAL D 311 22.35 -3.46 5.31
N ILE D 312 22.10 -4.50 4.52
CA ILE D 312 21.97 -4.37 3.06
C ILE D 312 20.52 -4.68 2.70
N VAL D 313 19.85 -3.72 2.06
CA VAL D 313 18.47 -3.90 1.61
C VAL D 313 18.45 -3.72 0.11
N LYS D 314 17.79 -4.64 -0.60
CA LYS D 314 17.74 -4.60 -2.05
C LYS D 314 16.33 -4.96 -2.51
N THR D 315 15.66 -4.01 -3.15
CA THR D 315 14.34 -4.27 -3.69
C THR D 315 14.43 -5.05 -5.00
N HIS D 316 13.33 -5.69 -5.36
CA HIS D 316 13.34 -6.57 -6.53
C HIS D 316 13.68 -5.79 -7.79
N ASP D 317 13.18 -4.55 -7.89
CA ASP D 317 13.45 -3.72 -9.05
C ASP D 317 14.94 -3.40 -9.20
N GLN D 318 15.69 -3.46 -8.11
CA GLN D 318 17.11 -3.16 -8.13
C GLN D 318 17.97 -4.37 -8.49
N CYS D 319 17.35 -5.53 -8.72
CA CYS D 319 18.10 -6.74 -9.01
C CYS D 319 18.50 -6.78 -10.48
N ASP D 320 19.80 -6.78 -10.73
CA ASP D 320 20.25 -7.05 -12.09
C ASP D 320 19.92 -8.49 -12.45
N HIS D 321 19.77 -8.74 -13.74
CA HIS D 321 19.39 -10.08 -14.17
C HIS D 321 19.97 -10.37 -15.56
N TRP D 322 20.00 -11.67 -15.88
CA TRP D 322 20.57 -12.14 -17.13
C TRP D 322 20.08 -13.56 -17.39
N LYS D 323 20.12 -13.96 -18.66
CA LYS D 323 19.75 -15.30 -19.05
C LYS D 323 20.93 -16.24 -18.88
N TYR D 324 20.64 -17.48 -18.48
CA TYR D 324 21.68 -18.49 -18.32
C TYR D 324 21.14 -19.86 -18.70
N PRO D 325 21.95 -20.65 -19.43
CA PRO D 325 23.25 -20.24 -20.00
C PRO D 325 23.10 -19.49 -21.33
N GLU D 326 24.06 -19.69 -22.24
CA GLU D 326 23.96 -19.10 -23.56
C GLU D 326 22.71 -19.59 -24.28
N SER D 327 22.35 -20.86 -24.09
CA SER D 327 21.14 -21.40 -24.73
C SER D 327 19.89 -20.74 -24.19
N GLY D 328 19.87 -20.36 -22.91
CA GLY D 328 18.80 -19.56 -22.36
C GLY D 328 17.78 -20.27 -21.50
N ASN D 329 18.14 -21.38 -20.85
CA ASN D 329 17.18 -22.11 -20.04
C ASN D 329 16.65 -21.30 -18.85
N TYR D 330 17.47 -20.43 -18.26
CA TYR D 330 17.10 -19.74 -17.03
C TYR D 330 17.22 -18.24 -17.17
N GLU D 331 16.57 -17.55 -16.24
CA GLU D 331 16.74 -16.11 -15.99
C GLU D 331 17.11 -15.94 -14.53
N PHE D 332 18.34 -15.53 -14.27
CA PHE D 332 18.85 -15.33 -12.91
C PHE D 332 18.58 -13.89 -12.46
N TYR D 333 18.03 -13.73 -11.26
CA TYR D 333 17.86 -12.42 -10.65
C TYR D 333 18.77 -12.32 -9.44
N GLU D 334 19.66 -11.34 -9.44
CA GLU D 334 20.71 -11.24 -8.43
C GLU D 334 20.14 -10.52 -7.21
N LEU D 335 19.96 -11.25 -6.11
CA LEU D 335 19.36 -10.69 -4.90
C LEU D 335 20.42 -9.98 -4.07
N ALA D 336 20.07 -9.64 -2.83
CA ALA D 336 20.98 -8.90 -1.97
C ALA D 336 22.26 -9.71 -1.72
N SER D 337 23.36 -8.99 -1.61
CA SER D 337 24.65 -9.61 -1.33
C SER D 337 25.59 -8.57 -0.74
N THR D 338 26.68 -9.04 -0.16
CA THR D 338 27.71 -8.18 0.41
C THR D 338 29.08 -8.78 0.17
N THR D 339 30.05 -7.93 -0.16
CA THR D 339 31.42 -8.41 -0.32
C THR D 339 32.07 -8.79 1.01
N ALA D 340 31.42 -8.52 2.14
CA ALA D 340 31.89 -9.06 3.41
C ALA D 340 31.77 -10.58 3.44
N LEU D 341 30.86 -11.14 2.63
CA LEU D 341 30.69 -12.58 2.49
C LEU D 341 30.79 -12.92 1.01
N PRO D 342 31.99 -12.96 0.45
CA PRO D 342 32.13 -13.20 -0.99
C PRO D 342 31.63 -14.57 -1.43
N HIS D 343 31.41 -15.50 -0.49
CA HIS D 343 30.94 -16.84 -0.82
C HIS D 343 29.45 -17.02 -0.57
N SER D 344 28.73 -15.96 -0.22
CA SER D 344 27.29 -16.01 -0.03
C SER D 344 26.62 -15.43 -1.27
N LYS D 345 25.89 -16.28 -1.99
CA LYS D 345 25.20 -15.89 -3.20
C LYS D 345 23.71 -16.11 -3.02
N ALA D 346 22.92 -15.19 -3.57
CA ALA D 346 21.46 -15.27 -3.49
C ALA D 346 20.87 -14.95 -4.84
N PHE D 347 20.00 -15.82 -5.33
CA PHE D 347 19.44 -15.68 -6.66
C PHE D 347 17.95 -15.96 -6.64
N GLU D 348 17.26 -15.31 -7.56
CA GLU D 348 15.90 -15.66 -7.95
C GLU D 348 15.99 -16.19 -9.38
N ILE D 349 15.56 -17.43 -9.59
CA ILE D 349 15.70 -18.09 -10.89
C ILE D 349 14.32 -18.31 -11.47
N ASP D 350 14.07 -17.72 -12.64
CA ASP D 350 12.92 -18.07 -13.46
C ASP D 350 13.31 -19.23 -14.36
N VAL D 351 12.63 -20.36 -14.21
CA VAL D 351 12.89 -21.56 -14.98
C VAL D 351 11.92 -21.63 -16.15
N SER D 352 12.47 -21.77 -17.37
CA SER D 352 11.67 -21.98 -18.58
C SER D 352 12.50 -22.88 -19.50
N SER D 353 12.51 -24.17 -19.19
CA SER D 353 13.30 -25.15 -19.95
C SER D 353 12.57 -26.49 -19.89
N SER D 354 12.46 -27.14 -21.05
CA SER D 354 11.78 -28.43 -21.14
C SER D 354 12.65 -29.56 -20.61
N GLU D 355 11.99 -30.66 -20.24
CA GLU D 355 12.60 -31.81 -19.58
C GLU D 355 13.90 -32.23 -20.24
N ASP D 356 15.00 -31.67 -19.78
CA ASP D 356 16.33 -31.88 -20.35
C ASP D 356 17.26 -32.45 -19.28
N LEU D 357 18.23 -33.24 -19.72
CA LEU D 357 19.22 -33.83 -18.82
C LEU D 357 20.58 -33.16 -18.95
N ASN D 358 20.68 -32.09 -19.73
CA ASN D 358 21.92 -31.32 -19.83
C ASN D 358 22.11 -30.53 -18.54
N LEU D 359 22.94 -31.05 -17.64
CA LEU D 359 23.19 -30.42 -16.35
C LEU D 359 24.04 -29.17 -16.54
N ASP D 360 23.39 -28.01 -16.46
CA ASP D 360 24.02 -26.74 -16.82
C ASP D 360 24.40 -25.91 -15.60
N LEU D 361 24.21 -26.45 -14.39
CA LEU D 361 24.51 -25.73 -13.15
C LEU D 361 25.48 -26.55 -12.31
N LYS D 362 26.52 -25.88 -11.81
CA LYS D 362 27.48 -26.51 -10.91
C LYS D 362 28.20 -25.41 -10.16
N VAL D 363 28.18 -25.49 -8.83
CA VAL D 363 28.77 -24.46 -8.00
C VAL D 363 29.41 -25.12 -6.79
N GLY D 364 30.56 -24.59 -6.37
CA GLY D 364 31.25 -25.10 -5.20
C GLY D 364 30.81 -24.47 -3.90
N LEU D 365 29.50 -24.50 -3.64
CA LEU D 365 28.93 -23.97 -2.42
C LEU D 365 27.76 -24.84 -1.99
N HIS D 366 27.49 -24.83 -0.68
CA HIS D 366 26.24 -25.40 -0.19
C HIS D 366 25.06 -24.59 -0.71
N GLN D 367 23.96 -25.27 -1.02
CA GLN D 367 22.82 -24.62 -1.62
C GLN D 367 21.54 -24.95 -0.87
N TYR D 368 20.70 -23.93 -0.69
CA TYR D 368 19.34 -24.08 -0.17
C TYR D 368 18.38 -23.63 -1.26
N VAL D 369 17.38 -24.46 -1.55
CA VAL D 369 16.44 -24.22 -2.64
C VAL D 369 15.03 -24.22 -2.06
N TYR D 370 14.18 -23.34 -2.60
CA TYR D 370 12.78 -23.28 -2.20
C TYR D 370 11.96 -22.91 -3.42
N ASN D 371 10.86 -23.64 -3.65
CA ASN D 371 9.99 -23.37 -4.79
C ASN D 371 9.01 -22.28 -4.38
N ILE D 372 9.28 -21.05 -4.82
CA ILE D 372 8.45 -19.90 -4.47
C ILE D 372 7.34 -19.64 -5.46
N GLY D 373 7.23 -20.43 -6.53
CA GLY D 373 6.20 -20.26 -7.52
C GLY D 373 4.96 -21.07 -7.21
N ASP D 374 4.04 -21.09 -8.17
CA ASP D 374 2.78 -21.81 -8.01
C ASP D 374 2.73 -23.09 -8.84
N SER D 375 3.81 -23.45 -9.51
CA SER D 375 3.85 -24.62 -10.36
C SER D 375 4.97 -25.55 -9.92
N ALA D 376 4.78 -26.84 -10.15
CA ALA D 376 5.79 -27.83 -9.79
C ALA D 376 6.97 -27.74 -10.75
N LEU D 377 8.13 -28.16 -10.26
CA LEU D 377 9.35 -28.15 -11.05
C LEU D 377 10.04 -29.50 -10.91
N THR D 378 10.99 -29.74 -11.80
CA THR D 378 11.77 -30.96 -11.81
C THR D 378 13.24 -30.59 -11.57
N ILE D 379 13.88 -31.31 -10.67
CA ILE D 379 15.30 -31.15 -10.40
C ILE D 379 16.02 -32.40 -10.90
N ASN D 380 17.03 -32.20 -11.73
CA ASN D 380 17.91 -33.26 -12.21
C ASN D 380 19.31 -33.03 -11.68
N TRP D 381 19.98 -34.09 -11.27
CA TRP D 381 21.35 -33.94 -10.79
C TRP D 381 22.09 -35.27 -10.90
N ASN D 382 23.41 -35.17 -10.86
CA ASN D 382 24.31 -36.32 -10.90
C ASN D 382 25.12 -36.36 -9.62
N TYR D 383 25.27 -37.55 -9.05
CA TYR D 383 26.05 -37.70 -7.83
C TYR D 383 26.54 -39.14 -7.73
N GLU D 384 27.85 -39.29 -7.53
CA GLU D 384 28.48 -40.62 -7.46
C GLU D 384 28.18 -41.42 -8.73
N ASN D 385 28.35 -40.76 -9.88
CA ASN D 385 28.21 -41.36 -11.21
C ASN D 385 26.80 -41.86 -11.49
N LYS D 386 25.82 -41.44 -10.69
CA LYS D 386 24.43 -41.79 -10.91
C LYS D 386 23.60 -40.52 -11.10
N THR D 387 22.65 -40.55 -12.02
CA THR D 387 21.76 -39.43 -12.30
C THR D 387 20.39 -39.69 -11.68
N TYR D 388 19.84 -38.69 -11.02
CA TYR D 388 18.57 -38.80 -10.32
C TYR D 388 17.61 -37.77 -10.89
N GLN D 389 16.33 -37.95 -10.61
CA GLN D 389 15.30 -37.01 -11.04
C GLN D 389 14.15 -37.05 -10.04
N LYS D 390 13.81 -35.88 -9.49
CA LYS D 390 12.72 -35.77 -8.53
C LYS D 390 11.96 -34.48 -8.80
N SER D 391 10.70 -34.44 -8.35
CA SER D 391 9.86 -33.27 -8.54
C SER D 391 9.94 -32.36 -7.32
N LEU D 392 9.99 -31.05 -7.59
CA LEU D 392 10.04 -30.02 -6.56
C LEU D 392 8.77 -29.20 -6.66
N ASN D 393 7.78 -29.55 -5.84
CA ASN D 393 6.46 -28.91 -5.86
C ASN D 393 6.50 -27.54 -5.17
N PRO D 394 5.48 -26.71 -5.40
CA PRO D 394 5.39 -25.44 -4.66
C PRO D 394 5.40 -25.68 -3.17
N GLY D 395 6.27 -24.95 -2.47
CA GLY D 395 6.46 -25.13 -1.05
C GLY D 395 7.50 -26.16 -0.67
N ASP D 396 8.01 -26.92 -1.64
CA ASP D 396 9.09 -27.86 -1.37
C ASP D 396 10.42 -27.12 -1.30
N SER D 397 11.32 -27.65 -0.48
CA SER D 397 12.66 -27.09 -0.33
C SER D 397 13.69 -28.20 -0.49
N ALA D 398 14.92 -27.80 -0.80
CA ALA D 398 15.97 -28.77 -1.03
C ALA D 398 17.30 -28.23 -0.54
N TYR D 399 18.17 -29.14 -0.11
CA TYR D 399 19.58 -28.86 0.15
C TYR D 399 20.41 -29.61 -0.88
N ILE D 400 21.35 -28.90 -1.50
CA ILE D 400 22.22 -29.45 -2.54
C ILE D 400 23.66 -29.38 -2.06
N LYS D 401 24.37 -30.51 -2.13
CA LYS D 401 25.76 -30.56 -1.72
C LYS D 401 26.64 -29.80 -2.73
N PRO D 402 27.79 -29.32 -2.29
CA PRO D 402 28.68 -28.57 -3.19
C PRO D 402 29.13 -29.38 -4.40
N PHE D 403 29.27 -28.69 -5.52
CA PHE D 403 29.80 -29.22 -6.78
C PHE D 403 28.93 -30.30 -7.41
N VAL D 404 27.71 -30.51 -6.91
CA VAL D 404 26.79 -31.46 -7.53
C VAL D 404 26.30 -30.85 -8.84
N PRO D 405 26.61 -31.43 -9.99
CA PRO D 405 26.06 -30.90 -11.25
C PRO D 405 24.57 -31.17 -11.34
N HIS D 406 23.81 -30.16 -11.74
CA HIS D 406 22.36 -30.24 -11.66
C HIS D 406 21.73 -29.24 -12.62
N ASN D 407 20.41 -29.35 -12.78
CA ASN D 407 19.63 -28.35 -13.50
C ASN D 407 18.23 -28.29 -12.90
N PHE D 408 17.45 -27.31 -13.37
CA PHE D 408 16.03 -27.19 -13.05
C PHE D 408 15.23 -27.12 -14.34
N ARG D 409 14.12 -27.85 -14.39
CA ARG D 409 13.36 -27.99 -15.62
C ARG D 409 11.87 -27.74 -15.36
N GLY D 410 11.21 -27.11 -16.33
CA GLY D 410 9.82 -26.73 -16.21
C GLY D 410 9.60 -25.24 -16.35
N ASN D 411 8.45 -24.76 -15.89
CA ASN D 411 8.15 -23.33 -15.85
C ASN D 411 7.76 -22.96 -14.44
N GLY D 412 8.61 -22.18 -13.77
CA GLY D 412 8.33 -21.79 -12.41
C GLY D 412 9.42 -20.89 -11.87
N LYS D 413 9.41 -20.71 -10.56
CA LYS D 413 10.33 -19.82 -9.88
C LYS D 413 10.84 -20.49 -8.61
N ILE D 414 12.15 -20.41 -8.38
CA ILE D 414 12.78 -20.95 -7.19
C ILE D 414 13.67 -19.90 -6.57
N LEU D 415 13.85 -20.02 -5.26
CA LEU D 415 14.81 -19.22 -4.51
C LEU D 415 16.06 -20.06 -4.30
N ILE D 416 17.22 -19.51 -4.65
CA ILE D 416 18.49 -20.22 -4.54
C ILE D 416 19.41 -19.41 -3.64
N LEU D 417 19.83 -20.02 -2.53
CA LEU D 417 20.77 -19.42 -1.59
C LEU D 417 22.00 -20.31 -1.49
N ARG D 418 23.17 -19.73 -1.73
CA ARG D 418 24.43 -20.45 -1.73
C ARG D 418 25.38 -19.87 -0.68
N ILE D 419 25.93 -20.74 0.17
CA ILE D 419 26.91 -20.32 1.17
C ILE D 419 28.12 -21.24 1.11
N GLY D 420 29.27 -20.70 1.50
CA GLY D 420 30.52 -21.44 1.49
C GLY D 420 30.82 -22.30 2.70
N GLY D 421 30.12 -22.05 3.80
CA GLY D 421 30.32 -22.70 5.10
C GLY D 421 31.65 -23.37 5.42
N LYS D 422 32.56 -22.61 6.03
CA LYS D 422 33.84 -23.08 6.55
C LYS D 422 34.82 -23.69 5.55
N ILE D 423 34.39 -24.05 4.35
CA ILE D 423 35.31 -24.66 3.40
C ILE D 423 35.90 -23.62 2.46
N SER D 424 35.04 -22.80 1.87
CA SER D 424 35.49 -21.78 0.93
C SER D 424 36.36 -20.75 1.64
N GLY D 425 37.43 -20.32 0.98
CA GLY D 425 38.34 -19.36 1.58
C GLY D 425 39.65 -19.97 2.04
N ASP D 426 39.98 -19.77 3.32
CA ASP D 426 41.27 -20.21 3.84
C ASP D 426 41.43 -21.72 3.72
N SER D 427 40.42 -22.48 4.13
CA SER D 427 40.51 -23.93 4.05
C SER D 427 40.69 -24.38 2.61
N GLN D 428 39.94 -23.77 1.68
CA GLN D 428 40.08 -24.11 0.27
C GLN D 428 41.49 -23.80 -0.24
N ARG D 429 42.03 -22.63 0.13
CA ARG D 429 43.36 -22.26 -0.32
C ARG D 429 44.43 -23.13 0.34
N GLU D 430 44.26 -23.45 1.62
CA GLU D 430 45.22 -24.31 2.30
C GLU D 430 45.22 -25.71 1.71
N LEU D 431 44.04 -26.24 1.39
CA LEU D 431 43.97 -27.52 0.69
C LEU D 431 44.65 -27.45 -0.67
N SER D 432 44.56 -26.29 -1.34
CA SER D 432 45.19 -26.13 -2.65
C SER D 432 46.72 -26.20 -2.53
N PHE D 433 47.29 -25.66 -1.46
CA PHE D 433 48.73 -25.75 -1.23
C PHE D 433 49.17 -27.14 -0.79
N VAL D 434 48.23 -27.99 -0.37
CA VAL D 434 48.60 -29.37 -0.03
C VAL D 434 49.19 -30.05 -1.25
N GLY D 435 48.72 -29.71 -2.44
CA GLY D 435 49.36 -30.22 -3.63
C GLY D 435 48.49 -31.18 -4.40
N ARG D 436 48.75 -31.26 -5.71
CA ARG D 436 47.99 -32.13 -6.60
C ARG D 436 48.33 -33.60 -6.40
N GLU D 437 49.54 -33.91 -5.89
CA GLU D 437 49.98 -35.29 -5.74
C GLU D 437 48.87 -36.22 -5.26
N ASN D 438 48.14 -35.79 -4.23
CA ASN D 438 46.92 -36.46 -3.78
C ASN D 438 46.26 -35.59 -2.71
N THR D 439 44.95 -35.39 -2.82
CA THR D 439 44.23 -34.60 -1.84
C THR D 439 43.94 -35.46 -0.60
N GLN D 440 43.19 -34.87 0.34
CA GLN D 440 42.76 -35.61 1.52
C GLN D 440 41.67 -36.60 1.11
N ARG D 441 41.08 -37.27 2.10
CA ARG D 441 40.04 -38.28 1.88
C ARG D 441 40.56 -39.43 1.00
N ASP E 10 -38.80 -37.97 40.20
CA ASP E 10 -37.97 -36.77 40.10
C ASP E 10 -36.56 -37.13 39.62
N SER E 11 -35.91 -38.02 40.35
CA SER E 11 -34.60 -38.51 39.93
C SER E 11 -34.69 -39.19 38.56
N TYR E 12 -35.80 -39.86 38.28
CA TYR E 12 -35.99 -40.49 36.97
C TYR E 12 -36.16 -39.44 35.88
N LEU E 13 -37.02 -38.44 36.11
CA LEU E 13 -37.26 -37.43 35.10
C LEU E 13 -36.02 -36.61 34.82
N ILE E 14 -35.23 -36.30 35.85
CA ILE E 14 -33.99 -35.56 35.66
C ILE E 14 -33.06 -36.30 34.71
N ARG E 15 -32.91 -37.61 34.92
CA ARG E 15 -32.06 -38.41 34.04
C ARG E 15 -32.68 -38.54 32.64
N SER E 16 -34.00 -38.75 32.58
CA SER E 16 -34.66 -38.88 31.29
C SER E 16 -34.55 -37.60 30.48
N GLY E 17 -34.79 -36.45 31.13
CA GLY E 17 -34.64 -35.18 30.43
C GLY E 17 -33.20 -34.93 30.00
N ASN E 18 -32.25 -35.35 30.83
CA ASN E 18 -30.85 -35.28 30.44
C ASN E 18 -30.58 -36.11 29.19
N ASN E 19 -31.16 -37.31 29.12
CA ASN E 19 -30.98 -38.17 27.96
C ASN E 19 -31.66 -37.58 26.73
N PHE E 20 -32.81 -36.91 26.91
CA PHE E 20 -33.49 -36.29 25.78
C PHE E 20 -32.65 -35.16 25.19
N LEU E 21 -32.02 -34.36 26.04
CA LEU E 21 -31.13 -33.32 25.54
C LEU E 21 -29.96 -33.93 24.79
N GLY E 22 -29.48 -35.08 25.25
CA GLY E 22 -28.43 -35.77 24.53
C GLY E 22 -28.87 -36.23 23.15
N ILE E 23 -30.13 -36.65 23.03
CA ILE E 23 -30.68 -37.03 21.73
C ILE E 23 -30.73 -35.82 20.80
N LEU E 24 -31.17 -34.67 21.32
CA LEU E 24 -31.21 -33.46 20.50
C LEU E 24 -29.80 -33.03 20.07
N ASN E 25 -28.82 -33.18 20.96
CA ASN E 25 -27.45 -32.81 20.61
C ASN E 25 -26.90 -33.71 19.51
N ASP E 26 -27.23 -35.01 19.55
CA ASP E 26 -26.70 -35.93 18.54
C ASP E 26 -27.30 -35.68 17.16
N ILE E 27 -28.54 -35.19 17.09
CA ILE E 27 -29.18 -34.86 15.82
C ILE E 27 -29.06 -33.38 15.49
N LYS E 28 -28.28 -32.62 16.26
CA LYS E 28 -28.02 -31.21 15.99
C LYS E 28 -29.31 -30.40 15.95
N ARG E 29 -30.02 -30.41 17.09
CA ARG E 29 -31.26 -29.67 17.25
C ARG E 29 -31.24 -28.91 18.56
N ARG E 30 -31.53 -27.62 18.50
CA ARG E 30 -31.73 -26.83 19.70
C ARG E 30 -33.09 -27.14 20.31
N PRO E 31 -33.26 -26.91 21.61
CA PRO E 31 -34.61 -26.98 22.20
C PRO E 31 -35.62 -26.14 21.45
N GLU E 32 -35.20 -25.02 20.86
CA GLU E 32 -36.10 -24.22 20.03
C GLU E 32 -36.34 -24.90 18.69
N ASP E 33 -35.33 -25.58 18.15
CA ASP E 33 -35.50 -26.27 16.88
C ASP E 33 -36.41 -27.48 17.03
N ALA E 34 -36.21 -28.26 18.10
CA ALA E 34 -37.04 -29.45 18.31
C ALA E 34 -38.51 -29.09 18.50
N ALA E 35 -38.78 -27.95 19.13
CA ALA E 35 -40.17 -27.53 19.34
C ALA E 35 -40.88 -27.30 18.03
N ASN E 36 -40.19 -26.67 17.06
CA ASN E 36 -40.82 -26.39 15.77
C ASN E 36 -41.07 -27.67 14.98
N GLU E 37 -40.06 -28.56 14.94
CA GLU E 37 -40.19 -29.78 14.16
C GLU E 37 -41.19 -30.75 14.77
N LEU E 38 -41.40 -30.67 16.08
CA LEU E 38 -42.34 -31.54 16.79
C LEU E 38 -43.71 -30.90 16.98
N GLY E 39 -43.90 -29.67 16.53
CA GLY E 39 -45.16 -28.98 16.74
C GLY E 39 -45.53 -28.85 18.20
N VAL E 40 -44.56 -28.50 19.04
CA VAL E 40 -44.74 -28.51 20.47
C VAL E 40 -44.18 -27.21 21.05
N SER E 41 -44.58 -26.91 22.28
CA SER E 41 -44.16 -25.67 22.93
C SER E 41 -42.68 -25.72 23.28
N ILE E 42 -41.99 -24.60 23.05
CA ILE E 42 -40.59 -24.51 23.43
C ILE E 42 -40.43 -24.64 24.93
N GLU E 43 -41.41 -24.18 25.70
CA GLU E 43 -41.35 -24.35 27.15
C GLU E 43 -41.49 -25.81 27.54
N GLU E 44 -42.24 -26.60 26.77
CA GLU E 44 -42.35 -28.03 27.09
C GLU E 44 -41.02 -28.74 26.88
N ILE E 45 -40.28 -28.39 25.83
CA ILE E 45 -38.98 -29.01 25.62
C ILE E 45 -38.05 -28.72 26.79
N ASN E 46 -38.03 -27.46 27.25
CA ASN E 46 -37.25 -27.14 28.45
C ASN E 46 -37.82 -27.83 29.68
N SER E 47 -39.15 -27.99 29.73
CA SER E 47 -39.77 -28.65 30.87
C SER E 47 -39.40 -30.12 30.93
N ILE E 48 -39.29 -30.78 29.78
CA ILE E 48 -38.84 -32.17 29.75
C ILE E 48 -37.37 -32.26 30.13
N ILE E 49 -36.54 -31.39 29.56
CA ILE E 49 -35.10 -31.45 29.79
C ILE E 49 -34.78 -31.24 31.27
N SER E 50 -35.41 -30.24 31.89
CA SER E 50 -35.23 -29.99 33.31
C SER E 50 -35.90 -31.03 34.18
N GLY E 51 -36.53 -32.04 33.59
CA GLY E 51 -37.18 -33.08 34.36
C GLY E 51 -38.46 -32.67 35.05
N LYS E 52 -39.08 -31.57 34.61
CA LYS E 52 -40.28 -31.07 35.25
C LYS E 52 -41.57 -31.72 34.75
N GLN E 53 -41.52 -32.41 33.61
CA GLN E 53 -42.68 -33.14 33.12
C GLN E 53 -42.22 -34.33 32.30
N LYS E 54 -42.94 -35.44 32.43
CA LYS E 54 -42.54 -36.68 31.78
C LYS E 54 -42.74 -36.58 30.28
N ILE E 55 -41.75 -37.08 29.53
CA ILE E 55 -41.89 -37.13 28.08
C ILE E 55 -43.03 -38.09 27.72
N SER E 56 -43.69 -37.81 26.60
CA SER E 56 -44.87 -38.57 26.26
C SER E 56 -44.60 -39.53 25.10
N PRO E 57 -45.22 -40.71 25.10
CA PRO E 57 -45.02 -41.64 23.99
C PRO E 57 -45.41 -41.07 22.64
N SER E 58 -46.39 -40.16 22.59
CA SER E 58 -46.75 -39.54 21.32
C SER E 58 -45.64 -38.66 20.79
N LEU E 59 -44.98 -37.91 21.69
CA LEU E 59 -43.87 -37.06 21.27
C LEU E 59 -42.69 -37.91 20.79
N ILE E 60 -42.45 -39.05 21.43
CA ILE E 60 -41.42 -39.96 20.97
C ILE E 60 -41.79 -40.51 19.60
N GLU E 61 -43.05 -40.93 19.45
CA GLU E 61 -43.51 -41.43 18.16
C GLU E 61 -43.38 -40.38 17.07
N LYS E 62 -43.65 -39.11 17.40
CA LYS E 62 -43.42 -38.04 16.44
C LYS E 62 -41.93 -37.85 16.17
N ALA E 63 -41.11 -37.91 17.23
CA ALA E 63 -39.67 -37.75 17.05
C ALA E 63 -39.08 -38.89 16.23
N VAL E 64 -39.53 -40.12 16.49
CA VAL E 64 -39.03 -41.27 15.74
C VAL E 64 -39.47 -41.21 14.28
N ASN E 65 -40.63 -40.61 14.00
CA ASN E 65 -41.12 -40.56 12.62
C ASN E 65 -40.40 -39.54 11.77
N ILE E 66 -39.83 -38.50 12.37
CA ILE E 66 -39.20 -37.40 11.63
C ILE E 66 -37.70 -37.34 11.82
N TRP E 67 -37.14 -38.04 12.81
CA TRP E 67 -35.73 -37.94 13.09
C TRP E 67 -35.06 -39.30 13.00
N PRO E 68 -33.71 -39.35 12.73
CA PRO E 68 -32.99 -40.63 12.75
C PRO E 68 -32.71 -41.11 14.18
N VAL E 69 -33.79 -41.31 14.93
CA VAL E 69 -33.71 -41.79 16.31
C VAL E 69 -34.68 -42.96 16.46
N ASN E 70 -34.44 -43.77 17.48
CA ASN E 70 -35.29 -44.91 17.78
C ASN E 70 -36.00 -44.71 19.11
N GLU E 71 -37.18 -45.31 19.24
CA GLU E 71 -37.91 -45.27 20.52
C GLU E 71 -37.05 -45.83 21.64
N ARG E 72 -36.21 -46.82 21.33
CA ARG E 72 -35.30 -47.40 22.31
C ARG E 72 -34.43 -46.33 22.95
N ASP E 73 -34.03 -45.31 22.17
CA ASP E 73 -33.07 -44.32 22.62
C ASP E 73 -33.63 -43.39 23.71
N PHE E 74 -34.94 -43.31 23.85
CA PHE E 74 -35.54 -42.35 24.77
C PHE E 74 -35.77 -42.89 26.18
N TYR E 75 -35.61 -44.19 26.39
CA TYR E 75 -35.88 -44.81 27.69
C TYR E 75 -34.57 -45.28 28.31
N ILE E 76 -34.25 -44.73 29.48
CA ILE E 76 -33.02 -45.08 30.18
C ILE E 76 -33.33 -46.10 31.27
N VAL E 77 -32.29 -46.73 31.79
CA VAL E 77 -32.44 -47.72 32.86
C VAL E 77 -32.26 -47.03 34.20
N SER E 78 -33.15 -47.34 35.14
CA SER E 78 -33.06 -46.80 36.50
C SER E 78 -32.38 -47.82 37.41
N ASP E 79 -31.46 -47.32 38.25
CA ASP E 79 -30.73 -48.17 39.17
C ASP E 79 -31.61 -48.57 40.35
N ASP E 80 -31.88 -49.87 40.48
CA ASP E 80 -32.64 -50.39 41.60
C ASP E 80 -31.73 -50.99 42.68
N CYS E 81 -30.43 -50.71 42.61
CA CYS E 81 -29.46 -51.25 43.56
C CYS E 81 -28.51 -50.12 43.95
N SER E 82 -29.08 -49.05 44.53
CA SER E 82 -28.29 -47.87 44.85
C SER E 82 -27.32 -48.10 46.00
N SER E 83 -27.55 -49.13 46.82
CA SER E 83 -26.63 -49.46 47.91
C SER E 83 -25.42 -50.26 47.46
N GLY E 84 -25.40 -50.71 46.21
CA GLY E 84 -24.31 -51.49 45.68
C GLY E 84 -24.54 -52.99 45.77
N ILE E 85 -25.35 -53.43 46.72
CA ILE E 85 -25.67 -54.84 46.91
C ILE E 85 -27.18 -54.93 47.14
N LEU E 86 -27.83 -55.85 46.42
CA LEU E 86 -29.25 -56.11 46.55
C LEU E 86 -29.43 -57.53 47.07
N ILE E 87 -30.17 -57.67 48.16
CA ILE E 87 -30.39 -58.95 48.82
C ILE E 87 -31.85 -59.34 48.69
N MET E 88 -32.09 -60.59 48.30
CA MET E 88 -33.43 -61.17 48.31
C MET E 88 -33.51 -62.27 49.36
N THR E 89 -34.55 -62.25 50.17
CA THR E 89 -34.69 -63.18 51.28
C THR E 89 -35.24 -64.52 50.80
N SER E 90 -34.98 -65.56 51.60
CA SER E 90 -35.57 -66.85 51.34
C SER E 90 -37.09 -66.79 51.35
N GLN E 91 -37.66 -65.93 52.20
CA GLN E 91 -39.13 -65.81 52.27
C GLN E 91 -39.69 -65.27 50.98
N ASP E 92 -39.05 -64.24 50.40
CA ASP E 92 -39.53 -63.69 49.14
C ASP E 92 -39.39 -64.70 48.01
N SER E 93 -38.32 -65.50 48.03
CA SER E 93 -38.15 -66.53 47.01
C SER E 93 -39.26 -67.56 47.10
N ILE E 94 -39.63 -67.96 48.33
CA ILE E 94 -40.71 -68.92 48.50
C ILE E 94 -42.03 -68.34 47.99
N LYS E 95 -42.27 -67.06 48.25
CA LYS E 95 -43.53 -66.43 47.81
C LYS E 95 -43.63 -66.37 46.29
N SER E 96 -42.50 -66.34 45.58
CA SER E 96 -42.53 -66.24 44.13
C SER E 96 -42.70 -67.60 43.44
N SER E 97 -42.96 -68.66 44.20
CA SER E 97 -42.98 -70.01 43.63
C SER E 97 -44.02 -70.14 42.52
N ARG E 98 -43.60 -70.74 41.41
CA ARG E 98 -44.48 -71.02 40.28
C ARG E 98 -44.17 -72.42 39.75
N ILE E 99 -45.22 -73.18 39.45
CA ILE E 99 -45.09 -74.55 38.99
C ILE E 99 -45.15 -74.56 37.47
N MET E 100 -44.11 -75.09 36.83
CA MET E 100 -44.06 -75.18 35.38
C MET E 100 -44.35 -76.61 34.94
N GLU E 101 -45.30 -76.76 34.03
CA GLU E 101 -45.74 -78.07 33.56
C GLU E 101 -45.09 -78.39 32.22
N ARG E 102 -44.78 -79.67 32.02
CA ARG E 102 -44.33 -80.17 30.73
C ARG E 102 -44.98 -81.51 30.48
N ALA E 103 -45.49 -81.70 29.25
CA ALA E 103 -46.23 -82.89 28.86
C ALA E 103 -47.44 -83.10 29.78
N GLY E 104 -48.06 -81.99 30.19
CA GLY E 104 -49.25 -82.02 31.01
C GLY E 104 -49.06 -82.37 32.47
N LYS E 105 -47.82 -82.43 32.96
CA LYS E 105 -47.54 -82.80 34.33
C LYS E 105 -46.62 -81.77 34.96
N PRO E 106 -46.73 -81.55 36.28
CA PRO E 106 -45.80 -80.64 36.96
C PRO E 106 -44.37 -81.15 36.84
N TYR E 107 -43.50 -80.30 36.32
CA TYR E 107 -42.12 -80.69 36.01
C TYR E 107 -41.08 -79.91 36.79
N TYR E 108 -41.26 -78.61 36.93
CA TYR E 108 -40.34 -77.75 37.68
C TYR E 108 -41.11 -76.92 38.69
N GLU E 109 -40.45 -76.58 39.79
CA GLU E 109 -40.86 -75.49 40.65
C GLU E 109 -39.82 -74.38 40.52
N TYR E 110 -40.24 -73.21 40.06
CA TYR E 110 -39.35 -72.08 39.87
C TYR E 110 -39.55 -71.05 40.97
N ARG E 111 -38.44 -70.46 41.42
CA ARG E 111 -38.46 -69.39 42.42
C ARG E 111 -37.49 -68.30 42.02
N ASP E 112 -37.91 -67.05 42.21
CA ASP E 112 -37.03 -65.93 41.95
C ASP E 112 -35.98 -65.79 43.03
N THR E 113 -34.78 -65.36 42.64
CA THR E 113 -33.71 -64.99 43.55
C THR E 113 -33.20 -63.62 43.14
N ALA E 114 -32.17 -63.14 43.84
CA ALA E 114 -31.70 -61.77 43.67
C ALA E 114 -31.29 -61.47 42.24
N MET E 115 -31.89 -60.44 41.66
CA MET E 115 -31.47 -59.94 40.36
C MET E 115 -31.84 -58.46 40.26
N SER E 116 -31.12 -57.75 39.39
CA SER E 116 -31.27 -56.31 39.23
C SER E 116 -31.53 -55.97 37.77
N LYS E 117 -32.29 -54.89 37.57
CA LYS E 117 -32.46 -54.35 36.21
C LYS E 117 -31.13 -53.88 35.63
N THR E 118 -30.13 -53.64 36.47
CA THR E 118 -28.78 -53.31 36.04
C THR E 118 -27.92 -54.53 35.77
N ALA E 119 -28.22 -55.65 36.42
CA ALA E 119 -27.39 -56.84 36.30
C ALA E 119 -27.69 -57.58 35.01
N PRO E 120 -26.66 -58.09 34.34
CA PRO E 120 -26.89 -58.77 33.05
C PRO E 120 -27.07 -60.28 33.19
N PHE E 121 -27.81 -60.71 34.21
CA PHE E 121 -28.10 -62.14 34.37
C PHE E 121 -29.49 -62.31 34.93
N ARG E 122 -30.00 -63.53 34.80
CA ARG E 122 -31.32 -63.92 35.30
C ARG E 122 -31.13 -65.25 36.02
N PRO E 123 -30.93 -65.22 37.33
CA PRO E 123 -30.72 -66.46 38.07
C PRO E 123 -32.03 -67.22 38.23
N GLU E 124 -31.91 -68.52 38.45
CA GLU E 124 -33.07 -69.38 38.50
C GLU E 124 -32.92 -70.43 39.60
N TRP E 125 -33.93 -70.53 40.45
CA TRP E 125 -34.04 -71.58 41.46
C TRP E 125 -35.08 -72.56 40.93
N ILE E 126 -34.66 -73.78 40.61
CA ILE E 126 -35.51 -74.72 39.88
C ILE E 126 -35.44 -76.07 40.56
N LEU E 127 -36.59 -76.52 41.08
CA LEU E 127 -36.71 -77.84 41.70
C LEU E 127 -37.20 -78.84 40.67
N GLU E 128 -36.59 -80.02 40.66
CA GLU E 128 -36.92 -81.06 39.68
C GLU E 128 -38.05 -81.90 40.24
N LEU E 129 -39.25 -81.70 39.72
CA LEU E 129 -40.43 -82.41 40.18
C LEU E 129 -40.57 -83.79 39.55
N CYS E 130 -40.00 -83.98 38.36
CA CYS E 130 -40.09 -85.26 37.67
C CYS E 130 -39.07 -86.24 38.24
N LYS E 131 -39.54 -87.42 38.64
CA LYS E 131 -38.69 -88.49 39.14
C LYS E 131 -38.63 -89.59 38.09
N VAL E 132 -37.42 -90.06 37.80
CA VAL E 132 -37.21 -91.07 36.76
C VAL E 132 -36.77 -92.37 37.42
N GLU E 133 -37.26 -93.48 36.86
CA GLU E 133 -36.99 -94.80 37.41
C GLU E 133 -35.69 -95.39 36.91
N ASN E 134 -35.02 -94.73 35.97
CA ASN E 134 -33.73 -95.18 35.48
C ASN E 134 -32.93 -93.96 35.06
N ASN E 135 -31.69 -94.20 34.67
CA ASN E 135 -30.80 -93.14 34.20
C ASN E 135 -30.57 -93.24 32.69
N ASP E 136 -31.60 -93.67 31.98
CA ASP E 136 -31.57 -93.73 30.53
C ASP E 136 -31.77 -92.32 29.98
N PRO E 137 -30.84 -91.82 29.16
CA PRO E 137 -31.03 -90.45 28.64
C PRO E 137 -32.23 -90.32 27.72
N GLU E 138 -32.69 -91.42 27.13
CA GLU E 138 -33.86 -91.42 26.27
C GLU E 138 -35.15 -91.72 27.02
N ASN E 139 -35.11 -91.71 28.35
CA ASN E 139 -36.31 -91.92 29.15
C ASN E 139 -37.38 -90.92 28.73
N PRO E 140 -38.57 -91.37 28.33
CA PRO E 140 -39.60 -90.43 27.86
C PRO E 140 -40.14 -89.52 28.96
N LYS E 141 -39.84 -89.79 30.23
CA LYS E 141 -40.27 -88.87 31.29
C LYS E 141 -39.55 -87.53 31.21
N ALA E 142 -38.30 -87.52 30.73
CA ALA E 142 -37.55 -86.27 30.61
C ALA E 142 -38.15 -85.43 29.50
N GLN E 143 -38.46 -84.17 29.81
CA GLN E 143 -39.09 -83.26 28.86
C GLN E 143 -38.09 -82.21 28.40
N TRP E 144 -37.66 -82.33 27.16
CA TRP E 144 -36.56 -81.51 26.64
C TRP E 144 -37.03 -80.16 26.15
N ASN E 145 -36.14 -79.18 26.23
CA ASN E 145 -36.28 -77.95 25.46
C ASN E 145 -35.40 -78.04 24.22
N ASN E 146 -35.47 -77.03 23.37
CA ASN E 146 -34.65 -77.00 22.17
C ASN E 146 -33.55 -75.94 22.27
N GLY E 147 -33.03 -75.73 23.48
CA GLY E 147 -32.01 -74.74 23.71
C GLY E 147 -32.56 -73.33 23.75
N HIS E 148 -31.76 -72.43 24.32
CA HIS E 148 -32.12 -71.02 24.41
C HIS E 148 -30.88 -70.17 24.20
N PHE E 149 -31.11 -68.90 23.84
CA PHE E 149 -30.06 -67.98 23.44
C PHE E 149 -29.24 -67.44 24.61
N MET E 150 -29.35 -68.04 25.79
CA MET E 150 -28.62 -67.60 26.97
C MET E 150 -27.48 -68.56 27.28
N HIS E 151 -26.37 -68.02 27.78
CA HIS E 151 -25.41 -68.85 28.47
C HIS E 151 -26.05 -69.34 29.76
N GLN E 152 -25.63 -70.52 30.21
CA GLN E 152 -26.16 -71.04 31.47
C GLN E 152 -25.08 -71.74 32.26
N PHE E 153 -24.92 -71.31 33.51
CA PHE E 153 -24.17 -72.06 34.51
C PHE E 153 -25.18 -72.70 35.45
N THR E 154 -24.86 -73.90 35.92
CA THR E 154 -25.78 -74.61 36.81
C THR E 154 -24.99 -75.26 37.94
N TYR E 155 -25.47 -75.06 39.16
CA TYR E 155 -24.94 -75.69 40.36
C TYR E 155 -25.98 -76.67 40.87
N PHE E 156 -25.53 -77.89 41.20
CA PHE E 156 -26.45 -78.97 41.53
C PHE E 156 -26.51 -79.21 43.03
N ILE E 157 -27.74 -79.36 43.53
CA ILE E 157 -28.01 -79.66 44.93
C ILE E 157 -28.97 -80.84 44.94
N GLY E 158 -28.50 -81.99 45.43
CA GLY E 158 -29.31 -83.19 45.43
C GLY E 158 -29.01 -84.10 44.26
N GLU E 159 -29.88 -85.09 44.11
CA GLU E 159 -29.68 -86.17 43.14
C GLU E 159 -30.35 -85.78 41.82
N VAL E 160 -29.66 -84.92 41.06
CA VAL E 160 -30.19 -84.34 39.84
C VAL E 160 -29.58 -85.05 38.64
N ASN E 161 -30.42 -85.39 37.66
CA ASN E 161 -29.97 -85.84 36.36
C ASN E 161 -29.96 -84.67 35.38
N PHE E 162 -28.81 -84.44 34.75
CA PHE E 162 -28.65 -83.37 33.76
C PHE E 162 -28.59 -84.01 32.38
N TYR E 163 -29.63 -83.78 31.58
CA TYR E 163 -29.72 -84.29 30.20
C TYR E 163 -29.28 -83.21 29.24
N TYR E 164 -28.57 -83.60 28.18
CA TYR E 164 -28.13 -82.66 27.15
C TYR E 164 -27.92 -83.43 25.85
N LYS E 165 -27.92 -82.70 24.74
CA LYS E 165 -27.68 -83.27 23.42
C LYS E 165 -26.32 -82.84 22.91
N ASP E 166 -25.63 -83.73 22.20
CA ASP E 166 -24.36 -83.41 21.58
C ASP E 166 -24.60 -82.67 20.27
N PRO E 167 -23.54 -82.16 19.63
CA PRO E 167 -23.73 -81.45 18.34
C PRO E 167 -24.46 -82.27 17.27
N GLU E 168 -24.48 -83.59 17.38
CA GLU E 168 -25.15 -84.42 16.38
C GLU E 168 -26.60 -84.71 16.74
N GLY E 169 -27.09 -84.22 17.88
CA GLY E 169 -28.45 -84.46 18.31
C GLY E 169 -28.68 -85.66 19.21
N LYS E 170 -27.64 -86.42 19.55
CA LYS E 170 -27.83 -87.59 20.41
C LYS E 170 -28.03 -87.17 21.86
N LYS E 171 -28.97 -87.84 22.53
CA LYS E 171 -29.28 -87.53 23.92
C LYS E 171 -28.28 -88.19 24.86
N HIS E 172 -27.80 -87.41 25.84
CA HIS E 172 -26.92 -87.89 26.90
C HIS E 172 -27.49 -87.45 28.24
N VAL E 173 -27.00 -88.08 29.32
CA VAL E 173 -27.38 -87.67 30.67
C VAL E 173 -26.14 -87.75 31.55
N ALA E 174 -25.98 -86.75 32.42
CA ALA E 174 -24.90 -86.70 33.40
C ALA E 174 -25.49 -86.88 34.80
N ILE E 175 -24.91 -87.81 35.57
CA ILE E 175 -25.42 -88.18 36.89
C ILE E 175 -24.80 -87.21 37.90
N MET E 176 -25.58 -86.23 38.34
CA MET E 176 -25.06 -85.15 39.17
C MET E 176 -25.45 -85.35 40.63
N ASN E 177 -24.61 -84.81 41.51
CA ASN E 177 -24.84 -84.81 42.95
C ASN E 177 -24.45 -83.45 43.50
N THR E 178 -24.73 -83.25 44.79
CA THR E 178 -24.48 -81.97 45.45
C THR E 178 -23.03 -81.56 45.28
N GLY E 179 -22.81 -80.34 44.80
CA GLY E 179 -21.50 -79.81 44.57
C GLY E 179 -21.04 -79.86 43.13
N ASP E 180 -21.66 -80.69 42.30
CA ASP E 180 -21.36 -80.72 40.88
C ASP E 180 -21.82 -79.43 40.21
N SER E 181 -21.24 -79.15 39.05
CA SER E 181 -21.57 -77.92 38.33
C SER E 181 -21.41 -78.17 36.84
N MET E 182 -21.98 -77.25 36.05
CA MET E 182 -21.90 -77.39 34.60
C MET E 182 -22.02 -76.04 33.93
N TYR E 183 -21.51 -75.95 32.70
CA TYR E 183 -21.77 -74.84 31.80
C TYR E 183 -22.28 -75.41 30.49
N ILE E 184 -23.27 -74.75 29.90
CA ILE E 184 -23.84 -75.21 28.64
C ILE E 184 -23.87 -74.05 27.64
N THR E 185 -23.36 -74.30 26.45
CA THR E 185 -23.35 -73.28 25.39
C THR E 185 -24.77 -72.96 24.96
N PRO E 186 -25.08 -71.70 24.67
CA PRO E 186 -26.43 -71.33 24.21
C PRO E 186 -26.94 -72.23 23.09
N PHE E 187 -28.25 -72.50 23.13
CA PHE E 187 -28.98 -73.32 22.15
C PHE E 187 -28.62 -74.80 22.23
N THR E 188 -28.02 -75.26 23.33
CA THR E 188 -27.84 -76.69 23.54
C THR E 188 -29.09 -77.24 24.24
N PRO E 189 -29.77 -78.23 23.66
CA PRO E 189 -30.97 -78.78 24.32
C PRO E 189 -30.59 -79.48 25.62
N HIS E 190 -31.45 -79.31 26.62
CA HIS E 190 -31.18 -79.86 27.95
C HIS E 190 -32.46 -79.93 28.75
N THR E 191 -32.41 -80.67 29.85
CA THR E 191 -33.48 -80.73 30.85
C THR E 191 -32.93 -81.42 32.09
N PHE E 192 -33.71 -81.38 33.18
CA PHE E 192 -33.25 -81.90 34.46
C PHE E 192 -34.37 -82.68 35.14
N THR E 193 -34.00 -83.76 35.84
CA THR E 193 -34.95 -84.54 36.63
C THR E 193 -34.30 -84.92 37.96
N THR E 194 -35.12 -85.51 38.84
CA THR E 194 -34.64 -86.10 40.07
C THR E 194 -34.64 -87.63 39.94
N ARG E 195 -33.57 -88.26 40.41
CA ARG E 195 -33.51 -89.72 40.38
C ARG E 195 -34.45 -90.29 41.43
N ASP E 196 -35.34 -91.19 41.00
CA ASP E 196 -36.30 -91.78 41.92
C ASP E 196 -35.54 -92.52 43.01
N GLY E 197 -36.08 -92.48 44.22
CA GLY E 197 -35.40 -93.02 45.38
C GLY E 197 -34.66 -91.99 46.20
N ALA E 198 -34.51 -90.77 45.67
CA ALA E 198 -33.85 -89.71 46.42
C ALA E 198 -34.72 -89.29 47.61
N SER E 199 -34.05 -88.89 48.70
CA SER E 199 -34.79 -88.51 49.90
C SER E 199 -35.57 -87.22 49.71
N GLN E 200 -35.12 -86.35 48.81
CA GLN E 200 -35.82 -85.12 48.48
C GLN E 200 -35.63 -84.83 47.00
N ASN E 201 -36.45 -83.91 46.49
CA ASN E 201 -36.33 -83.52 45.09
C ASN E 201 -34.99 -82.85 44.83
N GLY E 202 -34.42 -83.11 43.66
CA GLY E 202 -33.22 -82.43 43.26
C GLY E 202 -33.47 -80.95 42.99
N LEU E 203 -32.41 -80.17 43.16
CA LEU E 203 -32.49 -78.73 43.01
C LEU E 203 -31.29 -78.25 42.20
N ILE E 204 -31.51 -77.25 41.35
CA ILE E 204 -30.43 -76.60 40.62
C ILE E 204 -30.49 -75.10 40.88
N LEU E 205 -29.32 -74.49 40.99
CA LEU E 205 -29.18 -73.04 41.00
C LEU E 205 -28.58 -72.70 39.63
N ALA E 206 -29.39 -72.18 38.74
CA ALA E 206 -28.98 -71.91 37.37
C ALA E 206 -28.82 -70.40 37.17
N LEU E 207 -27.69 -70.01 36.60
CA LEU E 207 -27.45 -68.61 36.26
C LEU E 207 -27.43 -68.49 34.73
N THR E 208 -28.49 -67.93 34.17
CA THR E 208 -28.55 -67.64 32.75
C THR E 208 -28.18 -66.18 32.51
N TYR E 209 -27.44 -65.94 31.42
CA TYR E 209 -26.97 -64.61 31.11
C TYR E 209 -26.61 -64.53 29.64
N GLY E 210 -26.71 -63.32 29.09
CA GLY E 210 -26.53 -63.14 27.65
C GLY E 210 -25.12 -62.80 27.21
N SER E 211 -24.33 -62.21 28.13
CA SER E 211 -22.96 -61.78 27.84
C SER E 211 -22.94 -60.77 26.70
N LYS E 212 -22.40 -61.16 25.53
CA LYS E 212 -22.22 -60.23 24.42
C LYS E 212 -23.23 -60.42 23.29
N LEU E 213 -24.31 -61.19 23.52
CA LEU E 213 -25.22 -61.55 22.45
C LEU E 213 -26.59 -60.90 22.55
N THR E 214 -26.89 -60.19 23.63
CA THR E 214 -28.21 -59.62 23.83
C THR E 214 -28.11 -58.10 23.91
N GLY E 215 -29.27 -57.45 23.84
CA GLY E 215 -29.34 -56.01 23.87
C GLY E 215 -29.12 -55.38 22.51
N ASP E 216 -28.33 -54.30 22.45
CA ASP E 216 -28.12 -53.59 21.19
C ASP E 216 -27.53 -54.50 20.12
N ILE E 217 -26.65 -55.42 20.52
CA ILE E 217 -26.03 -56.32 19.55
C ILE E 217 -27.09 -57.19 18.88
N GLN E 218 -28.04 -57.71 19.66
CA GLN E 218 -29.09 -58.53 19.07
C GLN E 218 -29.94 -57.73 18.09
N GLN E 219 -30.26 -56.47 18.45
CA GLN E 219 -31.00 -55.62 17.53
C GLN E 219 -30.19 -55.30 16.29
N GLU E 220 -28.89 -55.02 16.46
CA GLU E 220 -28.03 -54.72 15.32
C GLU E 220 -27.89 -55.94 14.41
N LEU E 221 -27.75 -57.12 15.00
CA LEU E 221 -27.59 -58.33 14.21
C LEU E 221 -28.88 -58.82 13.58
N SER E 222 -30.03 -58.58 14.23
CA SER E 222 -31.31 -59.08 13.73
C SER E 222 -31.85 -58.33 12.52
N SER E 223 -31.33 -57.13 12.25
CA SER E 223 -31.73 -56.39 11.05
C SER E 223 -30.93 -56.80 9.83
N LEU E 224 -30.07 -57.80 9.95
CA LEU E 224 -29.30 -58.33 8.84
C LEU E 224 -29.95 -59.60 8.31
N SER E 225 -29.78 -59.85 7.02
CA SER E 225 -30.30 -61.08 6.44
C SER E 225 -29.60 -62.30 7.03
N LEU E 226 -30.26 -63.45 6.90
CA LEU E 226 -29.70 -64.69 7.45
C LEU E 226 -28.34 -64.99 6.83
N ASP E 227 -28.20 -64.78 5.52
CA ASP E 227 -26.94 -65.13 4.86
C ASP E 227 -25.83 -64.15 5.23
N CYS E 228 -26.15 -62.87 5.40
CA CYS E 228 -25.13 -61.90 5.80
C CYS E 228 -24.76 -62.06 7.26
N GLY E 229 -25.76 -62.13 8.15
CA GLY E 229 -25.47 -62.22 9.57
C GLY E 229 -24.67 -63.46 9.94
N SER E 230 -24.92 -64.58 9.25
CA SER E 230 -24.24 -65.83 9.58
C SER E 230 -22.75 -65.77 9.30
N GLN E 231 -22.31 -64.90 8.40
CA GLN E 231 -20.90 -64.84 8.07
C GLN E 231 -20.05 -64.23 9.17
N TYR E 232 -20.69 -63.64 10.19
CA TYR E 232 -19.94 -63.25 11.39
C TYR E 232 -19.42 -64.45 12.16
N ALA E 233 -20.14 -65.57 12.10
CA ALA E 233 -19.73 -66.78 12.82
C ALA E 233 -18.54 -67.40 12.11
N LEU E 234 -17.35 -67.23 12.68
CA LEU E 234 -16.16 -67.78 12.09
C LEU E 234 -15.99 -69.24 12.49
N ASP E 235 -15.18 -69.95 11.71
CA ASP E 235 -14.91 -71.37 11.98
C ASP E 235 -13.97 -71.46 13.18
N PHE E 236 -14.53 -71.72 14.36
CA PHE E 236 -13.75 -71.89 15.58
C PHE E 236 -13.71 -73.35 16.02
N THR E 237 -13.79 -74.28 15.07
CA THR E 237 -13.90 -75.69 15.40
C THR E 237 -12.67 -76.17 16.16
N ASN E 238 -11.50 -75.66 15.81
CA ASN E 238 -10.29 -75.92 16.57
C ASN E 238 -9.34 -74.75 16.41
N HIS E 239 -8.22 -74.81 17.14
CA HIS E 239 -7.27 -73.70 17.13
C HIS E 239 -6.76 -73.41 15.73
N GLU E 240 -6.53 -74.46 14.93
CA GLU E 240 -6.00 -74.26 13.58
C GLU E 240 -7.03 -73.62 12.67
N ASN E 241 -8.28 -74.08 12.73
CA ASN E 241 -9.32 -73.49 11.90
C ASN E 241 -9.64 -72.06 12.34
N ALA E 242 -9.62 -71.81 13.65
CA ALA E 242 -9.91 -70.47 14.15
C ALA E 242 -8.84 -69.46 13.71
N SER E 243 -7.57 -69.88 13.70
CA SER E 243 -6.50 -68.96 13.31
C SER E 243 -6.64 -68.56 11.85
N LEU E 244 -6.99 -69.49 10.97
CA LEU E 244 -7.17 -69.15 9.57
C LEU E 244 -8.41 -68.30 9.37
N SER E 245 -9.49 -68.58 10.12
CA SER E 245 -10.70 -67.79 10.01
C SER E 245 -10.44 -66.34 10.39
N LEU E 246 -9.66 -66.12 11.46
CA LEU E 246 -9.32 -64.76 11.86
C LEU E 246 -8.42 -64.10 10.82
N LEU E 247 -7.44 -64.85 10.31
CA LEU E 247 -6.59 -64.32 9.25
C LEU E 247 -7.42 -63.91 8.04
N GLU E 248 -8.38 -64.75 7.63
CA GLU E 248 -9.22 -64.42 6.49
C GLU E 248 -10.05 -63.17 6.76
N TYR E 249 -10.72 -63.12 7.92
CA TYR E 249 -11.63 -62.02 8.19
C TYR E 249 -10.91 -60.68 8.20
N TYR E 250 -9.80 -60.60 8.93
CA TYR E 250 -9.07 -59.34 9.01
C TYR E 250 -8.27 -59.04 7.75
N PHE E 251 -7.90 -60.06 6.96
CA PHE E 251 -7.32 -59.78 5.66
C PHE E 251 -8.36 -59.17 4.73
N GLU E 252 -9.61 -59.65 4.78
CA GLU E 252 -10.67 -59.07 3.98
C GLU E 252 -10.99 -57.64 4.42
N LEU E 253 -10.89 -57.35 5.73
CA LEU E 253 -11.17 -56.01 6.22
C LEU E 253 -10.19 -54.99 5.63
N SER E 254 -8.91 -55.37 5.52
CA SER E 254 -7.89 -54.47 5.04
C SER E 254 -8.05 -54.12 3.57
N ASN E 255 -8.75 -54.97 2.80
CA ASN E 255 -9.00 -54.78 1.37
C ASN E 255 -7.69 -54.74 0.57
N LEU E 256 -6.64 -55.35 1.10
CA LEU E 256 -5.39 -55.50 0.37
C LEU E 256 -5.49 -56.64 -0.63
N THR E 257 -4.65 -56.58 -1.65
CA THR E 257 -4.43 -57.75 -2.48
C THR E 257 -3.42 -58.67 -1.80
N LYS E 258 -3.35 -59.91 -2.29
CA LYS E 258 -2.31 -60.82 -1.81
C LYS E 258 -0.93 -60.27 -2.10
N GLU E 259 -0.75 -59.67 -3.28
CA GLU E 259 0.54 -59.10 -3.66
C GLU E 259 0.93 -57.95 -2.73
N LYS E 260 0.00 -57.03 -2.49
CA LYS E 260 0.28 -55.94 -1.56
C LYS E 260 0.50 -56.44 -0.14
N PHE E 261 -0.28 -57.45 0.26
CA PHE E 261 -0.06 -58.07 1.57
C PHE E 261 1.32 -58.69 1.66
N ALA E 262 1.77 -59.34 0.58
CA ALA E 262 3.10 -59.94 0.56
C ALA E 262 4.19 -58.87 0.63
N LYS E 263 4.03 -57.81 -0.17
CA LYS E 263 5.02 -56.72 -0.17
C LYS E 263 5.06 -56.01 1.18
N ARG E 264 3.91 -55.83 1.82
CA ARG E 264 3.87 -55.11 3.09
C ARG E 264 4.54 -55.92 4.20
N THR E 265 4.37 -57.24 4.19
CA THR E 265 4.99 -58.10 5.20
C THR E 265 6.39 -58.55 4.82
N ASN E 266 6.82 -58.30 3.59
CA ASN E 266 8.06 -58.86 3.03
C ASN E 266 8.03 -60.38 3.03
N PHE E 267 6.83 -60.95 2.94
CA PHE E 267 6.63 -62.38 2.75
C PHE E 267 6.46 -62.67 1.26
N SER E 268 6.88 -63.86 0.85
CA SER E 268 6.64 -64.29 -0.51
C SER E 268 5.18 -64.70 -0.70
N MET E 269 4.73 -64.69 -1.95
CA MET E 269 3.38 -65.16 -2.27
C MET E 269 3.19 -66.62 -1.89
N GLU E 270 4.26 -67.42 -1.95
CA GLU E 270 4.17 -68.82 -1.56
C GLU E 270 3.98 -68.97 -0.05
N THR E 271 4.67 -68.14 0.73
CA THR E 271 4.48 -68.16 2.19
C THR E 271 3.05 -67.80 2.56
N LEU E 272 2.45 -66.82 1.88
CA LEU E 272 1.07 -66.47 2.18
C LEU E 272 0.11 -67.58 1.76
N ALA E 273 0.38 -68.23 0.62
CA ALA E 273 -0.47 -69.32 0.20
C ALA E 273 -0.46 -70.47 1.20
N ASP E 274 0.68 -70.68 1.88
CA ASP E 274 0.72 -71.69 2.93
C ASP E 274 -0.13 -71.27 4.13
N PHE E 275 -0.18 -69.97 4.43
CA PHE E 275 -1.00 -69.50 5.53
C PHE E 275 -2.48 -69.61 5.22
N PHE E 276 -2.88 -69.18 4.02
CA PHE E 276 -4.29 -69.17 3.66
C PHE E 276 -4.83 -70.54 3.30
N THR E 277 -3.96 -71.55 3.17
CA THR E 277 -4.38 -72.91 2.91
C THR E 277 -4.12 -73.83 4.10
N LYS E 278 -3.81 -73.28 5.27
CA LYS E 278 -3.57 -74.01 6.51
C LYS E 278 -2.40 -74.97 6.43
N LYS E 279 -1.60 -74.92 5.35
CA LYS E 279 -0.43 -75.78 5.26
C LYS E 279 0.61 -75.40 6.31
N LYS E 280 0.73 -74.11 6.60
CA LYS E 280 1.64 -73.61 7.62
C LYS E 280 0.91 -72.61 8.50
N LEU E 281 1.21 -72.64 9.79
CA LEU E 281 0.60 -71.71 10.73
C LEU E 281 1.59 -70.62 11.10
N PRO E 282 1.18 -69.35 11.02
CA PRO E 282 2.11 -68.26 11.34
C PRO E 282 2.58 -68.34 12.79
N THR E 283 3.87 -68.10 12.99
CA THR E 283 4.41 -68.03 14.34
C THR E 283 3.97 -66.74 15.01
N PHE E 284 4.30 -66.61 16.30
CA PHE E 284 3.91 -65.40 17.02
C PHE E 284 4.63 -64.18 16.47
N ASP E 285 5.90 -64.33 16.07
CA ASP E 285 6.62 -63.23 15.44
C ASP E 285 5.97 -62.84 14.11
N GLU E 286 5.60 -63.84 13.31
CA GLU E 286 4.92 -63.56 12.04
C GLU E 286 3.55 -62.92 12.26
N LEU E 287 2.85 -63.30 13.32
CA LEU E 287 1.55 -62.70 13.59
C LEU E 287 1.67 -61.21 13.84
N LYS E 288 2.70 -60.80 14.58
CA LYS E 288 2.94 -59.37 14.78
C LYS E 288 3.22 -58.68 13.45
N ILE E 289 3.92 -59.36 12.54
CA ILE E 289 4.15 -58.81 11.21
C ILE E 289 2.85 -58.73 10.43
N ILE E 290 2.05 -59.80 10.46
CA ILE E 290 0.78 -59.82 9.74
C ILE E 290 -0.17 -58.76 10.31
N ALA E 291 -0.25 -58.66 11.63
CA ALA E 291 -1.17 -57.72 12.25
C ALA E 291 -0.85 -56.29 11.85
N LYS E 292 0.43 -55.91 11.89
CA LYS E 292 0.82 -54.56 11.53
C LYS E 292 0.48 -54.26 10.07
N ALA E 293 0.63 -55.24 9.18
CA ALA E 293 0.32 -55.02 7.78
C ALA E 293 -1.19 -54.90 7.56
N LEU E 294 -1.99 -55.51 8.43
CA LEU E 294 -3.43 -55.43 8.36
C LEU E 294 -4.01 -54.33 9.25
N ASN E 295 -3.14 -53.54 9.90
CA ASN E 295 -3.55 -52.43 10.77
C ASN E 295 -4.42 -52.89 11.92
N VAL E 296 -4.11 -54.06 12.48
CA VAL E 296 -4.77 -54.61 13.64
C VAL E 296 -3.70 -55.06 14.63
N ASN E 297 -4.16 -55.55 15.77
CA ASN E 297 -3.25 -56.08 16.78
C ASN E 297 -3.09 -57.59 16.63
N SER E 298 -1.94 -58.09 17.08
CA SER E 298 -1.71 -59.53 17.04
C SER E 298 -2.73 -60.28 17.90
N ARG E 299 -3.17 -59.68 19.00
CA ARG E 299 -4.23 -60.29 19.80
C ARG E 299 -5.52 -60.40 19.01
N ASP E 300 -5.73 -59.52 18.03
CA ASP E 300 -6.94 -59.60 17.22
C ASP E 300 -6.90 -60.79 16.28
N LEU E 301 -5.70 -61.25 15.91
CA LEU E 301 -5.55 -62.42 15.07
C LEU E 301 -5.45 -63.72 15.86
N MET E 302 -5.24 -63.66 17.17
CA MET E 302 -5.04 -64.87 17.94
C MET E 302 -6.38 -65.51 18.27
N PRO E 303 -6.51 -66.83 18.09
CA PRO E 303 -7.69 -67.52 18.59
C PRO E 303 -7.52 -67.84 20.08
N ASN E 304 -8.59 -68.35 20.67
CA ASN E 304 -8.47 -68.90 22.00
C ASN E 304 -7.48 -70.06 21.98
N ASP E 305 -6.76 -70.22 23.10
CA ASP E 305 -5.69 -71.23 23.15
C ASP E 305 -6.19 -72.62 22.79
N LEU E 306 -7.44 -72.93 23.11
CA LEU E 306 -8.07 -74.18 22.68
C LEU E 306 -9.56 -73.94 22.55
N THR E 307 -10.23 -74.82 21.82
CA THR E 307 -11.69 -74.79 21.71
C THR E 307 -12.29 -75.74 22.74
N GLU E 308 -13.15 -75.21 23.60
CA GLU E 308 -13.77 -76.00 24.65
C GLU E 308 -14.98 -76.75 24.10
N SER E 309 -15.35 -77.81 24.81
CA SER E 309 -16.59 -78.52 24.52
C SER E 309 -17.78 -77.60 24.70
N LYS E 310 -18.86 -77.88 23.96
CA LYS E 310 -20.09 -77.10 24.11
C LYS E 310 -20.70 -77.28 25.49
N VAL E 311 -20.54 -78.46 26.09
CA VAL E 311 -21.07 -78.79 27.40
C VAL E 311 -19.90 -79.11 28.31
N ILE E 312 -19.80 -78.40 29.43
CA ILE E 312 -18.75 -78.61 30.43
C ILE E 312 -19.42 -79.15 31.68
N VAL E 313 -18.98 -80.33 32.12
CA VAL E 313 -19.48 -80.96 33.33
C VAL E 313 -18.29 -81.12 34.28
N LYS E 314 -18.49 -80.74 35.54
CA LYS E 314 -17.42 -80.82 36.53
C LYS E 314 -18.01 -81.35 37.84
N THR E 315 -17.59 -82.54 38.24
CA THR E 315 -18.00 -83.07 39.53
C THR E 315 -17.18 -82.41 40.64
N HIS E 316 -17.76 -82.40 41.84
CA HIS E 316 -17.17 -81.65 42.94
C HIS E 316 -15.78 -82.17 43.31
N ASP E 317 -15.55 -83.48 43.18
CA ASP E 317 -14.23 -84.03 43.50
C ASP E 317 -13.15 -83.57 42.53
N GLN E 318 -13.53 -82.93 41.43
CA GLN E 318 -12.57 -82.40 40.47
C GLN E 318 -12.23 -80.93 40.72
N CYS E 319 -12.85 -80.33 41.73
CA CYS E 319 -12.67 -78.90 42.01
C CYS E 319 -11.38 -78.68 42.79
N ASP E 320 -10.45 -77.94 42.20
CA ASP E 320 -9.30 -77.47 42.95
C ASP E 320 -9.77 -76.48 44.02
N HIS E 321 -9.00 -76.37 45.09
CA HIS E 321 -9.39 -75.48 46.17
C HIS E 321 -8.16 -74.91 46.84
N TRP E 322 -8.34 -73.80 47.54
CA TRP E 322 -7.23 -73.09 48.16
C TRP E 322 -7.77 -72.13 49.21
N LYS E 323 -6.89 -71.77 50.14
CA LYS E 323 -7.24 -70.80 51.16
C LYS E 323 -7.08 -69.39 50.62
N TYR E 324 -7.99 -68.51 51.01
CA TYR E 324 -7.90 -67.11 50.61
C TYR E 324 -8.43 -66.22 51.74
N PRO E 325 -7.72 -65.11 52.02
CA PRO E 325 -6.40 -64.84 51.44
C PRO E 325 -5.30 -65.57 52.20
N GLU E 326 -4.11 -64.95 52.31
CA GLU E 326 -3.04 -65.57 53.08
C GLU E 326 -3.45 -65.80 54.54
N SER E 327 -4.24 -64.88 55.10
CA SER E 327 -4.67 -65.05 56.49
C SER E 327 -5.60 -66.25 56.65
N GLY E 328 -6.41 -66.56 55.65
CA GLY E 328 -7.18 -67.78 55.65
C GLY E 328 -8.66 -67.67 55.98
N ASN E 329 -9.28 -66.52 55.72
CA ASN E 329 -10.70 -66.37 56.03
C ASN E 329 -11.58 -67.35 55.26
N TYR E 330 -11.19 -67.67 54.02
CA TYR E 330 -12.05 -68.44 53.13
C TYR E 330 -11.34 -69.66 52.59
N GLU E 331 -12.14 -70.59 52.06
CA GLU E 331 -11.65 -71.69 51.24
C GLU E 331 -12.44 -71.66 49.93
N PHE E 332 -11.75 -71.32 48.85
CA PHE E 332 -12.38 -71.21 47.53
C PHE E 332 -12.36 -72.55 46.81
N TYR E 333 -13.50 -72.96 46.28
CA TYR E 333 -13.62 -74.15 45.45
C TYR E 333 -13.96 -73.73 44.04
N GLU E 334 -13.12 -74.12 43.09
CA GLU E 334 -13.20 -73.66 41.71
C GLU E 334 -14.17 -74.56 40.96
N LEU E 335 -15.34 -74.01 40.62
CA LEU E 335 -16.40 -74.78 39.97
C LEU E 335 -16.19 -74.82 38.46
N ALA E 336 -17.22 -75.28 37.73
CA ALA E 336 -17.13 -75.41 36.28
C ALA E 336 -16.87 -74.06 35.62
N SER E 337 -16.10 -74.09 34.54
CA SER E 337 -15.80 -72.89 33.78
C SER E 337 -15.37 -73.29 32.38
N THR E 338 -15.32 -72.30 31.49
CA THR E 338 -14.87 -72.51 30.13
C THR E 338 -14.09 -71.28 29.66
N THR E 339 -12.98 -71.52 28.96
CA THR E 339 -12.20 -70.42 28.41
C THR E 339 -12.92 -69.72 27.25
N ALA E 340 -14.05 -70.24 26.78
CA ALA E 340 -14.87 -69.46 25.86
C ALA E 340 -15.45 -68.22 26.55
N LEU E 341 -15.58 -68.26 27.87
CA LEU E 341 -16.07 -67.13 28.65
C LEU E 341 -15.04 -66.83 29.73
N PRO E 342 -13.96 -66.11 29.39
CA PRO E 342 -12.90 -65.85 30.37
C PRO E 342 -13.35 -65.01 31.54
N HIS E 343 -14.51 -64.35 31.47
CA HIS E 343 -14.98 -63.51 32.56
C HIS E 343 -16.08 -64.17 33.39
N SER E 344 -16.36 -65.45 33.15
CA SER E 344 -17.35 -66.20 33.93
C SER E 344 -16.62 -67.06 34.95
N LYS E 345 -16.78 -66.73 36.22
CA LYS E 345 -16.14 -67.44 37.31
C LYS E 345 -17.20 -68.00 38.24
N ALA E 346 -16.98 -69.23 38.70
CA ALA E 346 -17.92 -69.89 39.60
C ALA E 346 -17.16 -70.52 40.75
N PHE E 347 -17.57 -70.20 41.97
CA PHE E 347 -16.85 -70.66 43.15
C PHE E 347 -17.80 -71.17 44.22
N GLU E 348 -17.30 -72.10 45.01
CA GLU E 348 -17.91 -72.53 46.25
C GLU E 348 -16.97 -72.07 47.36
N ILE E 349 -17.48 -71.24 48.28
CA ILE E 349 -16.66 -70.63 49.32
C ILE E 349 -17.07 -71.17 50.68
N ASP E 350 -16.13 -71.79 51.38
CA ASP E 350 -16.31 -72.11 52.80
C ASP E 350 -15.86 -70.93 53.63
N VAL E 351 -16.78 -70.30 54.34
CA VAL E 351 -16.49 -69.14 55.18
C VAL E 351 -16.28 -69.61 56.61
N SER E 352 -15.14 -69.24 57.18
CA SER E 352 -14.82 -69.51 58.60
C SER E 352 -13.96 -68.34 59.08
N SER E 353 -14.61 -67.21 59.33
CA SER E 353 -13.86 -66.03 59.73
C SER E 353 -14.69 -65.14 60.63
N SER E 354 -14.05 -64.67 61.71
CA SER E 354 -14.65 -63.74 62.65
C SER E 354 -13.54 -62.88 63.20
N GLU E 355 -13.92 -61.72 63.73
CA GLU E 355 -12.95 -60.74 64.25
C GLU E 355 -11.92 -60.37 63.19
N ASP E 356 -12.41 -59.96 62.03
CA ASP E 356 -11.58 -59.42 60.95
C ASP E 356 -12.41 -58.38 60.22
N LEU E 357 -11.93 -57.14 60.23
CA LEU E 357 -12.69 -56.02 59.69
C LEU E 357 -12.28 -55.63 58.29
N ASN E 358 -11.25 -56.26 57.73
CA ASN E 358 -10.77 -55.92 56.41
C ASN E 358 -11.69 -56.49 55.34
N LEU E 359 -12.25 -55.63 54.50
CA LEU E 359 -12.95 -56.06 53.30
C LEU E 359 -11.92 -56.67 52.35
N ASP E 360 -11.90 -58.00 52.27
CA ASP E 360 -10.83 -58.73 51.61
C ASP E 360 -11.20 -59.26 50.24
N LEU E 361 -12.38 -58.93 49.72
CA LEU E 361 -12.83 -59.37 48.41
C LEU E 361 -13.19 -58.17 47.55
N LYS E 362 -12.69 -58.16 46.31
CA LYS E 362 -12.97 -57.09 45.36
C LYS E 362 -12.71 -57.62 43.96
N VAL E 363 -13.72 -57.52 43.09
CA VAL E 363 -13.60 -58.05 41.73
C VAL E 363 -14.37 -57.15 40.77
N GLY E 364 -13.82 -56.96 39.58
CA GLY E 364 -14.46 -56.15 38.57
C GLY E 364 -15.44 -56.93 37.71
N LEU E 365 -16.37 -57.63 38.35
CA LEU E 365 -17.39 -58.41 37.67
C LEU E 365 -18.70 -58.30 38.43
N HIS E 366 -19.80 -58.46 37.70
CA HIS E 366 -21.10 -58.63 38.34
C HIS E 366 -21.13 -59.95 39.10
N GLN E 367 -21.77 -59.96 40.26
CA GLN E 367 -21.76 -61.14 41.11
C GLN E 367 -23.17 -61.54 41.53
N TYR E 368 -23.42 -62.84 41.53
CA TYR E 368 -24.61 -63.43 42.13
C TYR E 368 -24.18 -64.31 43.29
N VAL E 369 -24.81 -64.11 44.44
CA VAL E 369 -24.47 -64.80 45.68
C VAL E 369 -25.70 -65.55 46.18
N TYR E 370 -25.48 -66.77 46.66
CA TYR E 370 -26.54 -67.59 47.25
C TYR E 370 -25.96 -68.34 48.44
N ASN E 371 -26.71 -68.36 49.54
CA ASN E 371 -26.28 -69.05 50.76
C ASN E 371 -26.74 -70.49 50.67
N ILE E 372 -25.83 -71.40 50.30
CA ILE E 372 -26.14 -72.82 50.17
C ILE E 372 -25.90 -73.61 51.44
N GLY E 373 -25.45 -72.96 52.52
CA GLY E 373 -25.20 -73.63 53.78
C GLY E 373 -26.42 -73.60 54.69
N ASP E 374 -26.19 -74.06 55.92
CA ASP E 374 -27.24 -74.14 56.93
C ASP E 374 -27.15 -73.06 58.00
N SER E 375 -26.22 -72.12 57.87
CA SER E 375 -26.01 -71.08 58.87
C SER E 375 -26.06 -69.70 58.25
N ALA E 376 -26.43 -68.72 59.06
CA ALA E 376 -26.46 -67.34 58.60
C ALA E 376 -25.03 -66.77 58.52
N LEU E 377 -24.86 -65.81 57.61
CA LEU E 377 -23.58 -65.14 57.42
C LEU E 377 -23.81 -63.64 57.33
N THR E 378 -22.72 -62.88 57.47
CA THR E 378 -22.76 -61.44 57.39
C THR E 378 -21.90 -60.97 56.23
N ILE E 379 -22.45 -60.07 55.41
CA ILE E 379 -21.71 -59.42 54.33
C ILE E 379 -21.51 -57.96 54.70
N ASN E 380 -20.25 -57.51 54.64
CA ASN E 380 -19.88 -56.13 54.87
C ASN E 380 -19.35 -55.53 53.56
N TRP E 381 -19.72 -54.29 53.27
CA TRP E 381 -19.23 -53.68 52.02
C TRP E 381 -19.29 -52.16 52.09
N ASN E 382 -18.58 -51.54 51.15
CA ASN E 382 -18.55 -50.09 50.95
C ASN E 382 -19.09 -49.78 49.56
N TYR E 383 -19.93 -48.75 49.48
CA TYR E 383 -20.44 -48.29 48.19
C TYR E 383 -20.86 -46.84 48.33
N GLU E 384 -20.40 -46.00 47.41
CA GLU E 384 -20.70 -44.56 47.44
C GLU E 384 -20.28 -43.96 48.77
N ASN E 385 -19.08 -44.32 49.23
CA ASN E 385 -18.47 -43.77 50.45
C ASN E 385 -19.26 -44.12 51.71
N LYS E 386 -20.16 -45.09 51.63
CA LYS E 386 -20.93 -45.55 52.77
C LYS E 386 -20.65 -47.03 53.01
N THR E 387 -20.60 -47.41 54.29
CA THR E 387 -20.36 -48.79 54.69
C THR E 387 -21.66 -49.42 55.15
N TYR E 388 -21.89 -50.66 54.71
CA TYR E 388 -23.11 -51.38 55.01
C TYR E 388 -22.79 -52.71 55.67
N GLN E 389 -23.83 -53.28 56.30
CA GLN E 389 -23.75 -54.58 56.93
C GLN E 389 -25.13 -55.21 56.86
N LYS E 390 -25.21 -56.41 56.30
CA LYS E 390 -26.47 -57.14 56.23
C LYS E 390 -26.23 -58.61 56.46
N SER E 391 -27.26 -59.30 56.91
CA SER E 391 -27.21 -60.73 57.16
C SER E 391 -27.69 -61.47 55.91
N LEU E 392 -26.99 -62.54 55.57
CA LEU E 392 -27.34 -63.39 54.44
C LEU E 392 -27.70 -64.76 55.01
N ASN E 393 -28.99 -64.99 55.21
CA ASN E 393 -29.46 -66.23 55.82
C ASN E 393 -29.45 -67.38 54.83
N PRO E 394 -29.54 -68.62 55.31
CA PRO E 394 -29.68 -69.76 54.40
C PRO E 394 -30.87 -69.57 53.47
N GLY E 395 -30.63 -69.72 52.17
CA GLY E 395 -31.65 -69.50 51.19
C GLY E 395 -31.76 -68.07 50.68
N ASP E 396 -31.04 -67.13 51.31
CA ASP E 396 -31.00 -65.76 50.81
C ASP E 396 -30.03 -65.65 49.64
N SER E 397 -30.32 -64.72 48.74
CA SER E 397 -29.49 -64.46 47.57
C SER E 397 -29.11 -62.99 47.52
N ALA E 398 -28.05 -62.69 46.78
CA ALA E 398 -27.56 -61.32 46.69
C ALA E 398 -26.98 -61.06 45.32
N TYR E 399 -27.12 -59.82 44.86
CA TYR E 399 -26.40 -59.31 43.69
C TYR E 399 -25.41 -58.25 44.15
N ILE E 400 -24.17 -58.37 43.69
CA ILE E 400 -23.10 -57.45 44.05
C ILE E 400 -22.62 -56.75 42.78
N LYS E 401 -22.55 -55.42 42.82
CA LYS E 401 -22.07 -54.65 41.70
C LYS E 401 -20.56 -54.82 41.52
N PRO E 402 -20.05 -54.60 40.30
CA PRO E 402 -18.62 -54.75 40.08
C PRO E 402 -17.81 -53.78 40.93
N PHE E 403 -16.63 -54.25 41.35
CA PHE E 403 -15.63 -53.49 42.10
C PHE E 403 -16.08 -53.09 43.49
N VAL E 404 -17.19 -53.61 43.99
CA VAL E 404 -17.63 -53.33 45.36
C VAL E 404 -16.74 -54.09 46.33
N PRO E 405 -15.96 -53.40 47.17
CA PRO E 405 -15.16 -54.11 48.18
C PRO E 405 -16.07 -54.68 49.25
N HIS E 406 -15.81 -55.92 49.63
CA HIS E 406 -16.73 -56.63 50.50
C HIS E 406 -16.00 -57.77 51.19
N ASN E 407 -16.68 -58.38 52.16
CA ASN E 407 -16.22 -59.62 52.76
C ASN E 407 -17.41 -60.44 53.20
N PHE E 408 -17.14 -61.67 53.63
CA PHE E 408 -18.12 -62.52 54.27
C PHE E 408 -17.55 -62.98 55.60
N ARG E 409 -18.38 -62.93 56.64
CA ARG E 409 -17.96 -63.21 58.00
C ARG E 409 -18.92 -64.18 58.65
N GLY E 410 -18.37 -65.08 59.47
CA GLY E 410 -19.15 -66.11 60.10
C GLY E 410 -18.65 -67.50 59.73
N ASN E 411 -19.48 -68.51 59.95
CA ASN E 411 -19.19 -69.90 59.56
C ASN E 411 -20.33 -70.38 58.68
N GLY E 412 -20.04 -70.62 57.41
CA GLY E 412 -21.08 -71.06 56.50
C GLY E 412 -20.53 -71.35 55.12
N LYS E 413 -21.45 -71.49 54.17
CA LYS E 413 -21.11 -71.88 52.81
C LYS E 413 -21.92 -71.03 51.84
N ILE E 414 -21.26 -70.48 50.83
CA ILE E 414 -21.94 -69.65 49.82
C ILE E 414 -21.54 -70.10 48.43
N LEU E 415 -22.45 -69.87 47.49
CA LEU E 415 -22.21 -70.02 46.06
C LEU E 415 -21.97 -68.66 45.45
N ILE E 416 -20.88 -68.51 44.70
CA ILE E 416 -20.50 -67.24 44.09
C ILE E 416 -20.38 -67.44 42.59
N LEU E 417 -21.18 -66.68 41.83
CA LEU E 417 -21.12 -66.70 40.37
C LEU E 417 -20.80 -65.30 39.88
N ARG E 418 -19.73 -65.18 39.10
CA ARG E 418 -19.26 -63.90 38.61
C ARG E 418 -19.27 -63.93 37.08
N ILE E 419 -19.93 -62.95 36.47
CA ILE E 419 -19.98 -62.85 35.02
C ILE E 419 -19.64 -61.44 34.60
N GLY E 420 -19.07 -61.31 33.40
CA GLY E 420 -18.77 -60.01 32.87
C GLY E 420 -19.99 -59.41 32.22
N GLY E 421 -20.18 -58.11 32.43
CA GLY E 421 -21.30 -57.41 31.88
C GLY E 421 -21.05 -57.13 30.41
N LYS E 422 -21.71 -56.07 29.92
CA LYS E 422 -21.41 -55.60 28.58
C LYS E 422 -20.07 -54.87 28.52
N ILE E 423 -19.45 -54.63 29.68
CA ILE E 423 -18.22 -53.82 29.75
C ILE E 423 -16.95 -54.67 29.66
N SER E 424 -16.87 -55.76 30.41
CA SER E 424 -15.64 -56.55 30.41
C SER E 424 -15.36 -57.07 29.01
N GLY E 425 -14.09 -57.02 28.63
CA GLY E 425 -13.68 -57.42 27.28
C GLY E 425 -13.38 -56.21 26.41
N ASP E 426 -14.05 -56.15 25.25
CA ASP E 426 -13.79 -55.07 24.30
C ASP E 426 -14.10 -53.70 24.87
N SER E 427 -15.27 -53.56 25.50
CA SER E 427 -15.65 -52.27 26.07
C SER E 427 -14.66 -51.80 27.12
N GLN E 428 -14.21 -52.72 27.98
CA GLN E 428 -13.24 -52.35 29.01
C GLN E 428 -11.95 -51.83 28.39
N ARG E 429 -11.50 -52.47 27.30
CA ARG E 429 -10.27 -52.03 26.64
C ARG E 429 -10.44 -50.66 25.99
N GLU E 430 -11.61 -50.39 25.39
CA GLU E 430 -11.86 -49.07 24.82
C GLU E 430 -11.91 -48.01 25.93
N LEU E 431 -12.56 -48.33 27.05
CA LEU E 431 -12.56 -47.41 28.19
C LEU E 431 -11.14 -47.17 28.69
N SER E 432 -10.29 -48.21 28.64
CA SER E 432 -8.92 -48.07 29.10
C SER E 432 -8.14 -47.07 28.25
N PHE E 433 -8.41 -47.05 26.94
CA PHE E 433 -7.77 -46.06 26.07
C PHE E 433 -8.36 -44.67 26.25
N VAL E 434 -9.63 -44.59 26.65
CA VAL E 434 -10.23 -43.29 26.93
C VAL E 434 -9.62 -42.69 28.20
N GLY E 435 -9.34 -43.52 29.18
CA GLY E 435 -8.71 -43.05 30.41
C GLY E 435 -9.70 -43.10 31.57
N ARG E 436 -9.13 -43.22 32.79
CA ARG E 436 -9.97 -43.29 33.98
C ARG E 436 -10.65 -41.96 34.28
N GLU E 437 -9.96 -40.85 34.00
CA GLU E 437 -10.55 -39.54 34.28
C GLU E 437 -11.69 -39.20 33.33
N ASN E 438 -11.60 -39.64 32.07
CA ASN E 438 -12.68 -39.41 31.14
C ASN E 438 -13.80 -40.43 31.28
N THR E 439 -13.54 -41.58 31.90
CA THR E 439 -14.63 -42.52 32.20
C THR E 439 -15.52 -41.98 33.31
N GLN E 440 -14.92 -41.37 34.35
CA GLN E 440 -15.72 -40.73 35.38
C GLN E 440 -16.53 -39.57 34.82
N ARG E 441 -15.97 -38.85 33.85
CA ARG E 441 -16.70 -37.75 33.23
C ARG E 441 -17.91 -38.25 32.46
N ALA E 442 -17.80 -39.43 31.84
CA ALA E 442 -18.96 -40.02 31.18
C ALA E 442 -20.06 -40.33 32.19
N ILE E 443 -19.69 -40.90 33.35
CA ILE E 443 -20.66 -41.18 34.39
C ILE E 443 -21.21 -39.89 34.98
N SER E 444 -20.33 -38.89 35.16
CA SER E 444 -20.77 -37.61 35.72
C SER E 444 -21.73 -36.89 34.78
N GLU E 445 -21.50 -37.00 33.46
CA GLU E 445 -22.37 -36.33 32.50
C GLU E 445 -23.79 -36.86 32.59
N THR E 446 -23.94 -38.17 32.77
CA THR E 446 -25.28 -38.77 32.84
C THR E 446 -26.04 -38.36 34.09
N MET E 447 -25.35 -37.89 35.14
CA MET E 447 -25.99 -37.44 36.36
C MET E 447 -26.35 -35.95 36.34
N GLN E 448 -26.13 -35.28 35.21
CA GLN E 448 -26.24 -33.83 35.17
C GLN E 448 -27.69 -33.39 35.17
N TRP E 449 -28.04 -32.45 36.05
CA TRP E 449 -29.36 -31.85 36.11
C TRP E 449 -29.31 -30.53 35.35
N PHE E 450 -30.03 -30.47 34.23
CA PHE E 450 -30.11 -29.26 33.43
C PHE E 450 -31.30 -28.42 33.87
N ASP E 451 -31.20 -27.12 33.61
CA ASP E 451 -32.26 -26.20 33.99
C ASP E 451 -32.17 -24.90 33.19
N ASP F 10 -60.14 44.92 8.63
CA ASP F 10 -59.13 43.91 8.31
C ASP F 10 -58.11 44.48 7.33
N SER F 11 -56.83 44.24 7.61
CA SER F 11 -55.77 44.77 6.75
C SER F 11 -55.84 44.18 5.35
N TYR F 12 -56.24 42.92 5.23
CA TYR F 12 -56.39 42.33 3.90
C TYR F 12 -57.52 43.00 3.13
N LEU F 13 -58.71 43.09 3.74
CA LEU F 13 -59.87 43.63 3.04
C LEU F 13 -59.67 45.09 2.66
N ILE F 14 -59.02 45.87 3.53
CA ILE F 14 -58.78 47.27 3.21
C ILE F 14 -57.86 47.40 2.00
N ARG F 15 -56.73 46.69 2.03
CA ARG F 15 -55.79 46.75 0.91
C ARG F 15 -56.37 46.11 -0.34
N SER F 16 -57.30 45.17 -0.20
CA SER F 16 -57.90 44.55 -1.38
C SER F 16 -58.88 45.50 -2.05
N GLY F 17 -59.60 46.30 -1.25
CA GLY F 17 -60.49 47.29 -1.83
C GLY F 17 -59.74 48.42 -2.50
N ASN F 18 -58.68 48.90 -1.86
CA ASN F 18 -57.83 49.92 -2.47
C ASN F 18 -57.23 49.43 -3.78
N ASN F 19 -56.88 48.14 -3.85
CA ASN F 19 -56.34 47.58 -5.08
C ASN F 19 -57.40 47.57 -6.18
N PHE F 20 -58.62 47.16 -5.85
CA PHE F 20 -59.69 47.17 -6.83
C PHE F 20 -60.01 48.59 -7.27
N LEU F 21 -60.02 49.53 -6.34
CA LEU F 21 -60.24 50.93 -6.69
C LEU F 21 -59.19 51.43 -7.67
N GLY F 22 -57.93 51.03 -7.48
CA GLY F 22 -56.88 51.45 -8.38
C GLY F 22 -57.05 50.88 -9.78
N ILE F 23 -57.55 49.65 -9.88
CA ILE F 23 -57.84 49.07 -11.19
C ILE F 23 -58.90 49.90 -11.90
N LEU F 24 -59.93 50.31 -11.18
CA LEU F 24 -61.00 51.11 -11.78
C LEU F 24 -60.49 52.48 -12.21
N ASN F 25 -59.63 53.10 -11.39
CA ASN F 25 -59.05 54.38 -11.77
C ASN F 25 -58.22 54.26 -13.05
N ASP F 26 -57.50 53.15 -13.22
CA ASP F 26 -56.62 53.01 -14.38
C ASP F 26 -57.40 52.83 -15.67
N ILE F 27 -58.58 52.21 -15.61
CA ILE F 27 -59.45 52.07 -16.78
C ILE F 27 -60.50 53.18 -16.84
N LYS F 28 -60.38 54.19 -15.96
CA LYS F 28 -61.27 55.36 -15.97
C LYS F 28 -62.73 54.95 -15.86
N ARG F 29 -63.03 54.14 -14.83
CA ARG F 29 -64.39 53.74 -14.51
C ARG F 29 -64.73 54.27 -13.12
N ARG F 30 -65.88 54.92 -13.00
CA ARG F 30 -66.42 55.26 -11.70
C ARG F 30 -67.08 54.03 -11.09
N PRO F 31 -67.31 54.03 -9.78
CA PRO F 31 -68.05 52.92 -9.17
C PRO F 31 -69.36 52.60 -9.87
N GLU F 32 -70.08 53.62 -10.33
CA GLU F 32 -71.33 53.39 -11.05
C GLU F 32 -71.09 52.73 -12.41
N ASP F 33 -70.01 53.12 -13.10
CA ASP F 33 -69.69 52.50 -14.39
C ASP F 33 -69.32 51.03 -14.21
N ALA F 34 -68.52 50.72 -13.18
CA ALA F 34 -68.16 49.34 -12.90
C ALA F 34 -69.39 48.51 -12.57
N ALA F 35 -70.29 49.05 -11.74
CA ALA F 35 -71.48 48.31 -11.35
C ALA F 35 -72.31 47.90 -12.56
N ASN F 36 -72.53 48.82 -13.49
CA ASN F 36 -73.36 48.50 -14.66
C ASN F 36 -72.64 47.53 -15.59
N GLU F 37 -71.37 47.79 -15.89
CA GLU F 37 -70.64 46.92 -16.79
C GLU F 37 -70.47 45.52 -16.22
N LEU F 38 -70.24 45.41 -14.91
CA LEU F 38 -70.12 44.11 -14.28
C LEU F 38 -71.47 43.47 -13.94
N GLY F 39 -72.57 44.19 -14.14
CA GLY F 39 -73.89 43.66 -13.87
C GLY F 39 -74.18 43.42 -12.40
N VAL F 40 -73.78 44.36 -11.53
CA VAL F 40 -73.92 44.22 -10.09
C VAL F 40 -74.43 45.54 -9.52
N SER F 41 -74.78 45.51 -8.24
CA SER F 41 -75.27 46.70 -7.55
C SER F 41 -74.13 47.69 -7.31
N ILE F 42 -74.50 48.97 -7.28
CA ILE F 42 -73.52 50.03 -7.00
C ILE F 42 -73.05 49.97 -5.56
N GLU F 43 -73.92 49.53 -4.64
CA GLU F 43 -73.49 49.33 -3.26
C GLU F 43 -72.55 48.14 -3.14
N GLU F 44 -72.71 47.14 -4.01
CA GLU F 44 -71.81 46.00 -4.03
C GLU F 44 -70.39 46.43 -4.37
N ILE F 45 -70.24 47.32 -5.36
CA ILE F 45 -68.92 47.83 -5.72
C ILE F 45 -68.31 48.61 -4.56
N ASN F 46 -69.08 49.54 -3.99
CA ASN F 46 -68.57 50.32 -2.87
C ASN F 46 -68.25 49.44 -1.66
N SER F 47 -68.97 48.33 -1.51
CA SER F 47 -68.69 47.40 -0.43
C SER F 47 -67.31 46.76 -0.60
N ILE F 48 -66.91 46.49 -1.84
CA ILE F 48 -65.59 45.96 -2.10
C ILE F 48 -64.54 47.04 -1.89
N ILE F 49 -64.78 48.23 -2.44
CA ILE F 49 -63.81 49.33 -2.34
C ILE F 49 -63.51 49.67 -0.89
N SER F 50 -64.57 49.74 -0.06
CA SER F 50 -64.40 50.07 1.35
C SER F 50 -63.85 48.91 2.17
N GLY F 51 -63.75 47.71 1.59
CA GLY F 51 -63.27 46.57 2.33
C GLY F 51 -64.32 45.92 3.20
N LYS F 52 -65.61 46.18 2.95
CA LYS F 52 -66.65 45.52 3.72
C LYS F 52 -66.73 44.03 3.37
N GLN F 53 -66.59 43.69 2.10
CA GLN F 53 -66.59 42.30 1.67
C GLN F 53 -65.54 42.11 0.58
N LYS F 54 -65.04 40.88 0.48
CA LYS F 54 -64.04 40.56 -0.53
C LYS F 54 -64.70 40.33 -1.88
N ILE F 55 -63.97 40.66 -2.95
CA ILE F 55 -64.49 40.47 -4.30
C ILE F 55 -64.54 38.97 -4.60
N SER F 56 -65.58 38.56 -5.30
CA SER F 56 -65.73 37.15 -5.61
C SER F 56 -65.03 36.81 -6.93
N PRO F 57 -64.52 35.59 -7.06
CA PRO F 57 -63.89 35.21 -8.33
C PRO F 57 -64.84 35.29 -9.51
N SER F 58 -66.14 35.09 -9.28
CA SER F 58 -67.12 35.23 -10.35
C SER F 58 -67.14 36.65 -10.89
N LEU F 59 -66.99 37.65 -10.01
CA LEU F 59 -66.93 39.02 -10.47
C LEU F 59 -65.60 39.31 -11.15
N ILE F 60 -64.51 38.74 -10.63
CA ILE F 60 -63.20 38.88 -11.28
C ILE F 60 -63.26 38.32 -12.70
N GLU F 61 -63.91 37.17 -12.86
CA GLU F 61 -64.03 36.58 -14.20
C GLU F 61 -64.78 37.51 -15.15
N LYS F 62 -65.84 38.16 -14.66
CA LYS F 62 -66.57 39.10 -15.51
C LYS F 62 -65.69 40.29 -15.89
N ALA F 63 -64.93 40.82 -14.92
CA ALA F 63 -64.06 41.95 -15.21
C ALA F 63 -63.00 41.59 -16.24
N VAL F 64 -62.42 40.40 -16.11
CA VAL F 64 -61.37 39.97 -17.04
C VAL F 64 -61.94 39.70 -18.43
N ASN F 65 -63.23 39.39 -18.54
CA ASN F 65 -63.82 39.12 -19.84
C ASN F 65 -64.20 40.39 -20.60
N ILE F 66 -64.38 41.52 -19.91
CA ILE F 66 -64.80 42.76 -20.55
C ILE F 66 -63.77 43.87 -20.46
N TRP F 67 -62.73 43.72 -19.64
CA TRP F 67 -61.77 44.78 -19.46
C TRP F 67 -60.37 44.30 -19.80
N PRO F 68 -59.46 45.19 -20.21
CA PRO F 68 -58.08 44.77 -20.46
C PRO F 68 -57.31 44.56 -19.17
N VAL F 69 -57.85 43.71 -18.28
CA VAL F 69 -57.25 43.45 -16.99
C VAL F 69 -56.99 41.95 -16.89
N ASN F 70 -56.06 41.59 -16.00
CA ASN F 70 -55.72 40.20 -15.76
C ASN F 70 -56.18 39.78 -14.38
N GLU F 71 -56.56 38.51 -14.24
CA GLU F 71 -56.95 37.97 -12.95
C GLU F 71 -55.86 38.19 -11.91
N ARG F 72 -54.59 38.14 -12.33
CA ARG F 72 -53.46 38.35 -11.44
C ARG F 72 -53.59 39.65 -10.66
N ASP F 73 -54.15 40.69 -11.29
CA ASP F 73 -54.16 42.01 -10.69
C ASP F 73 -55.16 42.16 -9.54
N PHE F 74 -56.04 41.18 -9.35
CA PHE F 74 -57.07 41.27 -8.30
C PHE F 74 -56.67 40.60 -7.00
N TYR F 75 -55.52 39.93 -6.94
CA TYR F 75 -55.13 39.15 -5.77
C TYR F 75 -53.89 39.79 -5.14
N ILE F 76 -54.08 40.46 -4.00
CA ILE F 76 -52.98 41.07 -3.30
C ILE F 76 -52.26 40.04 -2.43
N VAL F 77 -51.07 40.41 -1.97
CA VAL F 77 -50.28 39.56 -1.09
C VAL F 77 -50.47 40.05 0.34
N SER F 78 -50.80 39.13 1.24
CA SER F 78 -50.99 39.47 2.65
C SER F 78 -49.64 39.46 3.38
N ASP F 79 -49.46 40.44 4.26
CA ASP F 79 -48.19 40.62 4.97
C ASP F 79 -48.09 39.59 6.09
N ASP F 80 -47.27 38.56 5.88
CA ASP F 80 -47.00 37.55 6.90
C ASP F 80 -45.80 37.91 7.77
N CYS F 81 -45.40 39.17 7.78
CA CYS F 81 -44.23 39.65 8.51
C CYS F 81 -44.55 41.01 9.13
N SER F 82 -45.65 41.07 9.88
CA SER F 82 -46.19 42.34 10.36
C SER F 82 -45.28 43.04 11.38
N SER F 83 -44.39 42.31 12.04
CA SER F 83 -43.53 42.90 13.05
C SER F 83 -42.24 43.46 12.49
N GLY F 84 -41.99 43.29 11.19
CA GLY F 84 -40.79 43.77 10.56
C GLY F 84 -39.76 42.68 10.27
N ILE F 85 -39.76 41.60 11.06
CA ILE F 85 -38.80 40.52 10.92
C ILE F 85 -39.53 39.20 11.17
N LEU F 86 -39.22 38.20 10.34
CA LEU F 86 -39.84 36.88 10.45
C LEU F 86 -38.74 35.86 10.71
N ILE F 87 -38.85 35.16 11.83
CA ILE F 87 -37.85 34.18 12.27
C ILE F 87 -38.45 32.79 12.20
N MET F 88 -37.73 31.87 11.56
CA MET F 88 -38.04 30.45 11.60
C MET F 88 -37.02 29.74 12.50
N THR F 89 -37.50 28.84 13.34
CA THR F 89 -36.61 28.16 14.27
C THR F 89 -35.96 26.94 13.60
N SER F 90 -34.77 26.59 14.11
CA SER F 90 -34.08 25.40 13.63
C SER F 90 -34.95 24.16 13.79
N GLN F 91 -35.72 24.08 14.86
CA GLN F 91 -36.61 22.95 15.06
C GLN F 91 -37.65 22.85 13.95
N ASP F 92 -38.23 23.99 13.56
CA ASP F 92 -39.18 23.99 12.45
C ASP F 92 -38.53 23.52 11.15
N SER F 93 -37.27 23.93 10.92
CA SER F 93 -36.58 23.54 9.70
C SER F 93 -36.34 22.03 9.65
N ILE F 94 -35.95 21.44 10.78
CA ILE F 94 -35.70 20.00 10.83
C ILE F 94 -36.96 19.22 10.48
N LYS F 95 -38.11 19.66 11.00
CA LYS F 95 -39.37 18.99 10.71
C LYS F 95 -39.76 19.09 9.24
N SER F 96 -39.22 20.07 8.51
CA SER F 96 -39.53 20.23 7.10
C SER F 96 -38.59 19.42 6.21
N SER F 97 -37.70 18.62 6.78
CA SER F 97 -36.72 17.87 6.00
C SER F 97 -37.41 16.98 4.98
N ARG F 98 -36.83 16.92 3.78
CA ARG F 98 -37.32 16.04 2.73
C ARG F 98 -36.14 15.60 1.89
N ILE F 99 -36.08 14.31 1.58
CA ILE F 99 -34.98 13.72 0.83
C ILE F 99 -35.32 13.76 -0.65
N MET F 100 -34.35 14.14 -1.47
CA MET F 100 -34.50 14.13 -2.92
C MET F 100 -33.62 13.04 -3.49
N GLU F 101 -34.22 12.12 -4.25
CA GLU F 101 -33.50 11.01 -4.84
C GLU F 101 -33.18 11.30 -6.30
N ARG F 102 -31.92 11.10 -6.68
CA ARG F 102 -31.49 11.17 -8.06
C ARG F 102 -30.73 9.90 -8.38
N ALA F 103 -30.98 9.36 -9.58
CA ALA F 103 -30.39 8.08 -10.01
C ALA F 103 -30.75 6.94 -9.06
N GLY F 104 -31.92 7.03 -8.44
CA GLY F 104 -32.40 5.96 -7.58
C GLY F 104 -31.75 5.87 -6.22
N LYS F 105 -31.19 6.96 -5.71
CA LYS F 105 -30.53 6.95 -4.41
C LYS F 105 -30.66 8.34 -3.80
N PRO F 106 -30.74 8.43 -2.47
CA PRO F 106 -30.85 9.75 -1.82
C PRO F 106 -29.64 10.63 -2.14
N TYR F 107 -29.92 11.84 -2.63
CA TYR F 107 -28.89 12.75 -3.13
C TYR F 107 -28.84 14.07 -2.39
N TYR F 108 -29.99 14.64 -2.05
CA TYR F 108 -30.06 15.89 -1.30
C TYR F 108 -30.99 15.72 -0.10
N GLU F 109 -30.65 16.38 1.00
CA GLU F 109 -31.60 16.63 2.07
C GLU F 109 -31.94 18.11 2.03
N TYR F 110 -33.23 18.42 1.95
CA TYR F 110 -33.68 19.80 1.85
C TYR F 110 -34.50 20.19 3.07
N ARG F 111 -34.29 21.41 3.55
CA ARG F 111 -35.04 21.95 4.67
C ARG F 111 -35.48 23.38 4.35
N ASP F 112 -36.70 23.70 4.75
CA ASP F 112 -37.18 25.08 4.66
C ASP F 112 -36.47 25.94 5.69
N THR F 113 -36.10 27.15 5.29
CA THR F 113 -35.63 28.15 6.22
C THR F 113 -36.51 29.40 6.07
N ALA F 114 -36.11 30.48 6.74
CA ALA F 114 -36.98 31.65 6.85
C ALA F 114 -37.22 32.30 5.49
N MET F 115 -38.49 32.50 5.17
CA MET F 115 -38.87 33.26 4.00
C MET F 115 -40.26 33.86 4.23
N SER F 116 -40.59 34.85 3.42
CA SER F 116 -41.86 35.57 3.52
C SER F 116 -42.55 35.58 2.17
N LYS F 117 -43.88 35.44 2.19
CA LYS F 117 -44.66 35.58 0.96
C LYS F 117 -44.48 36.95 0.32
N THR F 118 -43.98 37.92 1.08
CA THR F 118 -43.79 39.28 0.60
C THR F 118 -42.39 39.51 0.04
N ALA F 119 -41.47 38.57 0.23
CA ALA F 119 -40.07 38.75 -0.15
C ALA F 119 -39.77 37.93 -1.40
N PRO F 120 -39.16 38.53 -2.41
CA PRO F 120 -38.88 37.80 -3.67
C PRO F 120 -37.57 37.03 -3.62
N PHE F 121 -37.50 36.05 -2.72
CA PHE F 121 -36.40 35.10 -2.68
C PHE F 121 -36.90 33.79 -2.10
N ARG F 122 -36.19 32.71 -2.43
CA ARG F 122 -36.44 31.39 -1.86
C ARG F 122 -35.13 30.81 -1.36
N PRO F 123 -34.95 30.68 -0.05
CA PRO F 123 -33.72 30.08 0.47
C PRO F 123 -33.77 28.56 0.41
N GLU F 124 -32.58 27.97 0.37
CA GLU F 124 -32.44 26.53 0.24
C GLU F 124 -31.37 26.03 1.20
N TRP F 125 -31.78 25.15 2.12
CA TRP F 125 -30.86 24.41 2.97
C TRP F 125 -30.72 23.02 2.36
N ILE F 126 -29.57 22.73 1.77
CA ILE F 126 -29.39 21.51 0.98
C ILE F 126 -28.16 20.77 1.48
N LEU F 127 -28.38 19.62 2.12
CA LEU F 127 -27.29 18.76 2.58
C LEU F 127 -26.89 17.81 1.45
N GLU F 128 -25.58 17.66 1.25
CA GLU F 128 -25.05 16.88 0.15
C GLU F 128 -24.84 15.44 0.62
N LEU F 129 -25.65 14.52 0.10
CA LEU F 129 -25.62 13.12 0.50
C LEU F 129 -24.76 12.24 -0.40
N CYS F 130 -24.51 12.65 -1.64
CA CYS F 130 -23.71 11.84 -2.55
C CYS F 130 -22.23 12.14 -2.33
N LYS F 131 -21.43 11.08 -2.19
CA LYS F 131 -20.00 11.19 -1.93
C LYS F 131 -19.22 10.82 -3.19
N VAL F 132 -18.26 11.67 -3.56
CA VAL F 132 -17.43 11.47 -4.74
C VAL F 132 -16.02 11.12 -4.30
N GLU F 133 -15.39 10.19 -5.02
CA GLU F 133 -14.06 9.72 -4.66
C GLU F 133 -12.94 10.53 -5.27
N ASN F 134 -13.25 11.44 -6.20
CA ASN F 134 -12.25 12.31 -6.80
C ASN F 134 -12.87 13.69 -7.03
N ASN F 135 -12.03 14.63 -7.45
CA ASN F 135 -12.47 15.95 -7.84
C ASN F 135 -12.64 16.07 -9.36
N ASP F 136 -13.05 15.00 -10.01
CA ASP F 136 -13.26 15.02 -11.46
C ASP F 136 -14.61 15.65 -11.76
N PRO F 137 -14.67 16.74 -12.53
CA PRO F 137 -15.98 17.31 -12.90
C PRO F 137 -16.82 16.35 -13.72
N GLU F 138 -16.19 15.37 -14.38
CA GLU F 138 -16.87 14.38 -15.21
C GLU F 138 -17.36 13.18 -14.42
N ASN F 139 -17.23 13.20 -13.10
CA ASN F 139 -17.59 12.05 -12.28
C ASN F 139 -19.05 11.68 -12.48
N PRO F 140 -19.36 10.45 -12.90
CA PRO F 140 -20.76 10.08 -13.14
C PRO F 140 -21.63 10.14 -11.91
N LYS F 141 -21.04 10.12 -10.71
CA LYS F 141 -21.84 10.17 -9.50
C LYS F 141 -22.60 11.49 -9.38
N ALA F 142 -22.05 12.56 -9.93
CA ALA F 142 -22.73 13.85 -9.90
C ALA F 142 -23.98 13.81 -10.76
N GLN F 143 -25.09 14.26 -10.19
CA GLN F 143 -26.38 14.27 -10.87
C GLN F 143 -26.76 15.71 -11.16
N TRP F 144 -26.69 16.08 -12.44
CA TRP F 144 -26.80 17.48 -12.85
C TRP F 144 -28.25 17.88 -13.04
N ASN F 145 -28.51 19.17 -12.80
CA ASN F 145 -29.68 19.84 -13.35
C ASN F 145 -29.23 20.64 -14.58
N ASN F 146 -30.21 21.11 -15.34
CA ASN F 146 -29.94 21.81 -16.59
C ASN F 146 -29.95 23.32 -16.43
N GLY F 147 -30.05 23.81 -15.20
CA GLY F 147 -30.11 25.24 -14.96
C GLY F 147 -31.54 25.71 -14.72
N HIS F 148 -31.64 26.89 -14.11
CA HIS F 148 -32.93 27.49 -13.79
C HIS F 148 -32.91 28.96 -14.16
N PHE F 149 -34.09 29.49 -14.47
CA PHE F 149 -34.24 30.91 -14.77
C PHE F 149 -34.37 31.71 -13.47
N MET F 150 -33.30 31.64 -12.68
CA MET F 150 -33.21 32.29 -11.38
C MET F 150 -31.76 32.65 -11.11
N HIS F 151 -31.56 33.71 -10.33
CA HIS F 151 -30.25 33.95 -9.76
C HIS F 151 -30.04 33.03 -8.56
N GLN F 152 -28.79 32.69 -8.29
CA GLN F 152 -28.50 31.84 -7.13
C GLN F 152 -27.18 32.23 -6.49
N PHE F 153 -27.23 32.62 -5.23
CA PHE F 153 -26.06 32.72 -4.37
C PHE F 153 -25.99 31.49 -3.48
N THR F 154 -24.77 31.03 -3.20
CA THR F 154 -24.58 29.84 -2.37
C THR F 154 -23.44 30.05 -1.40
N TYR F 155 -23.65 29.66 -0.16
CA TYR F 155 -22.62 29.65 0.88
C TYR F 155 -22.29 28.19 1.21
N PHE F 156 -21.00 27.88 1.27
CA PHE F 156 -20.56 26.50 1.45
C PHE F 156 -20.13 26.24 2.88
N ILE F 157 -20.61 25.13 3.44
CA ILE F 157 -20.23 24.66 4.77
C ILE F 157 -19.78 23.21 4.64
N GLY F 158 -18.51 22.95 4.92
CA GLY F 158 -17.97 21.61 4.79
C GLY F 158 -17.29 21.41 3.45
N GLU F 159 -17.01 20.13 3.16
CA GLU F 159 -16.24 19.76 1.99
C GLU F 159 -17.20 19.50 0.82
N VAL F 160 -17.62 20.59 0.19
CA VAL F 160 -18.56 20.54 -0.92
C VAL F 160 -17.80 20.75 -2.22
N ASN F 161 -18.07 19.91 -3.21
CA ASN F 161 -17.64 20.17 -4.58
C ASN F 161 -18.80 20.80 -5.34
N PHE F 162 -18.54 21.93 -5.96
CA PHE F 162 -19.53 22.68 -6.73
C PHE F 162 -19.25 22.49 -8.22
N TYR F 163 -20.12 21.74 -8.89
CA TYR F 163 -20.01 21.47 -10.32
C TYR F 163 -20.84 22.47 -11.11
N TYR F 164 -20.32 22.89 -12.26
CA TYR F 164 -21.05 23.78 -13.15
C TYR F 164 -20.55 23.57 -14.57
N LYS F 165 -21.39 23.91 -15.55
CA LYS F 165 -21.04 23.87 -16.96
C LYS F 165 -20.89 25.28 -17.50
N ASP F 166 -19.90 25.47 -18.36
CA ASP F 166 -19.70 26.76 -19.03
C ASP F 166 -20.67 26.88 -20.21
N PRO F 167 -20.75 28.07 -20.82
CA PRO F 167 -21.64 28.21 -21.99
C PRO F 167 -21.37 27.23 -23.11
N GLU F 168 -20.15 26.71 -23.23
CA GLU F 168 -19.85 25.75 -24.27
C GLU F 168 -20.22 24.32 -23.89
N GLY F 169 -20.80 24.11 -22.71
CA GLY F 169 -21.19 22.79 -22.26
C GLY F 169 -20.14 22.04 -21.47
N LYS F 170 -18.93 22.56 -21.36
CA LYS F 170 -17.87 21.84 -20.66
C LYS F 170 -18.08 21.89 -19.14
N LYS F 171 -17.87 20.74 -18.50
CA LYS F 171 -18.08 20.62 -17.07
C LYS F 171 -16.85 21.11 -16.29
N HIS F 172 -17.10 21.90 -15.26
CA HIS F 172 -16.08 22.35 -14.32
C HIS F 172 -16.48 21.96 -12.90
N VAL F 173 -15.55 22.13 -11.97
CA VAL F 173 -15.84 21.86 -10.56
C VAL F 173 -15.04 22.84 -9.73
N ALA F 174 -15.63 23.26 -8.61
CA ALA F 174 -14.99 24.11 -7.62
C ALA F 174 -14.90 23.34 -6.31
N ILE F 175 -13.68 23.16 -5.81
CA ILE F 175 -13.44 22.43 -4.58
C ILE F 175 -13.61 23.41 -3.43
N MET F 176 -14.74 23.32 -2.73
CA MET F 176 -15.13 24.31 -1.75
C MET F 176 -14.94 23.80 -0.34
N ASN F 177 -14.84 24.76 0.59
CA ASN F 177 -14.72 24.50 2.02
C ASN F 177 -15.53 25.55 2.75
N THR F 178 -15.56 25.46 4.08
CA THR F 178 -16.39 26.35 4.89
C THR F 178 -15.97 27.79 4.69
N GLY F 179 -16.96 28.65 4.39
CA GLY F 179 -16.72 30.06 4.16
C GLY F 179 -16.61 30.45 2.70
N ASP F 180 -16.46 29.49 1.79
CA ASP F 180 -16.47 29.81 0.36
C ASP F 180 -17.89 30.15 -0.09
N SER F 181 -17.98 30.97 -1.12
CA SER F 181 -19.27 31.40 -1.64
C SER F 181 -19.19 31.52 -3.16
N MET F 182 -20.36 31.53 -3.80
CA MET F 182 -20.43 31.66 -5.24
C MET F 182 -21.75 32.32 -5.66
N TYR F 183 -21.75 32.82 -6.89
CA TYR F 183 -22.96 33.23 -7.60
C TYR F 183 -22.95 32.58 -8.97
N ILE F 184 -24.14 32.25 -9.49
CA ILE F 184 -24.26 31.66 -10.82
C ILE F 184 -25.31 32.42 -11.62
N THR F 185 -24.97 32.76 -12.85
CA THR F 185 -25.91 33.37 -13.78
C THR F 185 -27.07 32.40 -14.04
N PRO F 186 -28.29 32.91 -14.24
CA PRO F 186 -29.42 32.03 -14.53
C PRO F 186 -29.16 31.06 -15.68
N PHE F 187 -29.69 29.85 -15.55
CA PHE F 187 -29.57 28.75 -16.50
C PHE F 187 -28.17 28.14 -16.51
N THR F 188 -27.35 28.41 -15.50
CA THR F 188 -26.09 27.67 -15.35
C THR F 188 -26.37 26.29 -14.77
N PRO F 189 -26.12 25.21 -15.51
CA PRO F 189 -26.28 23.87 -14.95
C PRO F 189 -25.29 23.63 -13.82
N HIS F 190 -25.74 22.96 -12.77
CA HIS F 190 -24.91 22.79 -11.58
C HIS F 190 -25.46 21.67 -10.71
N THR F 191 -24.62 21.22 -9.78
CA THR F 191 -24.98 20.20 -8.80
C THR F 191 -23.90 20.20 -7.72
N PHE F 192 -24.18 19.51 -6.61
CA PHE F 192 -23.31 19.57 -5.44
C PHE F 192 -23.14 18.18 -4.84
N THR F 193 -21.91 17.89 -4.39
CA THR F 193 -21.58 16.61 -3.77
C THR F 193 -20.70 16.87 -2.55
N THR F 194 -20.49 15.83 -1.76
CA THR F 194 -19.57 15.84 -0.64
C THR F 194 -18.32 15.06 -1.02
N ARG F 195 -17.14 15.65 -0.80
CA ARG F 195 -15.89 14.94 -1.05
C ARG F 195 -15.76 13.78 -0.07
N ASP F 196 -15.43 12.61 -0.59
CA ASP F 196 -15.27 11.43 0.26
C ASP F 196 -14.09 11.62 1.21
N GLY F 197 -14.33 11.38 2.49
CA GLY F 197 -13.33 11.59 3.52
C GLY F 197 -13.66 12.70 4.49
N ALA F 198 -14.67 13.52 4.20
CA ALA F 198 -15.07 14.58 5.12
C ALA F 198 -15.65 13.98 6.40
N SER F 199 -15.44 14.69 7.51
CA SER F 199 -15.93 14.21 8.79
C SER F 199 -17.46 14.21 8.87
N GLN F 200 -18.13 14.93 7.97
CA GLN F 200 -19.59 14.95 7.91
C GLN F 200 -20.01 15.41 6.52
N ASN F 201 -21.27 15.18 6.21
CA ASN F 201 -21.80 15.60 4.92
C ASN F 201 -21.66 17.11 4.74
N GLY F 202 -21.33 17.52 3.53
CA GLY F 202 -21.28 18.93 3.21
C GLY F 202 -22.68 19.53 3.13
N LEU F 203 -22.72 20.86 3.24
CA LEU F 203 -23.97 21.60 3.30
C LEU F 203 -23.80 22.92 2.55
N ILE F 204 -24.86 23.35 1.87
CA ILE F 204 -24.90 24.66 1.23
C ILE F 204 -26.14 25.40 1.71
N LEU F 205 -25.99 26.71 1.91
CA LEU F 205 -27.11 27.61 2.15
C LEU F 205 -27.27 28.43 0.88
N ALA F 206 -28.31 28.18 0.11
CA ALA F 206 -28.51 28.84 -1.16
C ALA F 206 -29.62 29.89 -1.06
N LEU F 207 -29.44 30.99 -1.77
CA LEU F 207 -30.47 32.00 -1.94
C LEU F 207 -30.81 32.07 -3.42
N THR F 208 -32.03 31.66 -3.76
CA THR F 208 -32.54 31.73 -5.13
C THR F 208 -33.51 32.89 -5.23
N TYR F 209 -33.36 33.71 -6.28
CA TYR F 209 -34.20 34.88 -6.45
C TYR F 209 -34.21 35.30 -7.91
N GLY F 210 -35.31 35.94 -8.32
CA GLY F 210 -35.51 36.30 -9.72
C GLY F 210 -35.00 37.68 -10.10
N SER F 211 -34.84 38.56 -9.12
CA SER F 211 -34.46 39.94 -9.35
C SER F 211 -35.37 40.61 -10.38
N LYS F 212 -34.89 40.82 -11.60
CA LYS F 212 -35.65 41.51 -12.64
C LYS F 212 -36.10 40.58 -13.76
N LEU F 213 -36.21 39.28 -13.49
CA LEU F 213 -36.47 38.31 -14.55
C LEU F 213 -37.77 37.54 -14.38
N THR F 214 -38.39 37.55 -13.20
CA THR F 214 -39.51 36.65 -12.92
C THR F 214 -40.78 37.46 -12.66
N GLY F 215 -41.81 36.76 -12.20
CA GLY F 215 -43.09 37.42 -11.97
C GLY F 215 -43.67 37.95 -13.27
N ASP F 216 -44.29 39.12 -13.18
CA ASP F 216 -44.94 39.69 -14.35
C ASP F 216 -43.95 40.23 -15.37
N ILE F 217 -42.69 40.44 -14.98
CA ILE F 217 -41.67 40.82 -15.95
C ILE F 217 -41.43 39.67 -16.93
N GLN F 218 -41.37 38.44 -16.43
CA GLN F 218 -41.27 37.29 -17.33
C GLN F 218 -42.55 37.14 -18.14
N GLN F 219 -43.71 37.39 -17.52
CA GLN F 219 -44.96 37.26 -18.23
C GLN F 219 -45.12 38.30 -19.34
N GLU F 220 -44.55 39.50 -19.15
CA GLU F 220 -44.51 40.45 -20.26
C GLU F 220 -43.62 39.93 -21.38
N LEU F 221 -42.50 39.30 -21.02
CA LEU F 221 -41.57 38.78 -22.02
C LEU F 221 -42.12 37.53 -22.71
N SER F 222 -42.81 36.67 -21.96
CA SER F 222 -43.28 35.41 -22.52
C SER F 222 -44.44 35.59 -23.49
N SER F 223 -45.15 36.72 -23.42
CA SER F 223 -46.23 36.99 -24.36
C SER F 223 -45.72 37.54 -25.69
N LEU F 224 -44.41 37.63 -25.85
CA LEU F 224 -43.78 38.00 -27.11
C LEU F 224 -43.29 36.74 -27.82
N SER F 225 -43.24 36.81 -29.15
CA SER F 225 -42.67 35.72 -29.92
C SER F 225 -41.22 35.50 -29.53
N LEU F 226 -40.73 34.28 -29.78
CA LEU F 226 -39.32 33.98 -29.52
C LEU F 226 -38.42 34.95 -30.27
N ASP F 227 -38.74 35.22 -31.54
CA ASP F 227 -37.91 36.12 -32.34
C ASP F 227 -37.91 37.54 -31.77
N CYS F 228 -39.07 38.02 -31.31
CA CYS F 228 -39.12 39.37 -30.74
C CYS F 228 -38.58 39.41 -29.33
N GLY F 229 -38.94 38.45 -28.49
CA GLY F 229 -38.54 38.50 -27.09
C GLY F 229 -37.04 38.45 -26.90
N SER F 230 -36.34 37.68 -27.74
CA SER F 230 -34.90 37.54 -27.59
C SER F 230 -34.13 38.77 -28.04
N GLN F 231 -34.76 39.67 -28.80
CA GLN F 231 -34.07 40.88 -29.25
C GLN F 231 -33.83 41.87 -28.13
N TYR F 232 -34.49 41.72 -26.98
CA TYR F 232 -34.13 42.51 -25.81
C TYR F 232 -32.73 42.19 -25.33
N ALA F 233 -32.30 40.93 -25.45
CA ALA F 233 -30.97 40.52 -25.01
C ALA F 233 -29.93 41.17 -25.93
N LEU F 234 -29.22 42.17 -25.41
CA LEU F 234 -28.20 42.86 -26.18
C LEU F 234 -26.85 42.16 -26.03
N ASP F 235 -25.96 42.45 -26.97
CA ASP F 235 -24.60 41.90 -26.93
C ASP F 235 -23.83 42.53 -25.78
N PHE F 236 -23.81 41.85 -24.62
CA PHE F 236 -23.05 42.29 -23.45
C PHE F 236 -21.85 41.39 -23.19
N THR F 237 -21.26 40.83 -24.25
CA THR F 237 -20.15 39.90 -24.06
C THR F 237 -18.94 40.58 -23.43
N ASN F 238 -18.75 41.87 -23.69
CA ASN F 238 -17.70 42.65 -23.04
C ASN F 238 -18.07 44.13 -23.10
N HIS F 239 -17.19 44.97 -22.55
CA HIS F 239 -17.50 46.39 -22.42
C HIS F 239 -17.68 47.06 -23.77
N GLU F 240 -16.79 46.77 -24.72
CA GLU F 240 -16.84 47.43 -26.02
C GLU F 240 -18.13 47.05 -26.77
N ASN F 241 -18.46 45.76 -26.78
CA ASN F 241 -19.68 45.32 -27.44
C ASN F 241 -20.92 45.82 -26.72
N ALA F 242 -20.87 45.91 -25.39
CA ALA F 242 -22.04 46.39 -24.64
C ALA F 242 -22.31 47.86 -24.94
N SER F 243 -21.24 48.67 -25.09
CA SER F 243 -21.44 50.09 -25.37
C SER F 243 -22.00 50.30 -26.77
N LEU F 244 -21.59 49.47 -27.74
CA LEU F 244 -22.17 49.57 -29.07
C LEU F 244 -23.62 49.10 -29.07
N SER F 245 -23.91 48.03 -28.34
CA SER F 245 -25.28 47.52 -28.27
C SER F 245 -26.23 48.58 -27.72
N LEU F 246 -25.80 49.32 -26.70
CA LEU F 246 -26.64 50.38 -26.14
C LEU F 246 -26.74 51.57 -27.09
N LEU F 247 -25.65 51.89 -27.79
CA LEU F 247 -25.71 52.97 -28.78
C LEU F 247 -26.69 52.63 -29.90
N GLU F 248 -26.73 51.37 -30.31
CA GLU F 248 -27.66 50.96 -31.36
C GLU F 248 -29.10 50.96 -30.87
N TYR F 249 -29.32 50.48 -29.65
CA TYR F 249 -30.68 50.36 -29.13
C TYR F 249 -31.33 51.72 -28.97
N TYR F 250 -30.62 52.68 -28.36
CA TYR F 250 -31.21 54.00 -28.15
C TYR F 250 -31.20 54.85 -29.41
N PHE F 251 -30.31 54.56 -30.37
CA PHE F 251 -30.43 55.20 -31.67
C PHE F 251 -31.72 54.77 -32.37
N GLU F 252 -32.05 53.48 -32.31
CA GLU F 252 -33.30 53.01 -32.89
C GLU F 252 -34.50 53.63 -32.19
N LEU F 253 -34.43 53.81 -30.87
CA LEU F 253 -35.57 54.36 -30.13
C LEU F 253 -35.88 55.79 -30.60
N SER F 254 -34.84 56.59 -30.83
CA SER F 254 -35.03 57.97 -31.28
C SER F 254 -35.68 58.07 -32.66
N ASN F 255 -35.55 57.03 -33.48
CA ASN F 255 -36.05 57.02 -34.86
C ASN F 255 -35.43 58.13 -35.70
N LEU F 256 -34.28 58.66 -35.28
CA LEU F 256 -33.53 59.59 -36.09
C LEU F 256 -32.83 58.87 -37.24
N THR F 257 -32.51 59.63 -38.29
CA THR F 257 -31.57 59.16 -39.29
C THR F 257 -30.15 59.47 -38.81
N LYS F 258 -29.17 58.85 -39.48
CA LYS F 258 -27.79 59.14 -39.11
C LYS F 258 -27.40 60.57 -39.48
N GLU F 259 -27.99 61.13 -40.54
CA GLU F 259 -27.72 62.53 -40.88
C GLU F 259 -28.30 63.46 -39.82
N LYS F 260 -29.57 63.27 -39.48
CA LYS F 260 -30.16 64.06 -38.41
C LYS F 260 -29.40 63.89 -37.10
N PHE F 261 -29.05 62.64 -36.76
CA PHE F 261 -28.20 62.37 -35.61
C PHE F 261 -26.90 63.16 -35.69
N ALA F 262 -26.30 63.22 -36.89
CA ALA F 262 -25.05 63.93 -37.07
C ALA F 262 -25.24 65.44 -36.90
N LYS F 263 -26.26 66.00 -37.53
CA LYS F 263 -26.53 67.43 -37.41
C LYS F 263 -26.84 67.82 -35.97
N ARG F 264 -27.50 66.93 -35.23
CA ARG F 264 -27.92 67.26 -33.87
C ARG F 264 -26.77 67.17 -32.88
N THR F 265 -25.83 66.24 -33.09
CA THR F 265 -24.65 66.14 -32.23
C THR F 265 -23.51 67.02 -32.70
N ASN F 266 -23.59 67.56 -33.91
CA ASN F 266 -22.48 68.24 -34.58
C ASN F 266 -21.30 67.30 -34.79
N PHE F 267 -21.54 65.99 -34.76
CA PHE F 267 -20.53 65.01 -35.13
C PHE F 267 -20.58 64.80 -36.64
N SER F 268 -19.40 64.58 -37.23
CA SER F 268 -19.33 64.27 -38.64
C SER F 268 -19.86 62.87 -38.92
N MET F 269 -20.24 62.64 -40.18
CA MET F 269 -20.63 61.29 -40.58
C MET F 269 -19.48 60.30 -40.39
N GLU F 270 -18.25 60.75 -40.59
CA GLU F 270 -17.10 59.87 -40.36
C GLU F 270 -16.97 59.50 -38.88
N THR F 271 -17.11 60.49 -38.00
CA THR F 271 -17.08 60.22 -36.56
C THR F 271 -18.22 59.32 -36.14
N LEU F 272 -19.38 59.47 -36.77
CA LEU F 272 -20.52 58.63 -36.45
C LEU F 272 -20.31 57.20 -36.89
N ALA F 273 -19.77 57.01 -38.11
CA ALA F 273 -19.58 55.67 -38.64
C ALA F 273 -18.57 54.88 -37.83
N ASP F 274 -17.54 55.53 -37.28
CA ASP F 274 -16.58 54.82 -36.47
C ASP F 274 -17.21 54.32 -35.17
N PHE F 275 -18.18 55.04 -34.63
CA PHE F 275 -18.88 54.56 -33.43
C PHE F 275 -19.71 53.32 -33.73
N PHE F 276 -20.54 53.37 -34.77
CA PHE F 276 -21.43 52.27 -35.07
C PHE F 276 -20.70 51.05 -35.61
N THR F 277 -19.47 51.22 -36.10
CA THR F 277 -18.66 50.10 -36.56
C THR F 277 -17.63 49.67 -35.53
N LYS F 278 -17.72 50.19 -34.30
CA LYS F 278 -16.86 49.82 -33.18
C LYS F 278 -15.39 50.16 -33.44
N LYS F 279 -15.10 50.95 -34.49
CA LYS F 279 -13.72 51.34 -34.76
C LYS F 279 -13.19 52.28 -33.69
N LYS F 280 -14.03 53.20 -33.21
CA LYS F 280 -13.66 54.14 -32.16
C LYS F 280 -14.76 54.14 -31.11
N LEU F 281 -14.37 54.05 -29.85
CA LEU F 281 -15.35 54.04 -28.77
C LEU F 281 -15.59 55.46 -28.28
N PRO F 282 -16.84 55.87 -28.07
CA PRO F 282 -17.10 57.25 -27.65
C PRO F 282 -16.58 57.50 -26.25
N THR F 283 -16.02 58.69 -26.05
CA THR F 283 -15.59 59.09 -24.72
C THR F 283 -16.80 59.41 -23.86
N PHE F 284 -16.54 59.64 -22.57
CA PHE F 284 -17.62 59.97 -21.66
C PHE F 284 -18.20 61.36 -21.95
N ASP F 285 -17.37 62.28 -22.44
CA ASP F 285 -17.88 63.60 -22.81
C ASP F 285 -18.74 63.51 -24.07
N GLU F 286 -18.33 62.69 -25.03
CA GLU F 286 -19.13 62.52 -26.24
C GLU F 286 -20.39 61.71 -25.95
N LEU F 287 -20.35 60.82 -24.96
CA LEU F 287 -21.54 60.09 -24.56
C LEU F 287 -22.60 61.03 -23.97
N LYS F 288 -22.15 62.09 -23.27
CA LYS F 288 -23.07 63.13 -22.84
C LYS F 288 -23.76 63.80 -24.02
N ILE F 289 -23.00 64.08 -25.08
CA ILE F 289 -23.55 64.75 -26.24
C ILE F 289 -24.50 63.83 -26.99
N ILE F 290 -24.14 62.55 -27.09
CA ILE F 290 -24.99 61.58 -27.78
C ILE F 290 -26.30 61.37 -27.02
N ALA F 291 -26.21 61.27 -25.69
CA ALA F 291 -27.41 61.01 -24.89
C ALA F 291 -28.39 62.16 -24.97
N LYS F 292 -27.89 63.40 -24.93
CA LYS F 292 -28.77 64.54 -25.07
C LYS F 292 -29.46 64.55 -26.43
N ALA F 293 -28.75 64.11 -27.47
CA ALA F 293 -29.35 64.10 -28.81
C ALA F 293 -30.37 62.99 -28.97
N LEU F 294 -30.20 61.88 -28.26
CA LEU F 294 -31.18 60.80 -28.26
C LEU F 294 -32.25 60.99 -27.19
N ASN F 295 -32.22 62.10 -26.45
CA ASN F 295 -33.21 62.42 -25.44
C ASN F 295 -33.28 61.35 -24.34
N VAL F 296 -32.13 60.79 -24.02
CA VAL F 296 -31.98 59.88 -22.89
C VAL F 296 -30.83 60.38 -22.03
N ASN F 297 -30.58 59.69 -20.93
CA ASN F 297 -29.52 60.08 -20.03
C ASN F 297 -28.23 59.36 -20.41
N SER F 298 -27.10 60.02 -20.15
CA SER F 298 -25.81 59.37 -20.40
C SER F 298 -25.70 58.08 -19.60
N ARG F 299 -26.36 58.01 -18.46
CA ARG F 299 -26.45 56.78 -17.70
C ARG F 299 -27.10 55.66 -18.50
N ASP F 300 -28.04 55.99 -19.38
CA ASP F 300 -28.76 54.95 -20.12
C ASP F 300 -27.88 54.34 -21.20
N LEU F 301 -26.91 55.10 -21.71
CA LEU F 301 -25.99 54.63 -22.73
C LEU F 301 -24.76 53.94 -22.16
N MET F 302 -24.56 54.00 -20.84
CA MET F 302 -23.37 53.43 -20.24
C MET F 302 -23.54 51.93 -20.04
N PRO F 303 -22.56 51.13 -20.42
CA PRO F 303 -22.55 49.73 -20.01
C PRO F 303 -22.07 49.60 -18.58
N ASN F 304 -22.15 48.39 -18.06
CA ASN F 304 -21.46 48.11 -16.81
C ASN F 304 -19.96 48.29 -17.03
N ASP F 305 -19.28 48.77 -15.98
CA ASP F 305 -17.86 49.09 -16.09
C ASP F 305 -17.05 47.90 -16.63
N LEU F 306 -17.47 46.68 -16.28
CA LEU F 306 -16.89 45.48 -16.89
C LEU F 306 -17.96 44.39 -16.93
N THR F 307 -17.76 43.43 -17.82
CA THR F 307 -18.61 42.25 -17.89
C THR F 307 -18.04 41.18 -16.97
N GLU F 308 -18.89 40.61 -16.12
CA GLU F 308 -18.47 39.61 -15.15
C GLU F 308 -18.55 38.22 -15.74
N SER F 309 -17.85 37.29 -15.09
CA SER F 309 -17.96 35.88 -15.46
C SER F 309 -19.35 35.36 -15.13
N LYS F 310 -19.80 34.39 -15.93
CA LYS F 310 -21.07 33.72 -15.65
C LYS F 310 -21.07 33.14 -14.24
N VAL F 311 -19.94 32.56 -13.83
CA VAL F 311 -19.81 31.90 -12.54
C VAL F 311 -18.78 32.67 -11.73
N ILE F 312 -19.17 33.09 -10.52
CA ILE F 312 -18.28 33.81 -9.62
C ILE F 312 -18.03 32.92 -8.41
N VAL F 313 -16.77 32.55 -8.20
CA VAL F 313 -16.36 31.71 -7.09
C VAL F 313 -15.43 32.52 -6.21
N LYS F 314 -15.67 32.49 -4.90
CA LYS F 314 -14.86 33.25 -3.95
C LYS F 314 -14.55 32.36 -2.76
N THR F 315 -13.27 32.05 -2.58
CA THR F 315 -12.83 31.31 -1.41
C THR F 315 -12.57 32.27 -0.25
N HIS F 316 -12.77 31.75 0.97
CA HIS F 316 -12.85 32.62 2.14
C HIS F 316 -11.58 33.42 2.37
N ASP F 317 -10.43 32.93 1.90
CA ASP F 317 -9.19 33.70 2.04
C ASP F 317 -9.22 35.00 1.25
N GLN F 318 -10.11 35.14 0.28
CA GLN F 318 -10.20 36.34 -0.53
C GLN F 318 -11.20 37.35 0.03
N CYS F 319 -11.93 37.00 1.09
CA CYS F 319 -12.93 37.87 1.67
C CYS F 319 -12.24 38.99 2.46
N ASP F 320 -12.26 40.20 1.91
CA ASP F 320 -11.85 41.35 2.69
C ASP F 320 -12.76 41.50 3.90
N HIS F 321 -12.22 42.07 4.98
CA HIS F 321 -13.01 42.22 6.18
C HIS F 321 -12.66 43.53 6.86
N TRP F 322 -13.52 43.94 7.80
CA TRP F 322 -13.38 45.21 8.48
C TRP F 322 -14.33 45.23 9.67
N LYS F 323 -14.03 46.09 10.63
CA LYS F 323 -14.87 46.28 11.79
C LYS F 323 -15.97 47.29 11.50
N TYR F 324 -17.17 47.03 12.02
CA TYR F 324 -18.28 47.96 11.88
C TYR F 324 -19.10 48.01 13.17
N PRO F 325 -19.44 49.23 13.62
CA PRO F 325 -18.97 50.48 13.03
C PRO F 325 -17.57 50.86 13.51
N GLU F 326 -17.30 52.16 13.63
CA GLU F 326 -16.01 52.58 14.18
C GLU F 326 -15.83 52.10 15.61
N SER F 327 -16.94 51.87 16.34
CA SER F 327 -16.86 51.39 17.72
C SER F 327 -16.55 49.90 17.82
N GLY F 328 -16.73 49.15 16.74
CA GLY F 328 -16.23 47.79 16.66
C GLY F 328 -17.13 46.68 17.17
N ASN F 329 -18.43 46.74 16.87
CA ASN F 329 -19.35 45.71 17.33
C ASN F 329 -19.30 44.44 16.50
N TYR F 330 -18.97 44.54 15.21
CA TYR F 330 -18.99 43.40 14.31
C TYR F 330 -17.70 43.33 13.51
N GLU F 331 -17.50 42.19 12.86
CA GLU F 331 -16.49 42.03 11.83
C GLU F 331 -17.18 41.51 10.57
N PHE F 332 -17.32 42.38 9.57
CA PHE F 332 -17.96 42.01 8.32
C PHE F 332 -16.96 41.31 7.39
N TYR F 333 -17.43 40.29 6.68
CA TYR F 333 -16.63 39.60 5.67
C TYR F 333 -17.38 39.60 4.34
N GLU F 334 -16.77 40.22 3.32
CA GLU F 334 -17.37 40.31 1.99
C GLU F 334 -17.35 38.94 1.31
N LEU F 335 -18.52 38.36 1.07
CA LEU F 335 -18.63 37.09 0.37
C LEU F 335 -18.67 37.34 -1.14
N ALA F 336 -19.15 36.36 -1.91
CA ALA F 336 -19.11 36.47 -3.36
C ALA F 336 -20.07 37.54 -3.84
N SER F 337 -19.65 38.29 -4.86
CA SER F 337 -20.47 39.35 -5.42
C SER F 337 -20.16 39.49 -6.90
N THR F 338 -21.10 40.10 -7.62
CA THR F 338 -20.95 40.42 -9.04
C THR F 338 -21.58 41.77 -9.31
N THR F 339 -20.96 42.55 -10.19
CA THR F 339 -21.50 43.85 -10.53
C THR F 339 -22.67 43.77 -11.51
N ALA F 340 -23.04 42.56 -11.95
CA ALA F 340 -24.29 42.41 -12.68
C ALA F 340 -25.49 42.54 -11.76
N LEU F 341 -25.31 42.35 -10.46
CA LEU F 341 -26.37 42.49 -9.47
C LEU F 341 -25.87 43.43 -8.38
N PRO F 342 -25.86 44.74 -8.63
CA PRO F 342 -25.32 45.69 -7.65
C PRO F 342 -26.10 45.74 -6.35
N HIS F 343 -27.30 45.16 -6.29
CA HIS F 343 -28.10 45.17 -5.08
C HIS F 343 -28.10 43.83 -4.35
N SER F 344 -27.28 42.89 -4.81
CA SER F 344 -27.09 41.61 -4.14
C SER F 344 -25.82 41.68 -3.28
N LYS F 345 -25.99 41.59 -1.96
CA LYS F 345 -24.88 41.64 -1.03
C LYS F 345 -24.88 40.37 -0.18
N ALA F 346 -23.68 39.95 0.23
CA ALA F 346 -23.53 38.75 1.03
C ALA F 346 -22.36 38.91 1.98
N PHE F 347 -22.60 38.70 3.26
CA PHE F 347 -21.61 38.94 4.29
C PHE F 347 -21.52 37.77 5.26
N GLU F 348 -20.32 37.59 5.80
CA GLU F 348 -20.10 36.84 7.02
C GLU F 348 -19.86 37.85 8.13
N ILE F 349 -20.66 37.79 9.19
CA ILE F 349 -20.55 38.74 10.30
C ILE F 349 -20.17 37.98 11.56
N ASP F 350 -19.02 38.34 12.12
CA ASP F 350 -18.64 37.89 13.45
C ASP F 350 -19.16 38.91 14.46
N VAL F 351 -20.07 38.47 15.33
CA VAL F 351 -20.72 39.35 16.30
C VAL F 351 -19.99 39.23 17.64
N SER F 352 -19.64 40.36 18.22
CA SER F 352 -19.04 40.39 19.56
C SER F 352 -19.46 41.71 20.23
N SER F 353 -20.63 41.68 20.86
CA SER F 353 -21.20 42.89 21.45
C SER F 353 -22.24 42.50 22.48
N SER F 354 -22.14 43.06 23.69
CA SER F 354 -23.12 42.75 24.70
C SER F 354 -24.45 43.44 24.39
N GLU F 355 -25.52 42.86 24.92
CA GLU F 355 -26.89 43.27 24.58
C GLU F 355 -27.13 44.74 24.89
N ASP F 356 -27.51 45.49 23.85
CA ASP F 356 -27.91 46.88 24.01
C ASP F 356 -28.93 47.20 22.92
N LEU F 357 -29.78 48.19 23.20
CA LEU F 357 -30.80 48.62 22.25
C LEU F 357 -30.31 49.68 21.30
N ASN F 358 -28.99 49.76 21.08
CA ASN F 358 -28.42 50.65 20.07
C ASN F 358 -28.52 49.97 18.72
N LEU F 359 -29.39 50.49 17.85
CA LEU F 359 -29.62 49.90 16.54
C LEU F 359 -28.65 50.52 15.55
N ASP F 360 -27.67 49.74 15.10
CA ASP F 360 -26.57 50.26 14.29
C ASP F 360 -26.54 49.71 12.87
N LEU F 361 -27.49 48.87 12.49
CA LEU F 361 -27.58 48.35 11.12
C LEU F 361 -28.88 48.80 10.49
N LYS F 362 -28.80 49.27 9.25
CA LYS F 362 -29.98 49.72 8.50
C LYS F 362 -29.62 49.76 7.03
N VAL F 363 -30.31 48.97 6.21
CA VAL F 363 -29.99 48.85 4.78
C VAL F 363 -31.29 48.74 4.00
N GLY F 364 -31.35 49.44 2.86
CA GLY F 364 -32.54 49.43 2.02
C GLY F 364 -32.65 48.22 1.10
N LEU F 365 -32.58 47.02 1.66
CA LEU F 365 -32.67 45.79 0.89
C LEU F 365 -33.44 44.74 1.68
N HIS F 366 -33.95 43.74 0.97
CA HIS F 366 -34.44 42.55 1.64
C HIS F 366 -33.26 41.77 2.21
N GLN F 367 -33.48 41.11 3.35
CA GLN F 367 -32.41 40.40 4.03
C GLN F 367 -32.84 38.99 4.41
N TYR F 368 -31.91 38.06 4.24
CA TYR F 368 -32.03 36.70 4.74
C TYR F 368 -30.87 36.44 5.69
N VAL F 369 -31.19 36.04 6.91
CA VAL F 369 -30.20 35.83 7.97
C VAL F 369 -30.20 34.36 8.34
N TYR F 370 -29.00 33.82 8.62
CA TYR F 370 -28.86 32.46 9.11
C TYR F 370 -27.75 32.42 10.15
N ASN F 371 -28.06 31.88 11.32
CA ASN F 371 -27.06 31.72 12.38
C ASN F 371 -26.23 30.49 12.06
N ILE F 372 -25.01 30.73 11.55
CA ILE F 372 -24.12 29.63 11.19
C ILE F 372 -23.16 29.25 12.31
N GLY F 373 -23.14 30.01 13.41
CA GLY F 373 -22.29 29.70 14.53
C GLY F 373 -22.87 28.62 15.43
N ASP F 374 -22.16 28.36 16.53
CA ASP F 374 -22.58 27.36 17.49
C ASP F 374 -23.12 27.98 18.78
N SER F 375 -23.25 29.30 18.81
CA SER F 375 -23.72 30.02 20.00
C SER F 375 -24.92 30.88 19.64
N ALA F 376 -25.80 31.07 20.63
CA ALA F 376 -27.03 31.82 20.43
C ALA F 376 -26.75 33.32 20.37
N LEU F 377 -27.53 34.00 19.54
CA LEU F 377 -27.41 35.44 19.37
C LEU F 377 -28.77 36.10 19.57
N THR F 378 -28.73 37.40 19.80
CA THR F 378 -29.93 38.21 19.93
C THR F 378 -30.01 39.18 18.76
N ILE F 379 -31.23 39.40 18.25
CA ILE F 379 -31.49 40.41 17.24
C ILE F 379 -32.50 41.40 17.82
N ASN F 380 -32.13 42.67 17.83
CA ASN F 380 -33.01 43.76 18.22
C ASN F 380 -33.33 44.60 16.99
N TRP F 381 -34.53 45.16 16.96
CA TRP F 381 -34.92 46.01 15.84
C TRP F 381 -36.10 46.89 16.22
N ASN F 382 -36.37 47.87 15.36
CA ASN F 382 -37.46 48.80 15.50
C ASN F 382 -38.34 48.74 14.26
N TYR F 383 -39.66 48.72 14.47
CA TYR F 383 -40.60 48.65 13.35
C TYR F 383 -41.93 49.26 13.77
N GLU F 384 -42.35 50.30 13.06
CA GLU F 384 -43.60 51.01 13.36
C GLU F 384 -43.63 51.48 14.81
N ASN F 385 -42.59 52.21 15.20
CA ASN F 385 -42.46 52.86 16.50
C ASN F 385 -42.46 51.87 17.67
N LYS F 386 -42.09 50.61 17.43
CA LYS F 386 -42.01 49.60 18.49
C LYS F 386 -40.69 48.86 18.38
N THR F 387 -40.00 48.71 19.51
CA THR F 387 -38.70 48.04 19.56
C THR F 387 -38.88 46.61 20.09
N TYR F 388 -38.31 45.65 19.37
CA TYR F 388 -38.45 44.24 19.70
C TYR F 388 -37.10 43.65 20.06
N GLN F 389 -37.14 42.44 20.65
CA GLN F 389 -35.95 41.71 21.02
C GLN F 389 -36.29 40.23 20.99
N LYS F 390 -35.60 39.48 20.14
CA LYS F 390 -35.83 38.04 20.01
C LYS F 390 -34.49 37.34 19.85
N SER F 391 -34.48 36.05 20.17
CA SER F 391 -33.26 35.26 20.11
C SER F 391 -33.15 34.55 18.76
N LEU F 392 -31.92 34.43 18.27
CA LEU F 392 -31.62 33.76 17.01
C LEU F 392 -30.61 32.65 17.32
N ASN F 393 -31.12 31.47 17.61
CA ASN F 393 -30.27 30.35 18.01
C ASN F 393 -29.52 29.78 16.81
N PRO F 394 -28.48 28.99 17.06
CA PRO F 394 -27.82 28.27 15.95
C PRO F 394 -28.83 27.47 15.15
N GLY F 395 -28.82 27.68 13.83
CA GLY F 395 -29.75 27.04 12.95
C GLY F 395 -31.03 27.82 12.70
N ASP F 396 -31.27 28.89 13.46
CA ASP F 396 -32.41 29.75 13.20
C ASP F 396 -32.11 30.69 12.02
N SER F 397 -33.16 31.06 11.30
CA SER F 397 -33.04 31.96 10.16
C SER F 397 -34.06 33.08 10.30
N ALA F 398 -33.84 34.16 9.55
CA ALA F 398 -34.72 35.31 9.63
C ALA F 398 -34.82 36.02 8.29
N TYR F 399 -35.97 36.67 8.07
CA TYR F 399 -36.16 37.64 7.01
C TYR F 399 -36.35 39.01 7.64
N ILE F 400 -35.59 39.99 7.18
CA ILE F 400 -35.66 41.36 7.68
C ILE F 400 -36.12 42.26 6.54
N LYS F 401 -37.18 43.03 6.78
CA LYS F 401 -37.70 43.93 5.76
C LYS F 401 -36.72 45.06 5.48
N PRO F 402 -36.78 45.65 4.29
CA PRO F 402 -35.86 46.74 3.95
C PRO F 402 -35.98 47.91 4.92
N PHE F 403 -34.85 48.58 5.14
CA PHE F 403 -34.75 49.79 5.94
C PHE F 403 -35.13 49.59 7.39
N VAL F 404 -35.28 48.35 7.85
CA VAL F 404 -35.54 48.10 9.27
C VAL F 404 -34.25 48.36 10.04
N PRO F 405 -34.24 49.32 10.97
CA PRO F 405 -33.05 49.50 11.83
C PRO F 405 -32.95 48.35 12.81
N HIS F 406 -31.75 47.77 12.92
CA HIS F 406 -31.59 46.55 13.71
C HIS F 406 -30.14 46.42 14.15
N ASN F 407 -29.91 45.47 15.06
CA ASN F 407 -28.56 45.07 15.43
C ASN F 407 -28.54 43.57 15.71
N PHE F 408 -27.34 43.03 15.84
CA PHE F 408 -27.15 41.68 16.34
C PHE F 408 -26.25 41.74 17.56
N ARG F 409 -26.62 41.01 18.60
CA ARG F 409 -25.90 41.05 19.86
C ARG F 409 -25.58 39.63 20.33
N GLY F 410 -24.46 39.51 21.03
CA GLY F 410 -23.94 38.25 21.51
C GLY F 410 -22.54 38.01 20.96
N ASN F 411 -22.07 36.78 21.14
CA ASN F 411 -20.82 36.33 20.54
C ASN F 411 -21.15 35.18 19.59
N GLY F 412 -20.91 35.38 18.31
CA GLY F 412 -21.21 34.36 17.34
C GLY F 412 -21.05 34.86 15.92
N LYS F 413 -21.59 34.06 14.99
CA LYS F 413 -21.38 34.23 13.57
C LYS F 413 -22.72 34.12 12.86
N ILE F 414 -22.97 35.02 11.91
CA ILE F 414 -24.21 34.99 11.14
C ILE F 414 -23.90 35.10 9.64
N LEU F 415 -24.80 34.56 8.84
CA LEU F 415 -24.80 34.74 7.40
C LEU F 415 -25.86 35.76 7.02
N ILE F 416 -25.47 36.78 6.26
CA ILE F 416 -26.35 37.89 5.87
C ILE F 416 -26.40 37.95 4.36
N LEU F 417 -27.59 37.74 3.80
CA LEU F 417 -27.82 37.82 2.36
C LEU F 417 -28.81 38.94 2.07
N ARG F 418 -28.39 39.90 1.25
CA ARG F 418 -29.20 41.07 0.92
C ARG F 418 -29.46 41.10 -0.57
N ILE F 419 -30.73 41.26 -0.95
CA ILE F 419 -31.11 41.44 -2.35
C ILE F 419 -32.04 42.63 -2.46
N GLY F 420 -32.13 43.17 -3.68
CA GLY F 420 -32.94 44.35 -3.94
C GLY F 420 -34.37 44.09 -4.31
N GLY F 421 -34.73 42.84 -4.59
CA GLY F 421 -36.06 42.56 -5.07
C GLY F 421 -36.33 43.28 -6.37
N LYS F 422 -37.59 43.66 -6.56
CA LYS F 422 -37.95 44.46 -7.73
C LYS F 422 -37.86 45.96 -7.48
N ILE F 423 -37.63 46.39 -6.24
CA ILE F 423 -37.71 47.81 -5.93
C ILE F 423 -36.43 48.53 -6.30
N SER F 424 -35.28 48.03 -5.83
CA SER F 424 -34.01 48.71 -6.04
C SER F 424 -33.69 48.81 -7.53
N GLY F 425 -33.01 49.90 -7.89
CA GLY F 425 -32.72 50.16 -9.28
C GLY F 425 -33.73 51.08 -9.94
N ASP F 426 -34.35 50.59 -11.02
CA ASP F 426 -35.20 51.44 -11.86
C ASP F 426 -36.44 51.92 -11.11
N SER F 427 -37.13 51.00 -10.41
CA SER F 427 -38.35 51.37 -9.71
C SER F 427 -38.09 52.44 -8.66
N GLN F 428 -37.04 52.24 -7.85
CA GLN F 428 -36.64 53.23 -6.86
C GLN F 428 -36.41 54.60 -7.48
N ARG F 429 -35.76 54.64 -8.64
CA ARG F 429 -35.49 55.92 -9.29
C ARG F 429 -36.77 56.56 -9.80
N GLU F 430 -37.69 55.76 -10.33
CA GLU F 430 -38.98 56.30 -10.76
C GLU F 430 -39.78 56.80 -9.56
N LEU F 431 -39.70 56.08 -8.44
CA LEU F 431 -40.37 56.53 -7.22
C LEU F 431 -39.72 57.79 -6.67
N SER F 432 -38.42 58.00 -6.93
CA SER F 432 -37.76 59.21 -6.46
C SER F 432 -38.18 60.43 -7.26
N PHE F 433 -38.43 60.27 -8.56
CA PHE F 433 -38.88 61.41 -9.35
C PHE F 433 -40.34 61.76 -9.05
N VAL F 434 -41.14 60.77 -8.64
CA VAL F 434 -42.52 61.04 -8.25
C VAL F 434 -42.56 61.86 -6.96
N GLY F 435 -41.57 61.69 -6.09
CA GLY F 435 -41.52 62.42 -4.84
C GLY F 435 -41.91 61.58 -3.64
N ARG F 436 -41.14 61.71 -2.56
CA ARG F 436 -41.45 60.97 -1.33
C ARG F 436 -42.80 61.37 -0.76
N GLU F 437 -43.24 62.61 -1.01
CA GLU F 437 -44.53 63.07 -0.52
C GLU F 437 -45.69 62.21 -1.03
N ASN F 438 -45.54 61.62 -2.21
CA ASN F 438 -46.60 60.82 -2.82
C ASN F 438 -46.42 59.33 -2.62
N THR F 439 -45.53 58.92 -1.73
CA THR F 439 -45.21 57.50 -1.58
C THR F 439 -46.42 56.70 -1.13
N GLN F 440 -47.19 57.23 -0.18
CA GLN F 440 -48.33 56.49 0.36
C GLN F 440 -49.35 56.19 -0.73
N ARG F 441 -49.72 57.20 -1.52
CA ARG F 441 -50.66 56.95 -2.62
C ARG F 441 -50.02 56.10 -3.71
N ALA F 442 -48.71 56.23 -3.91
CA ALA F 442 -48.03 55.38 -4.88
C ALA F 442 -48.07 53.92 -4.46
N ILE F 443 -48.05 53.67 -3.15
CA ILE F 443 -48.05 52.31 -2.63
C ILE F 443 -49.44 51.70 -2.71
N SER F 444 -50.47 52.44 -2.33
CA SER F 444 -51.82 51.90 -2.27
C SER F 444 -52.81 53.06 -2.41
N GLU F 445 -53.62 53.02 -3.46
CA GLU F 445 -54.52 54.13 -3.78
C GLU F 445 -55.75 54.08 -2.88
N THR F 446 -55.99 55.17 -2.14
CA THR F 446 -57.16 55.28 -1.28
C THR F 446 -58.15 56.34 -1.76
N MET F 447 -57.84 57.05 -2.85
CA MET F 447 -58.71 58.07 -3.39
C MET F 447 -59.20 57.68 -4.77
N GLN F 448 -60.48 57.90 -5.03
CA GLN F 448 -60.95 57.94 -6.41
C GLN F 448 -60.26 59.08 -7.14
N TRP F 449 -59.99 58.87 -8.43
CA TRP F 449 -59.09 59.80 -9.13
C TRP F 449 -59.67 61.20 -9.20
N PHE F 450 -61.00 61.34 -9.21
CA PHE F 450 -61.62 62.65 -9.08
C PHE F 450 -62.66 62.64 -7.95
N SER G 11 31.50 -25.20 36.68
CA SER G 11 31.70 -24.32 35.53
C SER G 11 31.41 -25.04 34.23
N TYR G 12 31.69 -26.34 34.19
CA TYR G 12 31.45 -27.12 32.98
C TYR G 12 29.96 -27.36 32.77
N LEU G 13 29.23 -27.68 33.84
CA LEU G 13 27.80 -27.93 33.70
C LEU G 13 27.04 -26.65 33.36
N ILE G 14 27.50 -25.50 33.85
CA ILE G 14 26.85 -24.25 33.52
C ILE G 14 27.02 -23.93 32.04
N ARG G 15 28.24 -24.06 31.53
CA ARG G 15 28.46 -23.79 30.10
C ARG G 15 27.83 -24.86 29.23
N SER G 16 27.88 -26.13 29.67
CA SER G 16 27.27 -27.21 28.89
C SER G 16 25.76 -27.03 28.82
N GLY G 17 25.13 -26.59 29.91
CA GLY G 17 23.71 -26.30 29.88
C GLY G 17 23.39 -25.07 29.06
N ASN G 18 24.27 -24.08 29.07
CA ASN G 18 24.10 -22.91 28.22
C ASN G 18 24.20 -23.29 26.75
N ASN G 19 25.08 -24.23 26.43
CA ASN G 19 25.19 -24.71 25.05
C ASN G 19 23.95 -25.50 24.63
N PHE G 20 23.30 -26.17 25.58
CA PHE G 20 22.09 -26.92 25.27
C PHE G 20 20.93 -25.99 24.93
N LEU G 21 20.79 -24.90 25.68
CA LEU G 21 19.75 -23.91 25.39
C LEU G 21 19.97 -23.25 24.04
N GLY G 22 21.24 -23.04 23.66
CA GLY G 22 21.53 -22.49 22.35
C GLY G 22 21.10 -23.42 21.23
N ILE G 23 21.24 -24.73 21.44
CA ILE G 23 20.78 -25.71 20.47
C ILE G 23 19.26 -25.64 20.33
N LEU G 24 18.56 -25.57 21.46
CA LEU G 24 17.10 -25.48 21.43
C LEU G 24 16.64 -24.20 20.73
N ASN G 25 17.36 -23.09 20.95
CA ASN G 25 17.00 -21.84 20.31
C ASN G 25 17.17 -21.93 18.80
N ASP G 26 18.20 -22.63 18.34
CA ASP G 26 18.45 -22.73 16.91
C ASP G 26 17.38 -23.55 16.21
N ILE G 27 16.77 -24.52 16.90
CA ILE G 27 15.69 -25.31 16.33
C ILE G 27 14.32 -24.76 16.74
N LYS G 28 14.28 -23.59 17.37
CA LYS G 28 13.04 -22.88 17.71
C LYS G 28 12.14 -23.74 18.59
N ARG G 29 12.68 -24.16 19.73
CA ARG G 29 11.94 -24.97 20.68
C ARG G 29 12.21 -24.46 22.08
N ARG G 30 11.14 -24.21 22.83
CA ARG G 30 11.27 -23.82 24.23
C ARG G 30 11.74 -25.03 25.04
N PRO G 31 12.25 -24.79 26.26
CA PRO G 31 12.59 -25.94 27.12
C PRO G 31 11.41 -26.86 27.40
N GLU G 32 10.19 -26.32 27.45
CA GLU G 32 9.01 -27.16 27.63
C GLU G 32 8.80 -28.07 26.44
N ASP G 33 8.85 -27.50 25.22
CA ASP G 33 8.65 -28.31 24.01
C ASP G 33 9.72 -29.39 23.90
N ALA G 34 10.94 -29.12 24.34
CA ALA G 34 11.97 -30.16 24.32
C ALA G 34 11.65 -31.30 25.27
N ALA G 35 10.91 -31.03 26.34
CA ALA G 35 10.52 -32.09 27.26
C ALA G 35 9.45 -32.99 26.64
N ASN G 36 8.44 -32.39 26.01
CA ASN G 36 7.38 -33.18 25.41
C ASN G 36 7.89 -33.97 24.21
N GLU G 37 8.76 -33.35 23.39
CA GLU G 37 9.22 -34.03 22.18
C GLU G 37 10.24 -35.11 22.48
N LEU G 38 11.01 -34.96 23.56
CA LEU G 38 12.01 -35.95 23.95
C LEU G 38 11.49 -36.93 25.00
N GLY G 39 10.25 -36.75 25.47
CA GLY G 39 9.67 -37.66 26.44
C GLY G 39 10.43 -37.71 27.75
N VAL G 40 10.68 -36.54 28.34
CA VAL G 40 11.37 -36.43 29.61
C VAL G 40 10.72 -35.30 30.41
N SER G 41 11.04 -35.26 31.71
CA SER G 41 10.50 -34.24 32.58
C SER G 41 11.03 -32.86 32.19
N ILE G 42 10.17 -31.85 32.27
CA ILE G 42 10.62 -30.48 32.06
C ILE G 42 11.54 -30.06 33.20
N GLU G 43 11.35 -30.64 34.38
CA GLU G 43 12.32 -30.44 35.47
C GLU G 43 13.67 -31.05 35.12
N GLU G 44 13.68 -32.10 34.28
CA GLU G 44 14.95 -32.67 33.83
C GLU G 44 15.60 -31.80 32.76
N ILE G 45 14.79 -31.17 31.90
CA ILE G 45 15.34 -30.26 30.90
C ILE G 45 15.90 -29.02 31.58
N ASN G 46 15.18 -28.46 32.55
CA ASN G 46 15.67 -27.28 33.26
C ASN G 46 16.87 -27.61 34.13
N SER G 47 16.95 -28.84 34.64
CA SER G 47 18.11 -29.24 35.44
C SER G 47 19.39 -29.17 34.62
N ILE G 48 19.33 -29.58 33.35
CA ILE G 48 20.50 -29.50 32.49
C ILE G 48 20.84 -28.05 32.16
N ILE G 49 19.82 -27.24 31.86
CA ILE G 49 20.06 -25.85 31.46
C ILE G 49 20.76 -25.08 32.57
N SER G 50 20.33 -25.28 33.81
CA SER G 50 20.92 -24.58 34.94
C SER G 50 22.22 -25.22 35.42
N GLY G 51 22.69 -26.28 34.76
CA GLY G 51 23.91 -26.92 35.17
C GLY G 51 23.80 -27.76 36.43
N LYS G 52 22.58 -28.13 36.84
CA LYS G 52 22.42 -28.96 38.02
C LYS G 52 22.84 -30.40 37.76
N GLN G 53 22.66 -30.89 36.52
CA GLN G 53 23.11 -32.22 36.16
C GLN G 53 23.50 -32.22 34.69
N LYS G 54 24.56 -32.95 34.36
CA LYS G 54 25.01 -33.04 32.98
C LYS G 54 23.99 -33.77 32.12
N ILE G 55 23.96 -33.42 30.83
CA ILE G 55 23.07 -34.12 29.92
C ILE G 55 23.49 -35.57 29.79
N SER G 56 22.56 -36.41 29.33
CA SER G 56 22.84 -37.82 29.30
C SER G 56 22.99 -38.33 27.87
N PRO G 57 23.88 -39.31 27.66
CA PRO G 57 23.98 -39.91 26.32
C PRO G 57 22.67 -40.49 25.84
N SER G 58 21.80 -40.94 26.76
CA SER G 58 20.48 -41.44 26.38
C SER G 58 19.63 -40.32 25.79
N LEU G 59 19.69 -39.12 26.39
CA LEU G 59 18.91 -38.01 25.87
C LEU G 59 19.45 -37.52 24.53
N ILE G 60 20.77 -37.52 24.35
CA ILE G 60 21.36 -37.04 23.10
C ILE G 60 20.96 -37.94 21.93
N GLU G 61 21.02 -39.26 22.12
CA GLU G 61 20.65 -40.18 21.06
C GLU G 61 19.22 -39.95 20.59
N LYS G 62 18.31 -39.64 21.52
CA LYS G 62 16.95 -39.30 21.13
C LYS G 62 16.89 -37.99 20.36
N ALA G 63 17.67 -36.98 20.79
CA ALA G 63 17.65 -35.69 20.12
C ALA G 63 18.18 -35.79 18.70
N VAL G 64 19.23 -36.59 18.48
CA VAL G 64 19.80 -36.74 17.15
C VAL G 64 18.80 -37.43 16.21
N ASN G 65 17.94 -38.29 16.74
CA ASN G 65 17.00 -39.02 15.89
C ASN G 65 15.81 -38.17 15.44
N ILE G 66 15.45 -37.11 16.18
CA ILE G 66 14.26 -36.33 15.86
C ILE G 66 14.58 -34.90 15.43
N TRP G 67 15.79 -34.41 15.63
CA TRP G 67 16.16 -33.04 15.35
C TRP G 67 17.34 -32.98 14.38
N PRO G 68 17.49 -31.81 13.59
CA PRO G 68 18.68 -31.60 12.75
C PRO G 68 19.89 -31.13 13.56
N VAL G 69 20.31 -31.98 14.50
CA VAL G 69 21.45 -31.69 15.37
C VAL G 69 22.38 -32.89 15.35
N ASN G 70 23.64 -32.64 15.74
CA ASN G 70 24.67 -33.65 15.78
C ASN G 70 25.11 -33.92 17.21
N GLU G 71 25.59 -35.16 17.45
CA GLU G 71 26.16 -35.50 18.75
C GLU G 71 27.33 -34.58 19.09
N ARG G 72 28.09 -34.15 18.08
CA ARG G 72 29.20 -33.23 18.27
C ARG G 72 28.77 -31.95 18.97
N ASP G 73 27.56 -31.46 18.66
CA ASP G 73 27.13 -30.14 19.12
C ASP G 73 26.89 -30.07 20.62
N PHE G 74 26.70 -31.20 21.29
CA PHE G 74 26.35 -31.20 22.70
C PHE G 74 27.55 -31.22 23.62
N TYR G 75 28.75 -31.46 23.10
CA TYR G 75 29.94 -31.57 23.92
C TYR G 75 30.86 -30.37 23.63
N ILE G 76 31.08 -29.54 24.64
CA ILE G 76 31.90 -28.36 24.51
C ILE G 76 33.29 -28.65 25.06
N VAL G 77 34.23 -27.78 24.74
CA VAL G 77 35.59 -27.90 25.25
C VAL G 77 35.71 -27.07 26.51
N SER G 78 36.36 -27.64 27.53
CA SER G 78 36.57 -26.96 28.79
C SER G 78 37.94 -26.30 28.79
N ASP G 79 37.99 -25.07 29.28
CA ASP G 79 39.24 -24.32 29.31
C ASP G 79 40.14 -24.89 30.40
N ASP G 80 41.26 -25.47 30.00
CA ASP G 80 42.25 -26.00 30.92
C ASP G 80 43.42 -25.05 31.12
N CYS G 81 43.27 -23.80 30.71
CA CYS G 81 44.33 -22.80 30.82
C CYS G 81 43.71 -21.48 31.31
N SER G 82 43.11 -21.51 32.49
CA SER G 82 42.40 -20.33 33.00
C SER G 82 43.34 -19.21 33.38
N SER G 83 44.61 -19.50 33.65
CA SER G 83 45.59 -18.48 34.00
C SER G 83 46.16 -17.75 32.79
N GLY G 84 45.89 -18.22 31.58
CA GLY G 84 46.40 -17.61 30.36
C GLY G 84 47.69 -18.23 29.86
N ILE G 85 48.48 -18.82 30.74
CA ILE G 85 49.71 -19.51 30.38
C ILE G 85 49.76 -20.82 31.15
N LEU G 86 50.08 -21.90 30.45
CA LEU G 86 50.20 -23.23 31.02
C LEU G 86 51.65 -23.68 30.91
N ILE G 87 52.24 -24.09 32.03
CA ILE G 87 53.63 -24.50 32.08
C ILE G 87 53.70 -26.00 32.39
N MET G 88 54.51 -26.72 31.62
CA MET G 88 54.82 -28.12 31.88
C MET G 88 56.28 -28.26 32.27
N THR G 89 56.53 -29.01 33.34
CA THR G 89 57.88 -29.13 33.85
C THR G 89 58.67 -30.16 33.05
N SER G 90 59.99 -30.03 33.13
CA SER G 90 60.88 -31.01 32.50
C SER G 90 60.60 -32.41 33.02
N GLN G 91 60.41 -32.55 34.34
CA GLN G 91 60.15 -33.87 34.92
C GLN G 91 58.84 -34.45 34.39
N ASP G 92 57.81 -33.62 34.24
CA ASP G 92 56.55 -34.11 33.71
C ASP G 92 56.68 -34.56 32.26
N SER G 93 57.50 -33.85 31.48
CA SER G 93 57.73 -34.29 30.11
C SER G 93 58.49 -35.61 30.09
N ILE G 94 59.49 -35.75 30.96
CA ILE G 94 60.24 -37.00 31.06
C ILE G 94 59.32 -38.12 31.52
N LYS G 95 58.43 -37.83 32.47
CA LYS G 95 57.52 -38.87 32.97
C LYS G 95 56.59 -39.38 31.88
N SER G 96 56.33 -38.58 30.86
CA SER G 96 55.46 -38.99 29.75
C SER G 96 56.20 -39.78 28.68
N SER G 97 57.46 -40.11 28.91
CA SER G 97 58.27 -40.75 27.87
C SER G 97 57.67 -42.08 27.44
N ARG G 98 57.52 -42.24 26.13
CA ARG G 98 57.06 -43.49 25.54
C ARG G 98 57.81 -43.72 24.23
N ILE G 99 57.78 -44.96 23.77
CA ILE G 99 58.64 -45.42 22.68
C ILE G 99 57.81 -45.69 21.45
N MET G 100 58.26 -45.19 20.31
CA MET G 100 57.73 -45.57 19.02
C MET G 100 58.68 -46.57 18.38
N GLU G 101 58.15 -47.72 17.98
CA GLU G 101 58.96 -48.76 17.37
C GLU G 101 58.75 -48.80 15.86
N ARG G 102 59.83 -49.04 15.13
CA ARG G 102 59.78 -49.27 13.69
C ARG G 102 60.76 -50.38 13.36
N ALA G 103 60.31 -51.33 12.53
CA ALA G 103 61.10 -52.51 12.18
C ALA G 103 61.45 -53.33 13.43
N GLY G 104 60.51 -53.40 14.37
CA GLY G 104 60.68 -54.21 15.56
C GLY G 104 61.65 -53.69 16.59
N LYS G 105 62.15 -52.47 16.43
CA LYS G 105 63.12 -51.90 17.33
C LYS G 105 62.70 -50.48 17.72
N PRO G 106 63.08 -50.03 18.91
CA PRO G 106 62.79 -48.64 19.30
C PRO G 106 63.46 -47.65 18.34
N TYR G 107 62.66 -46.74 17.80
CA TYR G 107 63.10 -45.77 16.79
C TYR G 107 63.03 -44.33 17.27
N TYR G 108 61.97 -43.96 17.96
CA TYR G 108 61.80 -42.62 18.52
C TYR G 108 61.47 -42.74 19.99
N GLU G 109 61.90 -41.74 20.77
CA GLU G 109 61.38 -41.52 22.11
C GLU G 109 60.57 -40.23 22.12
N TYR G 110 59.28 -40.35 22.40
CA TYR G 110 58.39 -39.21 22.48
C TYR G 110 58.30 -38.69 23.91
N ARG G 111 58.15 -37.38 24.04
CA ARG G 111 57.85 -36.75 25.32
C ARG G 111 56.81 -35.66 25.08
N ASP G 112 55.81 -35.61 25.95
CA ASP G 112 54.79 -34.56 25.87
C ASP G 112 55.37 -33.22 26.31
N THR G 113 54.84 -32.15 25.72
CA THR G 113 55.17 -30.79 26.14
C THR G 113 53.88 -30.04 26.45
N ALA G 114 54.04 -28.78 26.82
CA ALA G 114 52.91 -27.95 27.22
C ALA G 114 51.93 -27.81 26.07
N MET G 115 50.65 -28.04 26.36
CA MET G 115 49.62 -27.85 25.37
C MET G 115 48.28 -27.74 26.09
N SER G 116 47.29 -27.23 25.36
CA SER G 116 45.96 -27.04 25.92
C SER G 116 44.93 -27.73 25.03
N LYS G 117 43.87 -28.23 25.66
CA LYS G 117 42.73 -28.75 24.93
C LYS G 117 42.04 -27.66 24.11
N THR G 118 42.29 -26.38 24.42
CA THR G 118 41.69 -25.32 23.63
C THR G 118 42.51 -25.02 22.39
N ALA G 119 43.81 -25.20 22.44
CA ALA G 119 44.65 -24.95 21.28
C ALA G 119 44.67 -26.19 20.38
N PRO G 120 44.60 -26.03 19.07
CA PRO G 120 44.55 -27.20 18.19
C PRO G 120 45.91 -27.66 17.68
N PHE G 121 46.93 -27.61 18.54
CA PHE G 121 48.29 -27.93 18.14
C PHE G 121 48.92 -28.90 19.12
N ARG G 122 49.70 -29.83 18.61
CA ARG G 122 50.29 -30.91 19.40
C ARG G 122 51.78 -30.99 19.12
N PRO G 123 52.60 -30.25 19.86
CA PRO G 123 54.05 -30.33 19.69
C PRO G 123 54.61 -31.56 20.40
N GLU G 124 55.81 -31.96 19.99
CA GLU G 124 56.43 -33.16 20.54
C GLU G 124 57.94 -33.04 20.56
N TRP G 125 58.56 -33.38 21.69
CA TRP G 125 59.97 -33.72 21.71
C TRP G 125 60.14 -35.13 21.14
N ILE G 126 61.00 -35.29 20.15
CA ILE G 126 61.26 -36.58 19.56
C ILE G 126 62.77 -36.80 19.54
N LEU G 127 63.22 -37.79 20.28
CA LEU G 127 64.62 -38.16 20.35
C LEU G 127 64.86 -39.28 19.34
N GLU G 128 65.93 -39.17 18.56
CA GLU G 128 66.22 -40.13 17.48
C GLU G 128 67.05 -41.27 18.03
N LEU G 129 66.42 -42.43 18.22
CA LEU G 129 67.09 -43.59 18.79
C LEU G 129 67.91 -44.36 17.77
N CYS G 130 67.56 -44.27 16.49
CA CYS G 130 68.28 -44.98 15.45
C CYS G 130 69.55 -44.21 15.06
N LYS G 131 70.68 -44.91 15.10
CA LYS G 131 71.97 -44.34 14.71
C LYS G 131 72.40 -44.94 13.38
N VAL G 132 72.88 -44.08 12.47
CA VAL G 132 73.28 -44.49 11.13
C VAL G 132 74.79 -44.32 10.99
N GLU G 133 75.41 -45.24 10.27
CA GLU G 133 76.86 -45.25 10.08
C GLU G 133 77.31 -44.38 8.91
N ASN G 134 76.38 -43.85 8.12
CA ASN G 134 76.71 -42.95 7.03
C ASN G 134 75.55 -42.00 6.85
N ASN G 135 75.72 -41.04 5.93
CA ASN G 135 74.67 -40.08 5.62
C ASN G 135 74.04 -40.35 4.26
N ASP G 136 73.97 -41.62 3.86
CA ASP G 136 73.33 -41.98 2.60
C ASP G 136 71.81 -41.95 2.76
N PRO G 137 71.09 -41.20 1.93
CA PRO G 137 69.62 -41.17 2.07
C PRO G 137 68.95 -42.52 1.84
N GLU G 138 69.61 -43.43 1.13
CA GLU G 138 69.06 -44.75 0.87
C GLU G 138 69.43 -45.76 1.94
N ASN G 139 70.04 -45.31 3.04
CA ASN G 139 70.41 -46.19 4.14
C ASN G 139 69.19 -46.96 4.63
N PRO G 140 69.22 -48.29 4.61
CA PRO G 140 68.04 -49.06 5.04
C PRO G 140 67.74 -48.93 6.53
N LYS G 141 68.65 -48.38 7.33
CA LYS G 141 68.36 -48.16 8.74
C LYS G 141 67.26 -47.11 8.94
N ALA G 142 67.16 -46.15 8.04
CA ALA G 142 66.12 -45.14 8.13
C ALA G 142 64.75 -45.75 7.86
N GLN G 143 63.80 -45.51 8.77
CA GLN G 143 62.46 -46.06 8.68
C GLN G 143 61.48 -44.95 8.30
N TRP G 144 61.00 -44.98 7.06
CA TRP G 144 60.21 -43.89 6.51
C TRP G 144 58.74 -44.02 6.87
N ASN G 145 58.07 -42.87 6.91
CA ASN G 145 56.62 -42.87 6.82
C ASN G 145 56.23 -42.58 5.38
N ASN G 146 54.94 -42.33 5.13
CA ASN G 146 54.47 -41.95 3.81
C ASN G 146 53.81 -40.58 3.84
N GLY G 147 54.28 -39.71 4.71
CA GLY G 147 53.69 -38.40 4.89
C GLY G 147 52.40 -38.46 5.69
N HIS G 148 52.05 -37.32 6.30
CA HIS G 148 50.86 -37.21 7.12
C HIS G 148 50.09 -35.93 6.76
N PHE G 149 48.90 -35.81 7.33
CA PHE G 149 47.98 -34.73 6.98
C PHE G 149 48.37 -33.42 7.66
N MET G 150 48.85 -33.49 8.89
CA MET G 150 49.22 -32.30 9.62
C MET G 150 50.40 -31.59 8.96
N HIS G 151 50.41 -30.26 9.07
CA HIS G 151 51.62 -29.49 8.81
C HIS G 151 52.64 -29.81 9.90
N GLN G 152 53.93 -29.66 9.57
CA GLN G 152 54.96 -29.92 10.56
C GLN G 152 56.07 -28.89 10.49
N PHE G 153 56.34 -28.26 11.63
CA PHE G 153 57.57 -27.51 11.84
C PHE G 153 58.50 -28.33 12.71
N THR G 154 59.79 -28.23 12.44
CA THR G 154 60.77 -28.98 13.23
C THR G 154 61.98 -28.12 13.52
N TYR G 155 62.40 -28.12 14.79
CA TYR G 155 63.62 -27.49 15.23
C TYR G 155 64.59 -28.59 15.63
N PHE G 156 65.83 -28.49 15.18
CA PHE G 156 66.82 -29.55 15.33
C PHE G 156 67.78 -29.22 16.46
N ILE G 157 68.03 -30.21 17.32
CA ILE G 157 69.00 -30.11 18.42
C ILE G 157 69.90 -31.32 18.34
N GLY G 158 71.18 -31.10 18.06
CA GLY G 158 72.12 -32.20 17.92
C GLY G 158 72.32 -32.62 16.49
N GLU G 159 72.95 -33.79 16.33
CA GLU G 159 73.37 -34.28 15.03
C GLU G 159 72.25 -35.13 14.43
N VAL G 160 71.25 -34.45 13.87
CA VAL G 160 70.07 -35.11 13.32
C VAL G 160 70.20 -35.16 11.80
N ASN G 161 69.92 -36.32 11.22
CA ASN G 161 69.76 -36.45 9.79
C ASN G 161 68.28 -36.39 9.47
N PHE G 162 67.90 -35.48 8.57
CA PHE G 162 66.52 -35.28 8.16
C PHE G 162 66.35 -35.85 6.75
N TYR G 163 65.60 -36.95 6.65
CA TYR G 163 65.33 -37.63 5.38
C TYR G 163 63.96 -37.21 4.85
N TYR G 164 63.87 -37.01 3.54
CA TYR G 164 62.60 -36.67 2.90
C TYR G 164 62.64 -37.07 1.44
N LYS G 165 61.45 -37.25 0.86
CA LYS G 165 61.28 -37.60 -0.55
C LYS G 165 60.68 -36.45 -1.33
N ASP G 166 61.15 -36.27 -2.57
CA ASP G 166 60.58 -35.30 -3.49
C ASP G 166 59.38 -35.93 -4.20
N PRO G 167 58.62 -35.14 -4.98
CA PRO G 167 57.47 -35.73 -5.70
C PRO G 167 57.85 -36.90 -6.60
N GLU G 168 59.03 -36.89 -7.21
CA GLU G 168 59.43 -38.05 -7.99
C GLU G 168 59.79 -39.26 -7.14
N GLY G 169 59.71 -39.15 -5.81
CA GLY G 169 59.98 -40.27 -4.94
C GLY G 169 61.44 -40.48 -4.59
N LYS G 170 62.33 -39.62 -5.06
CA LYS G 170 63.75 -39.80 -4.75
C LYS G 170 64.00 -39.40 -3.30
N LYS G 171 64.82 -40.20 -2.61
CA LYS G 171 65.13 -39.94 -1.22
C LYS G 171 66.20 -38.86 -1.11
N HIS G 172 65.98 -37.91 -0.21
CA HIS G 172 66.98 -36.88 0.07
C HIS G 172 67.22 -36.85 1.57
N VAL G 173 68.36 -36.28 1.95
CA VAL G 173 68.71 -36.14 3.36
C VAL G 173 69.35 -34.78 3.59
N ALA G 174 68.97 -34.14 4.68
CA ALA G 174 69.57 -32.90 5.12
C ALA G 174 70.37 -33.16 6.39
N ILE G 175 71.63 -32.75 6.39
CA ILE G 175 72.53 -33.01 7.51
C ILE G 175 72.35 -31.84 8.48
N MET G 176 71.59 -32.06 9.55
CA MET G 176 71.16 -30.99 10.43
C MET G 176 72.02 -30.92 11.68
N ASN G 177 72.09 -29.71 12.23
CA ASN G 177 72.81 -29.43 13.47
C ASN G 177 71.95 -28.52 14.33
N THR G 178 72.42 -28.28 15.56
CA THR G 178 71.68 -27.48 16.51
C THR G 178 71.35 -26.11 15.95
N GLY G 179 70.08 -25.74 15.98
CA GLY G 179 69.64 -24.46 15.50
C GLY G 179 69.03 -24.47 14.12
N ASP G 180 69.26 -25.52 13.33
CA ASP G 180 68.60 -25.64 12.04
C ASP G 180 67.11 -25.89 12.25
N SER G 181 66.32 -25.59 11.22
CA SER G 181 64.88 -25.75 11.31
C SER G 181 64.33 -26.05 9.93
N MET G 182 63.09 -26.54 9.90
CA MET G 182 62.49 -26.90 8.64
C MET G 182 60.98 -26.86 8.74
N TYR G 183 60.33 -26.76 7.58
CA TYR G 183 58.90 -26.99 7.44
C TYR G 183 58.69 -27.98 6.32
N ILE G 184 57.72 -28.88 6.48
CA ILE G 184 57.39 -29.87 5.47
C ILE G 184 55.91 -29.76 5.16
N THR G 185 55.58 -29.70 3.87
CA THR G 185 54.18 -29.69 3.46
C THR G 185 53.54 -31.05 3.78
N PRO G 186 52.28 -31.07 4.20
CA PRO G 186 51.60 -32.34 4.48
C PRO G 186 51.76 -33.37 3.36
N PHE G 187 51.83 -34.64 3.77
CA PHE G 187 51.98 -35.82 2.91
C PHE G 187 53.36 -35.92 2.28
N THR G 188 54.36 -35.22 2.83
CA THR G 188 55.74 -35.41 2.41
C THR G 188 56.35 -36.55 3.20
N PRO G 189 56.83 -37.62 2.57
CA PRO G 189 57.47 -38.70 3.33
C PRO G 189 58.75 -38.20 3.99
N HIS G 190 58.99 -38.65 5.22
CA HIS G 190 60.14 -38.17 5.97
C HIS G 190 60.45 -39.12 7.12
N THR G 191 61.65 -38.95 7.67
CA THR G 191 62.07 -39.66 8.88
C THR G 191 63.34 -38.98 9.39
N PHE G 192 63.74 -39.35 10.61
CA PHE G 192 64.88 -38.72 11.27
C PHE G 192 65.75 -39.77 11.95
N THR G 193 67.07 -39.55 11.94
CA THR G 193 68.03 -40.39 12.64
C THR G 193 69.09 -39.51 13.30
N THR G 194 69.93 -40.16 14.10
CA THR G 194 71.11 -39.54 14.69
C THR G 194 72.37 -40.05 13.99
N ARG G 195 73.29 -39.14 13.69
CA ARG G 195 74.56 -39.55 13.10
C ARG G 195 75.42 -40.22 14.16
N ASP G 196 75.89 -41.43 13.84
CA ASP G 196 76.72 -42.18 14.77
C ASP G 196 77.97 -41.37 15.14
N GLY G 197 78.40 -41.52 16.38
CA GLY G 197 79.50 -40.74 16.91
C GLY G 197 79.08 -39.51 17.68
N ALA G 198 77.80 -39.14 17.62
CA ALA G 198 77.33 -37.98 18.38
C ALA G 198 77.36 -38.28 19.88
N SER G 199 77.68 -37.24 20.66
CA SER G 199 77.75 -37.37 22.11
C SER G 199 76.38 -37.63 22.71
N GLN G 200 75.31 -37.23 22.02
CA GLN G 200 73.95 -37.44 22.48
C GLN G 200 73.07 -37.84 21.32
N ASN G 201 71.90 -38.38 21.64
CA ASN G 201 70.93 -38.69 20.61
C ASN G 201 70.47 -37.40 19.97
N GLY G 202 70.21 -37.44 18.67
CA GLY G 202 69.62 -36.29 18.03
C GLY G 202 68.22 -36.05 18.58
N LEU G 203 67.81 -34.78 18.59
CA LEU G 203 66.55 -34.40 19.18
C LEU G 203 65.86 -33.40 18.27
N ILE G 204 64.55 -33.55 18.11
CA ILE G 204 63.77 -32.58 17.36
C ILE G 204 62.58 -32.10 18.17
N LEU G 205 62.20 -30.85 17.96
CA LEU G 205 60.93 -30.30 18.40
C LEU G 205 60.03 -30.22 17.18
N ALA G 206 59.10 -31.16 17.09
CA ALA G 206 58.22 -31.30 15.94
C ALA G 206 56.83 -30.82 16.33
N LEU G 207 56.37 -29.78 15.63
CA LEU G 207 55.05 -29.22 15.86
C LEU G 207 54.16 -29.64 14.69
N THR G 208 53.20 -30.52 14.95
CA THR G 208 52.24 -30.92 13.94
C THR G 208 50.90 -30.25 14.22
N TYR G 209 50.25 -29.78 13.15
CA TYR G 209 48.98 -29.09 13.30
C TYR G 209 48.25 -29.07 11.96
N GLY G 210 46.92 -29.02 12.03
CA GLY G 210 46.09 -29.04 10.85
C GLY G 210 45.67 -27.66 10.36
N SER G 211 45.77 -26.66 11.24
CA SER G 211 45.43 -25.28 10.91
C SER G 211 43.97 -25.14 10.50
N LYS G 212 43.70 -25.11 9.19
CA LYS G 212 42.35 -24.93 8.67
C LYS G 212 41.79 -26.20 8.02
N LEU G 213 42.35 -27.36 8.34
CA LEU G 213 41.97 -28.61 7.71
C LEU G 213 41.34 -29.61 8.65
N THR G 214 41.28 -29.34 9.95
CA THR G 214 40.77 -30.27 10.94
C THR G 214 39.55 -29.67 11.64
N GLY G 215 38.85 -30.52 12.39
CA GLY G 215 37.68 -30.12 13.13
C GLY G 215 36.37 -30.11 12.34
N ASP G 216 35.58 -29.06 12.53
CA ASP G 216 34.27 -28.98 11.90
C ASP G 216 34.36 -29.06 10.38
N ILE G 217 35.39 -28.47 9.80
CA ILE G 217 35.53 -28.50 8.34
C ILE G 217 35.69 -29.94 7.85
N GLN G 218 36.49 -30.73 8.57
CA GLN G 218 36.72 -32.11 8.16
C GLN G 218 35.45 -32.93 8.24
N GLN G 219 34.63 -32.75 9.28
CA GLN G 219 33.35 -33.43 9.32
C GLN G 219 32.44 -32.95 8.20
N GLU G 220 32.47 -31.64 7.91
CA GLU G 220 31.69 -31.12 6.79
C GLU G 220 32.20 -31.66 5.47
N LEU G 221 33.53 -31.73 5.30
CA LEU G 221 34.09 -32.18 4.03
C LEU G 221 33.98 -33.69 3.87
N SER G 222 33.97 -34.45 4.97
CA SER G 222 33.90 -35.90 4.87
C SER G 222 32.52 -36.38 4.45
N SER G 223 31.50 -35.53 4.53
CA SER G 223 30.17 -35.90 4.05
C SER G 223 30.00 -35.65 2.56
N LEU G 224 31.06 -35.23 1.87
CA LEU G 224 31.04 -35.03 0.43
C LEU G 224 31.69 -36.22 -0.26
N SER G 225 31.25 -36.48 -1.49
CA SER G 225 31.88 -37.52 -2.28
C SER G 225 33.32 -37.13 -2.61
N LEU G 226 34.13 -38.14 -2.93
CA LEU G 226 35.52 -37.87 -3.30
C LEU G 226 35.58 -36.97 -4.53
N ASP G 227 34.69 -37.22 -5.48
CA ASP G 227 34.63 -36.39 -6.68
C ASP G 227 34.36 -34.93 -6.34
N CYS G 228 33.32 -34.68 -5.55
CA CYS G 228 32.94 -33.31 -5.23
C CYS G 228 34.01 -32.62 -4.40
N GLY G 229 34.47 -33.27 -3.33
CA GLY G 229 35.45 -32.65 -2.44
C GLY G 229 36.75 -32.28 -3.12
N SER G 230 37.15 -33.06 -4.13
CA SER G 230 38.43 -32.80 -4.79
C SER G 230 38.43 -31.48 -5.54
N GLN G 231 37.26 -31.02 -5.99
CA GLN G 231 37.20 -29.80 -6.77
C GLN G 231 37.45 -28.55 -5.94
N TYR G 232 37.48 -28.67 -4.62
CA TYR G 232 37.88 -27.55 -3.78
C TYR G 232 39.37 -27.23 -3.94
N ALA G 233 40.19 -28.24 -4.25
CA ALA G 233 41.63 -28.05 -4.40
C ALA G 233 41.91 -27.32 -5.70
N LEU G 234 42.26 -26.05 -5.62
CA LEU G 234 42.57 -25.27 -6.81
C LEU G 234 44.03 -25.48 -7.21
N ASP G 235 44.33 -25.22 -8.47
CA ASP G 235 45.68 -25.35 -9.01
C ASP G 235 46.53 -24.20 -8.50
N PHE G 236 47.35 -24.46 -7.46
CA PHE G 236 48.26 -23.46 -6.91
C PHE G 236 49.72 -23.79 -7.23
N THR G 237 49.98 -24.46 -8.35
CA THR G 237 51.34 -24.89 -8.65
C THR G 237 52.28 -23.70 -8.85
N ASN G 238 51.78 -22.61 -9.43
CA ASN G 238 52.56 -21.39 -9.56
C ASN G 238 51.66 -20.17 -9.57
N HIS G 239 52.29 -18.99 -9.57
CA HIS G 239 51.55 -17.73 -9.50
C HIS G 239 50.58 -17.57 -10.65
N GLU G 240 50.98 -17.97 -11.86
CA GLU G 240 50.11 -17.80 -13.02
C GLU G 240 48.94 -18.76 -12.97
N ASN G 241 49.18 -20.03 -12.63
CA ASN G 241 48.11 -21.01 -12.57
C ASN G 241 47.14 -20.70 -11.44
N ALA G 242 47.65 -20.25 -10.30
CA ALA G 242 46.77 -19.93 -9.17
C ALA G 242 45.86 -18.76 -9.51
N SER G 243 46.37 -17.76 -10.22
CA SER G 243 45.56 -16.60 -10.58
C SER G 243 44.39 -17.00 -11.47
N LEU G 244 44.64 -17.90 -12.42
CA LEU G 244 43.56 -18.38 -13.28
C LEU G 244 42.57 -19.23 -12.51
N SER G 245 43.07 -20.05 -11.57
CA SER G 245 42.20 -20.92 -10.80
C SER G 245 41.20 -20.12 -9.97
N LEU G 246 41.66 -19.04 -9.35
CA LEU G 246 40.78 -18.19 -8.54
C LEU G 246 39.78 -17.44 -9.40
N LEU G 247 40.22 -16.89 -10.53
CA LEU G 247 39.30 -16.23 -11.45
C LEU G 247 38.20 -17.17 -11.89
N GLU G 248 38.55 -18.40 -12.25
CA GLU G 248 37.55 -19.37 -12.68
C GLU G 248 36.55 -19.70 -11.57
N TYR G 249 37.06 -19.97 -10.37
CA TYR G 249 36.18 -20.39 -9.27
C TYR G 249 35.15 -19.32 -8.93
N TYR G 250 35.61 -18.08 -8.77
CA TYR G 250 34.67 -17.02 -8.41
C TYR G 250 33.79 -16.62 -9.57
N PHE G 251 34.23 -16.87 -10.82
CA PHE G 251 33.32 -16.68 -11.94
C PHE G 251 32.17 -17.69 -11.91
N GLU G 252 32.47 -18.94 -11.53
CA GLU G 252 31.42 -19.94 -11.41
C GLU G 252 30.44 -19.61 -10.28
N LEU G 253 30.93 -19.01 -9.19
CA LEU G 253 30.07 -18.64 -8.08
C LEU G 253 29.02 -17.62 -8.50
N SER G 254 29.42 -16.65 -9.32
CA SER G 254 28.54 -15.57 -9.74
C SER G 254 27.42 -16.04 -10.65
N ASN G 255 27.60 -17.17 -11.34
CA ASN G 255 26.62 -17.72 -12.27
C ASN G 255 26.34 -16.76 -13.43
N LEU G 256 27.28 -15.87 -13.73
CA LEU G 256 27.19 -15.01 -14.89
C LEU G 256 27.56 -15.79 -16.17
N THR G 257 27.04 -15.30 -17.30
CA THR G 257 27.55 -15.72 -18.59
C THR G 257 28.79 -14.91 -18.94
N LYS G 258 29.53 -15.37 -19.95
CA LYS G 258 30.65 -14.58 -20.45
C LYS G 258 30.19 -13.22 -20.96
N GLU G 259 29.05 -13.19 -21.66
CA GLU G 259 28.55 -11.93 -22.20
C GLU G 259 28.20 -10.97 -21.07
N LYS G 260 27.46 -11.45 -20.07
CA LYS G 260 27.12 -10.58 -18.93
C LYS G 260 28.37 -10.20 -18.15
N PHE G 261 29.31 -11.14 -18.00
CA PHE G 261 30.58 -10.80 -17.38
C PHE G 261 31.31 -9.73 -18.18
N ALA G 262 31.31 -9.86 -19.51
CA ALA G 262 31.95 -8.86 -20.36
C ALA G 262 31.22 -7.53 -20.28
N LYS G 263 29.89 -7.54 -20.34
CA LYS G 263 29.13 -6.30 -20.27
C LYS G 263 29.31 -5.61 -18.92
N ARG G 264 29.40 -6.39 -17.84
CA ARG G 264 29.54 -5.81 -16.52
C ARG G 264 30.93 -5.18 -16.33
N THR G 265 31.96 -5.81 -16.89
CA THR G 265 33.33 -5.32 -16.75
C THR G 265 33.71 -4.31 -17.81
N ASN G 266 32.90 -4.14 -18.85
CA ASN G 266 33.27 -3.34 -20.02
C ASN G 266 34.53 -3.89 -20.69
N PHE G 267 34.75 -5.21 -20.55
CA PHE G 267 35.81 -5.90 -21.28
C PHE G 267 35.25 -6.50 -22.56
N SER G 268 36.09 -6.57 -23.58
CA SER G 268 35.70 -7.22 -24.81
C SER G 268 35.73 -8.73 -24.63
N MET G 269 34.98 -9.43 -25.50
CA MET G 269 34.99 -10.89 -25.47
C MET G 269 36.37 -11.45 -25.74
N GLU G 270 37.17 -10.77 -26.59
CA GLU G 270 38.53 -11.23 -26.85
C GLU G 270 39.43 -11.02 -25.64
N THR G 271 39.31 -9.86 -24.99
CA THR G 271 40.07 -9.62 -23.76
C THR G 271 39.67 -10.61 -22.69
N LEU G 272 38.38 -10.93 -22.60
CA LEU G 272 37.91 -11.89 -21.61
C LEU G 272 38.38 -13.30 -21.95
N ALA G 273 38.36 -13.67 -23.23
CA ALA G 273 38.82 -14.99 -23.65
C ALA G 273 40.30 -15.18 -23.38
N ASP G 274 41.08 -14.10 -23.42
CA ASP G 274 42.50 -14.20 -23.10
C ASP G 274 42.72 -14.53 -21.62
N PHE G 275 41.82 -14.07 -20.75
CA PHE G 275 41.95 -14.36 -19.33
C PHE G 275 41.66 -15.83 -19.02
N PHE G 276 40.59 -16.38 -19.60
CA PHE G 276 40.20 -17.76 -19.29
C PHE G 276 41.07 -18.81 -19.98
N THR G 277 41.95 -18.42 -20.89
CA THR G 277 42.87 -19.36 -21.53
C THR G 277 44.32 -19.12 -21.12
N LYS G 278 44.54 -18.31 -20.08
CA LYS G 278 45.86 -17.99 -19.52
C LYS G 278 46.75 -17.28 -20.53
N LYS G 279 46.22 -16.89 -21.69
CA LYS G 279 47.01 -16.15 -22.67
C LYS G 279 47.41 -14.78 -22.14
N LYS G 280 46.56 -14.16 -21.32
CA LYS G 280 46.86 -12.87 -20.71
C LYS G 280 46.53 -12.94 -19.22
N LEU G 281 47.37 -12.27 -18.40
CA LEU G 281 47.15 -12.23 -16.97
C LEU G 281 46.56 -10.90 -16.56
N PRO G 282 45.44 -10.89 -15.83
CA PRO G 282 44.83 -9.60 -15.43
C PRO G 282 45.76 -8.79 -14.55
N THR G 283 45.81 -7.48 -14.82
CA THR G 283 46.57 -6.59 -13.95
C THR G 283 45.81 -6.37 -12.64
N PHE G 284 46.46 -5.69 -11.70
CA PHE G 284 45.83 -5.42 -10.41
C PHE G 284 44.65 -4.47 -10.57
N ASP G 285 44.77 -3.48 -11.47
CA ASP G 285 43.63 -2.61 -11.75
C ASP G 285 42.50 -3.39 -12.39
N GLU G 286 42.84 -4.30 -13.31
CA GLU G 286 41.82 -5.17 -13.91
C GLU G 286 41.21 -6.11 -12.87
N LEU G 287 41.99 -6.54 -11.88
CA LEU G 287 41.46 -7.44 -10.86
C LEU G 287 40.34 -6.77 -10.05
N LYS G 288 40.51 -5.50 -9.71
CA LYS G 288 39.45 -4.79 -8.99
C LYS G 288 38.17 -4.74 -9.82
N ILE G 289 38.31 -4.53 -11.13
CA ILE G 289 37.14 -4.53 -12.01
C ILE G 289 36.51 -5.91 -12.07
N ILE G 290 37.34 -6.95 -12.19
CA ILE G 290 36.83 -8.31 -12.22
C ILE G 290 36.15 -8.64 -10.89
N ALA G 291 36.78 -8.25 -9.77
CA ALA G 291 36.20 -8.54 -8.46
C ALA G 291 34.85 -7.85 -8.30
N LYS G 292 34.75 -6.58 -8.70
CA LYS G 292 33.49 -5.85 -8.55
C LYS G 292 32.38 -6.51 -9.34
N ALA G 293 32.67 -7.04 -10.52
CA ALA G 293 31.65 -7.70 -11.33
C ALA G 293 31.26 -9.05 -10.75
N LEU G 294 32.15 -9.70 -10.00
CA LEU G 294 31.89 -10.99 -9.40
C LEU G 294 31.40 -10.88 -7.96
N ASN G 295 31.17 -9.67 -7.46
CA ASN G 295 30.68 -9.45 -6.10
C ASN G 295 31.63 -10.04 -5.06
N VAL G 296 32.92 -9.94 -5.34
CA VAL G 296 33.97 -10.40 -4.43
C VAL G 296 35.02 -9.30 -4.30
N ASN G 297 36.01 -9.57 -3.47
CA ASN G 297 37.15 -8.67 -3.29
C ASN G 297 38.29 -9.09 -4.21
N SER G 298 39.11 -8.11 -4.57
CA SER G 298 40.29 -8.42 -5.37
C SER G 298 41.25 -9.34 -4.61
N ARG G 299 41.31 -9.22 -3.29
CA ARG G 299 42.13 -10.14 -2.50
C ARG G 299 41.63 -11.57 -2.62
N ASP G 300 40.34 -11.76 -2.90
CA ASP G 300 39.82 -13.11 -3.06
C ASP G 300 40.29 -13.74 -4.36
N LEU G 301 40.61 -12.91 -5.35
CA LEU G 301 41.12 -13.37 -6.64
C LEU G 301 42.63 -13.46 -6.68
N MET G 302 43.32 -12.90 -5.70
CA MET G 302 44.79 -12.87 -5.68
C MET G 302 45.35 -14.17 -5.11
N PRO G 303 46.34 -14.77 -5.77
CA PRO G 303 47.08 -15.86 -5.17
C PRO G 303 48.17 -15.33 -4.23
N ASN G 304 48.84 -16.25 -3.56
CA ASN G 304 50.05 -15.90 -2.83
C ASN G 304 51.11 -15.35 -3.78
N ASP G 305 51.91 -14.42 -3.26
CA ASP G 305 52.93 -13.75 -4.07
C ASP G 305 53.86 -14.75 -4.76
N LEU G 306 54.12 -15.88 -4.11
CA LEU G 306 54.90 -16.95 -4.71
C LEU G 306 54.44 -18.28 -4.14
N THR G 307 54.77 -19.35 -4.85
CA THR G 307 54.55 -20.71 -4.38
C THR G 307 55.83 -21.21 -3.73
N GLU G 308 55.73 -21.64 -2.48
CA GLU G 308 56.88 -22.11 -1.73
C GLU G 308 57.22 -23.55 -2.09
N SER G 309 58.48 -23.93 -1.88
CA SER G 309 58.86 -25.33 -2.02
C SER G 309 58.11 -26.17 -1.00
N LYS G 310 57.88 -27.44 -1.35
CA LYS G 310 57.18 -28.33 -0.42
C LYS G 310 58.00 -28.57 0.85
N VAL G 311 59.33 -28.58 0.73
CA VAL G 311 60.22 -28.77 1.87
C VAL G 311 61.11 -27.53 1.97
N ILE G 312 61.07 -26.87 3.12
CA ILE G 312 61.88 -25.69 3.38
C ILE G 312 62.86 -26.03 4.51
N VAL G 313 64.15 -25.89 4.21
CA VAL G 313 65.22 -26.15 5.17
C VAL G 313 65.98 -24.86 5.38
N LYS G 314 66.25 -24.54 6.64
CA LYS G 314 66.96 -23.30 6.97
C LYS G 314 68.01 -23.65 8.00
N THR G 315 69.28 -23.52 7.63
CA THR G 315 70.36 -23.72 8.59
C THR G 315 70.52 -22.48 9.44
N HIS G 316 71.08 -22.66 10.63
CA HIS G 316 71.12 -21.59 11.61
C HIS G 316 71.89 -20.37 11.12
N ASP G 317 72.90 -20.57 10.28
CA ASP G 317 73.67 -19.45 9.78
C ASP G 317 72.86 -18.58 8.81
N GLN G 318 71.77 -19.11 8.26
CA GLN G 318 70.89 -18.35 7.39
C GLN G 318 69.84 -17.56 8.14
N CYS G 319 69.82 -17.63 9.47
CA CYS G 319 68.77 -16.98 10.25
C CYS G 319 69.10 -15.50 10.44
N ASP G 320 68.24 -14.64 9.91
CA ASP G 320 68.35 -13.22 10.22
C ASP G 320 68.05 -13.00 11.70
N HIS G 321 68.60 -11.93 12.25
CA HIS G 321 68.40 -11.66 13.66
C HIS G 321 68.46 -10.17 13.93
N TRP G 322 67.92 -9.78 15.07
CA TRP G 322 67.80 -8.38 15.45
C TRP G 322 67.54 -8.29 16.94
N LYS G 323 67.83 -7.12 17.50
CA LYS G 323 67.55 -6.86 18.91
C LYS G 323 66.11 -6.40 19.08
N TYR G 324 65.48 -6.84 20.16
CA TYR G 324 64.11 -6.44 20.47
C TYR G 324 63.91 -6.32 21.98
N PRO G 325 63.23 -5.25 22.42
CA PRO G 325 62.81 -4.13 21.59
C PRO G 325 63.94 -3.12 21.39
N GLU G 326 63.60 -1.83 21.29
CA GLU G 326 64.63 -0.81 21.16
C GLU G 326 65.58 -0.84 22.36
N SER G 327 65.06 -1.09 23.56
CA SER G 327 65.90 -1.14 24.74
C SER G 327 66.90 -2.29 24.67
N GLY G 328 66.53 -3.40 24.04
CA GLY G 328 67.46 -4.46 23.74
C GLY G 328 67.43 -5.68 24.63
N ASN G 329 66.30 -5.99 25.25
CA ASN G 329 66.24 -7.15 26.15
C ASN G 329 66.49 -8.47 25.44
N TYR G 330 66.07 -8.60 24.18
CA TYR G 330 66.11 -9.88 23.48
C TYR G 330 66.89 -9.77 22.18
N GLU G 331 67.31 -10.93 21.68
CA GLU G 331 67.85 -11.07 20.34
C GLU G 331 67.03 -12.16 19.66
N PHE G 332 66.22 -11.77 18.67
CA PHE G 332 65.34 -12.69 17.96
C PHE G 332 66.07 -13.30 16.77
N TYR G 333 66.00 -14.62 16.64
CA TYR G 333 66.53 -15.33 15.48
C TYR G 333 65.36 -15.94 14.71
N GLU G 334 65.22 -15.55 13.46
CA GLU G 334 64.07 -15.94 12.65
C GLU G 334 64.37 -17.29 11.99
N LEU G 335 63.61 -18.31 12.39
CA LEU G 335 63.79 -19.67 11.92
C LEU G 335 63.03 -19.90 10.62
N ALA G 336 62.92 -21.17 10.20
CA ALA G 336 62.26 -21.52 8.96
C ALA G 336 60.79 -21.09 8.98
N SER G 337 60.29 -20.71 7.81
CA SER G 337 58.90 -20.32 7.65
C SER G 337 58.51 -20.49 6.19
N THR G 338 57.20 -20.42 5.94
CA THR G 338 56.65 -20.51 4.58
C THR G 338 55.48 -19.56 4.47
N THR G 339 55.39 -18.86 3.32
CA THR G 339 54.26 -17.97 3.09
C THR G 339 52.96 -18.72 2.84
N ALA G 340 53.01 -20.05 2.70
CA ALA G 340 51.79 -20.85 2.70
C ALA G 340 51.10 -20.83 4.05
N LEU G 341 51.84 -20.53 5.12
CA LEU G 341 51.29 -20.40 6.47
C LEU G 341 51.72 -19.04 7.00
N PRO G 342 51.05 -17.97 6.58
CA PRO G 342 51.46 -16.63 7.02
C PRO G 342 51.32 -16.39 8.51
N HIS G 343 50.58 -17.23 9.21
CA HIS G 343 50.38 -17.08 10.65
C HIS G 343 51.24 -18.03 11.48
N SER G 344 52.17 -18.75 10.85
CA SER G 344 53.09 -19.63 11.56
C SER G 344 54.45 -18.95 11.64
N LYS G 345 54.85 -18.59 12.86
CA LYS G 345 56.14 -17.95 13.10
C LYS G 345 56.94 -18.79 14.08
N ALA G 346 58.25 -18.88 13.84
CA ALA G 346 59.14 -19.65 14.70
C ALA G 346 60.39 -18.84 14.98
N PHE G 347 60.74 -18.72 16.26
CA PHE G 347 61.84 -17.86 16.66
C PHE G 347 62.74 -18.55 17.67
N GLU G 348 63.99 -18.12 17.66
CA GLU G 348 64.98 -18.41 18.68
C GLU G 348 65.26 -17.10 19.39
N ILE G 349 65.04 -17.06 20.71
CA ILE G 349 65.20 -15.83 21.49
C ILE G 349 66.34 -16.01 22.49
N ASP G 350 67.36 -15.15 22.37
CA ASP G 350 68.38 -15.03 23.41
C ASP G 350 67.91 -14.00 24.43
N VAL G 351 67.68 -14.44 25.66
CA VAL G 351 67.19 -13.57 26.73
C VAL G 351 68.36 -13.15 27.60
N SER G 352 68.51 -11.84 27.78
CA SER G 352 69.49 -11.22 28.68
C SER G 352 68.84 -9.94 29.20
N SER G 353 67.95 -10.09 30.18
CA SER G 353 67.20 -8.96 30.67
C SER G 353 66.90 -9.10 32.16
N SER G 354 67.10 -8.01 32.89
CA SER G 354 66.78 -7.93 34.31
C SER G 354 66.44 -6.49 34.62
N GLU G 355 65.90 -6.27 35.83
CA GLU G 355 65.55 -4.93 36.30
C GLU G 355 64.63 -4.22 35.32
N ASP G 356 63.67 -4.96 34.77
CA ASP G 356 62.65 -4.40 33.90
C ASP G 356 61.34 -5.13 34.15
N LEU G 357 60.29 -4.35 34.43
CA LEU G 357 58.98 -4.91 34.72
C LEU G 357 57.99 -4.78 33.57
N ASN G 358 58.35 -4.05 32.52
CA ASN G 358 57.46 -3.87 31.37
C ASN G 358 57.20 -5.20 30.68
N LEU G 359 55.92 -5.50 30.44
CA LEU G 359 55.52 -6.63 29.59
C LEU G 359 55.69 -6.18 28.15
N ASP G 360 56.75 -6.64 27.50
CA ASP G 360 57.18 -6.12 26.21
C ASP G 360 56.86 -7.05 25.04
N LEU G 361 56.16 -8.16 25.26
CA LEU G 361 55.81 -9.09 24.20
C LEU G 361 54.32 -9.34 24.20
N LYS G 362 53.70 -9.25 23.02
CA LYS G 362 52.27 -9.54 22.89
C LYS G 362 51.98 -9.82 21.43
N VAL G 363 51.35 -10.96 21.16
CA VAL G 363 51.03 -11.38 19.80
C VAL G 363 49.68 -12.07 19.80
N GLY G 364 48.91 -11.88 18.72
CA GLY G 364 47.61 -12.51 18.59
C GLY G 364 47.68 -13.89 17.98
N LEU G 365 48.51 -14.77 18.56
CA LEU G 365 48.64 -16.14 18.11
C LEU G 365 48.85 -17.04 19.32
N HIS G 366 48.48 -18.31 19.16
CA HIS G 366 48.85 -19.30 20.15
C HIS G 366 50.36 -19.47 20.14
N GLN G 367 50.95 -19.67 21.32
CA GLN G 367 52.39 -19.75 21.44
C GLN G 367 52.81 -21.00 22.19
N TYR G 368 53.92 -21.59 21.76
CA TYR G 368 54.54 -22.71 22.44
C TYR G 368 55.99 -22.34 22.73
N VAL G 369 56.36 -22.39 23.99
CA VAL G 369 57.65 -21.89 24.47
C VAL G 369 58.44 -23.06 25.04
N TYR G 370 59.75 -23.02 24.87
CA TYR G 370 60.64 -24.10 25.31
C TYR G 370 61.96 -23.49 25.77
N ASN G 371 62.33 -23.73 27.02
CA ASN G 371 63.63 -23.31 27.52
C ASN G 371 64.66 -24.29 26.97
N ILE G 372 65.34 -23.90 25.89
CA ILE G 372 66.34 -24.76 25.26
C ILE G 372 67.75 -24.49 25.77
N GLY G 373 67.91 -23.58 26.73
CA GLY G 373 69.21 -23.27 27.29
C GLY G 373 69.53 -24.08 28.53
N ASP G 374 70.63 -23.69 29.18
CA ASP G 374 71.11 -24.37 30.38
C ASP G 374 70.80 -23.58 31.64
N SER G 375 70.08 -22.48 31.53
CA SER G 375 69.79 -21.61 32.67
C SER G 375 68.29 -21.40 32.80
N ALA G 376 67.84 -21.15 34.03
CA ALA G 376 66.43 -20.90 34.29
C ALA G 376 66.03 -19.51 33.84
N LEU G 377 64.75 -19.36 33.51
CA LEU G 377 64.20 -18.09 33.08
C LEU G 377 62.90 -17.83 33.84
N THR G 378 62.45 -16.59 33.77
CA THR G 378 61.22 -16.16 34.42
C THR G 378 60.26 -15.64 33.36
N ILE G 379 58.99 -16.07 33.45
CA ILE G 379 57.93 -15.56 32.60
C ILE G 379 57.02 -14.70 33.45
N ASN G 380 56.82 -13.45 33.03
CA ASN G 380 55.85 -12.56 33.65
C ASN G 380 54.73 -12.31 32.66
N TRP G 381 53.49 -12.32 33.14
CA TRP G 381 52.37 -12.08 32.24
C TRP G 381 51.15 -11.62 33.02
N ASN G 382 50.20 -11.05 32.29
CA ASN G 382 48.92 -10.59 32.81
C ASN G 382 47.78 -11.29 32.08
N TYR G 383 46.77 -11.74 32.84
CA TYR G 383 45.60 -12.39 32.24
C TYR G 383 44.43 -12.33 33.21
N GLU G 384 43.26 -11.93 32.70
CA GLU G 384 42.03 -11.86 33.51
C GLU G 384 42.23 -10.96 34.74
N ASN G 385 42.82 -9.79 34.52
CA ASN G 385 43.04 -8.80 35.57
C ASN G 385 43.98 -9.30 36.66
N LYS G 386 44.71 -10.38 36.42
CA LYS G 386 45.68 -10.91 37.35
C LYS G 386 47.06 -10.95 36.71
N THR G 387 48.09 -10.62 37.49
CA THR G 387 49.47 -10.68 37.04
C THR G 387 50.14 -11.88 37.67
N TYR G 388 50.90 -12.62 36.87
CA TYR G 388 51.55 -13.83 37.34
C TYR G 388 53.05 -13.75 37.13
N GLN G 389 53.76 -14.64 37.82
CA GLN G 389 55.21 -14.76 37.67
C GLN G 389 55.55 -16.22 37.94
N LYS G 390 56.19 -16.87 36.96
CA LYS G 390 56.57 -18.26 37.09
C LYS G 390 57.94 -18.46 36.46
N SER G 391 58.61 -19.51 36.92
CA SER G 391 59.94 -19.85 36.42
C SER G 391 59.82 -20.87 35.31
N LEU G 392 60.63 -20.69 34.27
CA LEU G 392 60.70 -21.61 33.14
C LEU G 392 62.10 -22.22 33.15
N ASN G 393 62.24 -23.39 33.78
CA ASN G 393 63.51 -24.06 33.95
C ASN G 393 63.94 -24.73 32.63
N PRO G 394 65.21 -25.12 32.52
CA PRO G 394 65.65 -25.88 31.33
C PRO G 394 64.82 -27.15 31.15
N GLY G 395 64.31 -27.34 29.94
CA GLY G 395 63.44 -28.46 29.66
C GLY G 395 61.96 -28.23 29.92
N ASP G 396 61.60 -27.10 30.53
CA ASP G 396 60.21 -26.74 30.71
C ASP G 396 59.64 -26.14 29.43
N SER G 397 58.33 -26.34 29.25
CA SER G 397 57.62 -25.80 28.09
C SER G 397 56.41 -25.02 28.58
N ALA G 398 55.87 -24.17 27.71
CA ALA G 398 54.72 -23.35 28.05
C ALA G 398 53.83 -23.17 26.84
N TYR G 399 52.53 -23.07 27.11
CA TYR G 399 51.54 -22.66 26.14
C TYR G 399 51.00 -21.30 26.53
N ILE G 400 50.98 -20.36 25.59
CA ILE G 400 50.53 -19.00 25.84
C ILE G 400 49.30 -18.72 24.97
N LYS G 401 48.24 -18.24 25.60
CA LYS G 401 47.03 -17.90 24.87
C LYS G 401 47.27 -16.65 24.03
N PRO G 402 46.50 -16.47 22.96
CA PRO G 402 46.68 -15.30 22.10
C PRO G 402 46.50 -14.00 22.87
N PHE G 403 47.28 -12.99 22.48
CA PHE G 403 47.21 -11.62 22.97
C PHE G 403 47.56 -11.47 24.44
N VAL G 404 48.10 -12.51 25.09
CA VAL G 404 48.52 -12.41 26.48
C VAL G 404 49.79 -11.57 26.56
N PRO G 405 49.77 -10.44 27.24
CA PRO G 405 51.00 -9.64 27.39
C PRO G 405 51.97 -10.33 28.34
N HIS G 406 53.24 -10.36 27.94
CA HIS G 406 54.21 -11.15 28.70
C HIS G 406 55.62 -10.64 28.42
N ASN G 407 56.57 -11.14 29.20
CA ASN G 407 57.99 -10.93 28.94
C ASN G 407 58.76 -12.15 29.41
N PHE G 408 60.05 -12.15 29.11
CA PHE G 408 60.97 -13.15 29.66
C PHE G 408 62.13 -12.43 30.32
N ARG G 409 62.51 -12.90 31.51
CA ARG G 409 63.53 -12.24 32.30
C ARG G 409 64.56 -13.26 32.78
N GLY G 410 65.81 -12.83 32.82
CA GLY G 410 66.92 -13.68 33.16
C GLY G 410 67.93 -13.73 32.04
N ASN G 411 68.82 -14.71 32.07
CA ASN G 411 69.80 -14.94 31.01
C ASN G 411 69.62 -16.38 30.53
N GLY G 412 69.17 -16.55 29.30
CA GLY G 412 68.92 -17.89 28.79
C GLY G 412 68.48 -17.86 27.36
N LYS G 413 67.96 -19.01 26.91
CA LYS G 413 67.58 -19.21 25.52
C LYS G 413 66.25 -19.95 25.46
N ILE G 414 65.34 -19.47 24.61
CA ILE G 414 64.05 -20.12 24.44
C ILE G 414 63.76 -20.32 22.96
N LEU G 415 62.97 -21.35 22.68
CA LEU G 415 62.39 -21.58 21.36
C LEU G 415 60.93 -21.15 21.40
N ILE G 416 60.52 -20.33 20.42
CA ILE G 416 59.17 -19.78 20.37
C ILE G 416 58.53 -20.18 19.06
N LEU G 417 57.38 -20.85 19.14
CA LEU G 417 56.59 -21.22 17.98
C LEU G 417 55.23 -20.55 18.09
N ARG G 418 54.84 -19.80 17.07
CA ARG G 418 53.57 -19.09 17.05
C ARG G 418 52.74 -19.61 15.90
N ILE G 419 51.52 -20.05 16.21
CA ILE G 419 50.62 -20.56 15.18
C ILE G 419 49.28 -19.88 15.33
N GLY G 420 48.59 -19.72 14.20
CA GLY G 420 47.26 -19.16 14.18
C GLY G 420 46.26 -20.27 14.42
N GLY G 421 45.23 -19.96 15.19
CA GLY G 421 44.20 -20.93 15.51
C GLY G 421 43.19 -21.02 14.40
N LYS G 422 42.00 -21.49 14.75
CA LYS G 422 40.90 -21.49 13.80
C LYS G 422 40.36 -20.09 13.56
N ILE G 423 40.84 -19.10 14.33
CA ILE G 423 40.32 -17.75 14.26
C ILE G 423 41.10 -16.89 13.27
N SER G 424 42.44 -16.99 13.29
CA SER G 424 43.25 -16.18 12.37
C SER G 424 42.90 -16.51 10.93
N GLY G 425 42.85 -15.48 10.10
CA GLY G 425 42.49 -15.63 8.69
C GLY G 425 41.08 -15.13 8.44
N ASP G 426 40.25 -15.99 7.83
CA ASP G 426 38.89 -15.61 7.47
C ASP G 426 38.07 -15.24 8.69
N SER G 427 38.13 -16.08 9.73
CA SER G 427 37.34 -15.84 10.93
C SER G 427 37.70 -14.50 11.57
N GLN G 428 38.99 -14.18 11.62
CA GLN G 428 39.40 -12.89 12.18
C GLN G 428 38.81 -11.74 11.37
N ARG G 429 38.80 -11.87 10.04
CA ARG G 429 38.25 -10.81 9.22
C ARG G 429 36.74 -10.67 9.40
N GLU G 430 36.02 -11.79 9.53
CA GLU G 430 34.58 -11.70 9.79
C GLU G 430 34.31 -11.08 11.14
N LEU G 431 35.09 -11.45 12.16
CA LEU G 431 34.94 -10.81 13.48
C LEU G 431 35.20 -9.31 13.39
N SER G 432 36.15 -8.91 12.54
CA SER G 432 36.46 -7.49 12.41
C SER G 432 35.28 -6.70 11.85
N PHE G 433 34.52 -7.30 10.92
CA PHE G 433 33.33 -6.62 10.42
C PHE G 433 32.18 -6.68 11.42
N VAL G 434 32.18 -7.70 12.29
CA VAL G 434 31.16 -7.76 13.34
C VAL G 434 31.38 -6.64 14.36
N GLY G 435 32.63 -6.33 14.65
CA GLY G 435 32.95 -5.26 15.56
C GLY G 435 33.54 -5.77 16.87
N ARG G 436 34.33 -4.93 17.52
CA ARG G 436 34.97 -5.31 18.78
C ARG G 436 33.96 -5.43 19.90
N GLU G 437 32.95 -4.55 19.93
CA GLU G 437 31.95 -4.61 20.98
C GLU G 437 31.12 -5.90 20.88
N ASN G 438 30.67 -6.25 19.68
CA ASN G 438 29.82 -7.41 19.52
C ASN G 438 30.60 -8.72 19.69
N THR G 439 31.92 -8.69 19.42
CA THR G 439 32.72 -9.88 19.68
C THR G 439 32.78 -10.17 21.18
N GLN G 440 32.89 -9.14 22.00
CA GLN G 440 32.85 -9.32 23.45
C GLN G 440 31.50 -9.87 23.89
N ARG G 441 30.42 -9.41 23.25
CA ARG G 441 29.10 -9.89 23.61
C ARG G 441 28.92 -11.36 23.25
N ALA G 442 29.50 -11.78 22.11
CA ALA G 442 29.41 -13.18 21.72
C ALA G 442 30.09 -14.08 22.75
N ILE G 443 31.22 -13.63 23.32
CA ILE G 443 31.88 -14.39 24.37
C ILE G 443 31.06 -14.37 25.65
N SER G 444 30.47 -13.21 25.98
CA SER G 444 29.72 -13.04 27.22
C SER G 444 28.39 -13.78 27.22
N GLU G 445 27.99 -14.40 26.11
CA GLU G 445 26.79 -15.22 26.10
C GLU G 445 27.09 -16.69 26.38
N THR G 446 28.36 -17.10 26.33
CA THR G 446 28.72 -18.47 26.68
C THR G 446 28.90 -18.66 28.18
N MET G 447 29.16 -17.58 28.92
CA MET G 447 29.32 -17.65 30.36
C MET G 447 28.00 -17.48 31.11
N GLN G 448 26.88 -17.40 30.39
CA GLN G 448 25.62 -17.07 31.03
C GLN G 448 25.06 -18.27 31.79
N TRP G 449 24.58 -18.02 33.01
CA TRP G 449 24.00 -19.03 33.87
C TRP G 449 22.50 -18.82 33.91
N PHE G 450 21.75 -19.82 33.47
CA PHE G 450 20.29 -19.73 33.38
C PHE G 450 19.63 -20.45 34.54
N ASP G 451 18.41 -20.01 34.87
CA ASP G 451 17.62 -20.63 35.92
C ASP G 451 16.15 -20.27 35.79
N SER H 11 -44.54 -56.42 9.67
CA SER H 11 -43.23 -56.97 9.97
C SER H 11 -42.73 -56.50 11.33
N TYR H 12 -42.76 -55.18 11.53
CA TYR H 12 -42.37 -54.62 12.82
C TYR H 12 -43.14 -55.26 13.96
N LEU H 13 -44.45 -55.41 13.79
CA LEU H 13 -45.28 -55.98 14.84
C LEU H 13 -44.92 -57.44 15.11
N ILE H 14 -44.55 -58.19 14.08
CA ILE H 14 -44.11 -59.58 14.29
C ILE H 14 -42.85 -59.60 15.15
N ARG H 15 -41.87 -58.75 14.82
CA ARG H 15 -40.64 -58.69 15.60
C ARG H 15 -40.90 -58.17 17.00
N SER H 16 -41.76 -57.16 17.12
CA SER H 16 -42.09 -56.63 18.45
C SER H 16 -42.76 -57.69 19.30
N GLY H 17 -43.64 -58.50 18.71
CA GLY H 17 -44.32 -59.53 19.47
C GLY H 17 -43.40 -60.65 19.90
N ASN H 18 -42.43 -61.01 19.05
CA ASN H 18 -41.45 -62.02 19.43
C ASN H 18 -40.55 -61.52 20.55
N ASN H 19 -40.14 -60.26 20.48
CA ASN H 19 -39.32 -59.67 21.54
C ASN H 19 -40.07 -59.69 22.87
N PHE H 20 -41.36 -59.32 22.85
CA PHE H 20 -42.18 -59.35 24.06
C PHE H 20 -42.34 -60.78 24.57
N LEU H 21 -42.56 -61.74 23.67
CA LEU H 21 -42.66 -63.13 24.09
C LEU H 21 -41.35 -63.61 24.69
N GLY H 22 -40.22 -63.14 24.16
CA GLY H 22 -38.94 -63.50 24.74
C GLY H 22 -38.76 -62.99 26.16
N ILE H 23 -39.27 -61.78 26.42
CA ILE H 23 -39.22 -61.23 27.78
C ILE H 23 -40.06 -62.07 28.72
N LEU H 24 -41.26 -62.48 28.27
CA LEU H 24 -42.12 -63.32 29.09
C LEU H 24 -41.46 -64.65 29.40
N ASN H 25 -40.77 -65.24 28.42
CA ASN H 25 -40.10 -66.52 28.66
C ASN H 25 -38.95 -66.37 29.65
N ASP H 26 -38.23 -65.25 29.58
CA ASP H 26 -37.08 -65.05 30.46
C ASP H 26 -37.51 -64.89 31.91
N ILE H 27 -38.70 -64.38 32.15
CA ILE H 27 -39.25 -64.28 33.50
C ILE H 27 -40.18 -65.44 33.81
N LYS H 28 -40.25 -66.44 32.92
CA LYS H 28 -40.98 -67.69 33.14
C LYS H 28 -42.47 -67.43 33.42
N ARG H 29 -43.13 -66.79 32.46
CA ARG H 29 -44.56 -66.52 32.56
C ARG H 29 -45.25 -66.79 31.23
N ARG H 30 -46.34 -67.56 31.28
CA ARG H 30 -47.14 -67.82 30.10
C ARG H 30 -47.88 -66.55 29.68
N PRO H 31 -48.34 -66.49 28.43
CA PRO H 31 -49.22 -65.38 28.02
C PRO H 31 -50.44 -65.22 28.92
N GLU H 32 -51.05 -66.32 29.34
CA GLU H 32 -52.18 -66.23 30.27
C GLU H 32 -51.73 -65.72 31.63
N ASP H 33 -50.55 -66.13 32.08
CA ASP H 33 -50.04 -65.64 33.36
C ASP H 33 -49.78 -64.14 33.33
N ALA H 34 -49.24 -63.65 32.21
CA ALA H 34 -48.98 -62.22 32.10
C ALA H 34 -50.27 -61.42 32.06
N ALA H 35 -51.35 -62.02 31.54
CA ALA H 35 -52.63 -61.33 31.48
C ALA H 35 -53.16 -61.01 32.87
N ASN H 36 -53.00 -61.94 33.81
CA ASN H 36 -53.51 -61.72 35.17
C ASN H 36 -52.66 -60.70 35.91
N GLU H 37 -51.33 -60.88 35.91
CA GLU H 37 -50.45 -60.00 36.65
C GLU H 37 -50.52 -58.56 36.14
N LEU H 38 -50.72 -58.39 34.83
CA LEU H 38 -50.92 -57.06 34.27
C LEU H 38 -52.38 -56.64 34.30
N GLY H 39 -53.28 -57.50 34.77
CA GLY H 39 -54.69 -57.15 34.89
C GLY H 39 -55.34 -56.85 33.57
N VAL H 40 -55.06 -57.65 32.54
CA VAL H 40 -55.40 -57.33 31.16
C VAL H 40 -55.94 -58.58 30.48
N SER H 41 -56.85 -58.38 29.53
CA SER H 41 -57.41 -59.48 28.76
C SER H 41 -56.32 -60.25 28.01
N ILE H 42 -56.42 -61.58 28.03
CA ILE H 42 -55.48 -62.42 27.31
C ILE H 42 -55.54 -62.17 25.81
N GLU H 43 -56.66 -61.63 25.32
CA GLU H 43 -56.72 -61.24 23.90
C GLU H 43 -55.83 -60.03 23.62
N GLU H 44 -55.67 -59.13 24.60
CA GLU H 44 -54.76 -58.01 24.41
C GLU H 44 -53.30 -58.46 24.37
N ILE H 45 -52.97 -59.52 25.10
CA ILE H 45 -51.59 -60.00 25.14
C ILE H 45 -51.28 -60.82 23.90
N ASN H 46 -52.16 -61.74 23.53
CA ASN H 46 -51.93 -62.55 22.33
C ASN H 46 -51.89 -61.68 21.08
N SER H 47 -52.69 -60.62 21.04
CA SER H 47 -52.66 -59.72 19.88
C SER H 47 -51.33 -58.97 19.80
N ILE H 48 -50.65 -58.79 20.93
CA ILE H 48 -49.30 -58.25 20.89
C ILE H 48 -48.31 -59.31 20.42
N ILE H 49 -48.48 -60.55 20.88
CA ILE H 49 -47.56 -61.62 20.53
C ILE H 49 -47.63 -61.93 19.05
N SER H 50 -48.84 -62.06 18.51
CA SER H 50 -49.04 -62.34 17.10
C SER H 50 -48.70 -61.16 16.20
N GLY H 51 -48.38 -60.00 16.75
CA GLY H 51 -48.13 -58.84 15.92
C GLY H 51 -49.37 -58.21 15.35
N LYS H 52 -50.52 -58.43 15.97
CA LYS H 52 -51.76 -57.81 15.49
C LYS H 52 -51.91 -56.38 15.99
N GLN H 53 -51.34 -56.07 17.15
CA GLN H 53 -51.41 -54.73 17.72
C GLN H 53 -50.08 -54.39 18.36
N LYS H 54 -49.74 -53.10 18.33
CA LYS H 54 -48.50 -52.65 18.96
C LYS H 54 -48.64 -52.68 20.48
N ILE H 55 -47.57 -53.07 21.15
CA ILE H 55 -47.56 -53.01 22.61
C ILE H 55 -47.73 -51.56 23.05
N SER H 56 -48.39 -51.37 24.18
CA SER H 56 -48.77 -50.04 24.62
C SER H 56 -47.90 -49.56 25.77
N PRO H 57 -47.59 -48.27 25.83
CA PRO H 57 -46.76 -47.76 26.95
C PRO H 57 -47.34 -48.04 28.32
N SER H 58 -48.67 -48.10 28.45
CA SER H 58 -49.26 -48.42 29.73
C SER H 58 -48.96 -49.85 30.14
N LEU H 59 -48.97 -50.78 29.18
CA LEU H 59 -48.65 -52.16 29.50
C LEU H 59 -47.19 -52.28 29.92
N ILE H 60 -46.30 -51.54 29.27
CA ILE H 60 -44.89 -51.56 29.64
C ILE H 60 -44.69 -50.96 31.03
N GLU H 61 -45.35 -49.83 31.30
CA GLU H 61 -45.23 -49.20 32.61
C GLU H 61 -45.71 -50.12 33.71
N LYS H 62 -46.77 -50.89 33.45
CA LYS H 62 -47.20 -51.87 34.44
C LYS H 62 -46.18 -52.99 34.58
N ALA H 63 -45.63 -53.45 33.46
CA ALA H 63 -44.66 -54.54 33.49
C ALA H 63 -43.39 -54.14 34.23
N VAL H 64 -42.91 -52.91 34.00
CA VAL H 64 -41.68 -52.46 34.65
C VAL H 64 -41.89 -52.33 36.16
N ASN H 65 -43.11 -52.06 36.60
CA ASN H 65 -43.36 -51.89 38.03
C ASN H 65 -43.39 -53.21 38.79
N ILE H 66 -43.66 -54.33 38.12
CA ILE H 66 -43.77 -55.62 38.79
C ILE H 66 -42.69 -56.60 38.39
N TRP H 67 -41.95 -56.35 37.31
CA TRP H 67 -40.98 -57.31 36.83
C TRP H 67 -39.58 -56.70 36.78
N PRO H 68 -38.52 -57.53 36.86
CA PRO H 68 -37.14 -57.03 36.67
C PRO H 68 -36.84 -56.79 35.21
N VAL H 69 -37.58 -55.88 34.59
CA VAL H 69 -37.43 -55.54 33.18
C VAL H 69 -37.29 -54.03 33.06
N ASN H 70 -36.76 -53.60 31.92
CA ASN H 70 -36.57 -52.19 31.62
C ASN H 70 -37.46 -51.78 30.45
N GLU H 71 -37.85 -50.50 30.45
CA GLU H 71 -38.63 -49.97 29.34
C GLU H 71 -37.88 -50.10 28.03
N ARG H 72 -36.55 -49.95 28.06
CA ARG H 72 -35.74 -50.11 26.87
C ARG H 72 -35.96 -51.46 26.19
N ASP H 73 -36.15 -52.51 26.97
CA ASP H 73 -36.19 -53.86 26.42
C ASP H 73 -37.41 -54.11 25.54
N PHE H 74 -38.45 -53.31 25.66
CA PHE H 74 -39.70 -53.57 24.95
C PHE H 74 -39.76 -52.90 23.57
N TYR H 75 -38.83 -52.01 23.25
CA TYR H 75 -38.86 -51.27 21.99
C TYR H 75 -37.73 -51.76 21.09
N ILE H 76 -38.10 -52.32 19.95
CA ILE H 76 -37.13 -52.87 19.02
C ILE H 76 -36.86 -51.85 17.92
N VAL H 77 -35.81 -52.11 17.15
CA VAL H 77 -35.44 -51.25 16.04
C VAL H 77 -36.05 -51.81 14.77
N SER H 78 -36.62 -50.92 13.95
CA SER H 78 -37.21 -51.32 12.68
C SER H 78 -36.19 -51.13 11.57
N ASP H 79 -36.08 -52.14 10.70
CA ASP H 79 -35.12 -52.11 9.59
C ASP H 79 -35.63 -51.17 8.51
N ASP H 80 -34.89 -50.08 8.28
CA ASP H 80 -35.20 -49.11 7.24
C ASP H 80 -34.35 -49.31 5.99
N CYS H 81 -33.65 -50.44 5.86
CA CYS H 81 -32.77 -50.69 4.73
C CYS H 81 -32.97 -52.14 4.25
N SER H 82 -34.19 -52.43 3.77
CA SER H 82 -34.54 -53.79 3.40
C SER H 82 -33.83 -54.28 2.14
N SER H 83 -33.35 -53.37 1.30
CA SER H 83 -32.64 -53.75 0.08
C SER H 83 -31.18 -54.10 0.32
N GLY H 84 -30.66 -53.88 1.53
CA GLY H 84 -29.27 -54.12 1.84
C GLY H 84 -28.39 -52.90 1.73
N ILE H 85 -28.79 -51.91 0.93
CA ILE H 85 -28.07 -50.65 0.76
C ILE H 85 -29.09 -49.53 0.79
N LEU H 86 -28.78 -48.48 1.55
CA LEU H 86 -29.61 -47.29 1.63
C LEU H 86 -28.84 -46.13 1.02
N ILE H 87 -29.45 -45.46 0.04
CA ILE H 87 -28.84 -44.35 -0.67
C ILE H 87 -29.59 -43.07 -0.34
N MET H 88 -28.86 -42.02 -0.01
CA MET H 88 -29.41 -40.68 0.16
C MET H 88 -28.86 -39.77 -0.92
N THR H 89 -29.74 -39.01 -1.57
CA THR H 89 -29.34 -38.19 -2.70
C THR H 89 -28.70 -36.88 -2.21
N SER H 90 -27.90 -36.28 -3.09
CA SER H 90 -27.33 -34.97 -2.81
C SER H 90 -28.42 -33.93 -2.56
N GLN H 91 -29.52 -33.99 -3.31
CA GLN H 91 -30.59 -33.01 -3.14
C GLN H 91 -31.22 -33.12 -1.76
N ASP H 92 -31.42 -34.34 -1.26
CA ASP H 92 -31.97 -34.49 0.09
C ASP H 92 -31.02 -33.94 1.14
N SER H 93 -29.71 -34.12 0.96
CA SER H 93 -28.75 -33.54 1.88
C SER H 93 -28.79 -32.02 1.83
N ILE H 94 -28.93 -31.44 0.62
CA ILE H 94 -29.01 -30.00 0.48
C ILE H 94 -30.27 -29.46 1.16
N LYS H 95 -31.40 -30.15 0.99
CA LYS H 95 -32.64 -29.68 1.60
C LYS H 95 -32.60 -29.74 3.12
N SER H 96 -31.76 -30.61 3.68
CA SER H 96 -31.65 -30.76 5.13
C SER H 96 -30.69 -29.76 5.77
N SER H 97 -30.19 -28.80 5.00
CA SER H 97 -29.18 -27.87 5.51
C SER H 97 -29.72 -27.05 6.67
N ARG H 98 -28.88 -26.87 7.69
CA ARG H 98 -29.20 -25.97 8.79
C ARG H 98 -27.91 -25.33 9.29
N ILE H 99 -28.06 -24.16 9.91
CA ILE H 99 -26.94 -23.33 10.33
C ILE H 99 -26.79 -23.42 11.85
N MET H 100 -25.55 -23.54 12.31
CA MET H 100 -25.24 -23.54 13.73
C MET H 100 -24.43 -22.29 14.05
N GLU H 101 -24.94 -21.49 14.98
CA GLU H 101 -24.28 -20.26 15.38
C GLU H 101 -23.47 -20.48 16.65
N ARG H 102 -22.31 -19.82 16.72
CA ARG H 102 -21.50 -19.78 17.92
C ARG H 102 -20.96 -18.37 18.06
N ALA H 103 -21.05 -17.82 19.27
CA ALA H 103 -20.69 -16.43 19.54
C ALA H 103 -21.50 -15.47 18.68
N GLY H 104 -22.77 -15.80 18.45
CA GLY H 104 -23.67 -14.94 17.72
C GLY H 104 -23.46 -14.87 16.22
N LYS H 105 -22.60 -15.72 15.67
CA LYS H 105 -22.31 -15.71 14.24
C LYS H 105 -22.42 -17.10 13.67
N PRO H 106 -22.78 -17.22 12.39
CA PRO H 106 -22.83 -18.55 11.74
C PRO H 106 -21.47 -19.22 11.73
N TYR H 107 -21.41 -20.43 12.27
CA TYR H 107 -20.17 -21.18 12.45
C TYR H 107 -20.14 -22.47 11.65
N TYR H 108 -21.22 -23.24 11.65
CA TYR H 108 -21.32 -24.48 10.89
C TYR H 108 -22.58 -24.50 10.03
N GLU H 109 -22.50 -25.19 8.91
CA GLU H 109 -23.67 -25.64 8.16
C GLU H 109 -23.73 -27.16 8.23
N TYR H 110 -24.85 -27.69 8.73
CA TYR H 110 -25.06 -29.12 8.80
C TYR H 110 -25.87 -29.60 7.60
N ARG H 111 -25.58 -30.83 7.15
CA ARG H 111 -26.42 -31.54 6.22
C ARG H 111 -26.44 -33.01 6.61
N ASP H 112 -27.62 -33.61 6.57
CA ASP H 112 -27.73 -35.04 6.81
C ASP H 112 -27.25 -35.82 5.60
N THR H 113 -26.63 -36.97 5.86
CA THR H 113 -26.25 -37.91 4.81
C THR H 113 -26.78 -39.29 5.16
N ALA H 114 -26.44 -40.27 4.33
CA ALA H 114 -27.00 -41.61 4.46
C ALA H 114 -26.69 -42.22 5.82
N MET H 115 -27.74 -42.66 6.51
CA MET H 115 -27.60 -43.36 7.79
C MET H 115 -28.85 -44.18 8.01
N SER H 116 -28.68 -45.30 8.70
CA SER H 116 -29.76 -46.21 9.02
C SER H 116 -30.00 -46.24 10.52
N LYS H 117 -31.28 -46.42 10.89
CA LYS H 117 -31.59 -46.62 12.30
C LYS H 117 -30.98 -47.90 12.85
N THR H 118 -30.62 -48.84 11.97
CA THR H 118 -29.95 -50.08 12.38
C THR H 118 -28.45 -49.92 12.50
N ALA H 119 -27.86 -48.99 11.74
CA ALA H 119 -26.42 -48.80 11.72
C ALA H 119 -25.97 -47.96 12.91
N PRO H 120 -24.87 -48.31 13.55
CA PRO H 120 -24.41 -47.57 14.73
C PRO H 120 -23.39 -46.47 14.40
N PHE H 121 -23.80 -45.52 13.57
CA PHE H 121 -22.98 -44.35 13.31
C PHE H 121 -23.87 -43.16 12.96
N ARG H 122 -23.29 -41.96 13.08
CA ARG H 122 -23.94 -40.70 12.71
C ARG H 122 -22.99 -39.89 11.84
N PRO H 123 -23.12 -39.95 10.52
CA PRO H 123 -22.25 -39.16 9.67
C PRO H 123 -22.63 -37.69 9.69
N GLU H 124 -21.64 -36.84 9.43
CA GLU H 124 -21.82 -35.40 9.54
C GLU H 124 -21.17 -34.71 8.35
N TRP H 125 -22.00 -34.05 7.53
CA TRP H 125 -21.54 -33.12 6.52
C TRP H 125 -21.53 -31.74 7.15
N ILE H 126 -20.34 -31.17 7.35
CA ILE H 126 -20.19 -29.93 8.11
C ILE H 126 -19.28 -29.00 7.34
N LEU H 127 -19.82 -27.85 6.94
CA LEU H 127 -19.06 -26.82 6.24
C LEU H 127 -18.58 -25.78 7.25
N GLU H 128 -17.31 -25.40 7.15
CA GLU H 128 -16.69 -24.48 8.11
C GLU H 128 -16.93 -23.05 7.64
N LEU H 129 -17.87 -22.36 8.29
CA LEU H 129 -18.18 -20.99 7.88
C LEU H 129 -17.23 -19.96 8.49
N CYS H 130 -16.64 -20.28 9.64
CA CYS H 130 -15.75 -19.34 10.31
C CYS H 130 -14.38 -19.36 9.66
N LYS H 131 -13.89 -18.18 9.28
CA LYS H 131 -12.58 -18.02 8.65
C LYS H 131 -11.61 -17.39 9.65
N VAL H 132 -10.41 -17.95 9.74
CA VAL H 132 -9.40 -17.48 10.67
C VAL H 132 -8.27 -16.83 9.89
N GLU H 133 -7.69 -15.77 10.44
CA GLU H 133 -6.64 -15.01 9.78
C GLU H 133 -5.24 -15.57 10.04
N ASN H 134 -5.08 -16.56 10.91
CA ASN H 134 -3.78 -17.16 11.16
C ASN H 134 -3.98 -18.62 11.55
N ASN H 135 -2.86 -19.33 11.73
CA ASN H 135 -2.86 -20.73 12.12
C ASN H 135 -2.46 -20.90 13.58
N ASP H 136 -2.82 -19.93 14.42
CA ASP H 136 -2.59 -20.01 15.85
C ASP H 136 -3.66 -20.87 16.49
N PRO H 137 -3.31 -21.94 17.21
CA PRO H 137 -4.34 -22.74 17.89
C PRO H 137 -5.08 -21.99 18.97
N GLU H 138 -4.50 -20.93 19.52
CA GLU H 138 -5.12 -20.13 20.57
C GLU H 138 -5.99 -19.01 20.01
N ASN H 139 -6.22 -19.00 18.70
CA ASN H 139 -7.03 -17.98 18.06
C ASN H 139 -8.40 -17.90 18.72
N PRO H 140 -8.81 -16.74 19.24
CA PRO H 140 -10.13 -16.65 19.90
C PRO H 140 -11.31 -16.81 18.97
N LYS H 141 -11.11 -16.73 17.65
CA LYS H 141 -12.21 -16.95 16.73
C LYS H 141 -12.70 -18.39 16.75
N ALA H 142 -11.81 -19.34 17.04
CA ALA H 142 -12.20 -20.74 17.10
C ALA H 142 -13.09 -20.99 18.31
N GLN H 143 -14.25 -21.60 18.08
CA GLN H 143 -15.24 -21.86 19.12
C GLN H 143 -15.20 -23.35 19.44
N TRP H 144 -14.64 -23.69 20.60
CA TRP H 144 -14.37 -25.07 20.95
C TRP H 144 -15.59 -25.75 21.57
N ASN H 145 -15.68 -27.06 21.37
CA ASN H 145 -16.50 -27.92 22.20
C ASN H 145 -15.57 -28.59 23.21
N ASN H 146 -16.16 -29.40 24.09
CA ASN H 146 -15.39 -30.02 25.16
C ASN H 146 -15.30 -31.53 25.01
N GLY H 147 -15.35 -32.01 23.78
CA GLY H 147 -15.27 -33.42 23.52
C GLY H 147 -16.61 -34.12 23.69
N HIS H 148 -16.68 -35.32 23.13
CA HIS H 148 -17.88 -36.14 23.19
C HIS H 148 -17.46 -37.56 23.53
N PHE H 149 -18.39 -38.30 24.14
CA PHE H 149 -18.15 -39.70 24.44
C PHE H 149 -18.22 -40.57 23.18
N MET H 150 -18.15 -39.97 22.01
CA MET H 150 -18.23 -40.67 20.73
C MET H 150 -16.85 -40.73 20.09
N HIS H 151 -16.56 -41.83 19.39
CA HIS H 151 -15.43 -41.82 18.45
C HIS H 151 -15.77 -40.93 17.25
N GLN H 152 -14.74 -40.36 16.64
CA GLN H 152 -14.97 -39.55 15.44
C GLN H 152 -13.85 -39.74 14.42
N PHE H 153 -14.22 -40.08 13.19
CA PHE H 153 -13.33 -39.97 12.04
C PHE H 153 -13.74 -38.76 11.22
N THR H 154 -12.75 -38.09 10.62
CA THR H 154 -13.03 -36.90 9.84
C THR H 154 -12.19 -36.92 8.56
N TYR H 155 -12.84 -36.61 7.44
CA TYR H 155 -12.19 -36.44 6.14
C TYR H 155 -12.28 -34.96 5.75
N PHE H 156 -11.16 -34.41 5.28
CA PHE H 156 -11.06 -32.98 5.03
C PHE H 156 -11.13 -32.70 3.53
N ILE H 157 -11.93 -31.70 3.16
CA ILE H 157 -12.05 -31.21 1.80
C ILE H 157 -11.89 -29.69 1.83
N GLY H 158 -10.81 -29.20 1.25
CA GLY H 158 -10.52 -27.78 1.29
C GLY H 158 -9.54 -27.42 2.40
N GLU H 159 -9.43 -26.11 2.64
CA GLU H 159 -8.44 -25.58 3.57
C GLU H 159 -9.06 -25.47 4.97
N VAL H 160 -9.09 -26.61 5.66
CA VAL H 160 -9.70 -26.71 6.99
C VAL H 160 -8.59 -26.71 8.03
N ASN H 161 -8.77 -25.93 9.08
CA ASN H 161 -7.94 -26.00 10.28
C ASN H 161 -8.66 -26.87 11.30
N PHE H 162 -7.97 -27.91 11.78
CA PHE H 162 -8.50 -28.84 12.78
C PHE H 162 -7.81 -28.54 14.11
N TYR H 163 -8.59 -28.03 15.07
CA TYR H 163 -8.09 -27.70 16.39
C TYR H 163 -8.39 -28.83 17.36
N TYR H 164 -7.46 -29.10 18.27
CA TYR H 164 -7.67 -30.11 19.29
C TYR H 164 -6.79 -29.81 20.49
N LYS H 165 -7.19 -30.34 21.65
CA LYS H 165 -6.44 -30.20 22.88
C LYS H 165 -5.85 -31.54 23.29
N ASP H 166 -4.64 -31.51 23.82
CA ASP H 166 -4.02 -32.72 24.37
C ASP H 166 -4.52 -32.93 25.80
N PRO H 167 -4.20 -34.08 26.41
CA PRO H 167 -4.64 -34.31 27.80
C PRO H 167 -4.18 -33.25 28.79
N GLU H 168 -3.08 -32.55 28.51
CA GLU H 168 -2.63 -31.48 29.39
C GLU H 168 -3.37 -30.17 29.17
N GLY H 169 -4.42 -30.18 28.34
CA GLY H 169 -5.21 -29.00 28.08
C GLY H 169 -4.62 -28.03 27.08
N LYS H 170 -3.46 -28.33 26.50
CA LYS H 170 -2.84 -27.43 25.54
C LYS H 170 -3.55 -27.50 24.20
N LYS H 171 -3.75 -26.35 23.58
CA LYS H 171 -4.41 -26.27 22.29
C LYS H 171 -3.41 -26.56 21.17
N HIS H 172 -3.85 -27.38 20.22
CA HIS H 172 -3.08 -27.67 19.01
C HIS H 172 -3.99 -27.45 17.79
N VAL H 173 -3.36 -27.31 16.63
CA VAL H 173 -4.09 -27.17 15.37
C VAL H 173 -3.36 -27.94 14.29
N ALA H 174 -4.12 -28.63 13.44
CA ALA H 174 -3.59 -29.30 12.26
C ALA H 174 -4.09 -28.58 11.02
N ILE H 175 -3.15 -28.19 10.16
CA ILE H 175 -3.47 -27.41 8.96
C ILE H 175 -3.76 -28.42 7.85
N MET H 176 -5.05 -28.65 7.58
CA MET H 176 -5.47 -29.73 6.71
C MET H 176 -5.83 -29.23 5.32
N ASN H 177 -5.71 -30.13 4.34
CA ASN H 177 -6.10 -29.88 2.97
C ASN H 177 -6.84 -31.12 2.47
N THR H 178 -7.37 -31.02 1.25
CA THR H 178 -8.17 -32.08 0.67
C THR H 178 -7.38 -33.39 0.64
N GLY H 179 -7.99 -34.45 1.18
CA GLY H 179 -7.38 -35.75 1.24
C GLY H 179 -6.81 -36.13 2.61
N ASP H 180 -6.62 -35.14 3.48
CA ASP H 180 -6.19 -35.44 4.84
C ASP H 180 -7.34 -36.07 5.63
N SER H 181 -6.97 -36.76 6.71
CA SER H 181 -7.95 -37.44 7.55
C SER H 181 -7.44 -37.48 8.97
N MET H 182 -8.34 -37.78 9.91
CA MET H 182 -7.98 -37.81 11.31
C MET H 182 -8.92 -38.71 12.11
N TYR H 183 -8.42 -39.16 13.26
CA TYR H 183 -9.22 -39.82 14.28
C TYR H 183 -8.97 -39.16 15.63
N ILE H 184 -10.03 -39.04 16.44
CA ILE H 184 -9.92 -38.46 17.78
C ILE H 184 -10.53 -39.41 18.79
N THR H 185 -9.79 -39.66 19.86
CA THR H 185 -10.30 -40.46 20.97
C THR H 185 -11.48 -39.73 21.61
N PRO H 186 -12.50 -40.46 22.09
CA PRO H 186 -13.62 -39.81 22.78
C PRO H 186 -13.16 -38.81 23.83
N PHE H 187 -13.93 -37.73 23.96
CA PHE H 187 -13.69 -36.64 24.90
C PHE H 187 -12.48 -35.78 24.54
N THR H 188 -12.04 -35.82 23.29
CA THR H 188 -11.02 -34.88 22.83
C THR H 188 -11.70 -33.58 22.40
N PRO H 189 -11.41 -32.46 23.06
CA PRO H 189 -11.99 -31.18 22.62
C PRO H 189 -11.46 -30.81 21.24
N HIS H 190 -12.35 -30.26 20.40
CA HIS H 190 -11.97 -29.98 19.02
C HIS H 190 -12.95 -28.99 18.41
N THR H 191 -12.54 -28.43 17.27
CA THR H 191 -13.38 -27.57 16.45
C THR H 191 -12.71 -27.44 15.09
N PHE H 192 -13.44 -26.85 14.14
CA PHE H 192 -12.95 -26.74 12.77
C PHE H 192 -13.25 -25.36 12.22
N THR H 193 -12.32 -24.83 11.42
CA THR H 193 -12.49 -23.54 10.76
C THR H 193 -11.97 -23.64 9.32
N THR H 194 -12.22 -22.58 8.57
CA THR H 194 -11.67 -22.40 7.22
C THR H 194 -10.54 -21.39 7.27
N ARG H 195 -9.45 -21.69 6.59
CA ARG H 195 -8.35 -20.72 6.50
C ARG H 195 -8.73 -19.60 5.55
N ASP H 196 -8.64 -18.36 6.04
CA ASP H 196 -8.95 -17.20 5.21
C ASP H 196 -8.02 -17.16 4.00
N GLY H 197 -8.56 -16.71 2.87
CA GLY H 197 -7.85 -16.71 1.62
C GLY H 197 -8.14 -17.92 0.74
N ALA H 198 -8.82 -18.93 1.29
CA ALA H 198 -9.22 -20.09 0.51
C ALA H 198 -10.29 -19.71 -0.50
N SER H 199 -10.26 -20.40 -1.64
CA SER H 199 -11.21 -20.09 -2.71
C SER H 199 -12.64 -20.44 -2.33
N GLN H 200 -12.84 -21.40 -1.45
CA GLN H 200 -14.18 -21.81 -1.00
C GLN H 200 -14.12 -22.16 0.48
N ASN H 201 -15.30 -22.29 1.08
CA ASN H 201 -15.37 -22.71 2.48
C ASN H 201 -14.83 -24.13 2.64
N GLY H 202 -14.15 -24.37 3.74
CA GLY H 202 -13.71 -25.71 4.07
C GLY H 202 -14.87 -26.61 4.43
N LEU H 203 -14.68 -27.92 4.18
CA LEU H 203 -15.71 -28.92 4.42
C LEU H 203 -15.09 -30.13 5.08
N ILE H 204 -15.82 -30.75 6.01
CA ILE H 204 -15.42 -32.01 6.60
C ILE H 204 -16.56 -33.01 6.44
N LEU H 205 -16.21 -34.27 6.19
CA LEU H 205 -17.13 -35.40 6.24
C LEU H 205 -16.74 -36.18 7.49
N ALA H 206 -17.54 -36.06 8.55
CA ALA H 206 -17.23 -36.65 9.84
C ALA H 206 -18.15 -37.83 10.13
N LEU H 207 -17.56 -38.94 10.54
CA LEU H 207 -18.31 -40.11 10.99
C LEU H 207 -18.09 -40.28 12.49
N THR H 208 -19.17 -40.15 13.26
CA THR H 208 -19.12 -40.37 14.70
C THR H 208 -19.82 -41.68 15.04
N TYR H 209 -19.26 -42.42 15.98
CA TYR H 209 -19.80 -43.73 16.32
C TYR H 209 -19.33 -44.14 17.72
N GLY H 210 -20.17 -44.91 18.40
CA GLY H 210 -19.91 -45.29 19.76
C GLY H 210 -19.10 -46.57 19.92
N SER H 211 -19.03 -47.38 18.87
CA SER H 211 -18.32 -48.65 18.90
C SER H 211 -18.78 -49.52 20.07
N LYS H 212 -17.94 -49.63 21.11
CA LYS H 212 -18.24 -50.42 22.28
C LYS H 212 -18.41 -49.56 23.53
N LEU H 213 -18.89 -48.32 23.37
CA LEU H 213 -18.96 -47.40 24.50
C LEU H 213 -20.32 -46.77 24.72
N THR H 214 -21.28 -46.93 23.81
CA THR H 214 -22.57 -46.27 23.90
C THR H 214 -23.70 -47.29 23.96
N GLY H 215 -24.90 -46.78 24.24
CA GLY H 215 -26.10 -47.59 24.31
C GLY H 215 -26.24 -48.29 25.65
N ASP H 216 -26.67 -49.56 25.62
CA ASP H 216 -26.82 -50.31 26.87
C ASP H 216 -25.49 -50.42 27.61
N ILE H 217 -24.38 -50.45 26.87
CA ILE H 217 -23.07 -50.53 27.52
C ILE H 217 -22.86 -49.29 28.38
N GLN H 218 -23.17 -48.11 27.86
CA GLN H 218 -23.07 -46.90 28.67
C GLN H 218 -24.11 -46.90 29.78
N GLN H 219 -25.31 -47.42 29.49
CA GLN H 219 -26.35 -47.52 30.52
C GLN H 219 -25.88 -48.40 31.67
N GLU H 220 -25.20 -49.50 31.34
CA GLU H 220 -24.65 -50.37 32.37
C GLU H 220 -23.58 -49.65 33.18
N LEU H 221 -22.76 -48.85 32.50
CA LEU H 221 -21.67 -48.14 33.19
C LEU H 221 -22.21 -47.00 34.04
N SER H 222 -23.31 -46.36 33.63
CA SER H 222 -23.85 -45.24 34.37
C SER H 222 -24.59 -45.66 35.64
N SER H 223 -24.96 -46.93 35.77
CA SER H 223 -25.60 -47.41 36.99
C SER H 223 -24.58 -47.80 38.05
N LEU H 224 -23.29 -47.60 37.78
CA LEU H 224 -22.23 -47.81 38.74
C LEU H 224 -21.79 -46.47 39.31
N SER H 225 -21.28 -46.51 40.53
CA SER H 225 -20.70 -45.31 41.12
C SER H 225 -19.49 -44.86 40.31
N LEU H 226 -19.12 -43.59 40.48
CA LEU H 226 -17.96 -43.06 39.77
C LEU H 226 -16.71 -43.84 40.15
N ASP H 227 -16.59 -44.24 41.40
CA ASP H 227 -15.38 -44.96 41.83
C ASP H 227 -15.36 -46.39 41.30
N CYS H 228 -16.52 -47.06 41.29
CA CYS H 228 -16.56 -48.42 40.76
C CYS H 228 -16.45 -48.41 39.24
N GLY H 229 -17.23 -47.59 38.57
CA GLY H 229 -17.20 -47.55 37.12
C GLY H 229 -15.84 -47.18 36.56
N SER H 230 -15.11 -46.30 37.26
CA SER H 230 -13.82 -45.85 36.77
C SER H 230 -12.79 -46.97 36.79
N GLN H 231 -12.95 -47.97 37.65
CA GLN H 231 -11.95 -49.01 37.78
C GLN H 231 -11.92 -49.96 36.59
N TYR H 232 -12.89 -49.87 35.68
CA TYR H 232 -12.79 -50.62 34.43
C TYR H 232 -11.66 -50.10 33.56
N ALA H 233 -11.38 -48.81 33.63
CA ALA H 233 -10.33 -48.20 32.81
C ALA H 233 -8.98 -48.61 33.36
N LEU H 234 -8.33 -49.54 32.68
CA LEU H 234 -7.02 -50.01 33.09
C LEU H 234 -5.93 -49.07 32.60
N ASP H 235 -4.75 -49.18 33.22
CA ASP H 235 -3.61 -48.36 32.84
C ASP H 235 -3.08 -48.88 31.51
N PHE H 236 -3.46 -48.21 30.41
CA PHE H 236 -2.98 -48.53 29.08
C PHE H 236 -2.03 -47.46 28.54
N THR H 237 -1.28 -46.81 29.44
CA THR H 237 -0.41 -45.71 29.02
C THR H 237 0.65 -46.17 28.03
N ASN H 238 1.18 -47.38 28.22
CA ASN H 238 2.11 -47.96 27.26
C ASN H 238 1.98 -49.47 27.31
N HIS H 239 2.69 -50.14 26.39
CA HIS H 239 2.60 -51.59 26.29
C HIS H 239 2.99 -52.27 27.59
N GLU H 240 4.01 -51.75 28.28
CA GLU H 240 4.45 -52.37 29.52
C GLU H 240 3.42 -52.18 30.63
N ASN H 241 2.88 -50.96 30.77
CA ASN H 241 1.87 -50.74 31.80
C ASN H 241 0.58 -51.50 31.49
N ALA H 242 0.22 -51.58 30.21
CA ALA H 242 -0.98 -52.32 29.83
C ALA H 242 -0.82 -53.80 30.16
N SER H 243 0.38 -54.34 29.95
CA SER H 243 0.62 -55.75 30.23
C SER H 243 0.42 -56.06 31.71
N LEU H 244 0.91 -55.18 32.60
CA LEU H 244 0.73 -55.40 34.03
C LEU H 244 -0.72 -55.22 34.44
N SER H 245 -1.41 -54.23 33.87
CA SER H 245 -2.81 -53.98 34.21
C SER H 245 -3.68 -55.20 33.89
N LEU H 246 -3.44 -55.83 32.74
CA LEU H 246 -4.21 -57.02 32.38
C LEU H 246 -3.90 -58.18 33.31
N LEU H 247 -2.62 -58.38 33.62
CA LEU H 247 -2.24 -59.41 34.59
C LEU H 247 -2.91 -59.16 35.94
N GLU H 248 -2.93 -57.91 36.40
CA GLU H 248 -3.58 -57.59 37.66
C GLU H 248 -5.06 -57.91 37.61
N TYR H 249 -5.73 -57.46 36.55
CA TYR H 249 -7.18 -57.61 36.46
C TYR H 249 -7.59 -59.09 36.45
N TYR H 250 -6.95 -59.89 35.59
CA TYR H 250 -7.31 -61.29 35.49
C TYR H 250 -6.80 -62.13 36.66
N PHE H 251 -5.73 -61.69 37.33
CA PHE H 251 -5.35 -62.35 38.58
C PHE H 251 -6.39 -62.10 39.66
N GLU H 252 -6.96 -60.89 39.69
CA GLU H 252 -8.02 -60.58 40.65
C GLU H 252 -9.28 -61.39 40.35
N LEU H 253 -9.57 -61.62 39.06
CA LEU H 253 -10.75 -62.39 38.68
C LEU H 253 -10.67 -63.82 39.20
N SER H 254 -9.48 -64.44 39.12
CA SER H 254 -9.31 -65.83 39.52
C SER H 254 -9.45 -66.05 41.02
N ASN H 255 -9.23 -65.01 41.83
CA ASN H 255 -9.30 -65.09 43.29
C ASN H 255 -8.28 -66.06 43.87
N LEU H 256 -7.20 -66.33 43.15
CA LEU H 256 -6.10 -67.12 43.67
C LEU H 256 -5.25 -66.27 44.61
N THR H 257 -4.53 -66.94 45.50
CA THR H 257 -3.43 -66.29 46.19
C THR H 257 -2.19 -66.32 45.31
N LYS H 258 -1.19 -65.52 45.66
CA LYS H 258 0.08 -65.61 44.98
C LYS H 258 0.69 -67.00 45.15
N GLU H 259 0.55 -67.58 46.35
CA GLU H 259 1.10 -68.90 46.62
C GLU H 259 0.42 -69.96 45.75
N LYS H 260 -0.91 -69.95 45.69
CA LYS H 260 -1.62 -70.90 44.84
C LYS H 260 -1.32 -70.63 43.37
N PHE H 261 -1.22 -69.35 42.99
CA PHE H 261 -0.83 -68.99 41.64
C PHE H 261 0.55 -69.54 41.31
N ALA H 262 1.48 -69.46 42.27
CA ALA H 262 2.83 -69.97 42.05
C ALA H 262 2.82 -71.49 41.87
N LYS H 263 2.10 -72.20 42.74
CA LYS H 263 2.03 -73.65 42.62
C LYS H 263 1.36 -74.05 41.32
N ARG H 264 0.35 -73.29 40.89
CA ARG H 264 -0.36 -73.63 39.66
C ARG H 264 0.52 -73.41 38.42
N THR H 265 1.32 -72.34 38.41
CA THR H 265 2.16 -72.02 37.27
C THR H 265 3.50 -72.73 37.30
N ASN H 266 3.88 -73.36 38.41
CA ASN H 266 5.22 -73.88 38.62
C ASN H 266 6.27 -72.76 38.52
N PHE H 267 5.85 -71.54 38.84
CA PHE H 267 6.72 -70.39 38.98
C PHE H 267 7.08 -70.18 40.45
N SER H 268 8.28 -69.63 40.67
CA SER H 268 8.67 -69.28 42.03
C SER H 268 7.94 -68.01 42.47
N MET H 269 7.86 -67.82 43.78
CA MET H 269 7.28 -66.59 44.31
C MET H 269 8.07 -65.37 43.86
N GLU H 270 9.38 -65.52 43.66
CA GLU H 270 10.21 -64.42 43.18
C GLU H 270 9.90 -64.09 41.72
N THR H 271 9.71 -65.11 40.87
CA THR H 271 9.36 -64.85 39.47
C THR H 271 8.06 -64.07 39.36
N LEU H 272 7.07 -64.41 40.19
CA LEU H 272 5.79 -63.70 40.14
C LEU H 272 5.94 -62.27 40.63
N ALA H 273 6.74 -62.06 41.68
CA ALA H 273 6.92 -60.71 42.21
C ALA H 273 7.58 -59.80 41.20
N ASP H 274 8.45 -60.34 40.34
CA ASP H 274 9.02 -59.53 39.28
C ASP H 274 7.95 -59.14 38.25
N PHE H 275 6.98 -60.03 38.02
CA PHE H 275 5.90 -59.71 37.07
C PHE H 275 5.00 -58.62 37.62
N PHE H 276 4.60 -58.74 38.89
CA PHE H 276 3.68 -57.78 39.47
C PHE H 276 4.34 -56.45 39.83
N THR H 277 5.66 -56.36 39.76
CA THR H 277 6.38 -55.12 40.00
C THR H 277 7.07 -54.58 38.75
N LYS H 278 6.72 -55.10 37.58
CA LYS H 278 7.27 -54.68 36.29
C LYS H 278 8.76 -54.91 36.17
N LYS H 279 9.38 -55.64 37.11
CA LYS H 279 10.80 -55.91 37.02
C LYS H 279 11.12 -56.80 35.82
N LYS H 280 10.24 -57.73 35.50
CA LYS H 280 10.38 -58.58 34.32
C LYS H 280 9.04 -58.65 33.60
N LEU H 281 9.08 -58.68 32.27
CA LEU H 281 7.83 -58.79 31.53
C LEU H 281 7.66 -60.21 31.04
N PRO H 282 6.52 -60.85 31.29
CA PRO H 282 6.35 -62.26 30.88
C PRO H 282 6.46 -62.42 29.37
N THR H 283 7.17 -63.47 28.96
CA THR H 283 7.25 -63.80 27.55
C THR H 283 5.93 -64.43 27.08
N PHE H 284 5.84 -64.66 25.76
CA PHE H 284 4.63 -65.25 25.21
C PHE H 284 4.43 -66.68 25.70
N ASP H 285 5.52 -67.45 25.83
CA ASP H 285 5.40 -68.81 26.36
C ASP H 285 4.95 -68.79 27.81
N GLU H 286 5.52 -67.88 28.61
CA GLU H 286 5.10 -67.73 30.00
C GLU H 286 3.67 -67.23 30.09
N LEU H 287 3.27 -66.37 29.16
CA LEU H 287 1.91 -65.83 29.19
C LEU H 287 0.88 -66.94 29.00
N LYS H 288 1.16 -67.90 28.09
CA LYS H 288 0.28 -69.05 27.94
C LYS H 288 0.19 -69.87 29.21
N ILE H 289 1.30 -70.00 29.93
CA ILE H 289 1.28 -70.69 31.22
C ILE H 289 0.41 -69.93 32.21
N ILE H 290 0.58 -68.60 32.26
CA ILE H 290 -0.24 -67.78 33.16
C ILE H 290 -1.71 -67.88 32.78
N ALA H 291 -2.00 -67.84 31.48
CA ALA H 291 -3.39 -67.89 31.02
C ALA H 291 -4.07 -69.19 31.47
N LYS H 292 -3.39 -70.32 31.29
CA LYS H 292 -3.98 -71.59 31.70
C LYS H 292 -4.25 -71.62 33.20
N ALA H 293 -3.35 -71.05 34.00
CA ALA H 293 -3.54 -71.06 35.45
C ALA H 293 -4.66 -70.11 35.87
N LEU H 294 -4.92 -69.06 35.09
CA LEU H 294 -5.98 -68.12 35.40
C LEU H 294 -7.28 -68.46 34.69
N ASN H 295 -7.32 -69.58 33.96
CA ASN H 295 -8.52 -70.03 33.25
C ASN H 295 -9.01 -69.01 32.25
N VAL H 296 -8.07 -68.34 31.58
CA VAL H 296 -8.36 -67.41 30.49
C VAL H 296 -7.45 -67.75 29.33
N ASN H 297 -7.61 -67.01 28.24
CA ASN H 297 -6.75 -67.17 27.08
C ASN H 297 -5.59 -66.19 27.12
N SER H 298 -4.47 -66.59 26.49
CA SER H 298 -3.34 -65.69 26.40
C SER H 298 -3.73 -64.41 25.66
N ARG H 299 -4.68 -64.52 24.73
CA ARG H 299 -5.21 -63.35 24.04
C ARG H 299 -5.86 -62.38 25.01
N ASP H 300 -6.39 -62.88 26.13
CA ASP H 300 -7.02 -62.00 27.11
C ASP H 300 -5.97 -61.22 27.91
N LEU H 301 -4.77 -61.76 28.04
CA LEU H 301 -3.69 -61.10 28.78
C LEU H 301 -2.85 -60.18 27.90
N MET H 302 -2.99 -60.25 26.58
CA MET H 302 -2.15 -59.45 25.70
C MET H 302 -2.71 -58.04 25.57
N PRO H 303 -1.88 -57.01 25.70
CA PRO H 303 -2.31 -55.67 25.33
C PRO H 303 -2.22 -55.50 23.81
N ASN H 304 -2.69 -54.36 23.35
CA ASN H 304 -2.45 -53.98 21.97
C ASN H 304 -0.95 -53.85 21.73
N ASP H 305 -0.52 -54.15 20.51
CA ASP H 305 0.91 -54.15 20.21
C ASP H 305 1.58 -52.85 20.59
N LEU H 306 0.86 -51.73 20.45
CA LEU H 306 1.36 -50.44 20.92
C LEU H 306 0.17 -49.58 21.32
N THR H 307 0.44 -48.55 22.11
CA THR H 307 -0.57 -47.57 22.48
C THR H 307 -0.51 -46.42 21.48
N GLU H 308 -1.64 -46.15 20.83
CA GLU H 308 -1.70 -45.11 19.82
C GLU H 308 -1.91 -43.73 20.46
N SER H 309 -1.54 -42.70 19.72
CA SER H 309 -1.82 -41.33 20.15
C SER H 309 -3.33 -41.13 20.27
N LYS H 310 -3.71 -40.21 21.17
CA LYS H 310 -5.13 -39.90 21.32
C LYS H 310 -5.69 -39.26 20.06
N VAL H 311 -4.88 -38.50 19.34
CA VAL H 311 -5.28 -37.86 18.09
C VAL H 311 -4.38 -38.39 16.98
N ILE H 312 -4.99 -38.91 15.93
CA ILE H 312 -4.27 -39.44 14.78
C ILE H 312 -4.54 -38.52 13.61
N VAL H 313 -3.49 -37.93 13.06
CA VAL H 313 -3.59 -37.04 11.91
C VAL H 313 -2.77 -37.64 10.78
N LYS H 314 -3.37 -37.71 9.59
CA LYS H 314 -2.70 -38.31 8.43
C LYS H 314 -2.96 -37.43 7.22
N THR H 315 -1.90 -36.83 6.70
CA THR H 315 -2.00 -36.08 5.45
C THR H 315 -1.99 -37.04 4.27
N HIS H 316 -2.54 -36.56 3.14
CA HIS H 316 -2.77 -37.43 2.00
C HIS H 316 -1.47 -38.02 1.45
N ASP H 317 -0.36 -37.29 1.53
CA ASP H 317 0.90 -37.77 0.98
C ASP H 317 1.39 -39.03 1.68
N GLN H 318 0.92 -39.31 2.89
CA GLN H 318 1.31 -40.49 3.64
C GLN H 318 0.42 -41.70 3.37
N CYS H 319 -0.58 -41.56 2.51
CA CYS H 319 -1.53 -42.64 2.28
C CYS H 319 -0.91 -43.67 1.33
N ASP H 320 -0.71 -44.88 1.83
CA ASP H 320 -0.34 -45.98 0.95
C ASP H 320 -1.51 -46.32 0.03
N HIS H 321 -1.18 -46.89 -1.12
CA HIS H 321 -2.21 -47.20 -2.09
C HIS H 321 -1.82 -48.42 -2.91
N TRP H 322 -2.82 -49.03 -3.54
CA TRP H 322 -2.64 -50.25 -4.32
C TRP H 322 -3.85 -50.43 -5.21
N LYS H 323 -3.67 -51.21 -6.27
CA LYS H 323 -4.77 -51.54 -7.17
C LYS H 323 -5.57 -52.71 -6.61
N TYR H 324 -6.88 -52.65 -6.79
CA TYR H 324 -7.74 -53.75 -6.36
C TYR H 324 -8.90 -53.96 -7.32
N PRO H 325 -9.16 -55.23 -7.67
CA PRO H 325 -8.30 -56.35 -7.29
C PRO H 325 -7.11 -56.48 -8.22
N GLU H 326 -6.66 -57.70 -8.48
CA GLU H 326 -5.57 -57.89 -9.43
C GLU H 326 -5.93 -57.34 -10.80
N SER H 327 -7.19 -57.45 -11.21
CA SER H 327 -7.61 -56.94 -12.51
C SER H 327 -7.49 -55.41 -12.59
N GLY H 328 -7.72 -54.71 -11.49
CA GLY H 328 -7.44 -53.29 -11.42
C GLY H 328 -8.62 -52.35 -11.51
N ASN H 329 -9.83 -52.79 -11.11
CA ASN H 329 -10.99 -51.90 -11.19
C ASN H 329 -10.85 -50.69 -10.30
N TYR H 330 -10.19 -50.82 -9.14
CA TYR H 330 -10.13 -49.74 -8.17
C TYR H 330 -8.68 -49.43 -7.81
N GLU H 331 -8.48 -48.24 -7.25
CA GLU H 331 -7.24 -47.86 -6.60
C GLU H 331 -7.60 -47.42 -5.18
N PHE H 332 -7.19 -48.20 -4.20
CA PHE H 332 -7.52 -47.95 -2.81
C PHE H 332 -6.46 -47.05 -2.18
N TYR H 333 -6.90 -46.00 -1.50
CA TYR H 333 -6.02 -45.13 -0.74
C TYR H 333 -6.35 -45.27 0.74
N GLU H 334 -5.35 -45.66 1.52
CA GLU H 334 -5.53 -46.01 2.92
C GLU H 334 -5.44 -44.74 3.77
N LEU H 335 -6.57 -44.33 4.35
CA LEU H 335 -6.65 -43.09 5.12
C LEU H 335 -6.23 -43.33 6.57
N ALA H 336 -6.50 -42.34 7.42
CA ALA H 336 -6.11 -42.42 8.83
C ALA H 336 -6.78 -43.61 9.52
N SER H 337 -6.06 -44.21 10.46
CA SER H 337 -6.58 -45.33 11.23
C SER H 337 -5.76 -45.45 12.51
N THR H 338 -6.28 -46.25 13.43
CA THR H 338 -5.61 -46.51 14.69
C THR H 338 -5.84 -47.95 15.10
N THR H 339 -4.79 -48.60 15.62
CA THR H 339 -4.94 -49.96 16.11
C THR H 339 -5.79 -50.03 17.38
N ALA H 340 -6.17 -48.89 17.96
CA ALA H 340 -7.17 -48.91 19.02
C ALA H 340 -8.54 -49.33 18.50
N LEU H 341 -8.81 -49.16 17.21
CA LEU H 341 -10.06 -49.57 16.57
C LEU H 341 -9.73 -50.47 15.39
N PRO H 342 -9.44 -51.75 15.64
CA PRO H 342 -9.04 -52.65 14.54
C PRO H 342 -10.13 -52.87 13.50
N HIS H 343 -11.38 -52.54 13.82
CA HIS H 343 -12.50 -52.73 12.90
C HIS H 343 -12.94 -51.44 12.22
N SER H 344 -12.20 -50.34 12.41
CA SER H 344 -12.50 -49.07 11.77
C SER H 344 -11.56 -48.88 10.59
N LYS H 345 -12.12 -48.87 9.38
CA LYS H 345 -11.35 -48.73 8.15
C LYS H 345 -11.79 -47.47 7.42
N ALA H 346 -10.84 -46.79 6.80
CA ALA H 346 -11.11 -45.57 6.05
C ALA H 346 -10.37 -45.63 4.73
N PHE H 347 -11.09 -45.40 3.63
CA PHE H 347 -10.49 -45.53 2.31
C PHE H 347 -10.89 -44.38 1.41
N GLU H 348 -9.99 -44.08 0.48
CA GLU H 348 -10.25 -43.25 -0.68
C GLU H 348 -10.11 -44.16 -1.90
N ILE H 349 -11.17 -44.30 -2.69
CA ILE H 349 -11.18 -45.23 -3.81
C ILE H 349 -11.31 -44.46 -5.12
N ASP H 350 -10.32 -44.62 -6.00
CA ASP H 350 -10.41 -44.17 -7.38
C ASP H 350 -11.03 -45.29 -8.22
N VAL H 351 -12.19 -45.02 -8.80
CA VAL H 351 -12.93 -46.00 -9.60
C VAL H 351 -12.64 -45.76 -11.08
N SER H 352 -12.25 -46.83 -11.78
CA SER H 352 -12.06 -46.79 -13.24
C SER H 352 -12.47 -48.17 -13.78
N SER H 353 -13.78 -48.38 -13.88
CA SER H 353 -14.35 -49.64 -14.29
C SER H 353 -15.69 -49.37 -14.97
N SER H 354 -16.00 -50.14 -16.00
CA SER H 354 -17.25 -49.97 -16.72
C SER H 354 -18.31 -50.95 -16.23
N GLU H 355 -19.57 -50.58 -16.44
CA GLU H 355 -20.71 -51.21 -15.78
C GLU H 355 -20.80 -52.71 -16.01
N ASP H 356 -20.58 -53.48 -14.96
CA ASP H 356 -20.81 -54.92 -14.98
C ASP H 356 -21.34 -55.34 -13.62
N LEU H 357 -21.94 -56.53 -13.58
CA LEU H 357 -22.50 -57.08 -12.35
C LEU H 357 -21.52 -57.99 -11.62
N ASN H 358 -20.23 -57.88 -11.90
CA ASN H 358 -19.22 -58.64 -11.18
C ASN H 358 -18.97 -57.97 -9.84
N LEU H 359 -19.50 -58.55 -8.77
CA LEU H 359 -19.45 -57.96 -7.45
C LEU H 359 -18.14 -58.37 -6.79
N ASP H 360 -17.17 -57.47 -6.77
CA ASP H 360 -15.81 -57.78 -6.36
C ASP H 360 -15.46 -57.28 -4.97
N LEU H 361 -16.41 -56.68 -4.26
CA LEU H 361 -16.17 -56.12 -2.93
C LEU H 361 -17.16 -56.73 -1.93
N LYS H 362 -16.64 -57.15 -0.79
CA LYS H 362 -17.48 -57.65 0.30
C LYS H 362 -16.67 -57.61 1.58
N VAL H 363 -17.23 -56.98 2.61
CA VAL H 363 -16.53 -56.81 3.87
C VAL H 363 -17.53 -56.94 5.02
N GLY H 364 -17.10 -57.56 6.12
CA GLY H 364 -17.93 -57.75 7.28
C GLY H 364 -17.95 -56.59 8.25
N LEU H 365 -18.26 -55.40 7.74
CA LEU H 365 -18.35 -54.19 8.53
C LEU H 365 -19.48 -53.33 7.98
N HIS H 366 -20.04 -52.47 8.84
CA HIS H 366 -20.91 -51.42 8.35
C HIS H 366 -20.10 -50.44 7.51
N GLN H 367 -20.71 -49.91 6.45
CA GLN H 367 -20.02 -49.03 5.52
C GLN H 367 -20.80 -47.75 5.29
N TYR H 368 -20.07 -46.64 5.21
CA TYR H 368 -20.62 -45.35 4.83
C TYR H 368 -19.87 -44.88 3.60
N VAL H 369 -20.59 -44.67 2.50
CA VAL H 369 -20.00 -44.28 1.23
C VAL H 369 -20.44 -42.86 0.91
N TYR H 370 -19.55 -42.10 0.28
CA TYR H 370 -19.85 -40.74 -0.16
C TYR H 370 -19.07 -40.46 -1.42
N ASN H 371 -19.77 -40.03 -2.47
CA ASN H 371 -19.13 -39.70 -3.75
C ASN H 371 -18.50 -38.32 -3.63
N ILE H 372 -17.17 -38.30 -3.42
CA ILE H 372 -16.45 -37.04 -3.25
C ILE H 372 -15.91 -36.48 -4.56
N GLY H 373 -16.15 -37.17 -5.69
CA GLY H 373 -15.69 -36.70 -6.98
C GLY H 373 -16.72 -35.84 -7.67
N ASP H 374 -16.42 -35.51 -8.93
CA ASP H 374 -17.29 -34.66 -9.76
C ASP H 374 -18.08 -35.45 -10.79
N SER H 375 -18.00 -36.77 -10.78
CA SER H 375 -18.66 -37.61 -11.78
C SER H 375 -19.56 -38.63 -11.11
N ALA H 376 -20.61 -39.03 -11.82
CA ALA H 376 -21.53 -40.03 -11.30
C ALA H 376 -20.90 -41.42 -11.36
N LEU H 377 -21.34 -42.28 -10.45
CA LEU H 377 -20.86 -43.65 -10.37
C LEU H 377 -22.05 -44.59 -10.22
N THR H 378 -21.79 -45.88 -10.42
CA THR H 378 -22.82 -46.91 -10.26
C THR H 378 -22.40 -47.89 -9.18
N ILE H 379 -23.32 -48.21 -8.28
CA ILE H 379 -23.12 -49.23 -7.27
C ILE H 379 -24.02 -50.41 -7.62
N ASN H 380 -23.43 -51.59 -7.75
CA ASN H 380 -24.14 -52.84 -7.98
C ASN H 380 -23.98 -53.71 -6.75
N TRP H 381 -25.06 -54.40 -6.35
CA TRP H 381 -24.96 -55.25 -5.18
C TRP H 381 -26.03 -56.34 -5.21
N ASN H 382 -25.82 -57.36 -4.38
CA ASN H 382 -26.73 -58.46 -4.21
C ASN H 382 -27.16 -58.54 -2.75
N TYR H 383 -28.45 -58.76 -2.52
CA TYR H 383 -28.98 -58.90 -1.17
C TYR H 383 -30.29 -59.67 -1.23
N GLU H 384 -30.39 -60.73 -0.44
CA GLU H 384 -31.57 -61.59 -0.39
C GLU H 384 -31.92 -62.13 -1.78
N ASN H 385 -30.89 -62.61 -2.48
CA ASN H 385 -31.01 -63.26 -3.78
C ASN H 385 -31.53 -62.35 -4.88
N LYS H 386 -31.48 -61.04 -4.68
CA LYS H 386 -31.83 -60.08 -5.71
C LYS H 386 -30.62 -59.20 -5.98
N THR H 387 -30.38 -58.91 -7.26
CA THR H 387 -29.28 -58.04 -7.66
C THR H 387 -29.85 -56.68 -8.07
N TYR H 388 -29.22 -55.62 -7.60
CA TYR H 388 -29.69 -54.26 -7.82
C TYR H 388 -28.64 -53.43 -8.53
N GLN H 389 -29.08 -52.29 -9.05
CA GLN H 389 -28.21 -51.32 -9.69
C GLN H 389 -28.79 -49.94 -9.47
N LYS H 390 -28.01 -49.05 -8.86
CA LYS H 390 -28.41 -47.68 -8.63
C LYS H 390 -27.19 -46.79 -8.85
N SER H 391 -27.45 -45.53 -9.16
CA SER H 391 -26.39 -44.57 -9.40
C SER H 391 -26.07 -43.79 -8.14
N LEU H 392 -24.78 -43.54 -7.93
CA LEU H 392 -24.29 -42.74 -6.81
C LEU H 392 -23.67 -41.49 -7.43
N ASN H 393 -24.47 -40.44 -7.50
CA ASN H 393 -24.06 -39.17 -8.12
C ASN H 393 -23.12 -38.41 -7.20
N PRO H 394 -22.42 -37.41 -7.71
CA PRO H 394 -21.60 -36.57 -6.83
C PRO H 394 -22.44 -35.97 -5.71
N GLY H 395 -21.95 -36.13 -4.48
CA GLY H 395 -22.68 -35.68 -3.31
C GLY H 395 -23.65 -36.70 -2.73
N ASP H 396 -23.88 -37.81 -3.42
CA ASP H 396 -24.72 -38.86 -2.87
C ASP H 396 -23.96 -39.67 -1.83
N SER H 397 -24.68 -40.19 -0.85
CA SER H 397 -24.10 -41.02 0.18
C SER H 397 -24.90 -42.31 0.28
N ALA H 398 -24.26 -43.34 0.83
CA ALA H 398 -24.90 -44.64 0.94
C ALA H 398 -24.44 -45.34 2.22
N TYR H 399 -25.33 -46.15 2.78
CA TYR H 399 -25.00 -47.08 3.84
C TYR H 399 -25.10 -48.49 3.30
N ILE H 400 -24.07 -49.30 3.54
CA ILE H 400 -24.02 -50.67 3.07
C ILE H 400 -23.97 -51.58 4.28
N LYS H 401 -24.89 -52.55 4.32
CA LYS H 401 -24.91 -53.50 5.41
C LYS H 401 -23.71 -54.45 5.32
N PRO H 402 -23.31 -55.03 6.45
CA PRO H 402 -22.16 -55.95 6.44
C PRO H 402 -22.36 -57.14 5.51
N PHE H 403 -21.25 -57.59 4.92
CA PHE H 403 -21.15 -58.79 4.10
C PHE H 403 -21.96 -58.69 2.81
N VAL H 404 -22.49 -57.52 2.47
CA VAL H 404 -23.21 -57.32 1.22
C VAL H 404 -22.21 -57.30 0.06
N PRO H 405 -22.27 -58.24 -0.86
CA PRO H 405 -21.36 -58.19 -2.03
C PRO H 405 -21.79 -57.07 -2.96
N HIS H 406 -20.80 -56.31 -3.44
CA HIS H 406 -21.09 -55.09 -4.17
C HIS H 406 -19.89 -54.71 -5.04
N ASN H 407 -20.10 -53.70 -5.88
CA ASN H 407 -19.00 -53.08 -6.62
C ASN H 407 -19.33 -51.61 -6.86
N PHE H 408 -18.34 -50.88 -7.39
CA PHE H 408 -18.51 -49.51 -7.87
C PHE H 408 -18.01 -49.45 -9.30
N ARG H 409 -18.77 -48.79 -10.16
CA ARG H 409 -18.48 -48.76 -11.59
C ARG H 409 -18.54 -47.33 -12.13
N GLY H 410 -17.68 -47.06 -13.09
CA GLY H 410 -17.58 -45.73 -13.67
C GLY H 410 -16.19 -45.14 -13.54
N ASN H 411 -16.08 -43.82 -13.71
CA ASN H 411 -14.83 -43.10 -13.50
C ASN H 411 -15.11 -42.01 -12.47
N GLY H 412 -14.57 -42.17 -11.26
CA GLY H 412 -14.83 -41.21 -10.21
C GLY H 412 -14.08 -41.56 -8.95
N LYS H 413 -14.50 -40.90 -7.86
CA LYS H 413 -13.83 -41.00 -6.57
C LYS H 413 -14.87 -41.11 -5.47
N ILE H 414 -14.68 -42.05 -4.55
CA ILE H 414 -15.60 -42.23 -3.42
C ILE H 414 -14.81 -42.30 -2.11
N LEU H 415 -15.47 -41.90 -1.03
CA LEU H 415 -14.97 -42.06 0.32
C LEU H 415 -15.64 -43.27 0.95
N ILE H 416 -14.84 -44.15 1.54
CA ILE H 416 -15.32 -45.39 2.14
C ILE H 416 -14.91 -45.38 3.61
N LEU H 417 -15.91 -45.44 4.50
CA LEU H 417 -15.68 -45.53 5.94
C LEU H 417 -16.32 -46.82 6.43
N ARG H 418 -15.53 -47.67 7.08
CA ARG H 418 -15.99 -48.96 7.58
C ARG H 418 -15.81 -49.01 9.09
N ILE H 419 -16.86 -49.37 9.81
CA ILE H 419 -16.78 -49.53 11.26
C ILE H 419 -17.35 -50.89 11.63
N GLY H 420 -16.86 -51.45 12.73
CA GLY H 420 -17.31 -52.74 13.17
C GLY H 420 -18.59 -52.75 13.97
N GLY H 421 -19.13 -51.59 14.31
CA GLY H 421 -20.32 -51.57 15.12
C GLY H 421 -20.10 -52.32 16.43
N LYS H 422 -21.22 -52.73 17.03
CA LYS H 422 -21.18 -53.53 18.25
C LYS H 422 -20.91 -55.01 17.99
N ILE H 423 -20.87 -55.45 16.73
CA ILE H 423 -20.82 -56.89 16.44
C ILE H 423 -19.39 -57.40 16.31
N SER H 424 -18.55 -56.71 15.54
CA SER H 424 -17.18 -57.20 15.34
C SER H 424 -16.39 -57.21 16.65
N GLY H 425 -15.59 -58.26 16.83
CA GLY H 425 -14.81 -58.41 18.03
C GLY H 425 -15.33 -59.47 19.00
N ASP H 426 -15.57 -59.06 20.25
CA ASP H 426 -15.98 -60.00 21.29
C ASP H 426 -17.30 -60.68 20.93
N SER H 427 -18.28 -59.90 20.48
CA SER H 427 -19.57 -60.48 20.10
C SER H 427 -19.41 -61.48 18.97
N GLN H 428 -18.60 -61.12 17.96
CA GLN H 428 -18.36 -62.01 16.83
C GLN H 428 -17.74 -63.32 17.28
N ARG H 429 -16.78 -63.25 18.19
CA ARG H 429 -16.11 -64.46 18.66
C ARG H 429 -17.07 -65.32 19.48
N GLU H 430 -17.90 -64.70 20.30
CA GLU H 430 -18.88 -65.44 21.08
C GLU H 430 -19.89 -66.13 20.16
N LEU H 431 -20.34 -65.42 19.12
CA LEU H 431 -21.20 -66.04 18.12
C LEU H 431 -20.50 -67.20 17.41
N SER H 432 -19.18 -67.07 17.19
CA SER H 432 -18.44 -68.14 16.53
C SER H 432 -18.38 -69.39 17.40
N PHE H 433 -18.28 -69.23 18.72
CA PHE H 433 -18.30 -70.38 19.61
C PHE H 433 -19.70 -70.98 19.73
N VAL H 434 -20.74 -70.16 19.51
CA VAL H 434 -22.10 -70.69 19.49
C VAL H 434 -22.28 -71.59 18.27
N GLY H 435 -21.68 -71.21 17.16
CA GLY H 435 -21.71 -71.91 15.90
C GLY H 435 -22.53 -71.13 14.88
N ARG H 436 -22.20 -71.34 13.60
CA ARG H 436 -22.90 -70.64 12.51
C ARG H 436 -24.31 -71.22 12.41
N GLU H 437 -25.18 -70.78 13.30
CA GLU H 437 -26.58 -71.17 13.23
C GLU H 437 -27.45 -69.93 13.15
N ASN H 438 -28.54 -70.07 12.41
CA ASN H 438 -29.50 -69.01 12.15
C ASN H 438 -30.31 -68.64 13.39
N THR H 439 -29.87 -69.09 14.56
CA THR H 439 -30.54 -68.82 15.84
C THR H 439 -31.91 -69.50 15.88
FE FE I . -55.63 62.27 -16.28
FE FE J . 36.31 46.17 -26.94
FE FE K . 7.02 13.86 -15.38
FE FE L . -32.04 -73.87 30.68
FE FE M . 56.12 -36.29 10.95
#